data_3RWR
#
_entry.id   3RWR
#
_cell.length_a   745.379
_cell.length_b   149.585
_cell.length_c   80.475
_cell.angle_alpha   90.00
_cell.angle_beta   94.72
_cell.angle_gamma   90.00
#
_symmetry.space_group_name_H-M   'C 1 2 1'
#
loop_
_entity.id
_entity.type
_entity.pdbx_description
1 polymer 'DNA repair protein XRCC4'
2 polymer 'Non-homologous end-joining factor 1'
3 non-polymer 'HEXATANTALUM DODECABROMIDE'
#
loop_
_entity_poly.entity_id
_entity_poly.type
_entity_poly.pdbx_seq_one_letter_code
_entity_poly.pdbx_strand_id
1 'polypeptide(L)'
;MERKISRIHLVSEPSITHFLQVSWEKTLESGFVITLTDGHSAWTGTVSESEISQEADDMAMEKGKYVGELRKALLSGAGP
ADVYTFNFSKESCYFFFEKNLKDVSFRLGSFNLEKVENPAEVIRELICYCLDTIAENQAKNEHLQKENERLLRDWNDHHH
HHH
;
A,B,F,G,J,K,N,P,R,V,U,Y
2 'polypeptide(L)'
;MEELEQGLLMQPWAWLQLAENSLLAKVFITKQGYALLVSDLQQVWHEQVDTSVVSQRAKELNKRLTAPPAAFLCHLDNLL
RPLLKDAAHPSEATFSCDCVADALILRVRSELSGLPFYWNFHCMLASPSLVSQHLIRPLMGMSLALQCQVRELATLLHMK
DLEIQDYQESGATLIRDRLKTEPFEENSFLEQFMIEKLPEACSIGDGKPFVMNLQDLYMAVTTQHHHHHH
;
D,E,H,I,L,M,O,Q,S,W,T,X
#
loop_
_chem_comp.id
_chem_comp.type
_chem_comp.name
_chem_comp.formula
TBR non-polymer 'HEXATANTALUM DODECABROMIDE' 'Br12 Ta6'
#
# COMPACT_ATOMS: atom_id res chain seq x y z
N MET A 1 -15.69 62.86 0.37
CA MET A 1 -15.93 62.76 1.83
C MET A 1 -15.03 61.72 2.49
N GLU A 2 -13.84 62.15 2.90
CA GLU A 2 -12.86 61.28 3.55
C GLU A 2 -13.44 60.64 4.81
N ARG A 3 -12.69 59.72 5.40
CA ARG A 3 -13.13 59.03 6.60
C ARG A 3 -12.03 58.18 7.22
N LYS A 4 -12.18 57.85 8.50
CA LYS A 4 -11.21 57.03 9.21
C LYS A 4 -11.86 56.03 10.17
N ILE A 5 -11.37 54.80 10.12
CA ILE A 5 -11.89 53.72 10.97
C ILE A 5 -10.90 53.47 12.11
N SER A 6 -11.35 52.81 13.17
CA SER A 6 -10.47 52.53 14.31
C SER A 6 -10.98 51.43 15.23
N ARG A 7 -10.05 50.60 15.71
CA ARG A 7 -10.37 49.50 16.62
C ARG A 7 -10.92 50.10 17.90
N ILE A 8 -11.96 49.48 18.46
CA ILE A 8 -12.54 49.98 19.70
C ILE A 8 -12.95 48.85 20.65
N HIS A 9 -13.41 49.23 21.85
CA HIS A 9 -13.84 48.27 22.86
C HIS A 9 -15.06 48.80 23.62
N LEU A 10 -16.07 47.96 23.77
CA LEU A 10 -17.29 48.34 24.48
C LEU A 10 -17.30 47.78 25.90
N VAL A 11 -17.98 48.49 26.80
CA VAL A 11 -18.07 48.06 28.19
C VAL A 11 -19.07 46.92 28.36
N SER A 12 -20.13 46.96 27.58
CA SER A 12 -21.17 45.92 27.64
C SER A 12 -20.55 44.59 27.21
N GLU A 13 -19.96 44.59 26.03
CA GLU A 13 -19.32 43.42 25.48
C GLU A 13 -17.83 43.71 25.28
N PRO A 14 -17.01 43.37 26.29
CA PRO A 14 -15.55 43.59 26.28
C PRO A 14 -14.82 42.90 25.14
N SER A 15 -15.01 41.60 25.01
CA SER A 15 -14.35 40.83 23.95
C SER A 15 -14.72 41.35 22.57
N ILE A 16 -16.02 41.51 22.31
CA ILE A 16 -16.49 42.00 21.02
C ILE A 16 -15.76 43.29 20.65
N THR A 17 -14.87 43.20 19.66
CA THR A 17 -14.10 44.36 19.21
C THR A 17 -14.85 45.14 18.14
N HIS A 18 -15.52 46.22 18.55
CA HIS A 18 -16.27 47.04 17.61
C HIS A 18 -15.37 47.99 16.82
N PHE A 19 -15.86 48.45 15.67
CA PHE A 19 -15.10 49.35 14.82
C PHE A 19 -15.98 50.49 14.30
N LEU A 20 -15.47 51.72 14.39
CA LEU A 20 -16.22 52.89 13.94
C LEU A 20 -15.65 53.45 12.64
N GLN A 21 -16.50 54.10 11.85
CA GLN A 21 -16.08 54.67 10.57
C GLN A 21 -16.35 56.18 10.49
N VAL A 22 -17.54 56.54 10.02
CA VAL A 22 -18.02 57.92 9.84
C VAL A 22 -17.23 58.70 8.79
N SER A 23 -17.96 59.34 7.87
CA SER A 23 -17.35 60.13 6.81
C SER A 23 -17.81 61.59 6.87
N TRP A 24 -17.09 62.46 6.17
CA TRP A 24 -17.42 63.88 6.15
C TRP A 24 -16.84 64.57 4.92
N GLU A 25 -17.43 65.70 4.54
CA GLU A 25 -16.98 66.46 3.37
C GLU A 25 -15.55 66.93 3.53
N LYS A 26 -15.37 68.14 4.04
CA LYS A 26 -14.03 68.70 4.25
C LYS A 26 -13.83 69.18 5.68
N THR A 27 -14.93 69.50 6.35
CA THR A 27 -14.88 69.96 7.73
C THR A 27 -15.69 69.08 8.67
N LEU A 28 -15.00 68.44 9.59
CA LEU A 28 -15.63 67.55 10.56
C LEU A 28 -16.64 68.33 11.41
N GLU A 29 -16.56 69.66 11.33
CA GLU A 29 -17.45 70.53 12.09
C GLU A 29 -18.79 70.71 11.37
N SER A 30 -18.78 70.62 10.05
CA SER A 30 -20.00 70.79 9.27
C SER A 30 -20.87 69.53 9.32
N GLY A 31 -20.89 68.88 10.47
CA GLY A 31 -21.68 67.67 10.62
C GLY A 31 -21.13 66.56 9.74
N PHE A 32 -21.61 65.34 9.96
CA PHE A 32 -21.15 64.21 9.18
C PHE A 32 -22.03 62.97 9.39
N VAL A 33 -21.41 61.79 9.37
CA VAL A 33 -22.15 60.55 9.56
C VAL A 33 -21.51 59.73 10.66
N ILE A 34 -22.20 58.68 11.10
CA ILE A 34 -21.70 57.81 12.16
C ILE A 34 -22.05 56.37 11.80
N THR A 35 -21.13 55.44 12.05
CA THR A 35 -21.38 54.04 11.72
C THR A 35 -20.45 53.08 12.47
N LEU A 36 -21.05 52.13 13.19
CA LEU A 36 -20.31 51.13 13.95
C LEU A 36 -20.73 49.72 13.56
N THR A 37 -19.77 48.80 13.61
CA THR A 37 -20.04 47.40 13.28
C THR A 37 -19.28 46.45 14.20
N ASP A 38 -19.95 45.40 14.65
CA ASP A 38 -19.34 44.42 15.53
C ASP A 38 -19.00 43.14 14.78
N GLY A 39 -18.87 43.26 13.46
CA GLY A 39 -18.54 42.08 12.65
C GLY A 39 -19.76 41.24 12.33
N HIS A 40 -20.93 41.84 12.46
CA HIS A 40 -22.19 41.14 12.18
C HIS A 40 -23.30 42.15 11.88
N SER A 41 -23.63 42.96 12.87
CA SER A 41 -24.67 43.97 12.73
C SER A 41 -24.06 45.36 12.64
N ALA A 42 -24.70 46.23 11.85
CA ALA A 42 -24.23 47.59 11.67
C ALA A 42 -24.74 48.49 12.79
N TRP A 43 -24.62 49.80 12.60
CA TRP A 43 -25.06 50.80 13.57
C TRP A 43 -24.67 52.19 13.05
N THR A 44 -25.55 52.81 12.26
CA THR A 44 -25.27 54.11 11.69
C THR A 44 -26.11 55.26 12.24
N GLY A 45 -25.65 56.48 11.99
CA GLY A 45 -26.36 57.66 12.45
C GLY A 45 -25.96 58.86 11.60
N THR A 46 -26.47 60.04 11.94
CA THR A 46 -26.14 61.24 11.17
C THR A 46 -26.11 62.49 12.06
N VAL A 47 -25.27 63.45 11.68
CA VAL A 47 -25.12 64.69 12.44
C VAL A 47 -25.97 65.79 11.82
N SER A 48 -25.91 66.98 12.42
CA SER A 48 -26.66 68.14 11.93
C SER A 48 -25.86 69.40 12.23
N GLU A 49 -26.19 70.49 11.57
CA GLU A 49 -25.48 71.75 11.77
C GLU A 49 -25.86 72.43 13.08
N SER A 50 -27.15 72.47 13.37
CA SER A 50 -27.64 73.11 14.60
C SER A 50 -27.23 72.34 15.85
N GLU A 51 -26.48 71.26 15.68
CA GLU A 51 -26.02 70.46 16.82
C GLU A 51 -24.52 70.56 17.05
N ILE A 52 -23.80 71.10 16.07
CA ILE A 52 -22.36 71.25 16.19
C ILE A 52 -22.04 72.21 17.34
N SER A 53 -23.03 73.02 17.69
CA SER A 53 -22.88 73.98 18.77
C SER A 53 -23.57 73.46 20.02
N GLN A 54 -24.37 72.41 19.85
CA GLN A 54 -25.10 71.80 20.96
C GLN A 54 -24.21 70.84 21.74
N GLU A 55 -22.91 70.90 21.48
CA GLU A 55 -21.95 70.03 22.15
C GLU A 55 -20.83 70.81 22.82
N ALA A 56 -20.23 71.73 22.07
CA ALA A 56 -19.14 72.55 22.58
C ALA A 56 -19.58 73.42 23.76
N ASP A 57 -20.83 73.85 23.75
CA ASP A 57 -21.36 74.70 24.81
C ASP A 57 -21.88 73.88 26.00
N ASP A 58 -22.64 72.84 25.73
CA ASP A 58 -23.19 71.99 26.79
C ASP A 58 -22.12 71.65 27.82
N MET A 59 -20.93 71.32 27.33
CA MET A 59 -19.83 70.99 28.21
C MET A 59 -19.31 72.28 28.84
N ALA A 60 -17.99 72.47 28.84
CA ALA A 60 -17.40 73.67 29.41
C ALA A 60 -16.16 74.07 28.61
N MET A 61 -16.01 73.48 27.43
CA MET A 61 -14.89 73.75 26.54
C MET A 61 -15.32 74.70 25.42
N GLU A 62 -14.41 75.56 24.99
CA GLU A 62 -14.71 76.50 23.92
C GLU A 62 -14.83 75.76 22.58
N LYS A 63 -15.40 76.45 21.59
CA LYS A 63 -15.59 75.86 20.27
C LYS A 63 -14.26 75.59 19.58
N GLY A 64 -13.17 76.06 20.16
CA GLY A 64 -11.86 75.85 19.59
C GLY A 64 -11.36 74.43 19.75
N LYS A 65 -11.47 73.89 20.95
CA LYS A 65 -11.02 72.53 21.22
C LYS A 65 -12.17 71.54 21.08
N TYR A 66 -13.04 71.80 20.10
CA TYR A 66 -14.19 70.96 19.84
C TYR A 66 -13.78 69.51 19.59
N VAL A 67 -13.43 69.20 18.35
CA VAL A 67 -13.02 67.84 17.99
C VAL A 67 -11.55 67.62 18.28
N GLY A 68 -10.91 68.62 18.88
CA GLY A 68 -9.49 68.51 19.19
C GLY A 68 -9.17 67.33 20.09
N GLU A 69 -9.68 67.36 21.32
CA GLU A 69 -9.44 66.31 22.29
C GLU A 69 -10.23 65.03 21.96
N LEU A 70 -11.16 65.14 21.03
CA LEU A 70 -11.97 63.99 20.63
C LEU A 70 -11.30 63.12 19.58
N ARG A 71 -10.45 63.72 18.76
CA ARG A 71 -9.74 62.98 17.71
C ARG A 71 -8.56 62.18 18.25
N LYS A 72 -8.47 62.05 19.57
CA LYS A 72 -7.37 61.31 20.17
C LYS A 72 -7.83 59.94 20.64
N ALA A 73 -9.05 59.57 20.26
CA ALA A 73 -9.62 58.28 20.64
C ALA A 73 -10.02 57.50 19.39
N LEU A 74 -11.03 58.01 18.69
CA LEU A 74 -11.53 57.37 17.47
C LEU A 74 -10.55 57.49 16.31
N LEU A 75 -9.35 57.98 16.60
CA LEU A 75 -8.31 58.16 15.59
C LEU A 75 -6.96 57.62 16.05
N SER A 76 -6.99 56.62 16.93
CA SER A 76 -5.77 56.01 17.45
C SER A 76 -4.88 57.07 18.10
N GLY A 77 -5.48 57.95 18.88
CA GLY A 77 -4.72 58.99 19.54
C GLY A 77 -4.22 58.57 20.91
N ALA A 78 -4.69 57.42 21.39
CA ALA A 78 -4.29 56.90 22.68
C ALA A 78 -2.78 56.91 22.83
N GLY A 79 -2.27 57.92 23.55
CA GLY A 79 -0.84 58.05 23.75
C GLY A 79 -0.25 56.93 24.58
N PRO A 80 0.69 57.25 25.49
CA PRO A 80 1.34 56.25 26.35
C PRO A 80 0.37 55.61 27.34
N ALA A 81 -0.82 56.18 27.45
CA ALA A 81 -1.83 55.69 28.37
C ALA A 81 -3.13 56.46 28.25
N ASP A 82 -3.17 57.42 27.33
CA ASP A 82 -4.35 58.24 27.12
C ASP A 82 -5.57 57.43 26.69
N VAL A 83 -6.51 57.24 27.61
CA VAL A 83 -7.73 56.49 27.32
C VAL A 83 -8.84 57.49 26.98
N TYR A 84 -10.00 56.96 26.59
CA TYR A 84 -11.14 57.80 26.26
C TYR A 84 -12.44 57.02 26.42
N THR A 85 -13.34 57.56 27.24
CA THR A 85 -14.63 56.92 27.49
C THR A 85 -15.38 56.69 26.18
N PHE A 86 -15.39 55.45 25.72
CA PHE A 86 -16.05 55.08 24.49
C PHE A 86 -17.04 53.95 24.76
N ASN A 87 -18.32 54.26 24.77
CA ASN A 87 -19.35 53.25 25.01
C ASN A 87 -20.64 53.57 24.26
N PHE A 88 -21.36 52.51 23.89
CA PHE A 88 -22.62 52.64 23.16
C PHE A 88 -23.62 51.61 23.67
N SER A 89 -24.85 52.04 23.91
CA SER A 89 -25.89 51.15 24.39
C SER A 89 -26.63 50.56 23.18
N LYS A 90 -26.61 49.23 23.09
CA LYS A 90 -27.24 48.52 22.00
C LYS A 90 -28.77 48.65 21.97
N GLU A 91 -29.45 47.90 22.81
CA GLU A 91 -30.90 47.89 22.89
C GLU A 91 -31.49 49.30 23.07
N SER A 92 -30.63 50.28 23.30
CA SER A 92 -31.07 51.66 23.48
C SER A 92 -30.72 52.52 22.29
N CYS A 93 -29.60 52.21 21.65
CA CYS A 93 -29.14 52.95 20.48
C CYS A 93 -28.75 54.37 20.86
N TYR A 94 -28.01 54.50 21.95
CA TYR A 94 -27.55 55.81 22.42
C TYR A 94 -26.03 55.82 22.56
N PHE A 95 -25.40 56.72 21.82
CA PHE A 95 -23.94 56.82 21.81
C PHE A 95 -23.46 57.97 22.70
N PHE A 96 -22.23 57.86 23.21
CA PHE A 96 -21.67 58.90 24.06
C PHE A 96 -20.14 58.82 24.17
N PHE A 97 -19.51 59.98 24.29
CA PHE A 97 -18.06 60.08 24.39
C PHE A 97 -17.68 61.12 25.44
N GLU A 98 -17.33 60.66 26.64
CA GLU A 98 -16.97 61.55 27.74
C GLU A 98 -15.51 61.42 28.13
N LYS A 99 -14.67 62.34 27.66
CA LYS A 99 -13.23 62.32 27.97
C LYS A 99 -12.94 61.78 29.37
N ASN A 100 -12.19 60.68 29.41
CA ASN A 100 -11.82 60.05 30.68
C ASN A 100 -10.39 60.45 31.03
N LEU A 101 -10.24 61.11 32.17
CA LEU A 101 -8.91 61.54 32.61
C LEU A 101 -8.85 61.66 34.13
N LYS A 102 -8.35 60.61 34.78
CA LYS A 102 -8.23 60.56 36.23
C LYS A 102 -9.55 60.76 36.98
N ASP A 103 -10.31 59.67 37.09
CA ASP A 103 -11.59 59.68 37.79
C ASP A 103 -12.63 60.66 37.26
N VAL A 104 -12.29 61.39 36.21
CA VAL A 104 -13.23 62.35 35.63
C VAL A 104 -14.00 61.73 34.46
N SER A 105 -15.04 62.43 34.01
CA SER A 105 -15.86 61.94 32.90
C SER A 105 -16.39 63.11 32.09
N PHE A 106 -15.50 64.01 31.69
CA PHE A 106 -15.87 65.19 30.91
C PHE A 106 -16.65 64.85 29.65
N ARG A 107 -17.92 65.23 29.63
CA ARG A 107 -18.77 64.99 28.46
C ARG A 107 -18.31 65.85 27.30
N LEU A 108 -18.12 65.23 26.14
CA LEU A 108 -17.65 65.96 24.97
C LEU A 108 -18.63 65.83 23.81
N GLY A 109 -18.94 64.59 23.41
CA GLY A 109 -19.85 64.38 22.32
C GLY A 109 -20.62 63.06 22.43
N SER A 110 -21.93 63.13 22.20
CA SER A 110 -22.78 61.94 22.27
C SER A 110 -23.81 61.94 21.16
N PHE A 111 -23.84 60.86 20.39
CA PHE A 111 -24.80 60.73 19.29
C PHE A 111 -25.87 59.69 19.56
N ASN A 112 -26.83 59.57 18.65
CA ASN A 112 -27.94 58.64 18.81
C ASN A 112 -28.10 57.61 17.69
N LEU A 113 -27.02 57.32 16.98
CA LEU A 113 -27.04 56.35 15.89
C LEU A 113 -27.71 55.03 16.28
N GLU A 114 -28.10 54.24 15.27
CA GLU A 114 -28.75 52.95 15.50
C GLU A 114 -28.44 51.95 14.40
N LYS A 115 -28.80 50.69 14.62
CA LYS A 115 -28.56 49.63 13.64
C LYS A 115 -29.06 50.04 12.26
N VAL A 116 -28.40 49.51 11.23
CA VAL A 116 -28.77 49.83 9.85
C VAL A 116 -29.62 48.73 9.23
N GLU A 117 -30.43 49.10 8.24
CA GLU A 117 -31.30 48.16 7.55
C GLU A 117 -30.50 47.02 6.91
N ASN A 118 -29.37 47.37 6.29
CA ASN A 118 -28.52 46.39 5.65
C ASN A 118 -27.14 46.29 6.31
N PRO A 119 -26.93 45.28 7.18
CA PRO A 119 -25.67 45.09 7.87
C PRO A 119 -24.57 44.50 6.98
N ALA A 120 -24.81 43.32 6.44
CA ALA A 120 -23.85 42.65 5.58
C ALA A 120 -23.33 43.59 4.49
N GLU A 121 -24.17 44.52 4.08
CA GLU A 121 -23.81 45.48 3.04
C GLU A 121 -22.64 46.38 3.46
N VAL A 122 -22.85 47.14 4.54
CA VAL A 122 -21.82 48.05 5.04
C VAL A 122 -20.49 47.37 5.40
N ILE A 123 -20.54 46.34 6.23
CA ILE A 123 -19.32 45.64 6.63
C ILE A 123 -18.42 45.34 5.44
N ARG A 124 -19.00 44.89 4.34
CA ARG A 124 -18.22 44.59 3.14
C ARG A 124 -17.62 45.86 2.56
N GLU A 125 -18.46 46.89 2.42
CA GLU A 125 -18.03 48.17 1.88
C GLU A 125 -16.81 48.66 2.66
N LEU A 126 -16.88 48.52 3.98
CA LEU A 126 -15.79 48.95 4.84
C LEU A 126 -14.50 48.22 4.46
N ILE A 127 -14.61 46.93 4.19
CA ILE A 127 -13.45 46.13 3.80
C ILE A 127 -12.84 46.72 2.54
N CYS A 128 -13.70 47.25 1.67
CA CYS A 128 -13.25 47.85 0.43
C CYS A 128 -12.37 49.06 0.67
N TYR A 129 -12.76 49.92 1.61
CA TYR A 129 -11.98 51.11 1.91
C TYR A 129 -10.57 50.72 2.30
N CYS A 130 -10.40 49.46 2.70
CA CYS A 130 -9.09 48.95 3.09
C CYS A 130 -8.37 48.33 1.90
N LEU A 131 -9.06 47.44 1.19
CA LEU A 131 -8.49 46.77 0.02
C LEU A 131 -8.39 47.70 -1.19
N ASP A 132 -9.02 48.86 -1.09
CA ASP A 132 -9.01 49.83 -2.17
C ASP A 132 -7.81 50.76 -2.06
N THR A 133 -7.71 51.45 -0.93
CA THR A 133 -6.63 52.38 -0.69
C THR A 133 -5.29 51.67 -0.49
N ILE A 134 -5.35 50.39 -0.09
CA ILE A 134 -4.15 49.62 0.14
C ILE A 134 -3.29 49.50 -1.12
N ALA A 135 -3.95 49.31 -2.25
CA ALA A 135 -3.25 49.19 -3.53
C ALA A 135 -2.78 50.56 -3.99
N GLU A 136 -3.40 51.61 -3.46
CA GLU A 136 -3.05 52.97 -3.83
C GLU A 136 -1.77 53.38 -3.11
N ASN A 137 -1.75 53.19 -1.80
CA ASN A 137 -0.57 53.54 -1.00
C ASN A 137 0.62 52.73 -1.51
N GLN A 138 0.34 51.53 -2.00
CA GLN A 138 1.38 50.66 -2.55
C GLN A 138 1.76 51.17 -3.94
N ALA A 139 0.81 51.83 -4.59
CA ALA A 139 1.02 52.38 -5.92
C ALA A 139 1.88 53.62 -5.80
N LYS A 140 2.16 54.02 -4.56
CA LYS A 140 2.97 55.20 -4.28
C LYS A 140 4.23 54.76 -3.53
N ASN A 141 4.14 53.63 -2.85
CA ASN A 141 5.26 53.08 -2.10
C ASN A 141 6.47 52.89 -3.01
N GLU A 142 6.20 52.46 -4.24
CA GLU A 142 7.25 52.23 -5.23
C GLU A 142 7.29 53.35 -6.27
N HIS A 143 6.19 54.07 -6.41
CA HIS A 143 6.11 55.17 -7.37
C HIS A 143 7.00 56.33 -6.93
N LEU A 144 6.61 56.99 -5.85
CA LEU A 144 7.37 58.14 -5.33
C LEU A 144 8.81 57.74 -5.03
N GLN A 145 9.00 56.54 -4.49
CA GLN A 145 10.31 56.04 -4.15
C GLN A 145 11.27 56.17 -5.33
N LYS A 146 10.82 55.73 -6.50
CA LYS A 146 11.63 55.77 -7.71
C LYS A 146 10.90 56.50 -8.83
N GLU A 147 10.38 57.69 -8.54
CA GLU A 147 9.65 58.48 -9.52
C GLU A 147 10.35 58.50 -10.88
N MET B 1 1.53 32.26 10.26
CA MET B 1 0.36 32.20 9.40
C MET B 1 0.10 33.55 8.75
N GLU B 2 1.00 33.97 7.87
CA GLU B 2 0.86 35.25 7.18
C GLU B 2 -0.40 35.21 6.33
N ARG B 3 -1.33 36.13 6.59
CA ARG B 3 -2.59 36.17 5.85
C ARG B 3 -2.52 36.84 4.49
N LYS B 4 -3.67 36.97 3.85
CA LYS B 4 -3.79 37.58 2.53
C LYS B 4 -5.28 37.70 2.22
N ILE B 5 -5.74 38.91 1.91
CA ILE B 5 -7.16 39.14 1.63
C ILE B 5 -7.60 38.92 0.18
N SER B 6 -7.70 40.00 -0.58
CA SER B 6 -8.14 39.97 -1.98
C SER B 6 -9.61 39.58 -2.04
N ARG B 7 -10.41 40.38 -2.72
CA ARG B 7 -11.85 40.10 -2.83
C ARG B 7 -12.19 39.40 -4.13
N ILE B 8 -12.94 38.31 -4.01
CA ILE B 8 -13.36 37.53 -5.18
C ILE B 8 -14.79 37.89 -5.56
N HIS B 9 -15.32 37.20 -6.56
CA HIS B 9 -16.68 37.44 -7.02
C HIS B 9 -17.31 36.11 -7.45
N LEU B 10 -18.44 35.77 -6.85
CA LEU B 10 -19.13 34.52 -7.15
C LEU B 10 -20.24 34.70 -8.17
N VAL B 11 -20.31 33.77 -9.12
CA VAL B 11 -21.33 33.80 -10.16
C VAL B 11 -22.66 33.33 -9.56
N SER B 12 -22.60 32.80 -8.34
CA SER B 12 -23.78 32.33 -7.66
C SER B 12 -24.56 33.55 -7.18
N GLU B 13 -23.89 34.70 -7.19
CA GLU B 13 -24.48 35.96 -6.76
C GLU B 13 -23.81 37.11 -7.51
N PRO B 14 -23.94 37.13 -8.85
CA PRO B 14 -23.36 38.16 -9.71
C PRO B 14 -23.80 39.58 -9.39
N SER B 15 -23.33 40.11 -8.27
CA SER B 15 -23.66 41.46 -7.82
C SER B 15 -23.12 41.71 -6.43
N ILE B 16 -23.44 40.80 -5.50
CA ILE B 16 -22.99 40.91 -4.12
C ILE B 16 -21.56 40.39 -3.99
N THR B 17 -20.63 41.31 -3.83
CA THR B 17 -19.21 40.97 -3.70
C THR B 17 -18.92 40.05 -2.51
N HIS B 18 -17.74 39.47 -2.51
CA HIS B 18 -17.30 38.57 -1.44
C HIS B 18 -15.85 38.87 -1.08
N PHE B 19 -15.29 38.04 -0.21
CA PHE B 19 -13.91 38.20 0.25
C PHE B 19 -13.32 36.82 0.55
N LEU B 20 -12.07 36.61 0.15
CA LEU B 20 -11.42 35.33 0.38
C LEU B 20 -9.99 35.48 0.89
N GLN B 21 -9.81 35.38 2.20
CA GLN B 21 -8.49 35.49 2.79
C GLN B 21 -7.72 34.19 2.60
N VAL B 22 -6.40 34.29 2.54
CA VAL B 22 -5.55 33.11 2.37
C VAL B 22 -4.24 33.27 3.11
N SER B 23 -4.21 32.78 4.34
CA SER B 23 -3.01 32.87 5.17
C SER B 23 -2.07 31.68 4.95
N TRP B 24 -0.97 31.93 4.24
CA TRP B 24 0.00 30.88 3.95
C TRP B 24 1.24 30.94 4.84
N GLU B 25 1.92 29.80 4.94
CA GLU B 25 3.12 29.70 5.76
C GLU B 25 4.36 29.62 4.88
N LYS B 26 4.97 30.78 4.63
CA LYS B 26 6.16 30.84 3.79
C LYS B 26 5.83 30.37 2.37
N THR B 27 6.05 29.09 2.12
CA THR B 27 5.78 28.50 0.81
C THR B 27 4.27 28.36 0.60
N LEU B 28 3.87 28.36 -0.66
CA LEU B 28 2.45 28.23 -1.01
C LEU B 28 2.09 26.76 -1.14
N GLU B 29 3.07 25.93 -1.48
CA GLU B 29 2.87 24.50 -1.65
C GLU B 29 2.54 23.89 -0.28
N SER B 30 3.33 24.26 0.73
CA SER B 30 3.15 23.77 2.08
C SER B 30 1.69 23.83 2.52
N GLY B 31 0.96 24.81 1.97
CA GLY B 31 -0.45 24.95 2.32
C GLY B 31 -0.76 26.36 2.81
N PHE B 32 -1.98 26.55 3.31
CA PHE B 32 -2.40 27.85 3.81
C PHE B 32 -3.82 27.78 4.37
N VAL B 33 -4.36 28.94 4.76
CA VAL B 33 -5.70 28.99 5.31
C VAL B 33 -6.59 29.93 4.52
N ILE B 34 -7.28 29.38 3.53
CA ILE B 34 -8.18 30.14 2.69
C ILE B 34 -9.55 30.22 3.38
N THR B 35 -10.22 31.36 3.26
CA THR B 35 -11.53 31.55 3.88
C THR B 35 -12.41 32.49 3.07
N LEU B 36 -13.70 32.17 3.02
CA LEU B 36 -14.67 32.99 2.30
C LEU B 36 -15.63 33.68 3.25
N THR B 37 -16.00 34.91 2.93
CA THR B 37 -16.91 35.69 3.77
C THR B 37 -17.82 36.55 2.92
N ASP B 38 -18.61 37.41 3.57
CA ASP B 38 -19.52 38.30 2.86
C ASP B 38 -20.03 39.42 3.78
N GLY B 39 -19.41 39.55 4.94
CA GLY B 39 -19.81 40.59 5.88
C GLY B 39 -20.95 40.18 6.80
N HIS B 40 -21.40 38.93 6.71
CA HIS B 40 -22.48 38.45 7.56
C HIS B 40 -22.23 37.00 7.97
N SER B 41 -21.75 36.19 7.03
CA SER B 41 -21.45 34.79 7.28
C SER B 41 -20.08 34.46 6.71
N ALA B 42 -19.49 33.34 7.15
CA ALA B 42 -18.18 32.95 6.66
C ALA B 42 -18.05 31.46 6.36
N TRP B 43 -16.99 31.12 5.63
CA TRP B 43 -16.69 29.75 5.22
C TRP B 43 -15.18 29.58 5.18
N THR B 44 -14.62 28.86 6.15
CA THR B 44 -13.18 28.65 6.21
C THR B 44 -12.76 27.26 5.72
N GLY B 45 -11.70 27.23 4.93
CA GLY B 45 -11.18 25.99 4.41
C GLY B 45 -9.68 25.90 4.65
N THR B 46 -9.16 24.69 4.75
CA THR B 46 -7.73 24.51 5.01
C THR B 46 -7.08 23.55 4.02
N VAL B 47 -6.42 24.11 3.01
CA VAL B 47 -5.74 23.31 2.01
C VAL B 47 -4.23 23.30 2.23
N SER B 48 -3.77 22.37 3.05
CA SER B 48 -2.35 22.26 3.34
C SER B 48 -1.69 21.34 2.32
N GLU B 49 -0.40 21.07 2.51
CA GLU B 49 0.34 20.20 1.61
C GLU B 49 -0.32 18.84 1.53
N SER B 50 0.16 17.99 0.62
CA SER B 50 -0.38 16.65 0.42
C SER B 50 -1.68 16.68 -0.39
N GLU B 51 -2.37 17.82 -0.34
CA GLU B 51 -3.61 17.99 -1.08
C GLU B 51 -3.36 18.80 -2.34
N ILE B 52 -2.27 19.57 -2.34
CA ILE B 52 -1.90 20.39 -3.47
C ILE B 52 -1.09 19.57 -4.48
N SER B 53 -0.30 18.64 -3.96
CA SER B 53 0.53 17.78 -4.81
C SER B 53 -0.33 16.91 -5.71
N GLN B 54 -1.52 16.57 -5.22
CA GLN B 54 -2.44 15.74 -5.99
C GLN B 54 -3.42 16.57 -6.82
N GLU B 55 -3.05 17.80 -7.13
CA GLU B 55 -3.91 18.66 -7.92
C GLU B 55 -3.39 18.85 -9.34
N ALA B 56 -2.13 19.24 -9.45
CA ALA B 56 -1.53 19.45 -10.77
C ALA B 56 -1.38 18.10 -11.46
N ASP B 57 -1.44 17.04 -10.67
CA ASP B 57 -1.31 15.68 -11.20
C ASP B 57 -2.70 15.15 -11.55
N ASP B 58 -3.69 15.58 -10.78
CA ASP B 58 -5.07 15.17 -11.00
C ASP B 58 -5.68 16.04 -12.09
N MET B 59 -5.05 17.18 -12.33
CA MET B 59 -5.51 18.12 -13.35
C MET B 59 -4.46 18.22 -14.46
N ALA B 60 -3.48 17.31 -14.41
CA ALA B 60 -2.40 17.24 -15.39
C ALA B 60 -1.47 18.45 -15.40
N MET B 61 -1.85 19.51 -14.70
CA MET B 61 -1.03 20.72 -14.64
C MET B 61 0.39 20.42 -14.17
N GLU B 62 1.34 21.27 -14.56
CA GLU B 62 2.72 21.08 -14.16
C GLU B 62 3.02 21.91 -12.92
N LYS B 63 3.45 21.22 -11.86
CA LYS B 63 3.76 21.87 -10.59
C LYS B 63 4.70 23.07 -10.76
N GLY B 64 5.47 23.05 -11.84
CA GLY B 64 6.40 24.14 -12.10
C GLY B 64 5.73 25.49 -12.26
N LYS B 65 4.50 25.48 -12.78
CA LYS B 65 3.74 26.72 -12.99
C LYS B 65 2.35 26.64 -12.37
N TYR B 66 2.04 25.52 -11.74
CA TYR B 66 0.74 25.33 -11.10
C TYR B 66 0.59 26.21 -9.86
N VAL B 67 1.48 26.00 -8.89
CA VAL B 67 1.44 26.77 -7.65
C VAL B 67 1.38 28.26 -7.95
N GLY B 68 2.00 28.67 -9.06
CA GLY B 68 2.00 30.05 -9.45
C GLY B 68 0.60 30.52 -9.84
N GLU B 69 -0.11 29.67 -10.57
CA GLU B 69 -1.46 29.97 -11.01
C GLU B 69 -2.36 30.28 -9.82
N LEU B 70 -2.22 29.47 -8.76
CA LEU B 70 -3.01 29.65 -7.55
C LEU B 70 -2.88 31.06 -7.01
N ARG B 71 -1.74 31.70 -7.27
CA ARG B 71 -1.49 33.06 -6.79
C ARG B 71 -2.36 34.11 -7.46
N LYS B 72 -2.87 33.80 -8.65
CA LYS B 72 -3.71 34.75 -9.37
C LYS B 72 -5.18 34.35 -9.30
N ALA B 73 -5.45 33.22 -8.66
CA ALA B 73 -6.82 32.72 -8.51
C ALA B 73 -7.23 32.65 -7.05
N LEU B 74 -6.39 33.18 -6.17
CA LEU B 74 -6.69 33.17 -4.75
C LEU B 74 -6.20 34.42 -4.02
N LEU B 75 -5.71 35.40 -4.78
CA LEU B 75 -5.22 36.64 -4.20
C LEU B 75 -4.93 37.74 -5.22
N SER B 76 -5.50 37.59 -6.42
CA SER B 76 -5.29 38.57 -7.49
C SER B 76 -3.82 38.97 -7.62
N ASP B 82 -10.55 39.30 -15.96
CA ASP B 82 -11.57 38.41 -16.51
C ASP B 82 -11.22 36.94 -16.30
N VAL B 83 -9.93 36.62 -16.39
CA VAL B 83 -9.48 35.25 -16.21
C VAL B 83 -9.79 34.77 -14.78
N TYR B 84 -10.04 33.48 -14.65
CA TYR B 84 -10.37 32.85 -13.36
C TYR B 84 -11.74 33.30 -12.86
N THR B 85 -12.60 32.32 -12.60
CA THR B 85 -13.95 32.60 -12.09
C THR B 85 -14.20 31.69 -10.90
N PHE B 86 -15.07 32.14 -9.99
CA PHE B 86 -15.38 31.36 -8.80
C PHE B 86 -16.86 31.02 -8.71
N ASN B 87 -17.16 29.78 -8.36
CA ASN B 87 -18.55 29.33 -8.22
C ASN B 87 -18.73 28.47 -6.98
N PHE B 88 -19.30 29.07 -5.93
CA PHE B 88 -19.53 28.37 -4.68
C PHE B 88 -20.99 28.49 -4.24
N SER B 89 -21.66 27.35 -4.11
CA SER B 89 -23.05 27.33 -3.69
C SER B 89 -23.09 27.04 -2.19
N LYS B 90 -23.96 27.76 -1.48
CA LYS B 90 -24.11 27.61 -0.04
C LYS B 90 -24.18 26.17 0.44
N GLU B 91 -25.34 25.55 0.33
CA GLU B 91 -25.54 24.17 0.76
C GLU B 91 -24.59 23.17 0.12
N SER B 92 -23.95 23.56 -0.97
CA SER B 92 -23.01 22.67 -1.66
C SER B 92 -21.73 22.55 -0.82
N CYS B 93 -21.43 23.62 -0.09
CA CYS B 93 -20.25 23.67 0.78
C CYS B 93 -18.98 23.23 0.06
N TYR B 94 -18.85 23.64 -1.20
CA TYR B 94 -17.68 23.30 -2.00
C TYR B 94 -17.27 24.53 -2.83
N PHE B 95 -16.06 25.03 -2.57
CA PHE B 95 -15.56 26.20 -3.26
C PHE B 95 -15.01 25.86 -4.65
N PHE B 96 -15.93 25.69 -5.60
CA PHE B 96 -15.57 25.36 -6.97
C PHE B 96 -15.16 26.59 -7.77
N PHE B 97 -13.98 26.52 -8.40
CA PHE B 97 -13.48 27.64 -9.20
C PHE B 97 -12.67 27.10 -10.38
N GLU B 98 -12.89 27.69 -11.55
CA GLU B 98 -12.19 27.27 -12.76
C GLU B 98 -11.48 28.44 -13.42
N LYS B 99 -10.49 28.15 -14.26
CA LYS B 99 -9.74 29.19 -14.95
C LYS B 99 -10.46 29.64 -16.22
N ASN B 100 -11.20 30.74 -16.11
CA ASN B 100 -11.94 31.28 -17.25
C ASN B 100 -11.02 31.63 -18.41
N LEU B 101 -11.52 31.43 -19.62
CA LEU B 101 -10.78 31.73 -20.83
C LEU B 101 -11.73 31.69 -22.02
N LYS B 102 -11.31 32.26 -23.14
CA LYS B 102 -12.14 32.28 -24.34
C LYS B 102 -12.66 30.87 -24.59
N ASP B 103 -13.87 30.77 -25.13
CA ASP B 103 -14.50 29.50 -25.42
C ASP B 103 -14.82 28.69 -24.17
N VAL B 104 -13.79 28.29 -23.42
CA VAL B 104 -14.01 27.49 -22.22
C VAL B 104 -13.05 27.76 -21.07
N SER B 105 -13.28 27.05 -19.97
CA SER B 105 -12.46 27.16 -18.76
C SER B 105 -12.41 25.75 -18.15
N PHE B 106 -11.77 25.62 -16.99
CA PHE B 106 -11.69 24.32 -16.35
C PHE B 106 -11.33 24.34 -14.87
N ARG B 107 -11.80 23.32 -14.14
CA ARG B 107 -11.57 23.19 -12.71
C ARG B 107 -10.09 23.23 -12.36
N LEU B 108 -9.78 23.58 -11.12
CA LEU B 108 -8.40 23.67 -10.66
C LEU B 108 -8.18 23.01 -9.30
N GLY B 109 -9.23 22.40 -8.75
CA GLY B 109 -9.11 21.74 -7.46
C GLY B 109 -10.34 21.93 -6.60
N SER B 110 -10.42 23.07 -5.94
CA SER B 110 -11.55 23.41 -5.09
C SER B 110 -11.66 22.54 -3.83
N PHE B 111 -11.72 23.19 -2.67
CA PHE B 111 -11.83 22.49 -1.39
C PHE B 111 -13.25 22.69 -0.88
N ASN B 112 -13.63 21.91 0.13
CA ASN B 112 -14.97 22.03 0.70
C ASN B 112 -14.99 23.02 1.86
N LEU B 113 -14.90 24.30 1.53
CA LEU B 113 -14.91 25.38 2.52
C LEU B 113 -16.05 25.21 3.52
N GLU B 114 -15.69 24.80 4.75
CA GLU B 114 -16.68 24.62 5.79
C GLU B 114 -17.11 25.94 6.41
N LYS B 115 -18.43 26.11 6.55
CA LYS B 115 -18.99 27.33 7.12
C LYS B 115 -18.49 27.59 8.52
N VAL B 116 -19.02 28.65 9.14
CA VAL B 116 -18.62 29.02 10.50
C VAL B 116 -19.82 29.44 11.33
N GLU B 117 -20.07 28.71 12.40
CA GLU B 117 -21.19 28.99 13.31
C GLU B 117 -20.94 30.27 14.10
N ASN B 118 -19.73 30.81 13.99
CA ASN B 118 -19.36 32.03 14.71
C ASN B 118 -18.87 33.14 13.79
N PRO B 119 -19.77 33.73 12.99
CA PRO B 119 -19.46 34.81 12.06
C PRO B 119 -18.72 35.98 12.70
N ALA B 120 -19.34 36.58 13.72
CA ALA B 120 -18.79 37.72 14.44
C ALA B 120 -17.26 37.74 14.51
N GLU B 121 -16.69 36.78 15.23
CA GLU B 121 -15.23 36.70 15.39
C GLU B 121 -14.48 36.67 14.06
N VAL B 122 -14.99 35.91 13.11
CA VAL B 122 -14.33 35.79 11.81
C VAL B 122 -14.39 37.12 11.05
N ILE B 123 -15.61 37.59 10.79
CA ILE B 123 -15.82 38.85 10.08
C ILE B 123 -15.05 39.98 10.75
N ARG B 124 -14.68 39.77 12.01
CA ARG B 124 -13.94 40.76 12.78
C ARG B 124 -12.43 40.62 12.60
N GLU B 125 -11.90 39.46 12.96
CA GLU B 125 -10.47 39.18 12.84
C GLU B 125 -9.91 39.74 11.54
N LEU B 126 -10.71 39.60 10.47
CA LEU B 126 -10.31 40.09 9.16
C LEU B 126 -10.09 41.60 9.17
N ILE B 127 -11.15 42.34 9.50
CA ILE B 127 -11.07 43.79 9.55
C ILE B 127 -10.05 44.22 10.60
N CYS B 128 -10.05 43.51 11.72
CA CYS B 128 -9.16 43.78 12.84
C CYS B 128 -7.69 43.82 12.39
N TYR B 129 -7.37 43.06 11.35
CA TYR B 129 -6.02 43.00 10.81
C TYR B 129 -5.91 43.68 9.45
N CYS B 130 -7.02 43.71 8.71
CA CYS B 130 -7.04 44.31 7.38
C CYS B 130 -6.86 45.83 7.43
N LEU B 131 -6.79 46.38 8.64
CA LEU B 131 -6.63 47.81 8.82
C LEU B 131 -5.17 48.24 8.73
N ASP B 132 -4.29 47.29 8.44
CA ASP B 132 -2.86 47.57 8.32
C ASP B 132 -2.46 47.79 6.88
N THR B 133 -2.70 46.78 6.05
CA THR B 133 -2.36 46.85 4.63
C THR B 133 -2.89 48.13 4.00
N ILE B 134 -3.93 48.70 4.62
CA ILE B 134 -4.54 49.92 4.11
C ILE B 134 -4.12 51.19 4.87
N ALA B 135 -4.41 51.22 6.16
CA ALA B 135 -4.07 52.37 6.99
C ALA B 135 -2.59 52.45 7.32
N GLU B 136 -2.03 51.34 7.79
CA GLU B 136 -0.61 51.30 8.15
C GLU B 136 0.28 51.57 6.94
N ASN B 137 -0.33 51.56 5.76
CA ASN B 137 0.42 51.81 4.53
C ASN B 137 0.71 53.30 4.42
N GLN B 138 -0.09 54.10 5.13
CA GLN B 138 0.07 55.56 5.14
C GLN B 138 1.38 55.91 5.82
N ALA B 139 1.80 55.08 6.78
CA ALA B 139 3.04 55.29 7.52
C ALA B 139 4.24 55.23 6.57
N LYS B 140 4.05 54.56 5.44
CA LYS B 140 5.10 54.43 4.44
C LYS B 140 4.75 55.26 3.21
N ASN B 141 3.49 55.70 3.15
CA ASN B 141 3.02 56.49 2.03
C ASN B 141 3.49 57.94 2.14
N GLU B 142 3.28 58.54 3.30
CA GLU B 142 3.69 59.92 3.54
C GLU B 142 5.20 60.06 3.63
N HIS B 143 5.87 59.00 4.08
CA HIS B 143 7.32 59.03 4.23
C HIS B 143 7.97 59.22 2.86
N LEU B 144 7.17 59.09 1.81
CA LEU B 144 7.65 59.26 0.44
C LEU B 144 6.87 60.36 -0.26
N GLN B 145 5.74 60.73 0.33
CA GLN B 145 4.89 61.78 -0.23
C GLN B 145 5.47 63.15 0.11
N LYS B 146 6.27 63.20 1.16
CA LYS B 146 6.89 64.45 1.59
C LYS B 146 8.38 64.45 1.29
N GLU B 147 9.04 63.32 1.55
CA GLU B 147 10.47 63.20 1.31
C GLU B 147 10.82 63.40 -0.17
N ASN B 148 9.94 62.97 -1.06
CA ASN B 148 10.16 63.11 -2.49
C ASN B 148 9.70 64.46 -3.00
N GLU B 149 8.67 65.02 -2.36
CA GLU B 149 8.14 66.32 -2.75
C GLU B 149 8.96 67.44 -2.11
N ARG B 150 10.01 67.05 -1.40
CA ARG B 150 10.91 67.99 -0.74
C ARG B 150 12.24 68.00 -1.47
N LEU B 151 12.61 66.83 -2.00
CA LEU B 151 13.86 66.68 -2.74
C LEU B 151 13.86 67.55 -3.99
N LEU B 152 12.70 68.10 -4.32
CA LEU B 152 12.55 68.95 -5.49
C LEU B 152 13.64 70.02 -5.61
N ARG B 153 13.69 70.92 -4.64
CA ARG B 153 14.67 72.00 -4.62
C ARG B 153 16.12 71.52 -4.65
N ASP B 154 16.32 70.21 -4.46
CA ASP B 154 17.67 69.66 -4.45
C ASP B 154 18.30 69.52 -5.83
N TRP B 155 17.59 68.90 -6.77
CA TRP B 155 18.11 68.71 -8.11
C TRP B 155 18.18 70.02 -8.91
N ASN B 156 17.87 71.13 -8.25
CA ASN B 156 17.91 72.44 -8.89
C ASN B 156 18.93 73.32 -8.20
N ASP B 157 19.83 72.71 -7.43
CA ASP B 157 20.86 73.43 -6.71
C ASP B 157 22.04 73.75 -7.63
N MET C 1 -34.15 106.71 61.50
CA MET C 1 -33.81 107.97 62.22
C MET C 1 -32.30 108.08 62.38
N GLU C 2 -31.62 108.37 61.28
CA GLU C 2 -30.17 108.50 61.24
C GLU C 2 -29.54 109.24 62.41
N GLU C 3 -30.19 110.31 62.87
CA GLU C 3 -29.67 111.10 63.98
C GLU C 3 -29.22 110.23 65.15
N LEU C 4 -30.15 109.46 65.71
CA LEU C 4 -29.84 108.59 66.84
C LEU C 4 -28.68 107.63 66.55
N GLU C 5 -28.85 106.81 65.52
CA GLU C 5 -27.84 105.83 65.14
C GLU C 5 -26.46 106.48 65.06
N GLN C 6 -26.32 107.49 64.21
CA GLN C 6 -25.06 108.20 64.04
C GLN C 6 -24.41 108.50 65.38
N GLY C 7 -25.21 108.95 66.34
CA GLY C 7 -24.70 109.26 67.66
C GLY C 7 -24.36 108.00 68.42
N LEU C 8 -25.20 106.98 68.26
CA LEU C 8 -25.00 105.70 68.91
C LEU C 8 -23.67 105.09 68.48
N LEU C 9 -23.32 105.31 67.22
CA LEU C 9 -22.09 104.79 66.65
C LEU C 9 -20.87 105.26 67.44
N MET C 10 -20.63 106.57 67.39
CA MET C 10 -19.49 107.17 68.08
C MET C 10 -19.71 107.26 69.59
N GLN C 11 -20.28 106.20 70.16
CA GLN C 11 -20.55 106.15 71.59
C GLN C 11 -19.88 104.93 72.22
N PRO C 12 -18.96 105.16 73.18
CA PRO C 12 -18.26 104.07 73.85
C PRO C 12 -19.20 103.15 74.64
N TRP C 13 -18.79 101.91 74.82
CA TRP C 13 -19.60 100.93 75.54
C TRP C 13 -19.50 101.13 77.05
N ALA C 14 -20.11 100.22 77.80
CA ALA C 14 -20.11 100.28 79.25
C ALA C 14 -20.41 98.90 79.83
N TRP C 15 -20.07 98.69 81.10
CA TRP C 15 -20.30 97.41 81.75
C TRP C 15 -21.38 97.53 82.82
N LEU C 16 -22.39 96.67 82.72
CA LEU C 16 -23.49 96.64 83.68
C LEU C 16 -23.93 95.20 83.92
N GLN C 17 -24.06 94.82 85.18
CA GLN C 17 -24.46 93.46 85.53
C GLN C 17 -25.89 93.37 86.04
N LEU C 18 -26.43 92.16 86.01
CA LEU C 18 -27.78 91.89 86.48
C LEU C 18 -27.68 91.05 87.75
N ALA C 19 -27.00 89.92 87.64
CA ALA C 19 -26.82 89.01 88.76
C ALA C 19 -25.98 87.81 88.34
N GLU C 20 -26.39 87.14 87.27
CA GLU C 20 -25.68 85.97 86.77
C GLU C 20 -24.96 86.28 85.46
N ASN C 21 -25.13 87.50 84.95
CA ASN C 21 -24.49 87.89 83.70
C ASN C 21 -24.58 89.40 83.46
N SER C 22 -23.57 89.96 82.80
CA SER C 22 -23.53 91.38 82.51
C SER C 22 -23.57 91.60 80.99
N LEU C 23 -23.81 92.84 80.59
CA LEU C 23 -23.88 93.18 79.17
C LEU C 23 -23.16 94.49 78.88
N LEU C 24 -22.58 94.59 77.68
CA LEU C 24 -21.88 95.80 77.26
C LEU C 24 -22.88 96.63 76.47
N ALA C 25 -23.26 97.78 77.00
CA ALA C 25 -24.23 98.63 76.32
C ALA C 25 -23.78 100.05 76.03
N LYS C 26 -24.11 100.52 74.84
CA LYS C 26 -23.79 101.87 74.41
C LYS C 26 -25.13 102.56 74.13
N VAL C 27 -25.53 103.46 75.02
CA VAL C 27 -26.81 104.15 74.86
C VAL C 27 -26.68 105.63 74.49
N PHE C 28 -27.18 105.96 73.31
CA PHE C 28 -27.17 107.35 72.83
C PHE C 28 -28.55 107.90 73.14
N ILE C 29 -28.61 109.15 73.61
CA ILE C 29 -29.90 109.74 73.97
C ILE C 29 -30.03 111.20 73.52
N THR C 30 -31.28 111.63 73.36
CA THR C 30 -31.58 112.99 72.95
C THR C 30 -33.10 113.20 72.94
N LYS C 31 -33.51 114.44 73.17
CA LYS C 31 -34.94 114.78 73.20
C LYS C 31 -35.69 114.21 72.00
N GLN C 32 -34.99 114.13 70.87
CA GLN C 32 -35.58 113.60 69.64
C GLN C 32 -35.82 112.10 69.74
N GLY C 33 -35.43 111.52 70.88
CA GLY C 33 -35.60 110.09 71.09
C GLY C 33 -34.28 109.46 71.46
N TYR C 34 -34.32 108.21 71.93
CA TYR C 34 -33.08 107.53 72.31
C TYR C 34 -32.83 106.30 71.45
N ALA C 35 -31.56 105.92 71.32
CA ALA C 35 -31.16 104.77 70.54
C ALA C 35 -30.13 103.98 71.34
N LEU C 36 -30.54 102.81 71.83
CA LEU C 36 -29.66 101.96 72.63
C LEU C 36 -29.18 100.72 71.91
N LEU C 37 -28.24 100.01 72.53
CA LEU C 37 -27.68 98.78 71.98
C LEU C 37 -26.90 98.08 73.09
N VAL C 38 -27.17 96.80 73.28
CA VAL C 38 -26.49 96.02 74.31
C VAL C 38 -26.25 94.58 73.83
N SER C 39 -25.24 93.93 74.39
CA SER C 39 -24.92 92.56 74.01
C SER C 39 -24.12 91.85 75.11
N ASP C 40 -24.07 90.52 75.03
CA ASP C 40 -23.34 89.73 76.01
C ASP C 40 -22.27 88.89 75.33
N LEU C 41 -21.46 89.54 74.51
CA LEU C 41 -20.38 88.88 73.78
C LEU C 41 -20.86 87.90 72.71
N GLN C 42 -22.05 87.36 72.89
CA GLN C 42 -22.59 86.41 71.93
C GLN C 42 -23.44 87.05 70.85
N GLN C 43 -24.64 87.49 71.23
CA GLN C 43 -25.55 88.12 70.28
C GLN C 43 -25.95 89.52 70.71
N VAL C 44 -25.81 90.47 69.78
CA VAL C 44 -26.13 91.86 70.05
C VAL C 44 -27.64 92.13 70.07
N TRP C 45 -28.00 93.26 70.68
CA TRP C 45 -29.40 93.67 70.80
C TRP C 45 -29.51 95.18 70.61
N HIS C 46 -30.40 95.60 69.72
CA HIS C 46 -30.58 97.03 69.44
C HIS C 46 -32.05 97.43 69.57
N GLU C 47 -32.29 98.62 70.08
CA GLU C 47 -33.65 99.12 70.25
C GLU C 47 -33.76 100.64 70.20
N GLN C 48 -33.79 101.21 69.00
CA GLN C 48 -33.90 102.65 68.89
C GLN C 48 -35.39 102.98 68.99
N VAL C 49 -35.71 104.16 69.47
CA VAL C 49 -37.11 104.56 69.62
C VAL C 49 -37.33 105.98 69.09
N ASP C 50 -38.58 106.41 69.13
CA ASP C 50 -38.94 107.75 68.67
C ASP C 50 -39.72 108.41 69.81
N THR C 51 -39.61 109.73 69.92
CA THR C 51 -40.30 110.48 70.96
C THR C 51 -41.70 109.97 71.27
N SER C 52 -42.52 109.81 70.24
CA SER C 52 -43.89 109.33 70.40
C SER C 52 -44.00 108.14 71.36
N VAL C 53 -43.41 107.01 70.97
CA VAL C 53 -43.46 105.80 71.77
C VAL C 53 -43.10 106.05 73.24
N VAL C 54 -42.09 106.88 73.47
CA VAL C 54 -41.64 107.20 74.82
C VAL C 54 -42.80 107.43 75.78
N SER C 55 -43.73 108.28 75.38
CA SER C 55 -44.90 108.60 76.19
C SER C 55 -45.51 107.37 76.84
N GLN C 56 -46.12 106.51 76.04
CA GLN C 56 -46.75 105.30 76.52
C GLN C 56 -45.98 104.61 77.65
N ARG C 57 -44.75 104.20 77.36
CA ARG C 57 -43.93 103.51 78.34
C ARG C 57 -43.78 104.28 79.65
N ALA C 58 -43.23 105.49 79.56
CA ALA C 58 -43.04 106.32 80.74
C ALA C 58 -44.32 106.38 81.58
N LYS C 59 -45.45 106.32 80.91
CA LYS C 59 -46.75 106.37 81.56
C LYS C 59 -47.07 105.06 82.30
N GLU C 60 -47.02 103.95 81.56
CA GLU C 60 -47.33 102.63 82.11
C GLU C 60 -46.34 102.15 83.18
N LEU C 61 -45.17 102.77 83.27
CA LEU C 61 -44.19 102.37 84.26
C LEU C 61 -44.21 103.30 85.47
N ASN C 62 -44.34 104.60 85.20
CA ASN C 62 -44.38 105.60 86.26
C ASN C 62 -45.80 106.13 86.40
N LYS C 63 -46.69 105.26 86.86
CA LYS C 63 -48.10 105.58 87.04
C LYS C 63 -48.33 107.02 87.54
N ARG C 64 -48.07 107.23 88.82
CA ARG C 64 -48.26 108.53 89.45
C ARG C 64 -47.30 109.61 88.97
N LEU C 65 -46.63 109.36 87.84
CA LEU C 65 -45.70 110.34 87.30
C LEU C 65 -46.31 111.04 86.10
N THR C 66 -45.87 112.28 85.86
CA THR C 66 -46.35 113.07 84.75
C THR C 66 -45.20 113.89 84.17
N ALA C 67 -44.78 113.53 82.95
CA ALA C 67 -43.68 114.25 82.31
C ALA C 67 -43.72 114.11 80.79
N PRO C 68 -43.58 115.24 80.08
CA PRO C 68 -43.59 115.26 78.62
C PRO C 68 -42.51 114.36 78.02
N PRO C 69 -42.70 113.90 76.78
CA PRO C 69 -41.74 113.03 76.09
C PRO C 69 -40.31 113.58 76.10
N ALA C 70 -40.12 114.72 75.44
CA ALA C 70 -38.82 115.36 75.35
C ALA C 70 -38.16 115.54 76.71
N ALA C 71 -38.78 116.36 77.57
CA ALA C 71 -38.26 116.64 78.90
C ALA C 71 -37.95 115.35 79.65
N PHE C 72 -38.68 114.29 79.34
CA PHE C 72 -38.49 113.00 80.00
C PHE C 72 -37.18 112.33 79.60
N LEU C 73 -36.97 112.14 78.30
CA LEU C 73 -35.75 111.51 77.80
C LEU C 73 -34.52 111.98 78.56
N CYS C 74 -34.36 113.30 78.66
CA CYS C 74 -33.22 113.88 79.37
C CYS C 74 -33.20 113.39 80.81
N HIS C 75 -34.33 113.55 81.50
CA HIS C 75 -34.45 113.11 82.88
C HIS C 75 -34.07 111.64 82.98
N LEU C 76 -34.27 110.93 81.88
CA LEU C 76 -33.94 109.50 81.81
C LEU C 76 -32.44 109.34 81.58
N ASP C 77 -31.84 110.33 80.92
CA ASP C 77 -30.42 110.31 80.63
C ASP C 77 -29.61 110.07 81.91
N ASN C 78 -30.26 110.27 83.05
CA ASN C 78 -29.62 110.07 84.35
C ASN C 78 -29.29 108.59 84.52
N LEU C 79 -29.05 107.93 83.40
CA LEU C 79 -28.71 106.51 83.36
C LEU C 79 -27.29 106.34 82.88
N LEU C 80 -26.85 107.24 82.01
CA LEU C 80 -25.51 107.19 81.45
C LEU C 80 -24.46 107.26 82.55
N ARG C 81 -24.79 107.92 83.65
CA ARG C 81 -23.86 108.03 84.78
C ARG C 81 -23.93 106.72 85.58
N PRO C 82 -25.15 106.31 85.99
CA PRO C 82 -25.28 105.06 86.74
C PRO C 82 -24.83 103.89 85.87
N LEU C 83 -24.59 104.19 84.61
CA LEU C 83 -24.15 103.22 83.62
C LEU C 83 -22.63 103.04 83.72
N LEU C 84 -22.04 103.70 84.70
CA LEU C 84 -20.60 103.62 84.92
C LEU C 84 -19.87 104.16 83.70
N LYS C 85 -20.32 105.31 83.19
CA LYS C 85 -19.70 105.93 82.03
C LYS C 85 -18.18 105.97 82.21
N ASP C 86 -17.74 105.86 83.45
CA ASP C 86 -16.33 105.86 83.78
C ASP C 86 -16.18 104.94 84.99
N ALA C 87 -16.82 103.77 84.89
CA ALA C 87 -16.80 102.75 85.92
C ALA C 87 -17.14 103.31 87.30
N ALA C 88 -18.34 103.87 87.43
CA ALA C 88 -18.80 104.44 88.69
C ALA C 88 -19.67 103.43 89.44
N HIS C 89 -20.50 103.93 90.35
CA HIS C 89 -21.39 103.08 91.13
C HIS C 89 -22.27 102.23 90.20
N PRO C 90 -22.04 100.91 90.19
CA PRO C 90 -22.83 100.00 89.34
C PRO C 90 -24.17 99.59 89.95
N SER C 91 -24.29 99.71 91.27
CA SER C 91 -25.51 99.32 91.95
C SER C 91 -26.12 100.40 92.84
N GLU C 92 -26.95 101.25 92.24
CA GLU C 92 -27.64 102.32 92.96
C GLU C 92 -29.11 102.19 92.59
N ALA C 93 -29.40 101.16 91.81
CA ALA C 93 -30.75 100.87 91.34
C ALA C 93 -30.64 99.67 90.40
N THR C 94 -30.20 98.54 90.97
CA THR C 94 -30.01 97.29 90.24
C THR C 94 -30.85 97.16 88.97
N PHE C 95 -30.28 96.51 87.96
CA PHE C 95 -30.96 96.31 86.67
C PHE C 95 -31.56 94.91 86.56
N SER C 96 -32.09 94.61 85.38
CA SER C 96 -32.70 93.30 85.12
C SER C 96 -32.80 93.02 83.64
N CYS C 97 -32.71 91.74 83.27
CA CYS C 97 -32.80 91.34 81.88
C CYS C 97 -33.36 89.92 81.76
N ASP C 98 -33.96 89.63 80.61
CA ASP C 98 -34.53 88.32 80.34
C ASP C 98 -34.38 88.04 78.85
N CYS C 99 -33.29 87.39 78.48
CA CYS C 99 -33.02 87.06 77.08
C CYS C 99 -34.03 86.06 76.52
N VAL C 100 -35.31 86.32 76.79
CA VAL C 100 -36.38 85.45 76.32
C VAL C 100 -36.78 85.82 74.89
N ALA C 101 -37.29 84.83 74.15
CA ALA C 101 -37.72 85.04 72.77
C ALA C 101 -36.55 85.58 71.93
N ASP C 102 -36.88 86.31 70.88
CA ASP C 102 -35.85 86.88 70.00
C ASP C 102 -35.43 88.27 70.46
N ALA C 103 -36.26 88.89 71.29
CA ALA C 103 -35.97 90.23 71.80
C ALA C 103 -35.33 90.14 73.18
N LEU C 104 -34.75 91.25 73.64
CA LEU C 104 -34.12 91.29 74.94
C LEU C 104 -34.69 92.42 75.79
N ILE C 105 -35.31 92.05 76.91
CA ILE C 105 -35.91 93.02 77.82
C ILE C 105 -34.92 93.50 78.88
N LEU C 106 -34.71 94.82 78.92
CA LEU C 106 -33.79 95.41 79.89
C LEU C 106 -34.53 96.30 80.88
N ARG C 107 -34.71 95.79 82.09
CA ARG C 107 -35.39 96.54 83.15
C ARG C 107 -34.38 97.39 83.91
N VAL C 108 -34.79 98.61 84.26
CA VAL C 108 -33.90 99.51 84.99
C VAL C 108 -34.63 100.32 86.05
N ARG C 109 -34.62 99.83 87.28
CA ARG C 109 -35.25 100.53 88.39
C ARG C 109 -34.38 101.71 88.77
N SER C 110 -34.94 102.63 89.55
CA SER C 110 -34.21 103.81 89.99
C SER C 110 -34.98 104.49 91.11
N GLU C 111 -34.52 105.69 91.48
CA GLU C 111 -35.16 106.48 92.53
C GLU C 111 -34.95 107.97 92.26
N LEU C 112 -35.39 108.40 91.09
CA LEU C 112 -35.26 109.79 90.69
C LEU C 112 -35.89 110.69 91.76
N SER C 113 -35.05 111.49 92.42
CA SER C 113 -35.50 112.39 93.46
C SER C 113 -36.24 111.64 94.57
N GLY C 114 -35.63 110.55 95.05
CA GLY C 114 -36.25 109.76 96.10
C GLY C 114 -37.58 109.19 95.67
N LEU C 115 -37.98 109.48 94.43
CA LEU C 115 -39.24 109.00 93.89
C LEU C 115 -38.99 107.91 92.85
N PRO C 116 -39.38 106.66 93.18
CA PRO C 116 -39.21 105.51 92.29
C PRO C 116 -39.52 105.78 90.83
N PHE C 117 -38.48 106.00 90.05
CA PHE C 117 -38.60 106.28 88.62
C PHE C 117 -38.21 105.02 87.83
N TYR C 118 -39.21 104.23 87.46
CA TYR C 118 -39.01 103.00 86.72
C TYR C 118 -39.00 103.21 85.21
N TRP C 119 -38.63 102.16 84.48
CA TRP C 119 -38.56 102.19 83.03
C TRP C 119 -37.95 100.90 82.50
N ASN C 120 -38.40 100.48 81.32
CA ASN C 120 -37.89 99.26 80.69
C ASN C 120 -37.38 99.53 79.28
N PHE C 121 -36.50 98.65 78.81
CA PHE C 121 -35.95 98.76 77.46
C PHE C 121 -36.39 97.60 76.59
N HIS C 122 -37.44 97.83 75.80
CA HIS C 122 -37.95 96.81 74.90
C HIS C 122 -36.97 96.61 73.74
N CYS C 123 -35.80 96.09 74.06
CA CYS C 123 -34.76 95.86 73.05
C CYS C 123 -35.05 94.60 72.24
N MET C 124 -34.67 94.63 70.96
CA MET C 124 -34.88 93.50 70.07
C MET C 124 -33.58 93.10 69.37
N LEU C 125 -33.39 91.80 69.19
CA LEU C 125 -32.21 91.25 68.54
C LEU C 125 -31.70 92.23 67.48
N ALA C 126 -30.43 92.62 67.60
CA ALA C 126 -29.82 93.55 66.65
C ALA C 126 -29.62 92.93 65.28
N SER C 127 -29.53 93.78 64.27
CA SER C 127 -29.34 93.34 62.89
C SER C 127 -27.87 93.20 62.51
N PRO C 128 -27.57 92.32 61.53
CA PRO C 128 -26.19 92.09 61.09
C PRO C 128 -25.55 93.38 60.57
N SER C 129 -26.22 94.02 59.62
CA SER C 129 -25.72 95.27 59.04
C SER C 129 -25.58 96.33 60.12
N LEU C 130 -25.86 95.94 61.36
CA LEU C 130 -25.76 96.84 62.51
C LEU C 130 -24.60 96.41 63.41
N VAL C 131 -24.27 95.12 63.38
CA VAL C 131 -23.19 94.60 64.21
C VAL C 131 -21.85 94.86 63.52
N SER C 132 -21.90 95.03 62.20
CA SER C 132 -20.69 95.29 61.43
C SER C 132 -20.38 96.78 61.45
N GLN C 133 -21.28 97.56 62.04
CA GLN C 133 -21.10 99.00 62.15
C GLN C 133 -20.86 99.40 63.60
N HIS C 134 -20.98 98.44 64.51
CA HIS C 134 -20.78 98.70 65.93
C HIS C 134 -19.74 97.79 66.56
N LEU C 135 -19.48 96.65 65.93
CA LEU C 135 -18.50 95.70 66.46
C LEU C 135 -17.47 95.27 65.40
N ILE C 136 -17.87 94.31 64.57
CA ILE C 136 -17.01 93.78 63.52
C ILE C 136 -16.07 94.79 62.90
N ARG C 137 -16.56 95.52 61.90
CA ARG C 137 -15.77 96.52 61.19
C ARG C 137 -15.04 97.51 62.09
N PRO C 138 -15.76 98.20 62.99
CA PRO C 138 -15.13 99.17 63.88
C PRO C 138 -14.05 98.58 64.80
N LEU C 139 -14.38 97.48 65.47
CA LEU C 139 -13.44 96.83 66.37
C LEU C 139 -12.21 96.31 65.65
N MET C 140 -12.41 95.77 64.45
CA MET C 140 -11.30 95.24 63.67
C MET C 140 -10.25 96.33 63.45
N GLY C 141 -10.72 97.53 63.16
CA GLY C 141 -9.82 98.65 62.92
C GLY C 141 -8.89 98.91 64.08
N MET C 142 -9.41 98.77 65.30
CA MET C 142 -8.60 98.99 66.49
C MET C 142 -7.39 98.05 66.49
N SER C 143 -7.65 96.77 66.32
CA SER C 143 -6.59 95.76 66.32
C SER C 143 -5.63 95.96 65.15
N LEU C 144 -6.17 96.31 63.99
CA LEU C 144 -5.33 96.52 62.81
C LEU C 144 -4.46 97.76 62.97
N ALA C 145 -5.04 98.82 63.52
CA ALA C 145 -4.33 100.08 63.74
C ALA C 145 -3.46 100.02 64.99
N LEU C 146 -3.96 99.33 66.01
CA LEU C 146 -3.24 99.21 67.27
C LEU C 146 -1.90 98.52 67.01
N GLN C 147 -1.81 97.81 65.89
CA GLN C 147 -0.58 97.14 65.50
C GLN C 147 0.51 98.18 65.41
N CYS C 148 0.12 99.39 65.03
CA CYS C 148 1.05 100.50 64.89
C CYS C 148 1.47 101.07 66.25
N GLN C 149 0.57 101.05 67.22
CA GLN C 149 0.92 101.55 68.55
C GLN C 149 2.14 100.77 69.01
N VAL C 150 2.15 99.49 68.67
CA VAL C 150 3.26 98.60 69.02
C VAL C 150 4.41 98.86 68.06
N ARG C 151 4.07 99.10 66.79
CA ARG C 151 5.07 99.37 65.77
C ARG C 151 5.87 100.63 66.11
N GLU C 152 5.18 101.75 66.27
CA GLU C 152 5.82 103.00 66.60
C GLU C 152 6.62 102.89 67.89
N LEU C 153 6.14 102.06 68.81
CA LEU C 153 6.83 101.85 70.08
C LEU C 153 8.12 101.08 69.84
N ALA C 154 8.04 100.05 69.01
CA ALA C 154 9.19 99.22 68.69
C ALA C 154 10.36 100.10 68.23
N THR C 155 10.05 101.06 67.37
CA THR C 155 11.06 101.97 66.85
C THR C 155 11.58 102.89 67.96
N LEU C 156 10.66 103.54 68.66
CA LEU C 156 11.01 104.43 69.75
C LEU C 156 11.74 103.71 70.88
N LEU C 157 11.42 102.43 71.06
CA LEU C 157 12.04 101.64 72.10
C LEU C 157 13.45 101.28 71.67
N HIS C 158 13.59 100.91 70.39
CA HIS C 158 14.88 100.56 69.81
C HIS C 158 15.74 101.80 69.67
N MET C 159 15.09 102.93 69.47
CA MET C 159 15.78 104.21 69.30
C MET C 159 16.42 104.66 70.61
N LYS C 160 15.96 104.09 71.72
CA LYS C 160 16.50 104.44 73.03
C LYS C 160 17.80 103.68 73.29
N ASP C 161 17.82 102.41 72.91
CA ASP C 161 19.01 101.59 73.10
C ASP C 161 20.17 102.25 72.36
N LEU C 162 19.82 103.01 71.31
CA LEU C 162 20.81 103.72 70.52
C LEU C 162 21.40 104.86 71.35
N GLU C 163 20.51 105.65 71.94
CA GLU C 163 20.92 106.79 72.76
C GLU C 163 21.67 106.31 74.01
N ILE C 164 21.25 105.18 74.54
CA ILE C 164 21.87 104.62 75.74
C ILE C 164 23.36 104.32 75.54
N GLN C 165 23.71 103.75 74.39
CA GLN C 165 25.09 103.40 74.10
C GLN C 165 26.02 104.61 73.96
N ASP C 166 25.51 105.71 73.43
CA ASP C 166 26.34 106.90 73.26
C ASP C 166 26.87 107.34 74.63
N TYR C 167 26.28 106.80 75.69
CA TYR C 167 26.69 107.10 77.05
C TYR C 167 27.70 106.07 77.54
N GLN C 168 27.58 104.85 77.02
CA GLN C 168 28.48 103.77 77.40
C GLN C 168 29.94 104.08 77.09
N GLU C 169 30.16 104.92 76.08
CA GLU C 169 31.52 105.28 75.70
C GLU C 169 31.86 106.64 76.29
N SER C 170 30.99 107.62 76.06
CA SER C 170 31.19 108.96 76.57
C SER C 170 30.94 108.97 78.08
N GLY C 171 31.09 107.82 78.71
CA GLY C 171 30.88 107.72 80.14
C GLY C 171 30.77 106.29 80.62
N ALA C 172 29.97 106.09 81.68
CA ALA C 172 29.76 104.77 82.27
C ALA C 172 29.20 104.89 83.68
N THR C 173 28.98 106.13 84.13
CA THR C 173 28.46 106.38 85.46
C THR C 173 27.03 105.88 85.64
N LEU C 174 26.88 104.58 85.91
CA LEU C 174 25.57 103.99 86.13
C LEU C 174 25.29 103.98 87.62
N ILE C 175 24.66 105.04 88.12
CA ILE C 175 24.36 105.13 89.54
C ILE C 175 23.51 103.95 90.01
N ARG C 176 22.21 103.99 89.72
CA ARG C 176 21.32 102.92 90.10
C ARG C 176 21.66 101.64 89.32
N ASP C 177 22.21 100.66 90.03
CA ASP C 177 22.61 99.39 89.43
C ASP C 177 21.42 98.67 88.81
N ARG C 178 20.32 98.63 89.55
CA ARG C 178 19.11 97.97 89.10
C ARG C 178 18.24 98.88 88.25
N LEU C 179 18.81 99.36 87.15
CA LEU C 179 18.10 100.26 86.23
C LEU C 179 18.55 99.95 84.81
N LYS C 180 19.61 99.15 84.70
CA LYS C 180 20.16 98.78 83.41
C LYS C 180 19.20 97.92 82.61
N THR C 181 18.24 98.56 81.95
CA THR C 181 17.25 97.84 81.14
C THR C 181 17.95 97.10 80.01
N GLU C 182 17.59 95.83 79.84
CA GLU C 182 18.18 95.01 78.79
C GLU C 182 17.80 95.55 77.41
N PRO C 183 18.75 95.53 76.46
CA PRO C 183 18.49 96.03 75.10
C PRO C 183 17.27 95.41 74.43
N PHE C 184 16.28 96.27 74.16
CA PHE C 184 15.04 95.84 73.53
C PHE C 184 15.31 95.11 72.21
N GLU C 185 14.67 93.97 72.03
CA GLU C 185 14.84 93.16 70.83
C GLU C 185 13.46 92.90 70.23
N GLU C 186 12.99 93.85 69.41
CA GLU C 186 11.68 93.76 68.77
C GLU C 186 11.30 92.32 68.38
N ASN C 187 12.28 91.56 67.91
CA ASN C 187 12.02 90.17 67.52
C ASN C 187 11.61 89.34 68.73
N SER C 188 12.56 89.09 69.62
CA SER C 188 12.32 88.29 70.82
C SER C 188 11.08 88.75 71.57
N PHE C 189 10.84 90.06 71.59
CA PHE C 189 9.68 90.61 72.29
C PHE C 189 8.36 90.01 71.81
N LEU C 190 7.92 90.44 70.63
CA LEU C 190 6.66 89.94 70.06
C LEU C 190 6.52 88.44 70.25
N GLU C 191 7.65 87.75 70.32
CA GLU C 191 7.67 86.31 70.52
C GLU C 191 7.22 85.94 71.93
N GLN C 192 8.03 86.33 72.91
CA GLN C 192 7.74 86.03 74.31
C GLN C 192 6.31 86.33 74.77
N PHE C 193 5.63 87.21 74.05
CA PHE C 193 4.26 87.56 74.41
C PHE C 193 3.32 86.40 74.03
N MET C 194 3.33 86.05 72.75
CA MET C 194 2.49 84.96 72.25
C MET C 194 2.95 83.65 72.89
N ILE C 195 3.87 83.76 73.84
CA ILE C 195 4.42 82.59 74.53
C ILE C 195 4.03 82.52 76.00
N GLU C 196 3.94 83.67 76.66
CA GLU C 196 3.60 83.70 78.08
C GLU C 196 2.48 84.67 78.45
N LYS C 197 2.46 85.83 77.80
CA LYS C 197 1.47 86.85 78.08
C LYS C 197 0.13 86.63 77.38
N LEU C 198 0.18 86.47 76.06
CA LEU C 198 -1.03 86.28 75.26
C LEU C 198 -2.10 85.38 75.86
N PRO C 199 -1.71 84.21 76.41
CA PRO C 199 -2.67 83.28 77.02
C PRO C 199 -3.73 83.93 77.91
N GLU C 200 -3.40 85.06 78.52
CA GLU C 200 -4.35 85.75 79.39
C GLU C 200 -4.42 87.24 79.10
N ALA C 201 -4.01 87.61 77.89
CA ALA C 201 -4.03 89.01 77.46
C ALA C 201 -5.17 89.21 76.47
N CYS C 202 -5.63 88.11 75.89
CA CYS C 202 -6.73 88.13 74.93
C CYS C 202 -8.00 87.58 75.56
N SER C 203 -7.92 87.28 76.85
CA SER C 203 -9.06 86.75 77.58
C SER C 203 -10.16 87.81 77.72
N ILE C 204 -11.24 87.62 76.97
CA ILE C 204 -12.36 88.55 76.99
C ILE C 204 -13.11 88.52 78.32
N GLY C 205 -13.61 87.35 78.68
CA GLY C 205 -14.33 87.21 79.94
C GLY C 205 -15.80 87.57 79.76
N ASP C 206 -16.14 88.81 80.09
CA ASP C 206 -17.51 89.29 79.96
C ASP C 206 -17.56 90.65 79.28
N GLY C 207 -16.40 91.17 78.90
CA GLY C 207 -16.34 92.45 78.23
C GLY C 207 -15.75 93.57 79.07
N LYS C 208 -15.76 93.40 80.39
CA LYS C 208 -15.22 94.42 81.28
C LYS C 208 -13.87 94.96 80.79
N PRO C 209 -12.98 94.07 80.34
CA PRO C 209 -11.67 94.54 79.86
C PRO C 209 -11.83 95.49 78.68
N PHE C 210 -12.63 95.08 77.70
CA PHE C 210 -12.89 95.87 76.51
C PHE C 210 -13.26 97.31 76.87
N VAL C 211 -14.16 97.47 77.82
CA VAL C 211 -14.60 98.79 78.26
C VAL C 211 -13.56 99.56 79.07
N MET C 212 -13.14 99.00 80.19
CA MET C 212 -12.16 99.66 81.04
C MET C 212 -10.82 99.92 80.35
N ASN C 213 -10.71 99.54 79.08
CA ASN C 213 -9.46 99.73 78.35
C ASN C 213 -9.61 100.43 77.00
N LEU C 214 -9.67 99.63 75.93
CA LEU C 214 -9.78 100.13 74.57
C LEU C 214 -10.74 101.28 74.31
N GLN C 215 -11.70 101.51 75.21
CA GLN C 215 -12.66 102.59 75.03
C GLN C 215 -12.06 103.91 74.58
N ASP C 216 -10.99 104.36 75.25
CA ASP C 216 -10.35 105.62 74.88
C ASP C 216 -10.06 105.62 73.39
N LEU C 217 -9.59 104.49 72.89
CA LEU C 217 -9.26 104.33 71.47
C LEU C 217 -10.53 104.12 70.65
N TYR C 218 -11.21 103.01 70.91
CA TYR C 218 -12.44 102.65 70.21
C TYR C 218 -13.13 103.85 69.58
N MET C 219 -13.56 104.79 70.41
CA MET C 219 -14.24 105.99 69.94
C MET C 219 -13.55 106.64 68.76
N ALA C 220 -12.26 106.94 68.92
CA ALA C 220 -11.49 107.58 67.87
C ALA C 220 -11.58 106.83 66.53
N VAL C 221 -11.62 105.51 66.60
CA VAL C 221 -11.70 104.68 65.40
C VAL C 221 -13.10 104.71 64.80
N THR C 222 -14.10 104.46 65.63
CA THR C 222 -15.49 104.45 65.19
C THR C 222 -15.85 105.78 64.52
N THR C 223 -15.20 106.84 64.99
CA THR C 223 -15.43 108.18 64.47
C THR C 223 -14.65 108.42 63.18
N GLN C 224 -13.37 108.05 63.19
CA GLN C 224 -12.50 108.23 62.04
C GLN C 224 -12.81 107.25 60.90
N HIS C 225 -13.56 106.21 61.22
CA HIS C 225 -13.92 105.19 60.24
C HIS C 225 -14.75 105.71 59.08
N HIS C 226 -14.91 107.02 58.98
CA HIS C 226 -15.68 107.63 57.91
C HIS C 226 -14.77 108.18 56.82
N HIS C 227 -14.45 109.46 56.94
CA HIS C 227 -13.60 110.15 55.98
C HIS C 227 -12.19 109.55 55.97
N MET D 1 -20.58 66.46 61.42
CA MET D 1 -20.75 67.91 61.39
C MET D 1 -19.80 68.59 62.38
N GLU D 2 -19.38 67.85 63.39
CA GLU D 2 -18.47 68.39 64.41
C GLU D 2 -17.09 68.68 63.82
N GLU D 3 -16.45 67.66 63.26
CA GLU D 3 -15.13 67.81 62.68
C GLU D 3 -15.06 69.01 61.74
N LEU D 4 -15.83 68.94 60.66
CA LEU D 4 -15.86 69.99 59.64
C LEU D 4 -16.02 71.38 60.24
N GLU D 5 -16.76 71.50 61.34
CA GLU D 5 -16.98 72.78 61.97
C GLU D 5 -15.82 73.29 62.81
N GLN D 6 -15.45 72.55 63.85
CA GLN D 6 -14.35 72.96 64.72
C GLN D 6 -13.11 73.27 63.90
N GLY D 7 -13.03 72.67 62.72
CA GLY D 7 -11.89 72.89 61.85
C GLY D 7 -11.94 74.26 61.22
N LEU D 8 -13.11 74.64 60.73
CA LEU D 8 -13.29 75.95 60.10
C LEU D 8 -12.88 77.05 61.05
N LEU D 9 -12.99 76.77 62.35
CA LEU D 9 -12.62 77.73 63.38
C LEU D 9 -11.10 77.88 63.37
N MET D 10 -10.41 76.75 63.30
CA MET D 10 -8.95 76.72 63.26
C MET D 10 -8.42 77.21 61.92
N GLN D 11 -9.23 77.99 61.22
CA GLN D 11 -8.86 78.52 59.91
C GLN D 11 -8.72 80.04 59.94
N PRO D 12 -7.56 80.56 59.54
CA PRO D 12 -7.35 82.01 59.51
C PRO D 12 -7.90 82.60 58.22
N TRP D 13 -8.50 83.79 58.31
CA TRP D 13 -9.05 84.44 57.13
C TRP D 13 -8.01 84.49 56.02
N ALA D 14 -8.45 84.82 54.81
CA ALA D 14 -7.55 84.88 53.68
C ALA D 14 -7.94 85.92 52.64
N TRP D 15 -9.22 85.95 52.30
CA TRP D 15 -9.70 86.89 51.29
C TRP D 15 -9.08 86.51 49.95
N LEU D 16 -9.94 86.31 48.96
CA LEU D 16 -9.50 85.92 47.63
C LEU D 16 -9.63 87.09 46.66
N GLN D 17 -10.04 86.81 45.42
CA GLN D 17 -10.19 87.87 44.44
C GLN D 17 -11.37 87.66 43.49
N LEU D 18 -12.40 88.48 43.65
CA LEU D 18 -13.59 88.42 42.83
C LEU D 18 -13.63 89.64 41.92
N ALA D 19 -14.24 89.49 40.75
CA ALA D 19 -14.36 90.59 39.80
C ALA D 19 -14.80 91.85 40.51
N GLU D 20 -15.68 91.69 41.49
CA GLU D 20 -16.19 92.81 42.26
C GLU D 20 -15.94 92.60 43.74
N ASN D 21 -15.45 93.64 44.41
CA ASN D 21 -15.14 93.62 45.84
C ASN D 21 -15.04 92.22 46.43
N SER D 22 -13.82 91.69 46.52
CA SER D 22 -13.61 90.36 47.07
C SER D 22 -14.07 90.34 48.53
N LEU D 23 -14.24 89.14 49.08
CA LEU D 23 -14.68 88.99 50.46
C LEU D 23 -13.74 88.13 51.28
N LEU D 24 -13.29 88.66 52.41
CA LEU D 24 -12.39 87.91 53.29
C LEU D 24 -13.05 86.58 53.61
N ALA D 25 -12.43 85.48 53.19
CA ALA D 25 -13.00 84.17 53.43
C ALA D 25 -12.01 83.16 53.99
N LYS D 26 -12.55 82.06 54.49
CA LYS D 26 -11.77 80.97 55.08
C LYS D 26 -12.57 79.69 54.92
N VAL D 27 -12.09 78.81 54.03
CA VAL D 27 -12.77 77.55 53.77
C VAL D 27 -11.98 76.32 54.16
N PHE D 28 -12.56 75.52 55.06
CA PHE D 28 -11.94 74.29 55.52
C PHE D 28 -12.64 73.11 54.87
N ILE D 29 -12.04 72.57 53.81
CA ILE D 29 -12.62 71.45 53.09
C ILE D 29 -11.97 70.13 53.47
N THR D 30 -12.79 69.17 53.88
CA THR D 30 -12.31 67.85 54.26
C THR D 30 -12.72 66.84 53.20
N LYS D 31 -12.57 65.55 53.51
CA LYS D 31 -12.95 64.50 52.57
C LYS D 31 -14.43 64.19 52.65
N GLN D 32 -15.00 64.32 53.84
CA GLN D 32 -16.42 64.06 54.07
C GLN D 32 -17.21 65.33 53.79
N GLY D 33 -16.83 66.04 52.73
CA GLY D 33 -17.51 67.27 52.38
C GLY D 33 -16.70 68.47 52.84
N TYR D 34 -17.33 69.63 52.93
CA TYR D 34 -16.63 70.83 53.37
C TYR D 34 -17.53 71.73 54.22
N ALA D 35 -16.99 72.87 54.61
CA ALA D 35 -17.71 73.85 55.41
C ALA D 35 -16.94 75.17 55.36
N LEU D 36 -17.31 76.02 54.41
CA LEU D 36 -16.64 77.31 54.25
C LEU D 36 -17.41 78.44 54.91
N LEU D 37 -16.79 79.62 54.94
CA LEU D 37 -17.40 80.81 55.52
C LEU D 37 -16.73 82.05 54.94
N VAL D 38 -17.53 82.92 54.35
CA VAL D 38 -17.03 84.14 53.74
C VAL D 38 -17.85 85.36 54.14
N SER D 39 -17.16 86.47 54.41
CA SER D 39 -17.80 87.71 54.81
C SER D 39 -17.21 88.88 54.02
N ASP D 40 -17.91 90.01 54.01
CA ASP D 40 -17.46 91.18 53.28
C ASP D 40 -17.40 92.42 54.17
N LEU D 41 -16.95 92.25 55.41
CA LEU D 41 -16.84 93.36 56.34
C LEU D 41 -18.19 94.08 56.44
N GLN D 42 -19.26 93.29 56.59
CA GLN D 42 -20.60 93.84 56.70
C GLN D 42 -21.58 92.70 56.97
N GLN D 43 -21.41 91.60 56.25
CA GLN D 43 -22.27 90.42 56.42
C GLN D 43 -21.45 89.14 56.31
N VAL D 44 -21.71 88.20 57.20
CA VAL D 44 -21.01 86.92 57.20
C VAL D 44 -21.87 85.85 56.55
N TRP D 45 -21.23 84.82 56.01
CA TRP D 45 -21.95 83.73 55.35
C TRP D 45 -21.28 82.37 55.53
N HIS D 46 -22.05 81.40 56.02
CA HIS D 46 -21.55 80.05 56.27
C HIS D 46 -22.38 78.99 55.56
N GLU D 47 -21.70 78.03 54.92
CA GLU D 47 -22.35 76.94 54.22
C GLU D 47 -21.58 75.64 54.44
N GLN D 48 -22.18 74.72 55.18
CA GLN D 48 -21.54 73.43 55.47
C GLN D 48 -22.22 72.30 54.71
N VAL D 49 -21.95 72.19 53.41
CA VAL D 49 -22.54 71.13 52.62
C VAL D 49 -21.91 69.81 53.03
N ASP D 50 -22.41 68.71 52.47
CA ASP D 50 -21.87 67.39 52.79
C ASP D 50 -21.96 66.47 51.57
N THR D 51 -21.32 65.31 51.68
CA THR D 51 -21.29 64.32 50.61
C THR D 51 -22.48 64.37 49.66
N SER D 52 -23.68 64.37 50.22
CA SER D 52 -24.91 64.41 49.42
C SER D 52 -24.95 65.60 48.47
N VAL D 53 -24.93 66.81 49.03
CA VAL D 53 -24.98 68.03 48.23
C VAL D 53 -23.88 68.07 47.18
N VAL D 54 -22.77 67.40 47.46
CA VAL D 54 -21.64 67.36 46.53
C VAL D 54 -22.06 66.84 45.16
N SER D 55 -22.47 65.58 45.11
CA SER D 55 -22.90 64.96 43.86
C SER D 55 -24.11 65.70 43.28
N GLN D 56 -25.10 65.95 44.13
CA GLN D 56 -26.31 66.64 43.71
C GLN D 56 -26.00 67.91 42.93
N ARG D 57 -25.41 68.88 43.60
CA ARG D 57 -25.05 70.16 43.00
C ARG D 57 -24.22 70.00 41.73
N ALA D 58 -23.24 69.10 41.78
CA ALA D 58 -22.37 68.85 40.63
C ALA D 58 -23.18 68.39 39.42
N LYS D 59 -24.17 67.54 39.67
CA LYS D 59 -25.02 67.01 38.60
C LYS D 59 -25.85 68.10 37.94
N GLU D 60 -25.93 69.26 38.58
CA GLU D 60 -26.71 70.37 38.05
C GLU D 60 -25.83 71.40 37.34
N LEU D 61 -24.71 71.73 37.96
CA LEU D 61 -23.77 72.71 37.40
C LEU D 61 -23.02 72.13 36.20
N ASN D 62 -22.59 70.89 36.33
CA ASN D 62 -21.85 70.21 35.28
C ASN D 62 -22.48 68.89 34.87
N LYS D 63 -23.77 68.92 34.53
CA LYS D 63 -24.48 67.72 34.12
C LYS D 63 -23.68 67.05 33.00
N ARG D 64 -23.08 67.88 32.15
CA ARG D 64 -22.27 67.39 31.04
C ARG D 64 -20.90 66.99 31.59
N LEU D 65 -20.92 66.07 32.55
CA LEU D 65 -19.70 65.58 33.19
C LEU D 65 -20.07 64.60 34.28
N THR D 66 -19.07 63.98 34.89
CA THR D 66 -19.30 63.00 35.97
C THR D 66 -18.03 62.77 36.77
N ALA D 67 -18.18 62.43 38.04
CA ALA D 67 -17.04 62.18 38.92
C ALA D 67 -17.49 61.89 40.35
N PRO D 68 -16.81 60.95 41.03
CA PRO D 68 -17.13 60.59 42.41
C PRO D 68 -17.14 61.79 43.36
N PRO D 69 -18.22 61.97 44.13
CA PRO D 69 -18.37 63.06 45.09
C PRO D 69 -17.26 63.14 46.13
N ALA D 70 -17.04 62.04 46.84
CA ALA D 70 -16.01 61.98 47.87
C ALA D 70 -14.66 62.48 47.37
N ALA D 71 -14.24 61.98 46.21
CA ALA D 71 -12.96 62.37 45.62
C ALA D 71 -13.06 63.76 44.99
N PHE D 72 -14.22 64.04 44.40
CA PHE D 72 -14.49 65.32 43.75
C PHE D 72 -13.88 66.49 44.52
N LEU D 73 -13.97 66.42 45.84
CA LEU D 73 -13.47 67.46 46.73
C LEU D 73 -12.02 67.87 46.44
N CYS D 74 -11.13 66.89 46.38
CA CYS D 74 -9.72 67.16 46.13
C CYS D 74 -9.50 68.02 44.89
N HIS D 75 -10.19 67.66 43.80
CA HIS D 75 -10.05 68.38 42.54
C HIS D 75 -10.60 69.81 42.58
N LEU D 76 -11.49 70.08 43.53
CA LEU D 76 -12.09 71.40 43.65
C LEU D 76 -11.23 72.30 44.54
N ASP D 77 -10.70 71.72 45.61
CA ASP D 77 -9.85 72.44 46.55
C ASP D 77 -8.63 73.04 45.88
N ASN D 78 -8.08 72.31 44.92
CA ASN D 78 -6.89 72.73 44.17
C ASN D 78 -7.03 74.12 43.55
N LEU D 79 -8.25 74.53 43.26
CA LEU D 79 -8.52 75.82 42.64
C LEU D 79 -8.60 76.98 43.64
N LEU D 80 -8.98 76.66 44.88
CA LEU D 80 -9.11 77.69 45.91
C LEU D 80 -7.88 77.82 46.79
N ARG D 81 -7.35 76.69 47.25
CA ARG D 81 -6.17 76.68 48.13
C ARG D 81 -5.12 77.72 47.73
N PRO D 82 -4.77 77.79 46.43
CA PRO D 82 -3.76 78.76 45.99
C PRO D 82 -4.18 80.20 46.31
N LEU D 83 -5.41 80.55 45.93
CA LEU D 83 -5.94 81.89 46.17
C LEU D 83 -6.21 82.15 47.65
N LEU D 84 -5.99 81.15 48.48
CA LEU D 84 -6.19 81.29 49.92
C LEU D 84 -4.89 81.67 50.60
N LYS D 85 -3.79 81.52 49.86
CA LYS D 85 -2.47 81.85 50.37
C LYS D 85 -2.08 83.24 49.91
N ASP D 86 -2.61 83.63 48.75
CA ASP D 86 -2.34 84.95 48.18
C ASP D 86 -3.26 85.16 46.98
N ALA D 87 -4.11 86.18 47.07
CA ALA D 87 -5.06 86.49 46.01
C ALA D 87 -4.42 86.58 44.62
N ALA D 88 -3.22 87.15 44.56
CA ALA D 88 -2.51 87.30 43.29
C ALA D 88 -2.13 85.96 42.66
N HIS D 89 -1.85 84.97 43.51
CA HIS D 89 -1.48 83.64 43.04
C HIS D 89 -2.34 83.14 41.89
N PRO D 90 -1.85 82.14 41.14
CA PRO D 90 -2.56 81.56 40.00
C PRO D 90 -4.06 81.41 40.21
N SER D 91 -4.82 82.39 39.73
CA SER D 91 -6.27 82.37 39.86
C SER D 91 -6.81 81.07 39.29
N GLU D 92 -6.57 80.86 38.00
CA GLU D 92 -7.02 79.65 37.32
C GLU D 92 -8.53 79.49 37.37
N ALA D 93 -9.22 80.48 37.94
CA ALA D 93 -10.67 80.42 38.04
C ALA D 93 -11.28 81.78 38.35
N THR D 94 -12.15 82.24 37.47
CA THR D 94 -12.84 83.52 37.65
C THR D 94 -14.08 83.31 38.51
N PHE D 95 -14.16 84.05 39.61
CA PHE D 95 -15.29 83.92 40.51
C PHE D 95 -16.35 84.99 40.31
N SER D 96 -17.61 84.58 40.35
CA SER D 96 -18.74 85.49 40.17
C SER D 96 -19.70 85.33 41.34
N CYS D 97 -19.26 85.76 42.52
CA CYS D 97 -20.05 85.68 43.73
C CYS D 97 -21.26 86.61 43.70
N ASP D 98 -22.40 86.09 44.15
CA ASP D 98 -23.64 86.87 44.20
C ASP D 98 -24.42 86.55 45.46
N CYS D 99 -24.92 87.60 46.11
CA CYS D 99 -25.69 87.45 47.34
C CYS D 99 -27.13 87.92 47.13
N VAL D 100 -28.04 87.36 47.92
CA VAL D 100 -29.45 87.72 47.83
C VAL D 100 -30.22 87.11 48.99
N ALA D 101 -31.41 87.64 49.26
CA ALA D 101 -32.24 87.13 50.35
C ALA D 101 -31.40 86.94 51.61
N ASP D 102 -30.94 85.71 51.83
CA ASP D 102 -30.11 85.39 52.98
C ASP D 102 -28.95 84.50 52.55
N ALA D 103 -29.01 84.00 51.33
CA ALA D 103 -27.97 83.14 50.80
C ALA D 103 -27.01 83.92 49.90
N LEU D 104 -25.88 83.30 49.58
CA LEU D 104 -24.88 83.91 48.73
C LEU D 104 -24.06 82.86 47.98
N ILE D 105 -24.14 82.91 46.65
CA ILE D 105 -23.43 81.97 45.81
C ILE D 105 -21.99 82.38 45.53
N LEU D 106 -21.18 81.41 45.09
CA LEU D 106 -19.78 81.65 44.76
C LEU D 106 -19.43 80.85 43.51
N ARG D 107 -19.81 81.39 42.35
CA ARG D 107 -19.54 80.74 41.08
C ARG D 107 -18.04 80.50 40.90
N VAL D 108 -17.65 79.23 40.92
CA VAL D 108 -16.25 78.87 40.75
C VAL D 108 -16.00 78.31 39.35
N ARG D 109 -15.81 79.20 38.39
CA ARG D 109 -15.56 78.79 37.01
C ARG D 109 -14.08 78.55 36.79
N SER D 110 -13.72 77.27 36.66
CA SER D 110 -12.33 76.89 36.46
C SER D 110 -12.20 75.74 35.46
N GLU D 111 -10.97 75.24 35.30
CA GLU D 111 -10.69 74.14 34.38
C GLU D 111 -9.64 73.21 34.99
N LEU D 112 -9.97 71.94 35.10
CA LEU D 112 -9.06 70.95 35.68
C LEU D 112 -8.58 69.90 34.68
N SER D 113 -7.29 69.62 34.72
CA SER D 113 -6.67 68.62 33.85
C SER D 113 -7.14 68.75 32.41
N GLY D 114 -7.14 69.99 31.91
CA GLY D 114 -7.57 70.22 30.54
C GLY D 114 -9.09 70.14 30.39
N LEU D 115 -9.72 69.39 31.28
CA LEU D 115 -11.17 69.21 31.26
C LEU D 115 -11.82 70.34 32.05
N PRO D 116 -12.41 71.32 31.36
CA PRO D 116 -13.07 72.46 32.01
C PRO D 116 -13.96 72.06 33.18
N PHE D 117 -13.68 72.63 34.34
CA PHE D 117 -14.43 72.35 35.56
C PHE D 117 -15.66 73.25 35.67
N TYR D 118 -16.34 73.15 36.81
CA TYR D 118 -17.55 73.95 37.09
C TYR D 118 -18.07 73.57 38.48
N TRP D 119 -18.36 74.59 39.29
CA TRP D 119 -18.85 74.38 40.64
C TRP D 119 -19.40 75.65 41.29
N ASN D 120 -20.28 75.49 42.26
CA ASN D 120 -20.90 76.61 42.96
C ASN D 120 -20.84 76.51 44.49
N PHE D 121 -21.04 77.64 45.15
CA PHE D 121 -21.05 77.70 46.61
C PHE D 121 -22.31 78.40 47.10
N HIS D 122 -23.40 77.66 47.15
CA HIS D 122 -24.69 78.19 47.60
C HIS D 122 -24.65 78.43 49.10
N CYS D 123 -23.99 79.50 49.51
CA CYS D 123 -23.84 79.84 50.92
C CYS D 123 -25.07 80.54 51.50
N MET D 124 -25.08 80.72 52.82
CA MET D 124 -26.19 81.36 53.51
C MET D 124 -25.72 82.37 54.56
N LEU D 125 -26.67 83.08 55.15
CA LEU D 125 -26.37 84.08 56.17
C LEU D 125 -25.76 83.36 57.37
N ALA D 126 -24.73 83.96 57.96
CA ALA D 126 -24.04 83.37 59.10
C ALA D 126 -24.87 83.48 60.38
N SER D 127 -25.07 82.33 61.03
CA SER D 127 -25.83 82.28 62.28
C SER D 127 -25.22 83.20 63.32
N PRO D 128 -26.03 83.71 64.25
CA PRO D 128 -25.56 84.62 65.31
C PRO D 128 -24.31 84.09 66.02
N SER D 129 -24.37 82.84 66.47
CA SER D 129 -23.26 82.21 67.16
C SER D 129 -21.94 82.30 66.41
N LEU D 130 -21.96 81.95 65.13
CA LEU D 130 -20.75 81.98 64.31
C LEU D 130 -20.23 83.38 64.01
N VAL D 131 -21.13 84.33 63.78
CA VAL D 131 -20.73 85.70 63.48
C VAL D 131 -19.69 86.18 64.50
N SER D 132 -19.69 85.55 65.67
CA SER D 132 -18.75 85.91 66.72
C SER D 132 -17.55 84.96 66.78
N GLN D 133 -17.82 83.68 67.01
CA GLN D 133 -16.76 82.67 67.12
C GLN D 133 -15.66 82.78 66.06
N HIS D 134 -15.93 83.53 65.00
CA HIS D 134 -14.95 83.70 63.94
C HIS D 134 -14.57 85.17 63.75
N LEU D 135 -15.35 86.06 64.35
CA LEU D 135 -15.11 87.49 64.27
C LEU D 135 -15.22 88.15 65.64
N ILE D 136 -16.41 88.68 65.93
CA ILE D 136 -16.70 89.36 67.20
C ILE D 136 -15.81 88.94 68.36
N ARG D 137 -16.14 87.80 68.98
CA ARG D 137 -15.40 87.28 70.12
C ARG D 137 -13.88 87.22 69.97
N PRO D 138 -13.38 86.43 69.01
CA PRO D 138 -11.93 86.32 68.82
C PRO D 138 -11.26 87.63 68.43
N LEU D 139 -11.89 88.38 67.53
CA LEU D 139 -11.36 89.65 67.07
C LEU D 139 -11.13 90.58 68.25
N MET D 140 -12.04 90.53 69.23
CA MET D 140 -11.93 91.37 70.41
C MET D 140 -10.69 90.95 71.20
N GLY D 141 -10.44 89.63 71.22
CA GLY D 141 -9.29 89.12 71.94
C GLY D 141 -8.00 89.74 71.44
N MET D 142 -7.91 89.91 70.12
CA MET D 142 -6.72 90.51 69.51
C MET D 142 -6.62 91.97 69.93
N SER D 143 -7.64 92.75 69.59
CA SER D 143 -7.69 94.16 69.93
C SER D 143 -7.40 94.36 71.41
N LEU D 144 -7.93 93.45 72.23
CA LEU D 144 -7.75 93.51 73.67
C LEU D 144 -6.36 93.04 74.08
N ALA D 145 -5.86 92.01 73.41
CA ALA D 145 -4.54 91.46 73.70
C ALA D 145 -3.42 92.33 73.16
N LEU D 146 -3.59 92.79 71.92
CA LEU D 146 -2.59 93.63 71.27
C LEU D 146 -2.27 94.82 72.17
N GLN D 147 -3.25 95.23 72.97
CA GLN D 147 -3.10 96.36 73.88
C GLN D 147 -1.98 96.12 74.89
N CYS D 148 -2.02 94.98 75.55
CA CYS D 148 -1.00 94.65 76.55
C CYS D 148 0.40 94.95 76.02
N GLN D 149 0.64 94.62 74.77
CA GLN D 149 1.94 94.86 74.15
C GLN D 149 2.25 96.35 74.23
N VAL D 150 1.31 97.17 73.76
CA VAL D 150 1.49 98.62 73.78
C VAL D 150 1.79 99.09 75.19
N ARG D 151 1.16 98.45 76.18
CA ARG D 151 1.38 98.81 77.57
C ARG D 151 2.75 98.38 78.06
N GLU D 152 3.16 97.17 77.72
CA GLU D 152 4.47 96.67 78.14
C GLU D 152 5.59 97.42 77.45
N LEU D 153 5.41 97.73 76.17
CA LEU D 153 6.43 98.48 75.44
C LEU D 153 6.62 99.83 76.11
N ALA D 154 5.50 100.48 76.41
CA ALA D 154 5.54 101.78 77.07
C ALA D 154 6.30 101.62 78.37
N THR D 155 5.96 100.57 79.12
CA THR D 155 6.62 100.28 80.38
C THR D 155 8.12 100.13 80.18
N LEU D 156 8.51 99.31 79.21
CA LEU D 156 9.91 99.09 78.90
C LEU D 156 10.59 100.40 78.49
N LEU D 157 9.82 101.28 77.86
CA LEU D 157 10.35 102.56 77.43
C LEU D 157 10.72 103.46 78.61
N HIS D 158 9.84 103.48 79.61
CA HIS D 158 10.07 104.29 80.79
C HIS D 158 11.29 103.82 81.57
N MET D 159 11.37 102.52 81.83
CA MET D 159 12.51 101.98 82.57
C MET D 159 13.80 102.33 81.85
N LYS D 160 13.72 102.43 80.53
CA LYS D 160 14.89 102.76 79.72
C LYS D 160 15.10 104.27 79.79
N ASP D 161 14.01 105.01 79.89
CA ASP D 161 14.07 106.48 79.97
C ASP D 161 14.81 106.85 81.25
N LEU D 162 14.50 106.13 82.32
CA LEU D 162 15.14 106.37 83.62
C LEU D 162 16.63 106.12 83.50
N GLU D 163 16.99 105.09 82.74
CA GLU D 163 18.39 104.73 82.54
C GLU D 163 19.16 105.91 81.94
N ILE D 164 18.63 106.48 80.85
CA ILE D 164 19.26 107.61 80.20
C ILE D 164 19.26 108.80 81.14
N GLN D 165 18.25 108.85 82.01
CA GLN D 165 18.09 109.93 82.97
C GLN D 165 19.09 109.81 84.11
N ASP D 166 19.43 108.59 84.47
CA ASP D 166 20.38 108.35 85.56
C ASP D 166 21.77 108.82 85.15
N TYR D 167 22.02 108.83 83.85
CA TYR D 167 23.32 109.24 83.31
C TYR D 167 23.43 110.75 83.17
N GLN D 168 22.51 111.36 82.43
CA GLN D 168 22.52 112.81 82.22
C GLN D 168 22.38 113.56 83.53
N GLU D 169 21.36 113.20 84.32
CA GLU D 169 21.10 113.85 85.60
C GLU D 169 22.13 113.46 86.64
N SER D 170 21.97 112.27 87.20
CA SER D 170 22.88 111.76 88.22
C SER D 170 24.32 111.68 87.73
N GLY D 171 24.57 110.78 86.78
CA GLY D 171 25.91 110.62 86.24
C GLY D 171 26.46 111.88 85.60
N ALA D 172 25.59 112.87 85.40
CA ALA D 172 25.99 114.13 84.78
C ALA D 172 27.02 113.93 83.67
N THR D 173 26.54 113.56 82.49
CA THR D 173 27.44 113.32 81.36
C THR D 173 26.72 113.64 80.05
N LEU D 174 27.49 113.91 79.00
CA LEU D 174 26.92 114.23 77.70
C LEU D 174 27.33 113.26 76.60
N ILE D 175 26.71 113.40 75.43
CA ILE D 175 26.99 112.55 74.28
C ILE D 175 26.86 113.34 72.98
N ARG D 176 26.60 112.66 71.88
CA ARG D 176 26.46 113.33 70.58
C ARG D 176 25.41 114.43 70.63
N ASP D 177 24.42 114.25 71.51
CA ASP D 177 23.34 115.22 71.67
C ASP D 177 22.40 115.17 70.47
N ARG D 178 22.57 114.17 69.62
CA ARG D 178 21.73 114.00 68.44
C ARG D 178 20.50 113.15 68.75
N LEU D 179 20.75 111.87 69.01
CA LEU D 179 19.67 110.93 69.32
C LEU D 179 19.16 111.07 70.75
N LYS D 180 18.47 112.18 71.03
CA LYS D 180 17.93 112.40 72.37
C LYS D 180 16.45 112.04 72.43
N THR D 181 16.17 110.74 72.51
CA THR D 181 14.81 110.25 72.58
C THR D 181 14.08 110.90 73.75
N GLU D 182 13.33 111.95 73.45
CA GLU D 182 12.58 112.68 74.46
C GLU D 182 11.92 111.74 75.48
N PRO D 183 11.71 112.22 76.72
CA PRO D 183 11.08 111.41 77.76
C PRO D 183 9.70 110.90 77.37
N PHE D 184 9.65 109.62 77.00
CA PHE D 184 8.39 108.98 76.59
C PHE D 184 7.27 109.17 77.60
N GLU D 185 6.25 109.91 77.20
CA GLU D 185 5.09 110.14 78.06
C GLU D 185 3.88 109.61 77.32
N GLU D 186 3.54 108.35 77.57
CA GLU D 186 2.40 107.70 76.92
C GLU D 186 1.24 108.64 76.62
N ASN D 187 0.82 109.39 77.63
CA ASN D 187 -0.29 110.32 77.49
C ASN D 187 -0.16 111.15 76.21
N SER D 188 1.08 111.54 75.89
CA SER D 188 1.34 112.33 74.69
C SER D 188 1.50 111.41 73.48
N PHE D 189 2.03 110.22 73.71
CA PHE D 189 2.23 109.25 72.63
C PHE D 189 0.93 108.95 71.90
N LEU D 190 -0.16 108.80 72.66
CA LEU D 190 -1.45 108.51 72.08
C LEU D 190 -2.07 109.73 71.42
N GLU D 191 -2.11 110.84 72.14
CA GLU D 191 -2.69 112.08 71.63
C GLU D 191 -2.13 112.44 70.26
N GLN D 192 -0.97 111.86 69.93
CA GLN D 192 -0.32 112.13 68.65
C GLN D 192 -0.67 111.04 67.64
N PHE D 193 -0.77 109.81 68.12
CA PHE D 193 -1.09 108.67 67.28
C PHE D 193 -2.49 108.78 66.69
N MET D 194 -3.49 108.84 67.56
CA MET D 194 -4.89 108.93 67.15
C MET D 194 -5.23 110.25 66.47
N ILE D 195 -4.24 110.93 65.91
CA ILE D 195 -4.50 112.21 65.26
C ILE D 195 -3.59 112.45 64.05
N GLU D 196 -2.68 111.52 63.79
CA GLU D 196 -1.76 111.65 62.66
C GLU D 196 -1.35 110.29 62.11
N LYS D 197 -1.64 109.23 62.85
CA LYS D 197 -1.26 107.89 62.43
C LYS D 197 -2.45 106.94 62.37
N LEU D 198 -3.32 107.03 63.37
CA LEU D 198 -4.50 106.18 63.47
C LEU D 198 -5.24 105.94 62.15
N PRO D 199 -5.53 107.01 61.40
CA PRO D 199 -6.23 106.88 60.12
C PRO D 199 -5.60 105.90 59.16
N GLU D 200 -4.45 106.28 58.61
CA GLU D 200 -3.72 105.45 57.65
C GLU D 200 -3.24 104.14 58.27
N ALA D 201 -4.00 103.62 59.24
CA ALA D 201 -3.64 102.38 59.90
C ALA D 201 -4.84 101.67 60.52
N CYS D 202 -5.93 102.40 60.72
CA CYS D 202 -7.13 101.82 61.32
C CYS D 202 -8.14 101.45 60.23
N SER D 203 -7.99 102.06 59.07
CA SER D 203 -8.90 101.80 57.95
C SER D 203 -8.84 100.33 57.56
N ILE D 204 -10.01 99.72 57.44
CA ILE D 204 -10.11 98.31 57.08
C ILE D 204 -10.06 98.12 55.56
N GLY D 205 -10.55 99.12 54.84
CA GLY D 205 -10.54 99.05 53.39
C GLY D 205 -11.34 97.84 52.93
N ASP D 206 -10.70 96.97 52.16
CA ASP D 206 -11.35 95.76 51.67
C ASP D 206 -10.80 94.51 52.35
N GLY D 207 -10.66 94.59 53.67
CA GLY D 207 -10.16 93.46 54.43
C GLY D 207 -8.72 93.07 54.11
N LYS D 208 -8.19 93.64 53.03
CA LYS D 208 -6.82 93.36 52.60
C LYS D 208 -5.82 93.26 53.76
N PRO D 209 -5.91 94.19 54.73
CA PRO D 209 -4.99 94.17 55.88
C PRO D 209 -5.16 93.01 56.86
N PHE D 210 -6.36 92.87 57.41
CA PHE D 210 -6.66 91.81 58.38
C PHE D 210 -6.04 90.46 58.01
N VAL D 211 -6.08 90.11 56.73
CA VAL D 211 -5.55 88.84 56.26
C VAL D 211 -4.03 88.74 56.16
N MET D 212 -3.33 89.87 56.20
CA MET D 212 -1.88 89.84 56.09
C MET D 212 -1.20 90.32 57.37
N ASN D 213 -1.01 91.63 57.46
CA ASN D 213 -0.37 92.26 58.61
C ASN D 213 -1.14 92.10 59.91
N LEU D 214 -1.64 90.90 60.18
CA LEU D 214 -2.39 90.65 61.41
C LEU D 214 -2.95 89.23 61.48
N GLN D 215 -3.29 88.67 60.33
CA GLN D 215 -3.87 87.33 60.22
C GLN D 215 -3.28 86.30 61.19
N ASP D 216 -1.97 86.33 61.37
CA ASP D 216 -1.30 85.39 62.26
C ASP D 216 -1.90 85.44 63.66
N LEU D 217 -1.98 86.63 64.23
CA LEU D 217 -2.52 86.82 65.57
C LEU D 217 -3.90 86.17 65.69
N TYR D 218 -4.79 86.49 64.75
CA TYR D 218 -6.13 85.95 64.73
C TYR D 218 -6.16 84.45 65.01
N MET D 219 -5.38 83.70 64.24
CA MET D 219 -5.33 82.25 64.40
C MET D 219 -4.84 81.90 65.80
N ALA D 220 -3.81 82.61 66.26
CA ALA D 220 -3.25 82.39 67.59
C ALA D 220 -4.29 82.57 68.69
N VAL D 221 -5.04 83.66 68.62
CA VAL D 221 -6.06 83.94 69.63
C VAL D 221 -7.21 82.95 69.51
N THR D 222 -7.55 82.58 68.28
CA THR D 222 -8.63 81.64 68.03
C THR D 222 -8.40 80.28 68.66
N THR D 223 -7.25 79.68 68.37
CA THR D 223 -6.91 78.37 68.92
C THR D 223 -6.83 78.38 70.44
N GLN D 224 -6.64 79.57 71.01
CA GLN D 224 -6.55 79.70 72.46
C GLN D 224 -7.91 79.55 73.14
N HIS D 225 -8.88 80.36 72.70
CA HIS D 225 -10.22 80.33 73.26
C HIS D 225 -10.81 78.92 73.25
N HIS D 226 -11.39 78.53 72.12
CA HIS D 226 -11.99 77.20 71.99
C HIS D 226 -10.91 76.13 71.88
N HIS D 227 -10.60 75.74 70.65
CA HIS D 227 -9.58 74.73 70.40
C HIS D 227 -8.45 75.31 69.56
N MET E 1 -14.19 -49.40 -95.31
CA MET E 1 -13.20 -49.60 -94.22
C MET E 1 -11.81 -49.20 -94.71
N GLU E 2 -11.47 -47.92 -94.56
CA GLU E 2 -10.18 -47.42 -95.00
C GLU E 2 -9.12 -47.53 -93.90
N ARG E 3 -8.01 -48.17 -94.22
CA ARG E 3 -6.93 -48.34 -93.25
C ARG E 3 -5.95 -47.17 -93.35
N LYS E 4 -4.93 -47.20 -92.50
CA LYS E 4 -3.90 -46.17 -92.46
C LYS E 4 -2.71 -46.64 -91.63
N ILE E 5 -2.12 -47.76 -92.05
CA ILE E 5 -0.97 -48.33 -91.36
C ILE E 5 0.23 -47.38 -91.40
N SER E 6 0.84 -47.16 -90.24
CA SER E 6 1.99 -46.28 -90.13
C SER E 6 2.94 -46.75 -89.04
N ARG E 7 4.24 -46.47 -89.22
CA ARG E 7 5.24 -46.88 -88.24
C ARG E 7 5.25 -45.98 -87.01
N ILE E 8 5.73 -46.53 -85.90
CA ILE E 8 5.80 -45.80 -84.64
C ILE E 8 7.10 -46.18 -83.93
N HIS E 9 7.25 -45.75 -82.69
CA HIS E 9 8.43 -46.05 -81.89
C HIS E 9 8.09 -46.06 -80.40
N LEU E 10 7.38 -47.11 -79.98
CA LEU E 10 6.98 -47.26 -78.60
C LEU E 10 8.18 -47.24 -77.66
N VAL E 11 7.94 -46.89 -76.40
CA VAL E 11 9.02 -46.85 -75.42
C VAL E 11 9.49 -48.27 -75.12
N SER E 12 8.59 -49.24 -75.29
CA SER E 12 8.92 -50.64 -75.06
C SER E 12 10.06 -51.01 -75.99
N GLU E 13 9.84 -50.84 -77.28
CA GLU E 13 10.84 -51.14 -78.30
C GLU E 13 11.19 -49.84 -79.03
N PRO E 14 11.92 -48.94 -78.36
CA PRO E 14 12.33 -47.66 -78.95
C PRO E 14 13.26 -47.84 -80.13
N SER E 15 13.53 -49.09 -80.48
CA SER E 15 14.40 -49.42 -81.60
C SER E 15 13.61 -50.15 -82.67
N ILE E 16 12.79 -51.10 -82.24
CA ILE E 16 11.95 -51.89 -83.14
C ILE E 16 10.69 -51.12 -83.53
N THR E 17 10.43 -51.04 -84.82
CA THR E 17 9.25 -50.34 -85.34
C THR E 17 7.99 -50.91 -84.70
N HIS E 18 6.86 -50.28 -84.97
CA HIS E 18 5.57 -50.72 -84.43
C HIS E 18 4.42 -50.25 -85.30
N PHE E 19 4.14 -51.01 -86.36
CA PHE E 19 3.06 -50.70 -87.29
C PHE E 19 1.73 -50.57 -86.57
N LEU E 20 0.97 -49.53 -86.92
CA LEU E 20 -0.33 -49.29 -86.31
C LEU E 20 -1.38 -49.10 -87.39
N GLN E 21 -2.33 -50.02 -87.47
CA GLN E 21 -3.40 -49.94 -88.46
C GLN E 21 -4.60 -49.20 -87.87
N VAL E 22 -5.38 -48.56 -88.74
CA VAL E 22 -6.54 -47.81 -88.30
C VAL E 22 -7.68 -47.89 -89.32
N SER E 23 -8.78 -48.50 -88.91
CA SER E 23 -9.94 -48.65 -89.80
C SER E 23 -11.10 -47.79 -89.30
N TRP E 24 -12.03 -47.48 -90.20
CA TRP E 24 -13.20 -46.69 -89.86
C TRP E 24 -14.17 -46.63 -91.05
N GLU E 25 -15.26 -45.91 -90.88
CA GLU E 25 -16.26 -45.79 -91.95
C GLU E 25 -15.89 -44.67 -92.92
N LYS E 26 -16.80 -43.72 -93.09
CA LYS E 26 -16.55 -42.60 -94.00
C LYS E 26 -15.87 -41.46 -93.24
N THR E 27 -16.21 -41.34 -91.96
CA THR E 27 -15.62 -40.31 -91.11
C THR E 27 -14.92 -40.94 -89.92
N LEU E 28 -13.70 -40.48 -89.64
CA LEU E 28 -12.89 -41.00 -88.55
C LEU E 28 -13.48 -40.81 -87.15
N GLU E 29 -14.21 -39.73 -86.95
CA GLU E 29 -14.79 -39.44 -85.64
C GLU E 29 -16.01 -40.28 -85.27
N SER E 30 -16.46 -41.14 -86.18
CA SER E 30 -17.63 -41.97 -85.93
C SER E 30 -17.29 -43.25 -85.17
N GLY E 31 -16.00 -43.50 -84.98
CA GLY E 31 -15.58 -44.69 -84.26
C GLY E 31 -14.58 -45.52 -85.04
N PHE E 32 -13.31 -45.12 -84.95
CA PHE E 32 -12.24 -45.81 -85.65
C PHE E 32 -11.78 -47.05 -84.88
N VAL E 33 -10.90 -47.84 -85.50
CA VAL E 33 -10.39 -49.04 -84.88
C VAL E 33 -8.88 -49.15 -85.06
N ILE E 34 -8.14 -48.92 -83.99
CA ILE E 34 -6.68 -48.99 -84.05
C ILE E 34 -6.17 -50.38 -83.73
N THR E 35 -5.13 -50.80 -84.45
CA THR E 35 -4.54 -52.12 -84.24
C THR E 35 -3.03 -52.10 -84.42
N LEU E 36 -2.31 -52.12 -83.31
CA LEU E 36 -0.84 -52.10 -83.33
C LEU E 36 -0.29 -53.52 -83.42
N THR E 37 1.03 -53.62 -83.58
CA THR E 37 1.70 -54.91 -83.68
C THR E 37 3.22 -54.70 -83.79
N ASP E 38 3.94 -55.74 -84.20
CA ASP E 38 5.38 -55.65 -84.35
C ASP E 38 5.94 -56.94 -84.94
N GLY E 39 5.07 -57.69 -85.61
CA GLY E 39 5.49 -58.94 -86.22
C GLY E 39 5.38 -60.11 -85.27
N HIS E 40 4.77 -59.88 -84.11
CA HIS E 40 4.61 -60.92 -83.10
C HIS E 40 3.51 -60.53 -82.13
N SER E 41 2.29 -61.02 -82.39
CA SER E 41 1.15 -60.72 -81.54
C SER E 41 0.79 -59.23 -81.62
N ALA E 42 -0.42 -58.93 -82.06
CA ALA E 42 -0.86 -57.55 -82.19
C ALA E 42 -1.83 -57.15 -81.09
N TRP E 43 -2.55 -56.05 -81.32
CA TRP E 43 -3.52 -55.54 -80.36
C TRP E 43 -4.62 -54.76 -81.08
N THR E 44 -5.88 -55.13 -80.81
CA THR E 44 -7.01 -54.46 -81.43
C THR E 44 -7.97 -53.84 -80.41
N GLY E 45 -8.37 -52.61 -80.66
CA GLY E 45 -9.27 -51.91 -79.76
C GLY E 45 -10.37 -51.19 -80.52
N THR E 46 -11.44 -50.83 -79.81
CA THR E 46 -12.56 -50.13 -80.44
C THR E 46 -12.84 -48.80 -79.74
N VAL E 47 -13.36 -47.84 -80.49
CA VAL E 47 -13.68 -46.53 -79.97
C VAL E 47 -15.08 -46.09 -80.40
N SER E 48 -15.99 -45.99 -79.43
CA SER E 48 -17.36 -45.58 -79.73
C SER E 48 -17.39 -44.09 -80.07
N GLU E 49 -18.43 -43.70 -80.81
CA GLU E 49 -18.59 -42.31 -81.22
C GLU E 49 -18.47 -41.35 -80.03
N SER E 50 -19.44 -41.39 -79.13
CA SER E 50 -19.44 -40.53 -77.96
C SER E 50 -18.20 -40.70 -77.09
N GLU E 51 -17.45 -41.77 -77.32
CA GLU E 51 -16.24 -42.04 -76.54
C GLU E 51 -15.14 -41.06 -76.94
N ILE E 52 -15.13 -40.64 -78.20
CA ILE E 52 -14.12 -39.72 -78.68
C ILE E 52 -14.47 -38.30 -78.24
N SER E 53 -15.76 -37.99 -78.25
CA SER E 53 -16.23 -36.67 -77.83
C SER E 53 -15.85 -36.51 -76.37
N GLN E 54 -15.90 -37.62 -75.63
CA GLN E 54 -15.54 -37.65 -74.22
C GLN E 54 -14.07 -37.25 -74.12
N GLU E 55 -13.27 -37.79 -75.03
CA GLU E 55 -11.83 -37.50 -75.09
C GLU E 55 -11.59 -36.05 -75.44
N ALA E 56 -12.26 -35.58 -76.50
CA ALA E 56 -12.11 -34.21 -76.95
C ALA E 56 -12.49 -33.20 -75.88
N ASP E 57 -13.70 -33.33 -75.37
CA ASP E 57 -14.21 -32.42 -74.33
C ASP E 57 -13.24 -32.26 -73.17
N ASP E 58 -12.72 -33.38 -72.67
CA ASP E 58 -11.78 -33.35 -71.55
C ASP E 58 -10.43 -32.75 -71.90
N MET E 59 -10.23 -32.44 -73.18
CA MET E 59 -8.98 -31.84 -73.62
C MET E 59 -9.09 -30.33 -73.70
N ALA E 60 -10.27 -29.82 -73.41
CA ALA E 60 -10.54 -28.38 -73.43
C ALA E 60 -10.66 -27.89 -74.86
N MET E 61 -10.86 -28.81 -75.80
CA MET E 61 -10.98 -28.48 -77.21
C MET E 61 -12.40 -28.79 -77.67
N GLU E 62 -12.67 -28.54 -78.94
CA GLU E 62 -14.00 -28.81 -79.50
C GLU E 62 -13.93 -30.06 -80.36
N LYS E 63 -15.09 -30.55 -80.78
CA LYS E 63 -15.18 -31.74 -81.61
C LYS E 63 -14.17 -31.65 -82.75
N GLY E 64 -14.36 -30.66 -83.63
CA GLY E 64 -13.48 -30.49 -84.76
C GLY E 64 -12.01 -30.31 -84.40
N LYS E 65 -11.74 -29.42 -83.44
CA LYS E 65 -10.36 -29.17 -83.02
C LYS E 65 -9.65 -30.44 -82.58
N TYR E 66 -10.39 -31.39 -82.04
CA TYR E 66 -9.80 -32.65 -81.60
C TYR E 66 -9.71 -33.65 -82.75
N VAL E 67 -10.82 -33.88 -83.42
CA VAL E 67 -10.87 -34.81 -84.54
C VAL E 67 -9.67 -34.64 -85.46
N GLY E 68 -9.57 -33.46 -86.08
CA GLY E 68 -8.47 -33.19 -86.97
C GLY E 68 -7.13 -33.35 -86.26
N GLU E 69 -7.11 -32.98 -84.98
CA GLU E 69 -5.92 -33.09 -84.17
C GLU E 69 -5.47 -34.54 -84.04
N LEU E 70 -6.45 -35.44 -84.04
CA LEU E 70 -6.17 -36.87 -83.92
C LEU E 70 -5.44 -37.41 -85.15
N ARG E 71 -6.03 -37.19 -86.32
CA ARG E 71 -5.46 -37.65 -87.57
C ARG E 71 -4.02 -37.18 -87.76
N LYS E 72 -3.68 -36.08 -87.08
CA LYS E 72 -2.34 -35.51 -87.16
C LYS E 72 -1.37 -36.31 -86.30
N ALA E 73 -1.93 -37.12 -85.39
CA ALA E 73 -1.12 -37.91 -84.48
C ALA E 73 -1.28 -39.41 -84.72
N LEU E 74 -2.50 -39.91 -84.52
CA LEU E 74 -2.78 -41.34 -84.68
C LEU E 74 -2.83 -41.82 -86.13
N LEU E 75 -2.24 -41.04 -87.04
CA LEU E 75 -2.22 -41.41 -88.46
C LEU E 75 -0.93 -41.00 -89.15
N SER E 76 0.06 -40.58 -88.36
CA SER E 76 1.35 -40.15 -88.91
C SER E 76 1.15 -39.14 -90.03
N GLY E 77 0.00 -38.47 -90.03
CA GLY E 77 -0.29 -37.48 -91.04
C GLY E 77 0.61 -36.27 -90.88
N ALA E 78 1.35 -36.24 -89.78
CA ALA E 78 2.27 -35.16 -89.48
C ALA E 78 3.55 -35.31 -90.30
N GLY E 79 4.27 -34.21 -90.46
CA GLY E 79 5.51 -34.24 -91.22
C GLY E 79 6.55 -35.15 -90.58
N PRO E 80 7.76 -35.22 -91.16
CA PRO E 80 8.84 -36.06 -90.63
C PRO E 80 9.42 -35.54 -89.31
N ALA E 81 9.85 -34.28 -89.32
CA ALA E 81 10.45 -33.66 -88.14
C ALA E 81 9.47 -33.53 -86.98
N ASP E 82 8.20 -33.81 -87.22
CA ASP E 82 7.20 -33.69 -86.17
C ASP E 82 7.52 -34.69 -85.05
N VAL E 83 6.99 -34.42 -83.86
CA VAL E 83 7.25 -35.27 -82.71
C VAL E 83 5.99 -35.67 -81.94
N TYR E 84 5.67 -36.96 -81.99
CA TYR E 84 4.51 -37.50 -81.31
C TYR E 84 4.89 -38.83 -80.68
N THR E 85 5.01 -38.85 -79.34
CA THR E 85 5.40 -40.05 -78.62
C THR E 85 4.26 -41.05 -78.41
N PHE E 86 4.52 -42.30 -78.74
CA PHE E 86 3.53 -43.37 -78.57
C PHE E 86 4.16 -44.49 -77.76
N ASN E 87 3.78 -44.59 -76.48
CA ASN E 87 4.31 -45.65 -75.63
C ASN E 87 3.22 -46.69 -75.40
N PHE E 88 3.62 -47.95 -75.24
CA PHE E 88 2.66 -49.03 -75.03
C PHE E 88 3.25 -50.12 -74.15
N SER E 89 2.98 -50.04 -72.86
CA SER E 89 3.48 -51.04 -71.92
C SER E 89 2.93 -52.41 -72.27
N LYS E 90 3.83 -53.36 -72.51
CA LYS E 90 3.45 -54.72 -72.86
C LYS E 90 2.66 -55.42 -71.78
N GLU E 91 2.73 -54.91 -70.56
CA GLU E 91 1.99 -55.50 -69.44
C GLU E 91 0.52 -55.10 -69.51
N SER E 92 0.22 -53.93 -68.96
CA SER E 92 -1.15 -53.41 -68.95
C SER E 92 -1.74 -53.31 -70.35
N CYS E 93 -0.87 -53.31 -71.36
CA CYS E 93 -1.31 -53.21 -72.75
C CYS E 93 -2.21 -52.00 -72.94
N TYR E 94 -1.72 -50.83 -72.53
CA TYR E 94 -2.48 -49.60 -72.66
C TYR E 94 -1.81 -48.69 -73.68
N PHE E 95 -2.57 -48.25 -74.69
CA PHE E 95 -2.03 -47.37 -75.72
C PHE E 95 -2.42 -45.91 -75.49
N PHE E 96 -1.46 -45.02 -75.72
CA PHE E 96 -1.69 -43.59 -75.55
C PHE E 96 -0.64 -42.80 -76.32
N PHE E 97 -0.91 -41.52 -76.53
CA PHE E 97 0.01 -40.66 -77.26
C PHE E 97 -0.01 -39.23 -76.72
N GLU E 98 1.11 -38.54 -76.86
CA GLU E 98 1.22 -37.17 -76.38
C GLU E 98 2.01 -36.29 -77.34
N LYS E 99 1.66 -35.00 -77.37
CA LYS E 99 2.34 -34.04 -78.23
C LYS E 99 3.52 -33.43 -77.48
N ASN E 100 4.71 -33.59 -78.04
CA ASN E 100 5.93 -33.07 -77.41
C ASN E 100 6.13 -31.58 -77.65
N LEU E 101 6.63 -30.90 -76.62
CA LEU E 101 6.90 -29.48 -76.68
C LEU E 101 8.06 -29.15 -75.73
N LYS E 102 8.03 -27.97 -75.15
CA LYS E 102 9.08 -27.57 -74.22
C LYS E 102 8.94 -28.41 -72.96
N ASP E 103 9.37 -29.68 -73.05
CA ASP E 103 9.30 -30.59 -71.93
C ASP E 103 7.86 -30.73 -71.45
N VAL E 104 6.92 -30.48 -72.36
CA VAL E 104 5.50 -30.57 -72.04
C VAL E 104 4.74 -31.46 -73.00
N SER E 105 3.93 -32.36 -72.43
CA SER E 105 3.14 -33.29 -73.24
C SER E 105 1.65 -33.01 -73.05
N PHE E 106 0.82 -33.73 -73.81
CA PHE E 106 -0.63 -33.57 -73.74
C PHE E 106 -1.30 -34.92 -73.96
N ARG E 107 -2.18 -35.32 -73.04
CA ARG E 107 -2.89 -36.58 -73.21
C ARG E 107 -4.07 -36.37 -74.14
N LEU E 108 -3.77 -36.01 -75.39
CA LEU E 108 -4.80 -35.77 -76.39
C LEU E 108 -5.84 -36.88 -76.33
N GLY E 109 -5.40 -38.10 -76.68
CA GLY E 109 -6.29 -39.24 -76.67
C GLY E 109 -5.56 -40.50 -76.25
N SER E 110 -6.33 -41.53 -75.91
CA SER E 110 -5.76 -42.80 -75.48
C SER E 110 -6.88 -43.83 -75.32
N PHE E 111 -6.55 -45.09 -75.55
CA PHE E 111 -7.54 -46.16 -75.42
C PHE E 111 -6.86 -47.45 -74.98
N ASN E 112 -7.66 -48.49 -74.81
CA ASN E 112 -7.14 -49.79 -74.40
C ASN E 112 -7.50 -50.80 -75.48
N LEU E 113 -6.66 -51.82 -75.65
CA LEU E 113 -6.90 -52.83 -76.66
C LEU E 113 -6.41 -54.21 -76.26
N GLU E 114 -7.36 -55.13 -76.11
CA GLU E 114 -7.07 -56.51 -75.72
C GLU E 114 -5.95 -57.08 -76.57
N LYS E 115 -5.27 -58.11 -76.06
CA LYS E 115 -4.19 -58.73 -76.82
C LYS E 115 -4.81 -59.34 -78.06
N VAL E 116 -3.99 -59.58 -79.08
CA VAL E 116 -4.47 -60.15 -80.32
C VAL E 116 -4.86 -61.62 -80.16
N GLU E 117 -6.08 -61.94 -80.56
CA GLU E 117 -6.60 -63.30 -80.45
C GLU E 117 -5.74 -64.29 -81.23
N ASN E 118 -5.02 -63.79 -82.22
CA ASN E 118 -4.16 -64.63 -83.04
C ASN E 118 -3.27 -63.77 -83.95
N PRO E 119 -1.96 -63.75 -83.69
CA PRO E 119 -1.00 -62.97 -84.47
C PRO E 119 -1.02 -63.29 -85.95
N ALA E 120 -1.41 -64.52 -86.28
CA ALA E 120 -1.47 -64.98 -87.65
C ALA E 120 -2.30 -64.06 -88.54
N GLU E 121 -3.62 -64.20 -88.47
CA GLU E 121 -4.52 -63.39 -89.29
C GLU E 121 -4.24 -61.89 -89.24
N VAL E 122 -3.95 -61.37 -88.05
CA VAL E 122 -3.69 -59.95 -87.89
C VAL E 122 -2.52 -59.46 -88.75
N ILE E 123 -1.32 -59.96 -88.45
CA ILE E 123 -0.13 -59.57 -89.19
C ILE E 123 -0.30 -59.86 -90.69
N ARG E 124 -0.98 -60.95 -91.01
CA ARG E 124 -1.20 -61.32 -92.40
C ARG E 124 -2.23 -60.40 -93.06
N GLU E 125 -3.33 -60.15 -92.36
CA GLU E 125 -4.39 -59.28 -92.88
C GLU E 125 -3.73 -58.00 -93.39
N LEU E 126 -2.75 -57.52 -92.63
CA LEU E 126 -2.02 -56.31 -92.98
C LEU E 126 -1.26 -56.51 -94.29
N ILE E 127 -0.27 -57.41 -94.24
CA ILE E 127 0.56 -57.72 -95.39
C ILE E 127 -0.28 -58.09 -96.61
N CYS E 128 -1.23 -59.00 -96.41
CA CYS E 128 -2.10 -59.45 -97.49
C CYS E 128 -2.82 -58.24 -98.08
N TYR E 129 -3.17 -57.29 -97.22
CA TYR E 129 -3.84 -56.06 -97.64
C TYR E 129 -2.89 -55.18 -98.43
N CYS E 130 -1.73 -54.91 -97.85
CA CYS E 130 -0.72 -54.06 -98.49
C CYS E 130 -0.37 -54.55 -99.89
N LEU E 131 -0.53 -55.84 -100.14
CA LEU E 131 -0.24 -56.41 -101.45
C LEU E 131 -1.39 -56.20 -102.42
N ASP E 132 -2.61 -56.23 -101.91
CA ASP E 132 -3.78 -56.03 -102.76
C ASP E 132 -3.78 -54.60 -103.26
N THR E 133 -3.62 -53.65 -102.33
CA THR E 133 -3.61 -52.23 -102.66
C THR E 133 -2.47 -51.88 -103.60
N ILE E 134 -1.32 -52.51 -103.42
CA ILE E 134 -0.17 -52.22 -104.28
C ILE E 134 -0.38 -52.80 -105.67
N ALA E 135 -1.23 -53.81 -105.76
CA ALA E 135 -1.53 -54.45 -107.04
C ALA E 135 -2.66 -53.70 -107.72
N GLU E 136 -3.64 -53.26 -106.94
CA GLU E 136 -4.78 -52.52 -107.46
C GLU E 136 -4.31 -51.24 -108.14
N ASN E 137 -3.24 -50.65 -107.59
CA ASN E 137 -2.67 -49.44 -108.13
C ASN E 137 -1.80 -49.68 -109.36
N GLN E 138 -1.31 -50.90 -109.51
CA GLN E 138 -0.47 -51.23 -110.65
C GLN E 138 -1.28 -51.31 -111.94
N ALA E 139 -2.42 -51.97 -111.88
CA ALA E 139 -3.28 -52.09 -113.05
C ALA E 139 -3.90 -50.72 -113.33
N LYS E 140 -3.77 -49.82 -112.37
CA LYS E 140 -4.31 -48.47 -112.49
C LYS E 140 -3.21 -47.51 -112.94
N ASN E 141 -1.97 -47.85 -112.62
CA ASN E 141 -0.83 -47.02 -113.01
C ASN E 141 -0.28 -47.46 -114.36
N GLU E 142 -0.43 -48.74 -114.67
CA GLU E 142 0.04 -49.27 -115.94
C GLU E 142 -1.01 -48.83 -116.96
N HIS E 143 -2.17 -48.45 -116.44
CA HIS E 143 -3.30 -47.98 -117.23
C HIS E 143 -3.15 -46.49 -117.47
N LEU E 144 -3.01 -45.73 -116.38
CA LEU E 144 -2.88 -44.28 -116.47
C LEU E 144 -1.65 -43.86 -117.27
N GLN E 145 -0.56 -44.61 -117.14
CA GLN E 145 0.66 -44.29 -117.89
C GLN E 145 0.45 -44.59 -119.37
N LYS E 146 -0.12 -45.76 -119.64
CA LYS E 146 -0.40 -46.17 -121.02
C LYS E 146 -1.43 -45.22 -121.62
N GLU E 147 -2.48 -44.96 -120.85
CA GLU E 147 -3.57 -44.08 -121.28
C GLU E 147 -3.16 -42.62 -121.26
N ASN E 148 -2.04 -42.32 -120.60
CA ASN E 148 -1.56 -40.95 -120.52
C ASN E 148 -1.22 -40.49 -121.94
N GLU E 149 -0.84 -41.44 -122.78
CA GLU E 149 -0.50 -41.15 -124.17
C GLU E 149 -1.68 -41.47 -125.10
N ARG E 150 -2.40 -42.54 -124.79
CA ARG E 150 -3.54 -42.94 -125.62
C ARG E 150 -4.62 -41.86 -125.60
N LEU E 151 -4.46 -40.88 -124.72
CA LEU E 151 -5.43 -39.79 -124.61
C LEU E 151 -4.74 -38.46 -124.93
N LEU E 152 -3.62 -38.54 -125.64
CA LEU E 152 -2.85 -37.34 -126.01
C LEU E 152 -2.00 -37.55 -127.25
N ARG E 153 -1.71 -38.81 -127.56
CA ARG E 153 -0.88 -39.15 -128.72
C ARG E 153 -1.51 -38.69 -130.04
N ASP E 154 -2.71 -39.19 -130.33
CA ASP E 154 -3.39 -38.82 -131.56
C ASP E 154 -4.70 -38.11 -131.26
N TRP E 155 -4.60 -36.84 -130.89
CA TRP E 155 -5.76 -36.02 -130.56
C TRP E 155 -6.58 -35.73 -131.81
N ASN E 156 -6.17 -36.29 -132.93
CA ASN E 156 -6.86 -36.09 -134.21
C ASN E 156 -7.74 -37.28 -134.54
N ASP E 157 -7.24 -38.48 -134.26
CA ASP E 157 -7.99 -39.71 -134.54
C ASP E 157 -9.25 -39.79 -133.69
N MET F 1 17.11 -55.63 -101.68
CA MET F 1 17.95 -55.96 -102.81
C MET F 1 17.13 -56.54 -103.97
N GLU F 2 16.24 -55.71 -104.51
CA GLU F 2 15.38 -56.12 -105.62
C GLU F 2 14.58 -57.38 -105.28
N ARG F 3 13.71 -57.27 -104.29
CA ARG F 3 12.87 -58.40 -103.87
C ARG F 3 11.59 -58.44 -104.71
N LYS F 4 10.68 -59.34 -104.34
CA LYS F 4 9.42 -59.48 -105.05
C LYS F 4 8.51 -60.46 -104.33
N ILE F 5 7.88 -59.99 -103.25
CA ILE F 5 6.99 -60.81 -102.45
C ILE F 5 5.95 -61.51 -103.33
N SER F 6 5.55 -62.71 -102.93
CA SER F 6 4.57 -63.49 -103.67
C SER F 6 3.61 -64.23 -102.74
N ARG F 7 2.34 -63.83 -102.78
CA ARG F 7 1.32 -64.45 -101.96
C ARG F 7 1.22 -65.92 -102.36
N ILE F 8 1.69 -66.81 -101.50
CA ILE F 8 1.67 -68.23 -101.81
C ILE F 8 0.91 -69.11 -100.82
N HIS F 9 0.14 -70.05 -101.37
CA HIS F 9 -0.64 -70.99 -100.57
C HIS F 9 0.10 -72.33 -100.52
N LEU F 10 0.20 -72.89 -99.32
CA LEU F 10 0.89 -74.17 -99.14
C LEU F 10 -0.09 -75.33 -99.24
N VAL F 11 0.25 -76.32 -100.05
CA VAL F 11 -0.60 -77.49 -100.24
C VAL F 11 -0.70 -78.28 -98.95
N SER F 12 0.40 -78.35 -98.21
CA SER F 12 0.42 -79.06 -96.95
C SER F 12 -0.65 -78.50 -96.02
N GLU F 13 -0.49 -77.23 -95.66
CA GLU F 13 -1.44 -76.55 -94.79
C GLU F 13 -2.09 -75.37 -95.50
N PRO F 14 -3.08 -75.64 -96.36
CA PRO F 14 -3.77 -74.56 -97.08
C PRO F 14 -4.54 -73.65 -96.13
N SER F 15 -5.13 -72.61 -96.66
CA SER F 15 -5.90 -71.64 -95.86
C SER F 15 -4.98 -70.80 -95.00
N ILE F 16 -3.70 -70.75 -95.37
CA ILE F 16 -2.70 -69.99 -94.64
C ILE F 16 -1.77 -69.31 -95.64
N THR F 17 -2.24 -68.22 -96.24
CA THR F 17 -1.47 -67.49 -97.24
C THR F 17 -0.09 -67.07 -96.75
N HIS F 18 0.91 -67.88 -97.07
CA HIS F 18 2.29 -67.59 -96.69
C HIS F 18 2.80 -66.44 -97.56
N PHE F 19 4.05 -66.03 -97.33
CA PHE F 19 4.62 -64.94 -98.12
C PHE F 19 6.04 -65.25 -98.56
N LEU F 20 6.17 -65.79 -99.77
CA LEU F 20 7.47 -66.13 -100.33
C LEU F 20 8.10 -64.87 -100.89
N GLN F 21 9.34 -64.59 -100.48
CA GLN F 21 10.05 -63.40 -100.94
C GLN F 21 11.40 -63.74 -101.54
N VAL F 22 11.50 -63.64 -102.86
CA VAL F 22 12.75 -63.93 -103.56
C VAL F 22 13.52 -62.65 -103.83
N SER F 23 14.69 -62.52 -103.22
CA SER F 23 15.52 -61.34 -103.41
C SER F 23 16.75 -61.69 -104.25
N TRP F 24 16.64 -61.45 -105.55
CA TRP F 24 17.74 -61.74 -106.47
C TRP F 24 18.53 -60.48 -106.76
N GLU F 25 19.85 -60.60 -106.83
CA GLU F 25 20.70 -59.45 -107.09
C GLU F 25 21.11 -59.41 -108.57
N LYS F 26 20.72 -58.34 -109.25
CA LYS F 26 21.05 -58.20 -110.67
C LYS F 26 20.69 -59.47 -111.41
N THR F 27 21.71 -60.23 -111.80
CA THR F 27 21.52 -61.49 -112.51
C THR F 27 20.88 -62.48 -111.55
N LEU F 28 19.72 -63.01 -111.93
CA LEU F 28 19.01 -63.97 -111.09
C LEU F 28 19.57 -65.38 -111.20
N GLU F 29 20.19 -65.70 -112.33
CA GLU F 29 20.77 -67.02 -112.53
C GLU F 29 21.89 -67.26 -111.52
N SER F 30 22.36 -66.18 -110.90
CA SER F 30 23.43 -66.27 -109.91
C SER F 30 22.99 -65.74 -108.55
N GLY F 31 22.65 -66.66 -107.64
CA GLY F 31 22.24 -66.26 -106.31
C GLY F 31 20.74 -66.07 -106.15
N PHE F 32 20.16 -66.78 -105.19
CA PHE F 32 18.73 -66.70 -104.92
C PHE F 32 18.45 -66.63 -103.42
N VAL F 33 18.61 -65.44 -102.84
CA VAL F 33 18.33 -65.24 -101.42
C VAL F 33 16.83 -65.35 -101.23
N ILE F 34 16.38 -66.40 -100.57
CA ILE F 34 14.95 -66.61 -100.35
C ILE F 34 14.55 -66.56 -98.88
N THR F 35 13.33 -66.07 -98.63
CA THR F 35 12.79 -65.96 -97.28
C THR F 35 11.27 -66.10 -97.31
N LEU F 36 10.74 -66.93 -96.41
CA LEU F 36 9.31 -67.16 -96.33
C LEU F 36 8.76 -66.90 -94.93
N THR F 37 7.44 -66.72 -94.84
CA THR F 37 6.77 -66.46 -93.58
C THR F 37 5.26 -66.70 -93.68
N ASP F 38 4.57 -66.59 -92.55
CA ASP F 38 3.13 -66.79 -92.51
C ASP F 38 2.45 -65.88 -91.48
N GLY F 39 3.19 -64.90 -90.96
CA GLY F 39 2.63 -63.99 -89.98
C GLY F 39 2.88 -64.44 -88.55
N HIS F 40 3.97 -65.15 -88.34
CA HIS F 40 4.33 -65.65 -87.02
C HIS F 40 5.63 -66.43 -87.10
N SER F 41 5.75 -67.23 -88.17
CA SER F 41 6.95 -68.02 -88.40
C SER F 41 7.97 -67.22 -89.19
N ALA F 42 8.85 -67.92 -89.89
CA ALA F 42 9.89 -67.29 -90.70
C ALA F 42 10.83 -68.32 -91.28
N TRP F 43 11.41 -68.00 -92.44
CA TRP F 43 12.35 -68.91 -93.10
C TRP F 43 13.39 -68.15 -93.91
N THR F 44 14.57 -68.74 -94.04
CA THR F 44 15.66 -68.13 -94.78
C THR F 44 16.20 -69.16 -95.77
N GLY F 45 17.44 -69.00 -96.19
CA GLY F 45 18.03 -69.94 -97.13
C GLY F 45 18.47 -69.25 -98.40
N THR F 46 19.65 -69.63 -98.89
CA THR F 46 20.18 -69.04 -100.11
C THR F 46 20.74 -70.09 -101.06
N VAL F 47 20.33 -70.00 -102.32
CA VAL F 47 20.79 -70.94 -103.34
C VAL F 47 21.71 -70.22 -104.32
N SER F 48 23.01 -70.32 -104.05
CA SER F 48 24.03 -69.68 -104.88
C SER F 48 23.93 -70.09 -106.35
N GLU F 49 24.65 -69.36 -107.20
CA GLU F 49 24.66 -69.62 -108.63
C GLU F 49 25.00 -71.07 -108.94
N SER F 50 25.57 -71.76 -107.95
CA SER F 50 25.94 -73.16 -108.11
C SER F 50 24.76 -74.09 -107.87
N GLU F 51 23.98 -73.80 -106.83
CA GLU F 51 22.82 -74.63 -106.50
C GLU F 51 21.78 -74.61 -107.60
N ILE F 52 21.85 -73.59 -108.47
CA ILE F 52 20.92 -73.48 -109.59
C ILE F 52 21.51 -74.13 -110.82
N SER F 53 22.78 -73.85 -111.09
CA SER F 53 23.46 -74.43 -112.24
C SER F 53 23.32 -75.94 -112.22
N GLN F 54 23.55 -76.54 -111.06
CA GLN F 54 23.43 -77.98 -110.90
C GLN F 54 22.00 -78.44 -111.19
N GLU F 55 21.04 -77.66 -110.74
CA GLU F 55 19.63 -77.98 -110.95
C GLU F 55 19.31 -78.19 -112.44
N ALA F 56 20.23 -77.76 -113.29
CA ALA F 56 20.05 -77.92 -114.73
C ALA F 56 20.08 -79.41 -115.05
N ASP F 57 20.57 -80.21 -114.11
CA ASP F 57 20.65 -81.65 -114.28
C ASP F 57 19.39 -82.28 -113.69
N ASP F 58 18.95 -81.77 -112.55
CA ASP F 58 17.75 -82.27 -111.90
C ASP F 58 16.61 -82.19 -112.91
N MET F 59 16.41 -80.99 -113.46
CA MET F 59 15.38 -80.78 -114.47
C MET F 59 15.96 -81.22 -115.80
N ALA F 60 17.22 -81.67 -115.76
CA ALA F 60 17.93 -82.13 -116.93
C ALA F 60 17.59 -81.31 -118.16
N MET F 61 17.96 -80.03 -118.13
CA MET F 61 17.70 -79.13 -119.24
C MET F 61 18.53 -77.85 -119.05
N GLU F 62 18.90 -77.23 -120.16
CA GLU F 62 19.70 -76.01 -120.14
C GLU F 62 19.17 -74.98 -119.13
N LYS F 63 20.01 -74.03 -118.77
CA LYS F 63 19.65 -72.99 -117.82
C LYS F 63 18.48 -72.17 -118.34
N GLY F 64 18.30 -72.15 -119.65
CA GLY F 64 17.23 -71.40 -120.26
C GLY F 64 15.86 -71.94 -119.86
N LYS F 65 15.61 -73.19 -120.21
CA LYS F 65 14.34 -73.83 -119.89
C LYS F 65 14.06 -73.82 -118.39
N TYR F 66 15.13 -73.72 -117.60
CA TYR F 66 15.00 -73.71 -116.15
C TYR F 66 14.61 -72.33 -115.64
N VAL F 67 15.57 -71.41 -115.62
CA VAL F 67 15.35 -70.05 -115.14
C VAL F 67 13.98 -69.52 -115.58
N GLY F 68 13.58 -69.85 -116.80
CA GLY F 68 12.29 -69.40 -117.30
C GLY F 68 11.17 -69.83 -116.36
N GLU F 69 11.07 -71.13 -116.12
CA GLU F 69 10.05 -71.67 -115.23
C GLU F 69 10.13 -71.03 -113.86
N LEU F 70 11.34 -70.75 -113.40
CA LEU F 70 11.55 -70.13 -112.10
C LEU F 70 10.73 -68.85 -111.94
N ARG F 71 11.01 -67.86 -112.78
CA ARG F 71 10.30 -66.59 -112.72
C ARG F 71 8.79 -66.76 -112.88
N LYS F 72 8.39 -67.78 -113.63
CA LYS F 72 6.96 -68.03 -113.85
C LYS F 72 6.31 -68.60 -112.60
N ALA F 73 7.08 -69.32 -111.80
CA ALA F 73 6.56 -69.92 -110.57
C ALA F 73 6.79 -69.02 -109.37
N LEU F 74 8.03 -68.61 -109.17
CA LEU F 74 8.39 -67.76 -108.05
C LEU F 74 8.16 -66.28 -108.33
N LEU F 75 8.89 -65.75 -109.30
CA LEU F 75 8.78 -64.33 -109.67
C LEU F 75 7.49 -64.01 -110.39
N SER F 76 6.52 -64.94 -110.33
CA SER F 76 5.22 -64.75 -110.97
C SER F 76 5.36 -64.41 -112.45
N GLY F 77 5.59 -65.43 -113.27
CA GLY F 77 5.72 -65.21 -114.71
C GLY F 77 4.44 -65.46 -115.45
N ALA F 78 3.31 -65.22 -114.79
CA ALA F 78 2.00 -65.42 -115.38
C ALA F 78 1.86 -66.81 -115.98
N GLY F 79 0.79 -67.03 -116.74
CA GLY F 79 0.56 -68.32 -117.36
C GLY F 79 -0.90 -68.70 -117.43
N PRO F 80 -1.51 -68.66 -118.62
CA PRO F 80 -2.93 -69.01 -118.78
C PRO F 80 -3.18 -70.49 -118.51
N ALA F 81 -2.09 -71.26 -118.39
CA ALA F 81 -2.18 -72.69 -118.13
C ALA F 81 -1.04 -73.12 -117.21
N ASP F 82 -0.07 -72.23 -117.04
CA ASP F 82 1.09 -72.50 -116.20
C ASP F 82 0.70 -72.43 -114.73
N VAL F 83 0.64 -73.59 -114.07
CA VAL F 83 0.29 -73.66 -112.67
C VAL F 83 1.42 -74.29 -111.85
N TYR F 84 1.50 -73.92 -110.58
CA TYR F 84 2.55 -74.44 -109.70
C TYR F 84 2.03 -74.60 -108.27
N THR F 85 1.88 -75.85 -107.83
CA THR F 85 1.39 -76.12 -106.48
C THR F 85 2.54 -76.14 -105.49
N PHE F 86 2.89 -74.97 -104.95
CA PHE F 86 3.96 -74.86 -103.99
C PHE F 86 3.72 -75.80 -102.82
N ASN F 87 4.74 -76.57 -102.45
CA ASN F 87 4.62 -77.51 -101.35
C ASN F 87 5.98 -77.63 -100.66
N PHE F 88 5.96 -77.81 -99.33
CA PHE F 88 7.20 -77.93 -98.58
C PHE F 88 6.92 -78.24 -97.11
N SER F 89 7.77 -79.05 -96.51
CA SER F 89 7.62 -79.43 -95.11
C SER F 89 8.47 -78.54 -94.20
N LYS F 90 7.93 -78.23 -93.04
CA LYS F 90 8.61 -77.37 -92.06
C LYS F 90 9.51 -78.21 -91.16
N GLU F 91 9.03 -79.40 -90.79
CA GLU F 91 9.77 -80.30 -89.91
C GLU F 91 11.07 -80.78 -90.57
N SER F 92 11.27 -80.39 -91.83
CA SER F 92 12.47 -80.77 -92.55
C SER F 92 13.12 -79.58 -93.25
N CYS F 93 12.38 -78.49 -93.34
CA CYS F 93 12.88 -77.27 -93.97
C CYS F 93 13.33 -77.54 -95.41
N TYR F 94 12.45 -78.13 -96.20
CA TYR F 94 12.75 -78.44 -97.60
C TYR F 94 11.70 -77.80 -98.49
N PHE F 95 12.12 -76.81 -99.27
CA PHE F 95 11.20 -76.10 -100.17
C PHE F 95 11.27 -76.67 -101.58
N PHE F 96 10.11 -76.94 -102.16
CA PHE F 96 10.04 -77.47 -103.52
C PHE F 96 8.76 -77.00 -104.21
N PHE F 97 8.90 -76.55 -105.46
CA PHE F 97 7.75 -76.09 -106.22
C PHE F 97 7.63 -76.86 -107.53
N GLU F 98 6.57 -77.66 -107.62
CA GLU F 98 6.32 -78.47 -108.81
C GLU F 98 5.40 -77.78 -109.79
N LYS F 99 5.55 -78.10 -111.07
CA LYS F 99 4.73 -77.51 -112.12
C LYS F 99 3.56 -78.43 -112.47
N ASN F 100 2.39 -78.09 -111.95
CA ASN F 100 1.18 -78.88 -112.21
C ASN F 100 0.87 -78.95 -113.70
N LEU F 101 0.57 -80.16 -114.18
CA LEU F 101 0.22 -80.38 -115.57
C LEU F 101 -0.91 -81.39 -115.63
N LYS F 102 -1.68 -81.34 -116.71
CA LYS F 102 -2.81 -82.25 -116.90
C LYS F 102 -2.59 -83.65 -116.36
N ASP F 103 -3.21 -83.92 -115.21
CA ASP F 103 -3.13 -85.22 -114.54
C ASP F 103 -1.75 -85.54 -113.96
N VAL F 104 -0.71 -84.92 -114.50
CA VAL F 104 0.64 -85.18 -114.01
C VAL F 104 1.20 -83.99 -113.21
N SER F 105 2.48 -84.07 -112.88
CA SER F 105 3.16 -83.03 -112.12
C SER F 105 4.57 -83.49 -111.77
N PHE F 106 5.41 -82.56 -111.36
CA PHE F 106 6.79 -82.87 -110.99
C PHE F 106 7.52 -81.68 -110.39
N ARG F 107 8.29 -81.95 -109.34
CA ARG F 107 9.04 -80.89 -108.67
C ARG F 107 10.11 -80.32 -109.60
N LEU F 108 10.31 -79.01 -109.54
CA LEU F 108 11.30 -78.34 -110.38
C LEU F 108 12.49 -77.87 -109.55
N GLY F 109 12.32 -76.74 -108.86
CA GLY F 109 13.39 -76.21 -108.04
C GLY F 109 13.28 -76.63 -106.59
N SER F 110 14.42 -76.69 -105.91
CA SER F 110 14.46 -77.07 -104.51
C SER F 110 15.27 -76.07 -103.71
N PHE F 111 14.99 -75.99 -102.41
CA PHE F 111 15.70 -75.06 -101.53
C PHE F 111 15.98 -75.70 -100.18
N ASN F 112 17.25 -75.76 -99.81
CA ASN F 112 17.64 -76.32 -98.51
C ASN F 112 17.51 -75.24 -97.46
N LEU F 113 16.44 -74.44 -97.58
CA LEU F 113 16.18 -73.34 -96.65
C LEU F 113 16.13 -73.80 -95.19
N GLU F 114 16.33 -72.85 -94.29
CA GLU F 114 16.31 -73.13 -92.86
C GLU F 114 15.53 -72.07 -92.07
N LYS F 115 14.83 -72.52 -91.03
CA LYS F 115 14.04 -71.64 -90.18
C LYS F 115 14.93 -70.62 -89.47
N VAL F 116 14.32 -69.53 -89.00
CA VAL F 116 15.06 -68.49 -88.29
C VAL F 116 14.31 -68.15 -86.99
N GLU F 117 15.05 -67.97 -85.91
CA GLU F 117 14.46 -67.66 -84.60
C GLU F 117 14.13 -66.19 -84.36
N ASN F 118 13.96 -65.42 -85.43
CA ASN F 118 13.62 -64.01 -85.29
C ASN F 118 12.42 -63.60 -86.12
N PRO F 119 11.23 -64.15 -85.79
CA PRO F 119 9.99 -63.85 -86.51
C PRO F 119 9.67 -62.36 -86.52
N ALA F 120 9.76 -61.74 -85.35
CA ALA F 120 9.49 -60.31 -85.21
C ALA F 120 10.36 -59.48 -86.14
N GLU F 121 11.68 -59.51 -85.89
CA GLU F 121 12.62 -58.76 -86.71
C GLU F 121 12.41 -59.01 -88.19
N VAL F 122 12.05 -60.24 -88.54
CA VAL F 122 11.82 -60.61 -89.93
C VAL F 122 10.54 -59.99 -90.48
N ILE F 123 9.40 -60.38 -89.92
CA ILE F 123 8.11 -59.86 -90.36
C ILE F 123 8.12 -58.35 -90.49
N ARG F 124 8.84 -57.69 -89.59
CA ARG F 124 8.94 -56.23 -89.60
C ARG F 124 9.53 -55.74 -90.92
N GLU F 125 10.62 -56.36 -91.34
CA GLU F 125 11.30 -55.99 -92.58
C GLU F 125 10.34 -56.09 -93.76
N LEU F 126 9.55 -57.16 -93.78
CA LEU F 126 8.60 -57.38 -94.87
C LEU F 126 7.49 -56.31 -94.82
N ILE F 127 6.88 -56.15 -93.66
CA ILE F 127 5.82 -55.17 -93.48
C ILE F 127 6.31 -53.76 -93.79
N CYS F 128 7.51 -53.44 -93.34
CA CYS F 128 8.09 -52.12 -93.55
C CYS F 128 8.23 -51.82 -95.04
N TYR F 129 8.82 -52.76 -95.77
CA TYR F 129 9.01 -52.58 -97.21
C TYR F 129 7.68 -52.73 -97.96
N CYS F 130 6.86 -53.67 -97.49
CA CYS F 130 5.57 -53.92 -98.11
C CYS F 130 4.66 -52.70 -98.01
N LEU F 131 4.84 -51.92 -96.95
CA LEU F 131 4.03 -50.72 -96.74
C LEU F 131 4.40 -49.66 -97.76
N ASP F 132 5.68 -49.60 -98.12
CA ASP F 132 6.16 -48.63 -99.09
C ASP F 132 5.78 -49.02 -100.50
N THR F 133 5.91 -50.30 -100.82
CA THR F 133 5.56 -50.81 -102.14
C THR F 133 4.15 -50.36 -102.52
N ILE F 134 3.21 -50.53 -101.59
CA ILE F 134 1.83 -50.15 -101.82
C ILE F 134 1.63 -48.66 -101.68
N ALA F 135 2.52 -48.02 -100.91
CA ALA F 135 2.44 -46.58 -100.70
C ALA F 135 3.03 -45.82 -101.88
N GLU F 136 4.20 -46.27 -102.34
CA GLU F 136 4.87 -45.64 -103.47
C GLU F 136 3.93 -45.56 -104.67
N ASN F 137 3.02 -46.52 -104.77
CA ASN F 137 2.05 -46.55 -105.87
C ASN F 137 1.01 -45.45 -105.68
N GLN F 138 0.60 -45.24 -104.43
CA GLN F 138 -0.39 -44.23 -104.12
C GLN F 138 0.12 -42.84 -104.51
N ALA F 139 1.39 -42.59 -104.22
CA ALA F 139 2.00 -41.31 -104.55
C ALA F 139 2.17 -41.22 -106.06
N LYS F 140 2.34 -42.37 -106.69
CA LYS F 140 2.51 -42.44 -108.14
C LYS F 140 1.19 -42.16 -108.83
N ASN F 141 0.12 -42.72 -108.28
CA ASN F 141 -1.22 -42.55 -108.83
C ASN F 141 -1.67 -41.10 -108.74
N GLU F 142 -1.41 -40.46 -107.60
CA GLU F 142 -1.80 -39.07 -107.40
C GLU F 142 -1.26 -38.14 -108.47
N HIS F 143 0.04 -38.23 -108.75
CA HIS F 143 0.67 -37.39 -109.76
C HIS F 143 0.39 -37.87 -111.18
N LEU F 144 0.17 -39.18 -111.33
CA LEU F 144 -0.10 -39.76 -112.64
C LEU F 144 -1.59 -39.65 -112.95
N GLN F 145 -2.34 -39.06 -112.03
CA GLN F 145 -3.77 -38.87 -112.20
C GLN F 145 -4.06 -37.44 -112.61
N LYS F 146 -3.32 -36.50 -112.01
CA LYS F 146 -3.47 -35.08 -112.32
C LYS F 146 -2.91 -34.78 -113.70
N GLU F 147 -2.21 -35.76 -114.26
CA GLU F 147 -1.61 -35.61 -115.58
C GLU F 147 -2.60 -36.04 -116.65
N ASN F 148 -3.51 -36.93 -116.29
CA ASN F 148 -4.53 -37.41 -117.22
C ASN F 148 -5.70 -36.44 -117.18
N GLU F 149 -5.50 -35.33 -116.48
CA GLU F 149 -6.51 -34.29 -116.34
C GLU F 149 -6.12 -33.04 -117.11
N ARG F 150 -4.81 -32.86 -117.31
CA ARG F 150 -4.30 -31.70 -118.02
C ARG F 150 -4.70 -31.77 -119.50
N LEU F 151 -4.87 -32.99 -119.99
CA LEU F 151 -5.25 -33.22 -121.38
C LEU F 151 -6.59 -32.55 -121.70
N LEU F 152 -7.26 -32.05 -120.67
CA LEU F 152 -8.54 -31.39 -120.84
C LEU F 152 -8.37 -29.96 -121.34
N ARG F 153 -7.51 -29.20 -120.66
CA ARG F 153 -7.25 -27.81 -121.02
C ARG F 153 -6.21 -27.71 -122.14
N ASP F 154 -5.91 -28.85 -122.77
CA ASP F 154 -4.93 -28.88 -123.85
C ASP F 154 -5.57 -29.32 -125.16
N TRP F 155 -6.52 -30.25 -125.06
CA TRP F 155 -7.22 -30.76 -126.24
C TRP F 155 -7.96 -29.65 -126.99
N ASN F 156 -7.89 -28.44 -126.44
CA ASN F 156 -8.54 -27.28 -127.04
C ASN F 156 -8.19 -26.00 -126.29
N ASP F 157 -6.97 -25.52 -126.50
CA ASP F 157 -6.51 -24.30 -125.83
C ASP F 157 -6.42 -23.15 -126.84
N MET G 1 -21.47 12.66 -43.39
CA MET G 1 -20.97 14.05 -43.57
C MET G 1 -19.74 14.09 -44.47
N GLU G 2 -19.94 13.84 -45.77
CA GLU G 2 -18.84 13.86 -46.72
C GLU G 2 -18.25 15.26 -46.88
N GLU G 3 -18.77 16.21 -46.11
CA GLU G 3 -18.29 17.59 -46.16
C GLU G 3 -16.84 17.67 -45.72
N LEU G 4 -16.50 16.95 -44.66
CA LEU G 4 -15.15 16.95 -44.11
C LEU G 4 -14.10 16.60 -45.16
N GLU G 5 -14.10 15.34 -45.58
CA GLU G 5 -13.16 14.84 -46.58
C GLU G 5 -12.90 15.82 -47.72
N GLN G 6 -13.97 16.35 -48.30
CA GLN G 6 -13.86 17.29 -49.40
C GLN G 6 -12.74 18.31 -49.19
N GLY G 7 -12.57 18.76 -47.96
CA GLY G 7 -11.54 19.74 -47.66
C GLY G 7 -10.18 19.11 -47.40
N LEU G 8 -10.17 17.89 -46.89
CA LEU G 8 -8.94 17.17 -46.59
C LEU G 8 -8.05 17.04 -47.82
N LEU G 9 -8.66 16.91 -49.00
CA LEU G 9 -7.91 16.78 -50.24
C LEU G 9 -7.05 18.00 -50.55
N MET G 10 -7.70 19.14 -50.73
CA MET G 10 -7.00 20.38 -51.04
C MET G 10 -5.82 20.61 -50.10
N GLN G 11 -6.07 20.49 -48.80
CA GLN G 11 -5.02 20.68 -47.80
C GLN G 11 -3.81 19.83 -48.14
N PRO G 12 -2.72 20.47 -48.59
CA PRO G 12 -1.50 19.74 -48.93
C PRO G 12 -0.87 19.08 -47.71
N TRP G 13 0.16 18.26 -47.94
CA TRP G 13 0.82 17.58 -46.84
C TRP G 13 1.79 18.54 -46.14
N ALA G 14 2.63 18.00 -45.28
CA ALA G 14 3.60 18.80 -44.55
C ALA G 14 4.52 17.88 -43.76
N TRP G 15 5.32 18.44 -42.87
CA TRP G 15 6.22 17.62 -42.06
C TRP G 15 5.78 17.72 -40.60
N LEU G 16 6.11 16.71 -39.81
CA LEU G 16 5.73 16.70 -38.41
C LEU G 16 6.83 16.09 -37.53
N GLN G 17 7.43 16.92 -36.69
CA GLN G 17 8.49 16.47 -35.80
C GLN G 17 7.95 15.64 -34.65
N LEU G 18 7.79 14.34 -34.88
CA LEU G 18 7.29 13.44 -33.85
C LEU G 18 8.36 13.19 -32.79
N ALA G 19 7.93 12.87 -31.58
CA ALA G 19 8.83 12.60 -30.48
C ALA G 19 9.97 11.68 -30.88
N GLU G 20 9.65 10.68 -31.71
CA GLU G 20 10.66 9.73 -32.17
C GLU G 20 10.64 9.57 -33.68
N ASN G 21 9.45 9.44 -34.25
CA ASN G 21 9.29 9.29 -35.69
C ASN G 21 9.14 10.63 -36.40
N SER G 22 8.51 10.59 -37.57
CA SER G 22 8.28 11.79 -38.38
C SER G 22 7.45 11.39 -39.60
N LEU G 23 6.28 12.00 -39.72
CA LEU G 23 5.39 11.69 -40.84
C LEU G 23 4.69 12.91 -41.42
N LEU G 24 4.48 12.89 -42.74
CA LEU G 24 3.81 13.98 -43.43
C LEU G 24 2.32 13.70 -43.52
N ALA G 25 1.51 14.61 -42.96
CA ALA G 25 0.07 14.44 -42.98
C ALA G 25 -0.69 15.69 -43.41
N LYS G 26 -2.01 15.57 -43.42
CA LYS G 26 -2.91 16.65 -43.79
C LYS G 26 -4.17 16.55 -42.93
N VAL G 27 -4.60 17.67 -42.35
CA VAL G 27 -5.78 17.65 -41.50
C VAL G 27 -6.77 18.77 -41.82
N PHE G 28 -8.06 18.46 -41.72
CA PHE G 28 -9.12 19.42 -41.99
C PHE G 28 -10.09 19.39 -40.81
N ILE G 29 -10.19 20.51 -40.10
CA ILE G 29 -11.08 20.59 -38.94
C ILE G 29 -12.25 21.55 -39.18
N THR G 30 -13.39 21.22 -38.61
CA THR G 30 -14.59 22.05 -38.75
C THR G 30 -15.30 22.17 -37.41
N LYS G 31 -16.50 22.75 -37.42
CA LYS G 31 -17.28 22.93 -36.20
C LYS G 31 -18.00 21.64 -35.84
N GLN G 32 -17.95 20.66 -36.75
CA GLN G 32 -18.61 19.38 -36.52
C GLN G 32 -17.68 18.18 -36.57
N GLY G 33 -16.39 18.40 -36.31
CA GLY G 33 -15.43 17.31 -36.34
C GLY G 33 -14.32 17.52 -37.34
N TYR G 34 -13.42 16.54 -37.44
CA TYR G 34 -12.31 16.64 -38.37
C TYR G 34 -12.06 15.33 -39.12
N ALA G 35 -11.15 15.38 -40.09
CA ALA G 35 -10.79 14.20 -40.88
C ALA G 35 -9.31 14.28 -41.22
N LEU G 36 -8.48 13.75 -40.33
CA LEU G 36 -7.04 13.77 -40.50
C LEU G 36 -6.50 12.55 -41.26
N LEU G 37 -5.59 12.81 -42.19
CA LEU G 37 -4.98 11.76 -42.99
C LEU G 37 -3.47 11.85 -42.82
N VAL G 38 -2.87 10.81 -42.25
CA VAL G 38 -1.43 10.80 -42.02
C VAL G 38 -0.77 9.60 -42.67
N SER G 39 0.54 9.70 -42.91
CA SER G 39 1.30 8.62 -43.53
C SER G 39 2.80 8.82 -43.34
N ASP G 40 3.55 7.73 -43.36
CA ASP G 40 5.00 7.79 -43.21
C ASP G 40 5.69 7.26 -44.46
N LEU G 41 5.00 7.33 -45.59
CA LEU G 41 5.51 6.87 -46.88
C LEU G 41 5.56 5.35 -47.02
N GLN G 42 5.33 4.64 -45.92
CA GLN G 42 5.35 3.18 -45.93
C GLN G 42 3.93 2.63 -45.87
N GLN G 43 3.01 3.42 -45.33
CA GLN G 43 1.62 3.03 -45.21
C GLN G 43 0.78 4.19 -44.69
N VAL G 44 -0.30 4.48 -45.41
CA VAL G 44 -1.19 5.59 -45.06
C VAL G 44 -2.10 5.27 -43.87
N TRP G 45 -2.69 6.32 -43.30
CA TRP G 45 -3.59 6.20 -42.15
C TRP G 45 -4.70 7.25 -42.26
N HIS G 46 -5.82 7.00 -41.58
CA HIS G 46 -6.93 7.94 -41.61
C HIS G 46 -7.88 7.75 -40.43
N GLU G 47 -8.52 8.85 -40.02
CA GLU G 47 -9.46 8.84 -38.91
C GLU G 47 -10.51 9.93 -39.06
N GLN G 48 -11.78 9.51 -39.09
CA GLN G 48 -12.90 10.44 -39.20
C GLN G 48 -13.46 10.67 -37.81
N VAL G 49 -13.89 11.90 -37.53
CA VAL G 49 -14.45 12.23 -36.23
C VAL G 49 -15.54 13.29 -36.31
N ASP G 50 -16.60 13.09 -35.55
CA ASP G 50 -17.73 14.03 -35.52
C ASP G 50 -17.94 14.52 -34.10
N THR G 51 -18.51 15.72 -33.97
CA THR G 51 -18.77 16.34 -32.68
C THR G 51 -18.90 15.36 -31.51
N SER G 52 -19.70 14.32 -31.70
CA SER G 52 -19.92 13.31 -30.67
C SER G 52 -18.62 12.86 -29.99
N VAL G 53 -17.88 12.00 -30.66
CA VAL G 53 -16.63 11.47 -30.13
C VAL G 53 -15.66 12.54 -29.62
N VAL G 54 -15.72 13.73 -30.22
CA VAL G 54 -14.83 14.82 -29.83
C VAL G 54 -14.94 15.11 -28.34
N SER G 55 -16.10 15.60 -27.90
CA SER G 55 -16.33 15.92 -26.51
C SER G 55 -16.14 14.68 -25.64
N GLN G 56 -16.53 13.52 -26.17
CA GLN G 56 -16.42 12.26 -25.47
C GLN G 56 -14.96 11.99 -25.13
N ARG G 57 -14.10 12.01 -26.14
CA ARG G 57 -12.68 11.78 -25.94
C ARG G 57 -12.04 12.92 -25.15
N ALA G 58 -12.67 14.09 -25.23
CA ALA G 58 -12.18 15.28 -24.54
C ALA G 58 -11.99 15.03 -23.05
N LYS G 59 -13.10 14.80 -22.34
CA LYS G 59 -13.06 14.57 -20.90
C LYS G 59 -12.29 13.30 -20.54
N GLU G 60 -12.12 12.40 -21.51
CA GLU G 60 -11.39 11.17 -21.26
C GLU G 60 -9.88 11.41 -21.26
N LEU G 61 -9.50 12.64 -21.56
CA LEU G 61 -8.09 13.03 -21.60
C LEU G 61 -7.91 14.33 -20.83
N ASN G 62 -8.73 15.32 -21.18
CA ASN G 62 -8.69 16.63 -20.55
C ASN G 62 -9.73 16.66 -19.43
N LYS G 63 -9.64 15.68 -18.53
CA LYS G 63 -10.58 15.57 -17.42
C LYS G 63 -10.73 16.83 -16.58
N ARG G 64 -9.64 17.56 -16.36
CA ARG G 64 -9.70 18.78 -15.58
C ARG G 64 -10.50 19.83 -16.36
N LEU G 65 -10.60 19.63 -17.67
CA LEU G 65 -11.31 20.56 -18.54
C LEU G 65 -12.73 20.11 -18.89
N THR G 66 -13.63 21.08 -18.90
CA THR G 66 -15.04 20.85 -19.24
C THR G 66 -15.39 21.83 -20.35
N ALA G 67 -15.12 21.44 -21.59
CA ALA G 67 -15.38 22.31 -22.74
C ALA G 67 -16.49 21.82 -23.66
N PRO G 68 -17.23 22.74 -24.29
CA PRO G 68 -18.32 22.41 -25.20
C PRO G 68 -17.83 21.51 -26.33
N PRO G 69 -18.63 20.48 -26.68
CA PRO G 69 -18.32 19.50 -27.73
C PRO G 69 -17.81 20.07 -29.05
N ALA G 70 -18.39 21.18 -29.50
CA ALA G 70 -17.99 21.78 -30.78
C ALA G 70 -16.79 22.72 -30.66
N ALA G 71 -16.79 23.54 -29.62
CA ALA G 71 -15.71 24.51 -29.40
C ALA G 71 -14.32 23.88 -29.31
N PHE G 72 -14.24 22.68 -28.76
CA PHE G 72 -12.96 21.99 -28.61
C PHE G 72 -12.17 22.00 -29.93
N LEU G 73 -12.75 21.38 -30.96
CA LEU G 73 -12.11 21.31 -32.26
C LEU G 73 -11.66 22.69 -32.72
N CYS G 74 -12.45 23.70 -32.37
CA CYS G 74 -12.15 25.07 -32.74
C CYS G 74 -10.81 25.53 -32.17
N HIS G 75 -10.59 25.24 -30.89
CA HIS G 75 -9.34 25.63 -30.24
C HIS G 75 -8.20 24.74 -30.72
N LEU G 76 -8.41 23.43 -30.64
CA LEU G 76 -7.41 22.46 -31.08
C LEU G 76 -6.96 22.79 -32.49
N ASP G 77 -7.89 23.24 -33.32
CA ASP G 77 -7.62 23.60 -34.70
C ASP G 77 -6.52 24.65 -34.79
N ASN G 78 -6.63 25.67 -33.94
CA ASN G 78 -5.66 26.76 -33.91
C ASN G 78 -4.32 26.31 -33.35
N LEU G 79 -4.35 25.26 -32.53
CA LEU G 79 -3.13 24.73 -31.92
C LEU G 79 -2.25 24.06 -32.96
N LEU G 80 -2.87 23.34 -33.89
CA LEU G 80 -2.14 22.63 -34.93
C LEU G 80 -1.58 23.56 -36.01
N ARG G 81 -0.37 24.06 -35.79
CA ARG G 81 0.29 24.94 -36.73
C ARG G 81 1.78 24.62 -36.93
N PRO G 82 2.26 23.49 -36.40
CA PRO G 82 3.68 23.19 -36.59
C PRO G 82 4.01 22.69 -37.99
N LEU G 83 3.00 22.73 -38.87
CA LEU G 83 3.17 22.29 -40.26
C LEU G 83 3.11 23.45 -41.24
N LEU G 84 1.90 23.78 -41.69
CA LEU G 84 1.70 24.90 -42.62
C LEU G 84 2.48 26.12 -42.16
N LYS G 85 2.21 26.56 -40.93
CA LYS G 85 2.88 27.71 -40.34
C LYS G 85 4.38 27.48 -40.32
N ASP G 86 5.12 28.38 -39.69
CA ASP G 86 6.56 28.27 -39.61
C ASP G 86 6.96 26.87 -39.15
N ALA G 87 8.04 26.35 -39.72
CA ALA G 87 8.53 25.02 -39.38
C ALA G 87 8.96 24.94 -37.92
N ALA G 88 9.12 26.10 -37.29
CA ALA G 88 9.51 26.16 -35.89
C ALA G 88 8.38 25.61 -35.02
N HIS G 89 8.30 26.06 -33.78
CA HIS G 89 7.24 25.58 -32.88
C HIS G 89 7.37 24.06 -32.74
N PRO G 90 6.40 23.39 -32.12
CA PRO G 90 5.18 23.91 -31.50
C PRO G 90 5.28 24.00 -29.98
N SER G 91 6.00 25.01 -29.50
CA SER G 91 6.19 25.19 -28.05
C SER G 91 6.52 23.86 -27.38
N GLU G 92 5.65 23.41 -26.49
CA GLU G 92 5.87 22.15 -25.80
C GLU G 92 4.95 21.07 -26.35
N ALA G 93 4.41 21.32 -27.53
CA ALA G 93 3.52 20.36 -28.17
C ALA G 93 4.30 19.23 -28.84
N THR G 94 4.82 18.33 -28.02
CA THR G 94 5.59 17.20 -28.51
C THR G 94 4.64 16.09 -28.95
N PHE G 95 4.66 15.76 -30.23
CA PHE G 95 3.79 14.72 -30.77
C PHE G 95 4.32 13.32 -30.51
N SER G 96 3.61 12.57 -29.67
CA SER G 96 4.00 11.20 -29.35
C SER G 96 3.34 10.27 -30.37
N CYS G 97 4.10 9.30 -30.88
CA CYS G 97 3.57 8.38 -31.86
C CYS G 97 3.91 6.93 -31.56
N ASP G 98 2.89 6.07 -31.59
CA ASP G 98 3.06 4.64 -31.34
C ASP G 98 2.19 3.86 -32.31
N CYS G 99 2.69 2.71 -32.76
CA CYS G 99 1.95 1.89 -33.71
C CYS G 99 1.59 0.53 -33.13
N VAL G 100 0.39 0.04 -33.48
CA VAL G 100 -0.09 -1.25 -33.00
C VAL G 100 -1.09 -1.89 -33.96
N ALA G 101 -0.57 -2.67 -34.90
CA ALA G 101 -1.39 -3.37 -35.88
C ALA G 101 -2.45 -2.49 -36.54
N ASP G 102 -2.06 -1.82 -37.61
CA ASP G 102 -2.97 -0.95 -38.37
C ASP G 102 -3.44 0.26 -37.58
N ALA G 103 -3.09 0.32 -36.30
CA ALA G 103 -3.48 1.44 -35.45
C ALA G 103 -2.32 2.41 -35.29
N LEU G 104 -2.64 3.70 -35.18
CA LEU G 104 -1.60 4.71 -35.03
C LEU G 104 -2.12 5.85 -34.15
N ILE G 105 -1.53 5.98 -32.97
CA ILE G 105 -1.90 7.02 -32.02
C ILE G 105 -1.00 8.24 -32.11
N LEU G 106 -1.61 9.40 -32.27
CA LEU G 106 -0.86 10.65 -32.38
C LEU G 106 -1.07 11.52 -31.15
N ARG G 107 -0.75 10.96 -29.98
CA ARG G 107 -0.90 11.67 -28.71
C ARG G 107 -0.26 13.06 -28.79
N VAL G 108 -1.06 14.08 -29.06
CA VAL G 108 -0.55 15.44 -29.16
C VAL G 108 0.11 15.88 -27.86
N ARG G 109 -0.70 16.40 -26.93
CA ARG G 109 -0.23 16.87 -25.64
C ARG G 109 0.64 18.12 -25.77
N SER G 110 0.05 19.28 -25.51
CA SER G 110 0.76 20.55 -25.59
C SER G 110 0.34 21.41 -24.40
N GLU G 111 0.26 22.72 -24.63
CA GLU G 111 -0.15 23.64 -23.58
C GLU G 111 -1.31 24.50 -24.05
N LEU G 112 -2.17 24.90 -23.11
CA LEU G 112 -3.32 25.73 -23.43
C LEU G 112 -3.52 26.78 -22.34
N SER G 113 -3.22 28.03 -22.66
CA SER G 113 -3.35 29.13 -21.70
C SER G 113 -2.37 28.94 -20.55
N GLY G 114 -1.52 27.93 -20.68
CA GLY G 114 -0.54 27.65 -19.65
C GLY G 114 -0.89 26.39 -18.89
N LEU G 115 -1.90 25.67 -19.39
CA LEU G 115 -2.35 24.44 -18.76
C LEU G 115 -2.05 23.23 -19.63
N PRO G 116 -2.06 22.02 -19.04
CA PRO G 116 -1.78 20.76 -19.75
C PRO G 116 -2.89 20.37 -20.72
N PHE G 117 -2.79 20.86 -21.95
CA PHE G 117 -3.78 20.55 -22.97
C PHE G 117 -3.44 19.26 -23.71
N TYR G 118 -4.24 18.22 -23.48
CA TYR G 118 -4.04 16.93 -24.11
C TYR G 118 -5.00 16.67 -25.26
N TRP G 119 -4.71 15.63 -26.03
CA TRP G 119 -5.53 15.24 -27.17
C TRP G 119 -4.86 14.11 -27.94
N ASN G 120 -5.62 13.07 -28.27
CA ASN G 120 -5.08 11.94 -29.01
C ASN G 120 -5.70 11.80 -30.39
N PHE G 121 -5.12 10.92 -31.20
CA PHE G 121 -5.58 10.67 -32.56
C PHE G 121 -5.70 9.18 -32.85
N HIS G 122 -6.93 8.70 -32.99
CA HIS G 122 -7.15 7.28 -33.29
C HIS G 122 -7.26 7.07 -34.79
N CYS G 123 -6.12 7.13 -35.46
CA CYS G 123 -6.08 6.94 -36.91
C CYS G 123 -5.84 5.48 -37.27
N MET G 124 -6.81 4.90 -37.97
CA MET G 124 -6.72 3.50 -38.39
C MET G 124 -6.08 3.39 -39.76
N LEU G 125 -5.78 2.16 -40.18
CA LEU G 125 -5.16 1.94 -41.48
C LEU G 125 -6.04 2.52 -42.58
N ALA G 126 -5.50 3.47 -43.33
CA ALA G 126 -6.23 4.12 -44.42
C ALA G 126 -6.78 3.11 -45.41
N SER G 127 -7.93 3.44 -46.00
CA SER G 127 -8.59 2.57 -46.97
C SER G 127 -8.01 2.78 -48.36
N PRO G 128 -8.10 1.75 -49.22
CA PRO G 128 -7.59 1.80 -50.60
C PRO G 128 -8.10 2.99 -51.41
N SER G 129 -9.41 3.06 -51.58
CA SER G 129 -10.04 4.14 -52.34
C SER G 129 -9.56 5.51 -51.85
N LEU G 130 -9.04 5.54 -50.62
CA LEU G 130 -8.54 6.77 -50.03
C LEU G 130 -7.13 7.06 -50.50
N VAL G 131 -6.20 6.16 -50.17
CA VAL G 131 -4.80 6.31 -50.57
C VAL G 131 -4.71 6.66 -52.04
N SER G 132 -5.61 6.10 -52.84
CA SER G 132 -5.65 6.35 -54.27
C SER G 132 -5.87 7.81 -54.60
N GLN G 133 -6.72 8.48 -53.83
CA GLN G 133 -7.03 9.88 -54.07
C GLN G 133 -6.15 10.90 -53.35
N HIS G 134 -5.16 10.43 -52.61
CA HIS G 134 -4.27 11.35 -51.90
C HIS G 134 -2.81 11.16 -52.29
N LEU G 135 -2.39 9.91 -52.48
CA LEU G 135 -1.02 9.63 -52.87
C LEU G 135 -0.96 9.16 -54.32
N ILE G 136 -1.24 7.88 -54.52
CA ILE G 136 -1.22 7.26 -55.83
C ILE G 136 -1.67 8.15 -56.99
N ARG G 137 -2.98 8.21 -57.23
CA ARG G 137 -3.54 9.01 -58.31
C ARG G 137 -3.05 10.46 -58.42
N PRO G 138 -3.39 11.31 -57.43
CA PRO G 138 -2.96 12.71 -57.48
C PRO G 138 -1.48 12.89 -57.82
N LEU G 139 -0.63 12.32 -56.97
CA LEU G 139 0.81 12.42 -57.17
C LEU G 139 1.24 11.89 -58.52
N MET G 140 0.65 10.77 -58.95
CA MET G 140 0.99 10.18 -60.23
C MET G 140 0.81 11.22 -61.34
N GLY G 141 -0.25 12.00 -61.24
CA GLY G 141 -0.52 13.03 -62.24
C GLY G 141 0.61 14.05 -62.26
N MET G 142 1.16 14.35 -61.09
CA MET G 142 2.25 15.30 -60.96
C MET G 142 3.41 14.90 -61.86
N SER G 143 3.95 13.71 -61.62
CA SER G 143 5.07 13.22 -62.41
C SER G 143 4.72 13.21 -63.91
N LEU G 144 3.46 12.92 -64.22
CA LEU G 144 3.03 12.90 -65.61
C LEU G 144 2.89 14.33 -66.12
N ALA G 145 2.65 15.26 -65.20
CA ALA G 145 2.50 16.67 -65.55
C ALA G 145 3.87 17.34 -65.63
N LEU G 146 4.76 16.97 -64.71
CA LEU G 146 6.11 17.53 -64.70
C LEU G 146 6.86 17.18 -65.97
N GLN G 147 6.72 15.94 -66.42
CA GLN G 147 7.37 15.48 -67.63
C GLN G 147 6.97 16.39 -68.78
N CYS G 148 5.67 16.62 -68.90
CA CYS G 148 5.13 17.49 -69.95
C CYS G 148 5.63 18.91 -69.75
N GLN G 149 6.04 19.22 -68.52
CA GLN G 149 6.53 20.55 -68.18
C GLN G 149 7.97 20.69 -68.64
N VAL G 150 8.75 19.62 -68.46
CA VAL G 150 10.15 19.61 -68.87
C VAL G 150 10.29 19.77 -70.38
N ARG G 151 9.55 18.95 -71.12
CA ARG G 151 9.58 18.99 -72.58
C ARG G 151 9.26 20.38 -73.15
N GLU G 152 8.12 20.93 -72.76
CA GLU G 152 7.72 22.25 -73.25
C GLU G 152 8.68 23.33 -72.78
N LEU G 153 9.23 23.17 -71.58
CA LEU G 153 10.16 24.15 -71.04
C LEU G 153 11.52 24.00 -71.70
N ALA G 154 11.98 22.76 -71.82
CA ALA G 154 13.27 22.48 -72.44
C ALA G 154 13.24 22.82 -73.92
N THR G 155 12.11 22.55 -74.56
CA THR G 155 11.96 22.84 -75.99
C THR G 155 12.04 24.35 -76.19
N LEU G 156 11.60 25.10 -75.18
CA LEU G 156 11.64 26.56 -75.24
C LEU G 156 13.08 26.99 -75.04
N LEU G 157 13.88 26.11 -74.46
CA LEU G 157 15.29 26.37 -74.22
C LEU G 157 16.01 26.24 -75.56
N HIS G 158 15.40 25.47 -76.45
CA HIS G 158 15.96 25.25 -77.79
C HIS G 158 15.86 26.54 -78.60
N MET G 159 14.75 27.25 -78.41
CA MET G 159 14.53 28.51 -79.13
C MET G 159 15.61 29.51 -78.75
N LYS G 160 16.11 29.40 -77.52
CA LYS G 160 17.17 30.29 -77.04
C LYS G 160 18.42 30.06 -77.87
N ASP G 161 18.75 28.79 -78.12
CA ASP G 161 19.92 28.45 -78.92
C ASP G 161 19.69 28.79 -80.38
N LEU G 162 18.44 28.66 -80.82
CA LEU G 162 18.09 28.95 -82.20
C LEU G 162 18.27 30.44 -82.49
N GLU G 163 17.91 31.26 -81.51
CA GLU G 163 18.04 32.72 -81.66
C GLU G 163 19.52 33.10 -81.61
N ILE G 164 20.24 32.53 -80.66
CA ILE G 164 21.66 32.80 -80.50
C ILE G 164 22.39 32.62 -81.84
N GLN G 165 21.85 31.73 -82.66
CA GLN G 165 22.44 31.44 -83.97
C GLN G 165 22.67 32.70 -84.80
N ASP G 166 21.59 33.38 -85.17
CA ASP G 166 21.68 34.58 -85.98
C ASP G 166 22.74 35.56 -85.45
N TYR G 167 22.87 35.66 -84.13
CA TYR G 167 23.84 36.55 -83.53
C TYR G 167 25.26 36.04 -83.80
N GLN G 168 25.45 34.74 -83.64
CA GLN G 168 26.76 34.12 -83.84
C GLN G 168 27.09 33.89 -85.32
N GLU G 169 26.08 33.56 -86.11
CA GLU G 169 26.28 33.32 -87.54
C GLU G 169 26.67 34.60 -88.26
N SER G 170 26.75 35.69 -87.51
CA SER G 170 27.12 36.98 -88.09
C SER G 170 28.09 37.74 -87.17
N GLY G 171 29.24 37.14 -86.93
CA GLY G 171 30.23 37.77 -86.06
C GLY G 171 29.63 38.27 -84.78
N ALA G 172 29.63 39.58 -84.60
CA ALA G 172 29.07 40.22 -83.41
C ALA G 172 29.43 39.41 -82.16
N THR G 173 30.69 39.01 -82.06
CA THR G 173 31.16 38.24 -80.92
C THR G 173 30.64 38.80 -79.61
N LEU G 174 30.27 37.92 -78.69
CA LEU G 174 29.75 38.32 -77.40
C LEU G 174 30.79 39.22 -76.73
N ILE G 175 30.37 39.93 -75.69
CA ILE G 175 31.27 40.83 -74.98
C ILE G 175 31.98 40.14 -73.81
N ARG G 176 31.43 39.01 -73.38
CA ARG G 176 32.03 38.27 -72.28
C ARG G 176 31.91 36.77 -72.55
N ASP G 177 33.05 36.10 -72.70
CA ASP G 177 33.06 34.66 -72.95
C ASP G 177 32.36 33.94 -71.81
N ARG G 178 32.05 34.70 -70.76
CA ARG G 178 31.37 34.18 -69.58
C ARG G 178 30.00 33.63 -69.92
N LEU G 179 29.09 34.53 -70.28
CA LEU G 179 27.72 34.15 -70.63
C LEU G 179 27.63 33.05 -71.68
N LYS G 180 28.66 32.97 -72.53
CA LYS G 180 28.70 31.96 -73.58
C LYS G 180 28.33 30.58 -73.02
N THR G 181 27.15 30.09 -73.39
CA THR G 181 26.69 28.78 -72.92
C THR G 181 26.68 27.76 -74.04
N GLU G 182 26.96 26.50 -73.68
CA GLU G 182 27.00 25.42 -74.65
C GLU G 182 25.59 25.15 -75.17
N PRO G 183 25.48 24.73 -76.44
CA PRO G 183 24.17 24.44 -77.03
C PRO G 183 23.42 23.34 -76.29
N PHE G 184 22.15 23.58 -75.97
CA PHE G 184 21.35 22.62 -75.24
C PHE G 184 20.92 21.44 -76.11
N GLU G 185 21.48 20.27 -75.83
CA GLU G 185 21.15 19.06 -76.56
C GLU G 185 20.30 18.16 -75.66
N GLU G 186 19.00 18.27 -75.82
CA GLU G 186 18.03 17.50 -75.04
C GLU G 186 18.48 16.08 -74.70
N ASN G 187 18.95 15.35 -75.71
CA ASN G 187 19.39 13.97 -75.50
C ASN G 187 20.56 13.89 -74.52
N SER G 188 21.53 14.78 -74.69
CA SER G 188 22.70 14.81 -73.82
C SER G 188 22.31 15.08 -72.37
N PHE G 189 21.77 16.28 -72.13
CA PHE G 189 21.33 16.69 -70.81
C PHE G 189 20.52 15.62 -70.08
N LEU G 190 19.65 14.95 -70.83
CA LEU G 190 18.78 13.91 -70.26
C LEU G 190 19.48 12.60 -69.92
N GLU G 191 20.69 12.39 -70.45
CA GLU G 191 21.40 11.15 -70.18
C GLU G 191 22.38 11.33 -69.01
N GLN G 192 22.91 12.53 -68.87
CA GLN G 192 23.84 12.84 -67.80
C GLN G 192 23.08 12.99 -66.48
N PHE G 193 21.86 13.52 -66.57
CA PHE G 193 21.01 13.73 -65.40
C PHE G 193 20.87 12.44 -64.61
N MET G 194 20.61 11.36 -65.32
CA MET G 194 20.42 10.04 -64.71
C MET G 194 21.73 9.47 -64.17
N ILE G 195 22.76 10.30 -64.12
CA ILE G 195 24.06 9.85 -63.62
C ILE G 195 24.68 10.90 -62.71
N GLU G 196 23.94 11.98 -62.45
CA GLU G 196 24.45 13.05 -61.60
C GLU G 196 23.40 13.61 -60.64
N LYS G 197 22.27 14.04 -61.18
CA LYS G 197 21.20 14.61 -60.37
C LYS G 197 20.26 13.56 -59.79
N LEU G 198 19.67 12.75 -60.65
CA LEU G 198 18.75 11.70 -60.23
C LEU G 198 19.21 10.90 -59.02
N PRO G 199 20.48 10.48 -58.99
CA PRO G 199 21.01 9.72 -57.86
C PRO G 199 20.69 10.33 -56.49
N GLU G 200 20.53 11.64 -56.45
CA GLU G 200 20.21 12.33 -55.21
C GLU G 200 18.93 13.14 -55.33
N ALA G 201 18.43 13.25 -56.56
CA ALA G 201 17.20 14.00 -56.82
C ALA G 201 15.98 13.13 -56.49
N CYS G 202 16.07 11.85 -56.84
CA CYS G 202 14.99 10.91 -56.58
C CYS G 202 14.83 10.63 -55.09
N SER G 203 15.92 10.76 -54.35
CA SER G 203 15.92 10.53 -52.91
C SER G 203 14.68 11.13 -52.25
N ILE G 204 13.74 10.27 -51.87
CA ILE G 204 12.52 10.71 -51.23
C ILE G 204 12.75 11.01 -49.75
N GLY G 205 13.89 10.54 -49.23
CA GLY G 205 14.22 10.76 -47.83
C GLY G 205 13.12 10.24 -46.93
N ASP G 206 12.41 11.13 -46.25
CA ASP G 206 11.33 10.74 -45.38
C ASP G 206 10.07 11.49 -45.77
N GLY G 207 10.04 11.98 -47.00
CA GLY G 207 8.89 12.72 -47.49
C GLY G 207 9.04 14.22 -47.30
N LYS G 208 9.98 14.63 -46.45
CA LYS G 208 10.21 16.04 -46.19
C LYS G 208 10.38 16.85 -47.47
N PRO G 209 11.19 16.37 -48.42
CA PRO G 209 11.37 17.10 -49.67
C PRO G 209 10.05 17.32 -50.39
N PHE G 210 9.26 16.25 -50.47
CA PHE G 210 7.95 16.28 -51.12
C PHE G 210 7.16 17.53 -50.74
N VAL G 211 6.99 17.74 -49.44
CA VAL G 211 6.24 18.89 -48.94
C VAL G 211 6.86 20.26 -49.18
N MET G 212 8.18 20.36 -49.02
CA MET G 212 8.87 21.63 -49.18
C MET G 212 8.91 22.20 -50.61
N ASN G 213 8.66 21.37 -51.61
CA ASN G 213 8.70 21.85 -52.98
C ASN G 213 7.85 21.07 -53.98
N LEU G 214 6.57 20.91 -53.68
CA LEU G 214 5.66 20.19 -54.57
C LEU G 214 4.19 20.52 -54.31
N GLN G 215 3.85 20.77 -53.06
CA GLN G 215 2.47 21.09 -52.69
C GLN G 215 1.88 22.18 -53.58
N ASP G 216 2.73 23.14 -53.97
CA ASP G 216 2.30 24.23 -54.83
C ASP G 216 1.58 23.64 -56.03
N LEU G 217 2.14 22.54 -56.54
CA LEU G 217 1.59 21.83 -57.68
C LEU G 217 0.52 20.85 -57.23
N TYR G 218 0.87 19.99 -56.29
CA TYR G 218 -0.04 18.98 -55.74
C TYR G 218 -1.46 19.50 -55.62
N MET G 219 -1.63 20.62 -54.93
CA MET G 219 -2.96 21.21 -54.73
C MET G 219 -3.61 21.58 -56.05
N ALA G 220 -2.88 22.25 -56.92
CA ALA G 220 -3.39 22.67 -58.21
C ALA G 220 -3.81 21.49 -59.08
N VAL G 221 -3.33 20.30 -58.74
CA VAL G 221 -3.64 19.09 -59.50
C VAL G 221 -4.85 18.36 -58.90
N THR G 222 -4.71 17.91 -57.66
CA THR G 222 -5.78 17.18 -56.98
C THR G 222 -7.12 17.88 -57.17
N THR G 223 -7.10 19.21 -57.19
CA THR G 223 -8.31 19.99 -57.35
C THR G 223 -8.81 19.97 -58.79
N GLN G 224 -7.87 19.95 -59.73
CA GLN G 224 -8.18 19.93 -61.15
C GLN G 224 -8.91 18.65 -61.58
N HIS G 225 -8.86 17.63 -60.73
CA HIS G 225 -9.49 16.35 -61.04
C HIS G 225 -11.01 16.38 -60.92
N HIS G 226 -11.52 17.00 -59.87
CA HIS G 226 -12.96 17.09 -59.65
C HIS G 226 -13.58 18.21 -60.47
N HIS G 227 -12.81 18.75 -61.41
CA HIS G 227 -13.27 19.83 -62.26
C HIS G 227 -13.21 19.42 -63.73
N MET H 1 10.85 -17.57 -50.78
CA MET H 1 10.74 -17.04 -52.14
C MET H 1 10.85 -15.52 -52.10
N GLU H 2 12.07 -15.00 -51.95
CA GLU H 2 12.28 -13.57 -51.89
C GLU H 2 13.02 -13.03 -53.11
N GLU H 3 14.01 -13.76 -53.59
CA GLU H 3 14.78 -13.35 -54.76
C GLU H 3 13.81 -13.02 -55.88
N LEU H 4 12.63 -13.63 -55.81
CA LEU H 4 11.57 -13.43 -56.78
C LEU H 4 11.04 -12.00 -56.68
N GLU H 5 10.47 -11.68 -55.52
CA GLU H 5 9.90 -10.35 -55.26
C GLU H 5 10.78 -9.20 -55.72
N GLN H 6 12.07 -9.28 -55.44
CA GLN H 6 13.01 -8.23 -55.81
C GLN H 6 12.83 -7.80 -57.28
N GLY H 7 12.77 -8.79 -58.16
CA GLY H 7 12.60 -8.50 -59.58
C GLY H 7 11.26 -7.85 -59.89
N LEU H 8 10.27 -8.12 -59.06
CA LEU H 8 8.93 -7.56 -59.25
C LEU H 8 8.96 -6.04 -59.09
N LEU H 9 10.08 -5.53 -58.60
CA LEU H 9 10.28 -4.11 -58.39
C LEU H 9 10.91 -3.48 -59.63
N MET H 10 12.02 -4.07 -60.06
CA MET H 10 12.75 -3.58 -61.22
C MET H 10 11.86 -3.57 -62.48
N GLN H 11 10.87 -4.46 -62.49
CA GLN H 11 9.95 -4.56 -63.62
C GLN H 11 9.08 -3.30 -63.77
N PRO H 12 9.11 -2.69 -64.97
CA PRO H 12 8.33 -1.48 -65.25
C PRO H 12 6.86 -1.83 -65.46
N TRP H 13 5.96 -0.91 -65.10
CA TRP H 13 4.54 -1.15 -65.25
C TRP H 13 4.16 -1.36 -66.71
N ALA H 14 2.92 -1.79 -66.91
CA ALA H 14 2.39 -2.04 -68.25
C ALA H 14 0.88 -2.06 -68.20
N TRP H 15 0.23 -1.30 -69.09
CA TRP H 15 -1.22 -1.26 -69.11
C TRP H 15 -1.85 -2.23 -70.09
N LEU H 16 -2.32 -3.35 -69.53
CA LEU H 16 -2.95 -4.41 -70.30
C LEU H 16 -4.45 -4.17 -70.44
N GLN H 17 -4.90 -3.97 -71.67
CA GLN H 17 -6.31 -3.74 -71.94
C GLN H 17 -7.05 -5.07 -71.81
N LEU H 18 -8.29 -5.03 -71.35
CA LEU H 18 -9.08 -6.24 -71.18
C LEU H 18 -10.54 -6.03 -71.57
N ALA H 19 -11.26 -7.14 -71.77
CA ALA H 19 -12.66 -7.09 -72.14
C ALA H 19 -13.47 -6.30 -71.13
N GLU H 20 -12.95 -6.21 -69.90
CA GLU H 20 -13.61 -5.47 -68.84
C GLU H 20 -12.68 -4.38 -68.33
N ASN H 21 -12.62 -3.27 -69.06
CA ASN H 21 -11.76 -2.15 -68.70
C ASN H 21 -10.30 -2.55 -68.80
N SER H 22 -9.40 -1.62 -68.43
CA SER H 22 -7.98 -1.88 -68.50
C SER H 22 -7.42 -2.12 -67.09
N LEU H 23 -6.32 -2.86 -67.00
CA LEU H 23 -5.71 -3.17 -65.71
C LEU H 23 -4.19 -3.04 -65.78
N LEU H 24 -3.64 -2.18 -64.93
CA LEU H 24 -2.20 -1.98 -64.87
C LEU H 24 -1.55 -3.17 -64.18
N ALA H 25 -0.36 -3.56 -64.63
CA ALA H 25 0.31 -4.71 -64.04
C ALA H 25 1.77 -4.85 -64.43
N LYS H 26 2.49 -5.65 -63.65
CA LYS H 26 3.91 -5.92 -63.87
C LYS H 26 4.21 -7.27 -63.25
N VAL H 27 4.43 -8.28 -64.10
CA VAL H 27 4.70 -9.62 -63.62
C VAL H 27 6.16 -10.04 -63.82
N PHE H 28 6.74 -10.65 -62.79
CA PHE H 28 8.11 -11.13 -62.84
C PHE H 28 8.11 -12.63 -62.57
N ILE H 29 8.25 -13.42 -63.63
CA ILE H 29 8.25 -14.86 -63.52
C ILE H 29 9.66 -15.45 -63.57
N THR H 30 9.89 -16.51 -62.81
CA THR H 30 11.17 -17.18 -62.76
C THR H 30 10.96 -18.69 -62.86
N LYS H 31 11.44 -19.42 -61.86
CA LYS H 31 11.28 -20.87 -61.85
C LYS H 31 10.57 -21.31 -60.58
N GLN H 32 10.90 -20.66 -59.46
CA GLN H 32 10.28 -20.98 -58.19
C GLN H 32 8.89 -20.36 -58.11
N GLY H 33 8.39 -19.91 -59.26
CA GLY H 33 7.09 -19.30 -59.32
C GLY H 33 7.16 -17.95 -60.01
N TYR H 34 6.20 -17.08 -59.71
CA TYR H 34 6.16 -15.75 -60.30
C TYR H 34 5.73 -14.72 -59.26
N ALA H 35 5.57 -13.48 -59.71
CA ALA H 35 5.15 -12.40 -58.82
C ALA H 35 4.37 -11.35 -59.60
N LEU H 36 3.05 -11.43 -59.54
CA LEU H 36 2.19 -10.49 -60.25
C LEU H 36 1.81 -9.30 -59.36
N LEU H 37 1.30 -8.25 -59.99
CA LEU H 37 0.89 -7.05 -59.27
C LEU H 37 0.11 -6.14 -60.22
N VAL H 38 -1.21 -6.18 -60.12
CA VAL H 38 -2.07 -5.37 -60.97
C VAL H 38 -2.79 -4.27 -60.17
N SER H 39 -3.40 -3.34 -60.90
CA SER H 39 -4.12 -2.23 -60.26
C SER H 39 -4.79 -1.34 -61.31
N ASP H 40 -5.93 -0.76 -60.93
CA ASP H 40 -6.66 0.13 -61.84
C ASP H 40 -6.48 1.57 -61.34
N LEU H 41 -5.39 1.80 -60.62
CA LEU H 41 -5.08 3.11 -60.07
C LEU H 41 -6.11 3.51 -59.01
N GLN H 42 -6.80 2.51 -58.47
CA GLN H 42 -7.81 2.74 -57.46
C GLN H 42 -7.64 1.70 -56.35
N GLN H 43 -7.04 0.57 -56.71
CA GLN H 43 -6.81 -0.53 -55.78
C GLN H 43 -5.65 -1.39 -56.31
N VAL H 44 -4.82 -1.89 -55.41
CA VAL H 44 -3.68 -2.71 -55.82
C VAL H 44 -3.93 -4.18 -55.49
N TRP H 45 -3.30 -5.08 -56.25
CA TRP H 45 -3.45 -6.51 -56.04
C TRP H 45 -2.11 -7.24 -56.09
N HIS H 46 -1.87 -8.10 -55.09
CA HIS H 46 -0.63 -8.85 -55.01
C HIS H 46 -0.81 -10.29 -55.50
N GLU H 47 0.24 -11.10 -55.37
CA GLU H 47 0.23 -12.49 -55.80
C GLU H 47 1.65 -13.03 -55.82
N GLN H 48 1.97 -13.89 -54.85
CA GLN H 48 3.30 -14.48 -54.75
C GLN H 48 3.19 -16.00 -54.86
N VAL H 49 3.09 -16.51 -56.09
CA VAL H 49 2.95 -17.95 -56.31
C VAL H 49 4.26 -18.69 -56.00
N ASP H 50 4.21 -20.02 -56.14
CA ASP H 50 5.37 -20.86 -55.89
C ASP H 50 5.18 -22.23 -56.52
N THR H 51 6.30 -22.86 -56.89
CA THR H 51 6.30 -24.19 -57.51
C THR H 51 5.09 -25.04 -57.16
N SER H 52 4.86 -25.22 -55.86
CA SER H 52 3.74 -26.03 -55.38
C SER H 52 2.40 -25.45 -55.83
N VAL H 53 2.06 -24.28 -55.29
CA VAL H 53 0.82 -23.61 -55.62
C VAL H 53 0.64 -23.48 -57.13
N VAL H 54 1.73 -23.69 -57.88
CA VAL H 54 1.69 -23.59 -59.33
C VAL H 54 0.96 -24.79 -59.94
N SER H 55 1.28 -25.98 -59.47
CA SER H 55 0.67 -27.20 -59.98
C SER H 55 -0.76 -27.39 -59.45
N GLN H 56 -1.00 -26.95 -58.22
CA GLN H 56 -2.32 -27.06 -57.62
C GLN H 56 -3.38 -26.39 -58.47
N ARG H 57 -2.94 -25.52 -59.37
CA ARG H 57 -3.85 -24.79 -60.25
C ARG H 57 -3.56 -25.14 -61.71
N ALA H 58 -2.29 -25.41 -62.01
CA ALA H 58 -1.89 -25.75 -63.38
C ALA H 58 -2.53 -27.06 -63.80
N LYS H 59 -2.06 -28.16 -63.22
CA LYS H 59 -2.59 -29.48 -63.53
C LYS H 59 -4.04 -29.58 -63.09
N GLU H 60 -4.52 -28.54 -62.41
CA GLU H 60 -5.89 -28.50 -61.91
C GLU H 60 -6.82 -27.80 -62.92
N LEU H 61 -6.23 -27.01 -63.81
CA LEU H 61 -7.00 -26.29 -64.81
C LEU H 61 -6.68 -26.77 -66.23
N ASN H 62 -5.78 -27.74 -66.33
CA ASN H 62 -5.38 -28.30 -67.62
C ASN H 62 -5.21 -29.81 -67.50
N LYS H 63 -6.29 -30.47 -67.09
CA LYS H 63 -6.33 -31.92 -66.92
C LYS H 63 -5.35 -32.64 -67.85
N ARG H 64 -5.77 -32.85 -69.10
CA ARG H 64 -4.93 -33.53 -70.08
C ARG H 64 -3.66 -32.74 -70.32
N LEU H 65 -2.66 -32.97 -69.47
CA LEU H 65 -1.38 -32.28 -69.58
C LEU H 65 -0.31 -32.95 -68.72
N THR H 66 0.91 -33.01 -69.25
CA THR H 66 2.03 -33.60 -68.55
C THR H 66 3.15 -32.56 -68.44
N ALA H 67 2.77 -31.34 -68.09
CA ALA H 67 3.71 -30.24 -67.96
C ALA H 67 4.29 -30.14 -66.55
N PRO H 68 5.62 -30.25 -66.42
CA PRO H 68 6.30 -30.16 -65.13
C PRO H 68 6.02 -28.84 -64.42
N PRO H 69 6.30 -28.77 -63.11
CA PRO H 69 6.08 -27.55 -62.31
C PRO H 69 6.74 -26.30 -62.89
N ALA H 70 8.07 -26.27 -62.85
CA ALA H 70 8.83 -25.13 -63.35
C ALA H 70 8.58 -24.84 -64.83
N ALA H 71 8.86 -25.83 -65.68
CA ALA H 71 8.67 -25.69 -67.12
C ALA H 71 7.40 -24.91 -67.46
N PHE H 72 6.35 -25.18 -66.70
CA PHE H 72 5.05 -24.51 -66.91
C PHE H 72 5.19 -22.99 -66.94
N LEU H 73 6.01 -22.46 -66.05
CA LEU H 73 6.22 -21.01 -65.96
C LEU H 73 6.82 -20.38 -67.21
N CYS H 74 7.79 -21.05 -67.81
CA CYS H 74 8.44 -20.53 -69.01
C CYS H 74 7.43 -20.41 -70.15
N HIS H 75 6.71 -21.49 -70.41
CA HIS H 75 5.70 -21.50 -71.46
C HIS H 75 4.63 -20.45 -71.20
N LEU H 76 4.61 -19.92 -69.99
CA LEU H 76 3.63 -18.92 -69.59
C LEU H 76 3.93 -17.54 -70.17
N ASP H 77 5.19 -17.11 -70.05
CA ASP H 77 5.59 -15.80 -70.56
C ASP H 77 5.38 -15.62 -72.05
N ASN H 78 5.56 -16.68 -72.84
CA ASN H 78 5.37 -16.57 -74.28
C ASN H 78 3.96 -16.05 -74.56
N LEU H 79 3.09 -16.21 -73.57
CA LEU H 79 1.70 -15.76 -73.67
C LEU H 79 1.55 -14.44 -72.93
N LEU H 80 2.50 -14.15 -72.06
CA LEU H 80 2.49 -12.92 -71.27
C LEU H 80 3.37 -11.82 -71.85
N ARG H 81 4.67 -12.08 -71.91
CA ARG H 81 5.62 -11.10 -72.44
C ARG H 81 5.16 -10.49 -73.75
N PRO H 82 4.95 -11.31 -74.80
CA PRO H 82 4.51 -10.75 -76.08
C PRO H 82 3.08 -10.19 -75.99
N LEU H 83 2.62 -9.97 -74.77
CA LEU H 83 1.28 -9.45 -74.53
C LEU H 83 1.32 -8.28 -73.54
N LEU H 84 2.30 -8.33 -72.64
CA LEU H 84 2.46 -7.29 -71.62
C LEU H 84 3.27 -6.10 -72.14
N LYS H 85 4.08 -6.32 -73.17
CA LYS H 85 4.90 -5.25 -73.72
C LYS H 85 4.12 -4.41 -74.72
N ASP H 86 2.95 -4.88 -75.13
CA ASP H 86 2.11 -4.16 -76.07
C ASP H 86 0.79 -4.88 -76.28
N ALA H 87 0.03 -4.45 -77.28
CA ALA H 87 -1.25 -5.06 -77.60
C ALA H 87 -1.23 -5.65 -79.00
N ALA H 88 -0.18 -6.41 -79.30
CA ALA H 88 -0.03 -7.04 -80.61
C ALA H 88 -0.02 -8.55 -80.48
N HIS H 89 -0.49 -9.05 -79.34
CA HIS H 89 -0.53 -10.48 -79.09
C HIS H 89 -1.73 -11.09 -79.82
N PRO H 90 -1.55 -12.27 -80.44
CA PRO H 90 -2.64 -12.92 -81.17
C PRO H 90 -3.93 -13.04 -80.34
N SER H 91 -5.07 -13.00 -81.02
CA SER H 91 -6.35 -13.11 -80.35
C SER H 91 -6.53 -14.42 -79.60
N GLU H 92 -5.47 -15.22 -79.56
CA GLU H 92 -5.51 -16.50 -78.86
C GLU H 92 -5.20 -16.26 -77.39
N ALA H 93 -5.97 -15.37 -76.77
CA ALA H 93 -5.80 -15.03 -75.37
C ALA H 93 -6.94 -14.12 -74.91
N THR H 94 -7.97 -14.72 -74.34
CA THR H 94 -9.12 -13.96 -73.86
C THR H 94 -8.70 -12.96 -72.78
N PHE H 95 -7.94 -13.45 -71.81
CA PHE H 95 -7.46 -12.62 -70.70
C PHE H 95 -8.60 -11.90 -70.00
N SER H 96 -9.80 -12.44 -70.11
CA SER H 96 -10.98 -11.85 -69.47
C SER H 96 -10.96 -12.05 -67.97
N CYS H 97 -10.35 -11.10 -67.26
CA CYS H 97 -10.25 -11.15 -65.81
C CYS H 97 -11.52 -10.66 -65.13
N ASP H 98 -11.82 -11.24 -63.97
CA ASP H 98 -13.00 -10.87 -63.19
C ASP H 98 -12.61 -10.79 -61.71
N CYS H 99 -13.43 -10.12 -60.91
CA CYS H 99 -13.14 -9.97 -59.49
C CYS H 99 -14.30 -9.46 -58.64
N VAL H 100 -14.34 -9.95 -57.40
CA VAL H 100 -15.35 -9.57 -56.42
C VAL H 100 -15.05 -10.28 -55.10
N ALA H 101 -15.66 -9.80 -54.02
CA ALA H 101 -15.46 -10.39 -52.70
C ALA H 101 -14.09 -10.07 -52.09
N ASP H 102 -13.63 -8.84 -52.29
CA ASP H 102 -12.34 -8.38 -51.76
C ASP H 102 -11.12 -8.95 -52.49
N ALA H 103 -11.34 -9.91 -53.38
CA ALA H 103 -10.24 -10.52 -54.12
C ALA H 103 -10.36 -10.34 -55.63
N LEU H 104 -9.25 -10.55 -56.34
CA LEU H 104 -9.23 -10.42 -57.79
C LEU H 104 -8.53 -11.60 -58.45
N ILE H 105 -9.22 -12.24 -59.39
CA ILE H 105 -8.66 -13.38 -60.11
C ILE H 105 -8.39 -12.97 -61.55
N LEU H 106 -7.18 -13.26 -62.03
CA LEU H 106 -6.80 -12.91 -63.38
C LEU H 106 -7.01 -14.09 -64.33
N ARG H 107 -8.21 -14.19 -64.89
CA ARG H 107 -8.56 -15.27 -65.80
C ARG H 107 -7.75 -15.15 -67.08
N VAL H 108 -6.76 -16.03 -67.23
CA VAL H 108 -5.89 -16.03 -68.41
C VAL H 108 -6.18 -17.14 -69.39
N ARG H 109 -6.55 -16.77 -70.60
CA ARG H 109 -6.84 -17.73 -71.67
C ARG H 109 -5.75 -17.60 -72.73
N SER H 110 -5.39 -18.72 -73.35
CA SER H 110 -4.36 -18.72 -74.37
C SER H 110 -4.21 -20.12 -74.97
N GLU H 111 -3.14 -20.34 -75.73
CA GLU H 111 -2.89 -21.64 -76.34
C GLU H 111 -1.41 -21.90 -76.60
N LEU H 112 -1.07 -23.17 -76.76
CA LEU H 112 0.30 -23.60 -77.04
C LEU H 112 0.24 -24.74 -78.04
N SER H 113 0.94 -24.59 -79.16
CA SER H 113 0.94 -25.61 -80.20
C SER H 113 -0.47 -25.88 -80.69
N GLY H 114 -1.40 -24.99 -80.33
CA GLY H 114 -2.78 -25.14 -80.74
C GLY H 114 -3.65 -25.69 -79.63
N LEU H 115 -3.04 -26.42 -78.70
CA LEU H 115 -3.77 -27.01 -77.58
C LEU H 115 -4.14 -25.94 -76.57
N PRO H 116 -5.45 -25.80 -76.27
CA PRO H 116 -5.97 -24.80 -75.32
C PRO H 116 -5.17 -24.75 -74.01
N PHE H 117 -4.79 -23.54 -73.62
CA PHE H 117 -4.03 -23.33 -72.39
C PHE H 117 -4.83 -22.44 -71.44
N TYR H 118 -5.13 -22.96 -70.26
CA TYR H 118 -5.89 -22.21 -69.26
C TYR H 118 -5.04 -21.95 -68.03
N TRP H 119 -5.39 -20.91 -67.27
CA TRP H 119 -4.67 -20.54 -66.06
C TRP H 119 -5.17 -19.20 -65.51
N ASN H 120 -5.19 -19.08 -64.19
CA ASN H 120 -5.65 -17.86 -63.53
C ASN H 120 -4.65 -17.35 -62.48
N PHE H 121 -4.80 -16.09 -62.09
CA PHE H 121 -3.94 -15.47 -61.09
C PHE H 121 -4.78 -15.07 -59.88
N HIS H 122 -4.87 -15.96 -58.89
CA HIS H 122 -5.64 -15.67 -57.69
C HIS H 122 -5.00 -14.55 -56.88
N CYS H 123 -5.34 -13.31 -57.23
CA CYS H 123 -4.82 -12.14 -56.54
C CYS H 123 -5.73 -11.68 -55.42
N MET H 124 -5.19 -10.84 -54.54
CA MET H 124 -5.95 -10.31 -53.41
C MET H 124 -5.39 -8.94 -53.05
N LEU H 125 -6.28 -7.96 -52.88
CA LEU H 125 -5.89 -6.60 -52.53
C LEU H 125 -4.51 -6.54 -51.89
N ALA H 126 -3.59 -5.85 -52.56
CA ALA H 126 -2.22 -5.73 -52.07
C ALA H 126 -2.17 -5.17 -50.65
N SER H 127 -1.15 -5.58 -49.91
CA SER H 127 -0.95 -5.14 -48.54
C SER H 127 -0.33 -3.74 -48.51
N PRO H 128 -0.47 -3.03 -47.38
CA PRO H 128 0.08 -1.67 -47.22
C PRO H 128 1.52 -1.52 -47.69
N SER H 129 2.41 -2.34 -47.13
CA SER H 129 3.83 -2.29 -47.47
C SER H 129 4.11 -2.14 -48.97
N LEU H 130 3.26 -2.76 -49.79
CA LEU H 130 3.45 -2.68 -51.24
C LEU H 130 2.73 -1.50 -51.90
N VAL H 131 1.50 -1.24 -51.48
CA VAL H 131 0.72 -0.14 -52.03
C VAL H 131 1.59 1.10 -52.23
N SER H 132 2.64 1.21 -51.43
CA SER H 132 3.55 2.33 -51.51
C SER H 132 4.89 1.95 -52.16
N GLN H 133 5.45 0.83 -51.70
CA GLN H 133 6.73 0.35 -52.21
C GLN H 133 6.81 0.30 -53.74
N HIS H 134 5.67 0.11 -54.39
CA HIS H 134 5.65 0.06 -55.84
C HIS H 134 4.98 1.28 -56.47
N LEU H 135 4.40 2.12 -55.61
CA LEU H 135 3.74 3.34 -56.08
C LEU H 135 4.13 4.56 -55.24
N ILE H 136 3.41 4.78 -54.14
CA ILE H 136 3.68 5.92 -53.26
C ILE H 136 5.17 6.23 -53.14
N ARG H 137 5.94 5.22 -52.71
CA ARG H 137 7.38 5.39 -52.53
C ARG H 137 8.13 5.82 -53.79
N PRO H 138 8.13 4.97 -54.84
CA PRO H 138 8.84 5.33 -56.06
C PRO H 138 8.20 6.48 -56.84
N LEU H 139 6.87 6.52 -56.85
CA LEU H 139 6.14 7.56 -57.55
C LEU H 139 6.53 8.96 -57.07
N MET H 140 6.71 9.10 -55.76
CA MET H 140 7.07 10.38 -55.19
C MET H 140 8.49 10.76 -55.60
N GLY H 141 9.37 9.77 -55.69
CA GLY H 141 10.74 10.02 -56.08
C GLY H 141 10.78 10.66 -57.44
N MET H 142 9.93 10.18 -58.35
CA MET H 142 9.86 10.71 -59.70
C MET H 142 9.58 12.21 -59.63
N SER H 143 8.62 12.58 -58.80
CA SER H 143 8.25 13.98 -58.62
C SER H 143 9.43 14.81 -58.14
N LEU H 144 9.93 14.48 -56.95
CA LEU H 144 11.07 15.19 -56.38
C LEU H 144 12.25 15.21 -57.34
N ALA H 145 12.43 14.12 -58.08
CA ALA H 145 13.51 14.01 -59.03
C ALA H 145 13.23 14.79 -60.31
N LEU H 146 12.04 14.60 -60.87
CA LEU H 146 11.65 15.28 -62.09
C LEU H 146 11.68 16.79 -61.91
N GLN H 147 11.25 17.26 -60.74
CA GLN H 147 11.25 18.68 -60.44
C GLN H 147 12.64 19.25 -60.63
N CYS H 148 13.64 18.48 -60.22
CA CYS H 148 15.04 18.91 -60.33
C CYS H 148 15.38 19.19 -61.79
N GLN H 149 14.75 18.47 -62.72
CA GLN H 149 15.01 18.69 -64.14
C GLN H 149 14.56 20.09 -64.52
N VAL H 150 13.30 20.42 -64.19
CA VAL H 150 12.75 21.73 -64.48
C VAL H 150 13.59 22.82 -63.82
N ARG H 151 13.83 22.65 -62.52
CA ARG H 151 14.62 23.62 -61.76
C ARG H 151 16.02 23.77 -62.37
N GLU H 152 16.55 22.69 -62.93
CA GLU H 152 17.87 22.71 -63.53
C GLU H 152 17.82 23.21 -64.98
N LEU H 153 16.73 22.88 -65.68
CA LEU H 153 16.58 23.31 -67.06
C LEU H 153 16.28 24.80 -67.09
N ALA H 154 15.48 25.26 -66.13
CA ALA H 154 15.11 26.66 -66.03
C ALA H 154 16.34 27.52 -65.78
N THR H 155 17.31 26.98 -65.05
CA THR H 155 18.52 27.72 -64.75
C THR H 155 19.39 27.83 -66.00
N LEU H 156 19.43 26.77 -66.79
CA LEU H 156 20.20 26.77 -68.02
C LEU H 156 19.38 27.43 -69.12
N LEU H 157 18.09 27.60 -68.87
CA LEU H 157 17.21 28.24 -69.82
C LEU H 157 17.36 29.74 -69.58
N HIS H 158 17.67 30.07 -68.33
CA HIS H 158 17.87 31.46 -67.92
C HIS H 158 19.31 31.85 -68.27
N MET H 159 20.21 30.87 -68.16
CA MET H 159 21.62 31.09 -68.47
C MET H 159 21.75 31.57 -69.91
N LYS H 160 20.82 31.14 -70.76
CA LYS H 160 20.81 31.51 -72.17
C LYS H 160 20.37 32.95 -72.34
N ASP H 161 19.44 33.40 -71.48
CA ASP H 161 18.95 34.77 -71.54
C ASP H 161 20.11 35.74 -71.45
N LEU H 162 21.05 35.44 -70.55
CA LEU H 162 22.23 36.28 -70.35
C LEU H 162 22.95 36.45 -71.68
N GLU H 163 23.24 35.33 -72.33
CA GLU H 163 23.93 35.31 -73.60
C GLU H 163 23.26 36.12 -74.70
N ILE H 164 22.01 35.79 -75.01
CA ILE H 164 21.29 36.49 -76.06
C ILE H 164 21.09 37.97 -75.76
N GLN H 165 20.85 38.31 -74.49
CA GLN H 165 20.64 39.69 -74.09
C GLN H 165 21.95 40.48 -74.13
N ASP H 166 23.05 39.81 -73.81
CA ASP H 166 24.36 40.46 -73.82
C ASP H 166 24.64 41.09 -75.18
N TYR H 167 24.25 40.37 -76.23
CA TYR H 167 24.45 40.83 -77.59
C TYR H 167 23.84 42.20 -77.85
N GLN H 168 22.53 42.30 -77.69
CA GLN H 168 21.80 43.53 -77.91
C GLN H 168 22.21 44.70 -77.01
N GLU H 169 22.24 44.47 -75.71
CA GLU H 169 22.61 45.52 -74.75
C GLU H 169 23.97 46.15 -75.04
N SER H 170 24.93 45.32 -75.44
CA SER H 170 26.28 45.81 -75.73
C SER H 170 26.55 45.86 -77.23
N GLY H 171 26.94 44.72 -77.79
CA GLY H 171 27.24 44.67 -79.22
C GLY H 171 26.19 45.37 -80.05
N ALA H 172 24.92 45.19 -79.67
CA ALA H 172 23.81 45.80 -80.39
C ALA H 172 23.79 45.39 -81.85
N THR H 173 22.98 44.38 -82.17
CA THR H 173 22.87 43.89 -83.54
C THR H 173 21.48 43.31 -83.78
N LEU H 174 21.19 43.01 -85.04
CA LEU H 174 19.89 42.46 -85.40
C LEU H 174 20.02 40.96 -85.68
N ILE H 175 18.93 40.33 -86.08
CA ILE H 175 18.92 38.90 -86.38
C ILE H 175 17.89 38.53 -87.44
N ARG H 176 17.03 37.57 -87.13
CA ARG H 176 16.00 37.11 -88.07
C ARG H 176 14.63 37.65 -87.66
N ASP H 177 14.57 38.27 -86.48
CA ASP H 177 13.33 38.83 -85.96
C ASP H 177 12.29 37.76 -85.64
N ARG H 178 12.25 36.71 -86.45
CA ARG H 178 11.30 35.62 -86.23
C ARG H 178 11.56 35.00 -84.86
N LEU H 179 12.81 34.62 -84.62
CA LEU H 179 13.22 34.03 -83.37
C LEU H 179 13.38 35.10 -82.30
N LYS H 180 12.34 35.90 -82.12
CA LYS H 180 12.34 36.99 -81.14
C LYS H 180 12.05 36.39 -79.76
N THR H 181 12.78 35.34 -79.42
CA THR H 181 12.62 34.65 -78.14
C THR H 181 12.40 35.60 -76.97
N GLU H 182 11.29 35.40 -76.26
CA GLU H 182 10.94 36.23 -75.11
C GLU H 182 11.78 35.77 -73.93
N PRO H 183 12.18 36.70 -73.05
CA PRO H 183 12.98 36.32 -71.88
C PRO H 183 12.31 35.24 -71.04
N PHE H 184 13.06 34.60 -70.17
CA PHE H 184 12.52 33.53 -69.33
C PHE H 184 12.25 33.97 -67.90
N GLU H 185 11.30 33.29 -67.27
CA GLU H 185 10.89 33.55 -65.88
C GLU H 185 10.06 32.37 -65.43
N GLU H 186 10.58 31.59 -64.50
CA GLU H 186 9.89 30.41 -64.00
C GLU H 186 8.44 30.71 -63.60
N ASN H 187 8.19 31.92 -63.12
CA ASN H 187 6.84 32.31 -62.72
C ASN H 187 5.95 32.48 -63.94
N SER H 188 6.27 33.47 -64.77
CA SER H 188 5.52 33.74 -65.98
C SER H 188 5.24 32.46 -66.76
N PHE H 189 6.16 31.51 -66.65
CA PHE H 189 6.03 30.23 -67.34
C PHE H 189 5.01 29.34 -66.63
N LEU H 190 5.29 29.02 -65.37
CA LEU H 190 4.42 28.17 -64.57
C LEU H 190 2.94 28.54 -64.72
N GLU H 191 2.61 29.81 -64.50
CA GLU H 191 1.24 30.27 -64.60
C GLU H 191 0.62 29.89 -65.94
N GLN H 192 1.30 30.23 -67.04
CA GLN H 192 0.80 29.89 -68.37
C GLN H 192 0.64 28.37 -68.47
N PHE H 193 1.56 27.66 -67.86
CA PHE H 193 1.54 26.20 -67.86
C PHE H 193 0.31 25.68 -67.11
N MET H 194 0.10 26.20 -65.91
CA MET H 194 -1.02 25.80 -65.07
C MET H 194 -2.41 26.11 -65.64
N ILE H 195 -2.64 27.36 -66.00
CA ILE H 195 -3.93 27.77 -66.53
C ILE H 195 -4.18 27.39 -67.99
N GLU H 196 -3.18 26.81 -68.65
CA GLU H 196 -3.35 26.43 -70.05
C GLU H 196 -2.96 25.01 -70.45
N LYS H 197 -1.86 24.50 -69.90
CA LYS H 197 -1.41 23.15 -70.27
C LYS H 197 -1.41 22.11 -69.16
N LEU H 198 -1.27 22.54 -67.92
CA LEU H 198 -1.24 21.62 -66.78
C LEU H 198 -2.30 20.53 -66.84
N PRO H 199 -3.58 20.92 -67.00
CA PRO H 199 -4.67 19.93 -67.06
C PRO H 199 -4.42 18.80 -68.06
N GLU H 200 -4.29 19.17 -69.33
CA GLU H 200 -4.07 18.20 -70.39
C GLU H 200 -2.79 17.38 -70.17
N ALA H 201 -2.08 17.70 -69.09
CA ALA H 201 -0.84 17.00 -68.75
C ALA H 201 -1.04 16.03 -67.60
N CYS H 202 -1.45 16.56 -66.45
CA CYS H 202 -1.68 15.74 -65.26
C CYS H 202 -2.98 14.96 -65.38
N SER H 203 -3.13 14.21 -66.46
CA SER H 203 -4.33 13.41 -66.69
C SER H 203 -4.09 11.95 -66.34
N ILE H 204 -4.37 11.59 -65.09
CA ILE H 204 -4.18 10.21 -64.65
C ILE H 204 -4.83 9.29 -65.66
N GLY H 205 -6.10 9.56 -65.95
CA GLY H 205 -6.84 8.75 -66.90
C GLY H 205 -6.82 7.29 -66.52
N ASP H 206 -7.18 6.44 -67.47
CA ASP H 206 -7.19 5.00 -67.24
C ASP H 206 -5.87 4.62 -66.61
N GLY H 207 -4.79 5.19 -67.15
CA GLY H 207 -3.46 4.91 -66.65
C GLY H 207 -2.47 4.73 -67.77
N LYS H 208 -2.98 4.58 -68.99
CA LYS H 208 -2.15 4.38 -70.17
C LYS H 208 -0.97 5.35 -70.25
N PRO H 209 -1.23 6.66 -70.09
CA PRO H 209 -0.14 7.64 -70.15
C PRO H 209 0.99 7.37 -69.16
N PHE H 210 0.64 6.94 -67.96
CA PHE H 210 1.62 6.64 -66.92
C PHE H 210 2.78 5.80 -67.45
N VAL H 211 2.49 4.94 -68.41
CA VAL H 211 3.51 4.06 -68.99
C VAL H 211 3.95 4.45 -70.40
N MET H 212 3.00 4.53 -71.32
CA MET H 212 3.29 4.86 -72.71
C MET H 212 4.22 6.06 -72.88
N ASN H 213 4.34 6.89 -71.85
CA ASN H 213 5.21 8.06 -71.93
C ASN H 213 5.81 8.47 -70.58
N LEU H 214 6.18 7.48 -69.77
CA LEU H 214 6.77 7.77 -68.46
C LEU H 214 7.36 6.53 -67.79
N GLN H 215 6.73 5.38 -68.00
CA GLN H 215 7.19 4.12 -67.41
C GLN H 215 8.72 4.00 -67.42
N ASP H 216 9.33 4.53 -68.45
CA ASP H 216 10.79 4.47 -68.59
C ASP H 216 11.51 4.93 -67.33
N LEU H 217 11.40 6.22 -67.03
CA LEU H 217 12.03 6.80 -65.85
C LEU H 217 11.84 5.91 -64.62
N TYR H 218 10.59 5.50 -64.39
CA TYR H 218 10.24 4.66 -63.25
C TYR H 218 11.32 3.66 -62.88
N MET H 219 11.66 2.77 -63.80
CA MET H 219 12.68 1.75 -63.57
C MET H 219 13.96 2.37 -63.00
N ALA H 220 14.43 3.43 -63.65
CA ALA H 220 15.64 4.11 -63.22
C ALA H 220 15.48 4.68 -61.82
N VAL H 221 14.26 5.07 -61.47
CA VAL H 221 13.96 5.63 -60.17
C VAL H 221 14.06 4.59 -59.05
N THR H 222 13.37 3.47 -59.23
CA THR H 222 13.38 2.40 -58.24
C THR H 222 14.75 1.73 -58.15
N THR H 223 15.41 1.59 -59.30
CA THR H 223 16.72 0.95 -59.37
C THR H 223 17.75 1.71 -58.53
N GLN H 224 17.67 3.04 -58.56
CA GLN H 224 18.59 3.89 -57.82
C GLN H 224 18.35 3.80 -56.32
N HIS H 225 17.17 3.31 -55.93
CA HIS H 225 16.82 3.19 -54.52
C HIS H 225 17.40 1.98 -53.80
N HIS H 226 17.21 0.80 -54.35
CA HIS H 226 17.72 -0.42 -53.74
C HIS H 226 19.17 -0.73 -54.09
N HIS H 227 19.37 -1.42 -55.20
CA HIS H 227 20.73 -1.77 -55.65
C HIS H 227 21.69 -0.59 -55.49
N MET I 1 37.47 0.09 75.05
CA MET I 1 36.02 0.05 74.72
C MET I 1 35.74 0.82 73.43
N GLU I 2 35.62 2.14 73.56
CA GLU I 2 35.35 3.01 72.41
C GLU I 2 34.01 2.69 71.75
N ARG I 3 33.21 3.73 71.52
CA ARG I 3 31.91 3.56 70.88
C ARG I 3 31.66 4.71 69.90
N LYS I 4 30.99 4.41 68.79
CA LYS I 4 30.70 5.42 67.78
C LYS I 4 29.19 5.45 67.50
N ILE I 5 28.53 6.52 67.94
CA ILE I 5 27.10 6.66 67.73
C ILE I 5 26.84 7.04 66.28
N SER I 6 25.61 6.84 65.82
CA SER I 6 25.25 7.17 64.45
C SER I 6 23.74 7.29 64.27
N ARG I 7 23.34 8.04 63.25
CA ARG I 7 21.92 8.24 62.96
C ARG I 7 21.54 7.60 61.64
N ILE I 8 20.37 6.96 61.62
CA ILE I 8 19.88 6.29 60.43
C ILE I 8 18.39 6.49 60.25
N HIS I 9 17.99 6.99 59.08
CA HIS I 9 16.59 7.21 58.77
C HIS I 9 15.79 5.93 58.98
N LEU I 10 16.49 4.81 58.99
CA LEU I 10 15.88 3.49 59.17
C LEU I 10 14.85 3.23 58.07
N VAL I 11 15.10 2.18 57.29
CA VAL I 11 14.22 1.82 56.19
C VAL I 11 12.80 1.47 56.65
N SER I 12 12.70 0.75 57.77
CA SER I 12 11.41 0.34 58.30
C SER I 12 10.57 1.52 58.78
N GLU I 13 11.06 2.73 58.55
CA GLU I 13 10.35 3.94 58.96
C GLU I 13 11.04 5.21 58.46
N PRO I 14 10.90 5.51 57.16
CA PRO I 14 11.50 6.70 56.53
C PRO I 14 10.97 8.02 57.07
N SER I 15 10.81 8.10 58.40
CA SER I 15 10.30 9.31 59.03
C SER I 15 10.84 9.45 60.45
N ILE I 16 10.59 8.45 61.29
CA ILE I 16 11.05 8.46 62.67
C ILE I 16 12.52 8.07 62.74
N THR I 17 13.41 9.06 62.77
CA THR I 17 14.84 8.81 62.84
C THR I 17 15.20 7.95 64.04
N HIS I 18 16.30 7.20 63.91
CA HIS I 18 16.77 6.32 64.98
C HIS I 18 18.27 6.49 65.20
N PHE I 19 18.70 6.31 66.44
CA PHE I 19 20.11 6.45 66.80
C PHE I 19 20.68 5.13 67.31
N LEU I 20 21.79 4.71 66.72
CA LEU I 20 22.45 3.47 67.10
C LEU I 20 23.92 3.69 67.40
N GLN I 21 24.43 3.02 68.43
CA GLN I 21 25.83 3.13 68.80
C GLN I 21 26.44 1.73 68.94
N VAL I 22 27.74 1.63 68.73
CA VAL I 22 28.42 0.34 68.83
C VAL I 22 29.62 0.46 69.77
N SER I 23 29.72 -0.48 70.70
CA SER I 23 30.83 -0.48 71.65
C SER I 23 31.60 -1.80 71.57
N TRP I 24 32.86 -1.70 71.15
CA TRP I 24 33.71 -2.88 71.02
C TRP I 24 34.84 -2.86 72.05
N GLU I 25 35.95 -3.51 71.73
CA GLU I 25 37.09 -3.56 72.63
C GLU I 25 38.26 -2.78 72.04
N LYS I 26 39.29 -3.50 71.61
CA LYS I 26 40.47 -2.85 71.03
C LYS I 26 40.38 -2.93 69.51
N THR I 27 39.82 -4.04 69.02
CA THR I 27 39.66 -4.23 67.58
C THR I 27 38.16 -4.33 67.28
N LEU I 28 37.76 -3.85 66.10
CA LEU I 28 36.36 -3.89 65.72
C LEU I 28 36.01 -5.19 65.03
N GLU I 29 36.91 -5.70 64.21
CA GLU I 29 36.67 -6.96 63.50
C GLU I 29 36.75 -8.11 64.50
N SER I 30 36.84 -7.77 65.78
CA SER I 30 36.91 -8.77 66.84
C SER I 30 35.73 -8.64 67.79
N GLY I 31 34.53 -8.55 67.22
CA GLY I 31 33.32 -8.44 68.02
C GLY I 31 33.02 -7.03 68.51
N PHE I 32 31.76 -6.82 68.88
CA PHE I 32 31.29 -5.53 69.38
C PHE I 32 29.82 -5.61 69.77
N VAL I 33 29.35 -4.63 70.52
CA VAL I 33 27.96 -4.60 70.96
C VAL I 33 27.22 -3.41 70.36
N ILE I 34 26.08 -3.70 69.72
CA ILE I 34 25.27 -2.66 69.08
C ILE I 34 24.03 -2.35 69.92
N THR I 35 23.50 -1.15 69.75
CA THR I 35 22.31 -0.72 70.48
C THR I 35 21.59 0.39 69.71
N LEU I 36 20.34 0.12 69.33
CA LEU I 36 19.54 1.09 68.59
C LEU I 36 18.47 1.71 69.48
N THR I 37 17.88 2.81 69.03
CA THR I 37 16.84 3.50 69.78
C THR I 37 16.18 4.58 68.95
N ASP I 38 15.11 5.17 69.49
CA ASP I 38 14.38 6.23 68.82
C ASP I 38 14.09 7.37 69.81
N GLY I 39 14.39 7.13 71.07
CA GLY I 39 14.15 8.15 72.09
C GLY I 39 13.32 7.65 73.25
N HIS I 40 12.54 6.60 73.03
CA HIS I 40 11.69 6.03 74.07
C HIS I 40 12.13 4.62 74.42
N SER I 41 12.26 3.78 73.39
CA SER I 41 12.66 2.40 73.58
C SER I 41 14.08 2.14 73.08
N ALA I 42 14.79 1.25 73.77
CA ALA I 42 16.15 0.90 73.42
C ALA I 42 16.25 -0.58 73.05
N TRP I 43 17.29 -0.93 72.30
CA TRP I 43 17.50 -2.31 71.87
C TRP I 43 19.00 -2.62 71.86
N THR I 44 19.37 -3.77 72.42
CA THR I 44 20.78 -4.16 72.47
C THR I 44 21.02 -5.57 71.92
N GLY I 45 22.24 -5.78 71.42
CA GLY I 45 22.61 -7.08 70.87
C GLY I 45 24.12 -7.28 70.95
N THR I 46 24.53 -8.53 71.15
CA THR I 46 25.96 -8.84 71.25
C THR I 46 26.49 -9.56 70.02
N VAL I 47 27.63 -9.11 69.51
CA VAL I 47 28.25 -9.70 68.34
C VAL I 47 29.74 -9.96 68.60
N SER I 48 30.09 -11.20 68.91
CA SER I 48 31.48 -11.56 69.17
C SER I 48 32.09 -12.24 67.95
N GLU I 49 33.34 -12.68 68.09
CA GLU I 49 34.03 -13.34 66.99
C GLU I 49 33.38 -14.69 66.68
N SER I 50 32.67 -15.23 67.65
CA SER I 50 31.99 -16.51 67.48
C SER I 50 30.89 -16.35 66.45
N GLU I 51 30.77 -15.12 65.92
CA GLU I 51 29.77 -14.80 64.93
C GLU I 51 30.38 -13.91 63.85
N ILE I 52 31.32 -13.06 64.27
CA ILE I 52 31.98 -12.15 63.33
C ILE I 52 32.91 -12.94 62.42
N SER I 53 33.45 -14.05 62.91
CA SER I 53 34.33 -14.90 62.13
C SER I 53 33.45 -15.65 61.14
N GLN I 54 32.17 -15.77 61.49
CA GLN I 54 31.20 -16.46 60.66
C GLN I 54 30.67 -15.50 59.60
N GLU I 55 30.09 -14.39 60.06
CA GLU I 55 29.54 -13.37 59.17
C GLU I 55 30.39 -13.14 57.92
N ALA I 56 31.63 -12.72 58.14
CA ALA I 56 32.55 -12.45 57.04
C ALA I 56 32.65 -13.60 56.03
N ASP I 57 33.41 -14.63 56.40
CA ASP I 57 33.62 -15.79 55.55
C ASP I 57 32.34 -16.53 55.17
N ASP I 58 31.20 -16.03 55.63
CA ASP I 58 29.93 -16.67 55.32
C ASP I 58 29.44 -16.33 53.92
N MET I 59 29.26 -15.05 53.64
CA MET I 59 28.81 -14.61 52.32
C MET I 59 29.92 -14.72 51.29
N ALA I 60 30.83 -15.67 51.49
CA ALA I 60 31.95 -15.88 50.59
C ALA I 60 32.73 -14.59 50.34
N MET I 61 33.52 -14.19 51.32
CA MET I 61 34.33 -12.98 51.21
C MET I 61 35.48 -13.01 52.20
N GLU I 62 36.47 -12.14 51.99
CA GLU I 62 37.64 -12.07 52.86
C GLU I 62 37.27 -11.45 54.21
N LYS I 63 37.68 -12.11 55.29
CA LYS I 63 37.40 -11.66 56.64
C LYS I 63 37.76 -10.19 56.86
N GLY I 64 38.96 -9.80 56.45
CA GLY I 64 39.39 -8.42 56.63
C GLY I 64 38.67 -7.44 55.72
N LYS I 65 38.38 -7.86 54.50
CA LYS I 65 37.70 -7.02 53.53
C LYS I 65 36.22 -6.87 53.84
N TYR I 66 35.65 -7.87 54.52
CA TYR I 66 34.24 -7.85 54.88
C TYR I 66 33.93 -6.69 55.81
N VAL I 67 34.43 -6.77 57.03
CA VAL I 67 34.21 -5.74 58.05
C VAL I 67 34.26 -4.33 57.47
N GLY I 68 35.19 -4.10 56.55
CA GLY I 68 35.33 -2.79 55.94
C GLY I 68 34.01 -2.21 55.45
N GLU I 69 33.10 -3.07 55.00
CA GLU I 69 31.81 -2.61 54.50
C GLU I 69 30.90 -2.05 55.59
N LEU I 70 30.93 -2.64 56.77
CA LEU I 70 30.11 -2.16 57.88
C LEU I 70 30.81 -1.02 58.61
N ARG I 71 32.13 -0.94 58.46
CA ARG I 71 32.91 0.11 59.09
C ARG I 71 32.40 1.46 58.58
N LYS I 72 32.08 1.50 57.30
CA LYS I 72 31.58 2.71 56.66
C LYS I 72 30.05 2.70 56.59
N ALA I 73 29.45 1.62 57.05
CA ALA I 73 27.99 1.48 57.04
C ALA I 73 27.38 1.77 58.41
N LEU I 74 27.62 0.88 59.36
CA LEU I 74 27.09 1.01 60.71
C LEU I 74 27.49 2.34 61.35
N LEU I 75 28.79 2.50 61.61
CA LEU I 75 29.31 3.70 62.23
C LEU I 75 29.16 4.91 61.31
N SER I 76 28.44 4.72 60.21
CA SER I 76 28.21 5.78 59.23
C SER I 76 29.52 6.28 58.64
N GLY I 77 29.43 7.24 57.73
CA GLY I 77 30.62 7.77 57.09
C GLY I 77 31.05 6.92 55.91
N ALA I 78 30.08 6.44 55.14
CA ALA I 78 30.35 5.61 53.98
C ALA I 78 31.01 6.42 52.86
N GLY I 79 31.33 5.75 51.76
CA GLY I 79 31.95 6.42 50.64
C GLY I 79 31.00 7.38 49.95
N PRO I 80 31.30 7.74 48.68
CA PRO I 80 30.46 8.66 47.92
C PRO I 80 29.15 8.05 47.41
N ALA I 81 29.12 6.72 47.34
CA ALA I 81 27.92 6.03 46.86
C ALA I 81 27.73 4.65 47.49
N ASP I 82 27.96 4.55 48.79
CA ASP I 82 27.81 3.28 49.50
C ASP I 82 26.43 3.20 50.16
N VAL I 83 25.48 3.97 49.63
CA VAL I 83 24.12 4.01 50.16
C VAL I 83 23.66 2.68 50.75
N TYR I 84 23.53 2.64 52.07
CA TYR I 84 23.09 1.43 52.76
C TYR I 84 21.63 1.55 53.16
N THR I 85 21.09 0.49 53.76
CA THR I 85 19.71 0.47 54.20
C THR I 85 19.49 -0.47 55.38
N PHE I 86 19.21 0.12 56.53
CA PHE I 86 18.98 -0.65 57.75
C PHE I 86 17.49 -0.98 57.87
N ASN I 87 17.16 -2.27 57.88
CA ASN I 87 15.77 -2.68 57.99
C ASN I 87 15.57 -3.53 59.24
N PHE I 88 14.65 -3.10 60.11
CA PHE I 88 14.38 -3.79 61.36
C PHE I 88 12.88 -3.83 61.66
N SER I 89 12.36 -5.02 61.99
CA SER I 89 10.95 -5.18 62.31
C SER I 89 10.78 -5.42 63.80
N LYS I 90 10.25 -4.42 64.49
CA LYS I 90 10.02 -4.50 65.93
C LYS I 90 9.13 -5.69 66.30
N GLU I 91 8.31 -6.10 65.34
CA GLU I 91 7.38 -7.22 65.54
C GLU I 91 8.08 -8.57 65.47
N SER I 92 9.40 -8.57 65.57
CA SER I 92 10.17 -9.82 65.52
C SER I 92 11.58 -9.65 66.08
N CYS I 93 11.98 -8.41 66.32
CA CYS I 93 13.30 -8.12 66.85
C CYS I 93 14.38 -8.52 65.85
N TYR I 94 13.98 -8.73 64.60
CA TYR I 94 14.91 -9.12 63.54
C TYR I 94 15.43 -7.90 62.80
N PHE I 95 16.76 -7.76 62.76
CA PHE I 95 17.40 -6.63 62.10
C PHE I 95 18.44 -7.09 61.09
N PHE I 96 18.61 -6.32 60.02
CA PHE I 96 19.60 -6.64 58.99
C PHE I 96 19.87 -5.42 58.11
N PHE I 97 21.14 -5.15 57.85
CA PHE I 97 21.54 -4.03 57.02
C PHE I 97 22.15 -4.52 55.71
N GLU I 98 21.53 -4.12 54.60
CA GLU I 98 21.99 -4.52 53.28
C GLU I 98 22.56 -3.34 52.50
N LYS I 99 23.54 -3.62 51.64
CA LYS I 99 24.17 -2.58 50.84
C LYS I 99 23.39 -2.39 49.54
N ASN I 100 22.74 -1.25 49.42
CA ASN I 100 21.94 -0.93 48.24
C ASN I 100 22.84 -0.42 47.11
N LEU I 101 22.69 -1.00 45.92
CA LEU I 101 23.50 -0.61 44.78
C LEU I 101 22.68 -0.36 43.52
N LYS I 102 21.61 0.44 43.66
CA LYS I 102 20.74 0.77 42.52
C LYS I 102 20.16 -0.47 41.85
N ASP I 103 18.83 -0.57 41.87
CA ASP I 103 18.09 -1.70 41.27
C ASP I 103 18.69 -3.06 41.59
N VAL I 104 19.54 -3.11 42.62
CA VAL I 104 20.17 -4.37 43.02
C VAL I 104 20.37 -4.40 44.53
N SER I 105 19.69 -5.32 45.19
CA SER I 105 19.79 -5.46 46.65
C SER I 105 21.07 -6.20 47.00
N PHE I 106 21.36 -6.30 48.30
CA PHE I 106 22.56 -6.99 48.75
C PHE I 106 22.63 -7.03 50.28
N ARG I 107 22.09 -8.10 50.86
CA ARG I 107 22.09 -8.28 52.30
C ARG I 107 23.51 -8.39 52.83
N LEU I 108 24.14 -7.24 53.05
CA LEU I 108 25.51 -7.18 53.53
C LEU I 108 25.69 -8.02 54.79
N GLY I 109 24.98 -7.66 55.86
CA GLY I 109 25.08 -8.40 57.10
C GLY I 109 23.77 -8.45 57.85
N SER I 110 23.24 -9.66 58.05
CA SER I 110 21.98 -9.83 58.75
C SER I 110 22.21 -10.21 60.21
N PHE I 111 21.88 -9.29 61.11
CA PHE I 111 22.05 -9.51 62.55
C PHE I 111 20.89 -8.86 63.30
N ASN I 112 20.09 -9.68 63.97
CA ASN I 112 18.94 -9.17 64.72
C ASN I 112 19.37 -8.27 65.87
N LEU I 113 18.42 -7.93 66.72
CA LEU I 113 18.68 -7.07 67.87
C LEU I 113 17.56 -7.23 68.89
N GLU I 114 17.89 -7.73 70.08
CA GLU I 114 16.90 -7.93 71.12
C GLU I 114 16.67 -6.63 71.87
N LYS I 115 15.68 -6.60 72.76
CA LYS I 115 15.37 -5.40 73.51
C LYS I 115 15.98 -5.37 74.91
N VAL I 116 15.72 -4.28 75.62
CA VAL I 116 16.22 -4.09 76.97
C VAL I 116 15.06 -3.69 77.89
N GLU I 117 14.83 -4.51 78.91
CA GLU I 117 13.75 -4.25 79.86
C GLU I 117 14.05 -2.99 80.66
N ASN I 118 15.14 -2.33 80.30
CA ASN I 118 15.57 -1.12 80.99
C ASN I 118 15.85 0.03 80.03
N PRO I 119 14.80 0.78 79.65
CA PRO I 119 14.95 1.90 78.72
C PRO I 119 15.72 3.05 79.39
N ALA I 120 15.16 3.57 80.47
CA ALA I 120 15.77 4.67 81.22
C ALA I 120 17.27 4.47 81.43
N GLU I 121 17.65 3.31 81.96
CA GLU I 121 19.05 3.01 82.23
C GLU I 121 19.97 3.34 81.06
N VAL I 122 19.79 2.64 79.94
CA VAL I 122 20.61 2.85 78.76
C VAL I 122 20.33 4.16 78.02
N ILE I 123 19.07 4.50 77.85
CA ILE I 123 18.69 5.72 77.16
C ILE I 123 19.49 6.92 77.66
N ARG I 124 19.79 6.95 78.95
CA ARG I 124 20.56 8.04 79.52
C ARG I 124 22.02 7.94 79.10
N GLU I 125 22.57 6.72 79.21
CA GLU I 125 23.95 6.43 78.86
C GLU I 125 24.39 7.17 77.59
N LEU I 126 23.54 7.15 76.57
CA LEU I 126 23.84 7.81 75.31
C LEU I 126 23.62 9.32 75.40
N ILE I 127 22.41 9.71 75.79
CA ILE I 127 22.05 11.12 75.91
C ILE I 127 23.10 11.92 76.68
N CYS I 128 23.68 11.30 77.69
CA CYS I 128 24.70 11.96 78.51
C CYS I 128 26.06 11.94 77.85
N TYR I 129 26.38 10.84 77.17
CA TYR I 129 27.66 10.70 76.50
C TYR I 129 27.73 11.59 75.27
N CYS I 130 26.58 11.82 74.64
CA CYS I 130 26.51 12.66 73.45
C CYS I 130 26.93 14.09 73.81
N LEU I 131 26.47 14.56 74.95
CA LEU I 131 26.78 15.91 75.42
C LEU I 131 28.29 16.03 75.58
N ASP I 132 28.89 15.00 76.18
CA ASP I 132 30.32 14.97 76.42
C ASP I 132 31.10 15.20 75.12
N THR I 133 30.89 14.32 74.15
CA THR I 133 31.58 14.41 72.87
C THR I 133 31.40 15.75 72.17
N ILE I 134 30.16 16.25 72.17
CA ILE I 134 29.87 17.54 71.52
C ILE I 134 30.40 18.73 72.30
N ALA I 135 30.52 18.58 73.62
CA ALA I 135 31.01 19.65 74.48
C ALA I 135 32.52 19.59 74.61
N GLU I 136 33.02 18.45 75.10
CA GLU I 136 34.46 18.26 75.29
C GLU I 136 35.24 18.64 74.04
N ASN I 137 34.71 18.28 72.87
CA ASN I 137 35.36 18.59 71.61
C ASN I 137 35.68 20.08 71.49
N GLN I 138 34.75 20.91 71.96
CA GLN I 138 34.94 22.36 71.90
C GLN I 138 36.32 22.75 72.42
N ALA I 139 36.74 22.13 73.51
CA ALA I 139 38.05 22.41 74.10
C ALA I 139 39.14 22.36 73.04
N LYS I 140 39.17 21.27 72.28
CA LYS I 140 40.16 21.10 71.23
C LYS I 140 40.07 22.25 70.23
N ASN I 141 38.84 22.54 69.80
CA ASN I 141 38.61 23.63 68.85
C ASN I 141 38.99 24.95 69.48
N GLU I 142 38.95 25.02 70.81
CA GLU I 142 39.29 26.23 71.53
C GLU I 142 40.80 26.48 71.58
N HIS I 143 41.56 25.45 71.90
CA HIS I 143 43.01 25.58 71.98
C HIS I 143 43.60 26.11 70.67
N LEU I 144 43.39 25.37 69.58
CA LEU I 144 43.90 25.79 68.28
C LEU I 144 43.42 27.20 67.93
N GLN I 145 42.16 27.47 68.22
CA GLN I 145 41.58 28.78 67.95
C GLN I 145 42.41 29.88 68.60
N LYS I 146 42.75 29.68 69.87
CA LYS I 146 43.56 30.64 70.62
C LYS I 146 45.01 30.61 70.18
N GLU I 147 45.55 29.41 70.00
CA GLU I 147 46.94 29.25 69.57
C GLU I 147 47.18 29.87 68.21
N ASN I 148 46.22 29.69 67.30
CA ASN I 148 46.33 30.24 65.95
C ASN I 148 46.60 31.74 66.02
N GLU I 149 45.82 32.43 66.84
CA GLU I 149 45.94 33.87 67.00
C GLU I 149 47.36 34.28 67.40
N ARG I 150 47.75 33.96 68.63
CA ARG I 150 49.08 34.29 69.13
C ARG I 150 50.17 33.97 68.12
N LEU I 151 50.17 32.73 67.64
CA LEU I 151 51.17 32.27 66.67
C LEU I 151 51.21 33.17 65.43
N LEU I 152 50.08 33.79 65.12
CA LEU I 152 49.99 34.66 63.96
C LEU I 152 50.62 36.02 64.21
N ARG I 153 51.18 36.20 65.40
CA ARG I 153 51.81 37.47 65.77
C ARG I 153 53.32 37.37 65.91
N ASP I 154 53.80 36.37 66.64
CA ASP I 154 55.23 36.17 66.83
C ASP I 154 55.84 35.74 65.49
N TRP I 155 54.98 35.53 64.52
CA TRP I 155 55.36 35.09 63.18
C TRP I 155 55.36 36.27 62.20
N ASN I 156 55.14 37.48 62.73
CA ASN I 156 55.13 38.69 61.92
C ASN I 156 56.05 39.78 62.46
N ASP I 157 57.34 39.57 62.29
CA ASP I 157 58.35 40.54 62.76
C ASP I 157 59.62 40.44 61.92
N MET J 1 18.54 30.80 68.29
CA MET J 1 18.42 29.75 69.29
C MET J 1 19.78 29.30 69.82
N GLU J 2 20.32 30.07 70.76
CA GLU J 2 21.61 29.78 71.35
C GLU J 2 21.59 28.38 71.97
N ARG J 3 20.97 28.27 73.14
CA ARG J 3 20.84 27.00 73.87
C ARG J 3 22.13 26.54 74.55
N LYS J 4 21.99 25.58 75.45
CA LYS J 4 23.10 25.00 76.20
C LYS J 4 22.59 23.90 77.12
N ILE J 5 22.90 22.65 76.78
CA ILE J 5 22.48 21.51 77.57
C ILE J 5 23.10 21.60 78.96
N SER J 6 22.79 20.63 79.82
CA SER J 6 23.33 20.61 81.18
C SER J 6 22.92 19.34 81.92
N ARG J 7 23.87 18.70 82.59
CA ARG J 7 23.59 17.49 83.35
C ARG J 7 23.56 17.80 84.83
N ILE J 8 22.37 17.78 85.42
CA ILE J 8 22.22 18.07 86.84
C ILE J 8 21.31 17.06 87.55
N HIS J 9 21.58 16.85 88.84
CA HIS J 9 20.82 15.91 89.66
C HIS J 9 19.36 16.30 89.85
N LEU J 10 18.66 15.53 90.67
CA LEU J 10 17.26 15.75 90.99
C LEU J 10 17.06 15.46 92.47
N VAL J 11 16.10 16.14 93.10
CA VAL J 11 15.85 15.96 94.53
C VAL J 11 14.97 14.75 94.86
N SER J 12 13.80 14.65 94.23
CA SER J 12 12.90 13.53 94.49
C SER J 12 13.47 12.24 93.91
N GLU J 13 14.47 12.39 93.05
CA GLU J 13 15.12 11.25 92.42
C GLU J 13 16.63 11.35 92.58
N PRO J 14 17.21 10.54 93.49
CA PRO J 14 18.66 10.56 93.73
C PRO J 14 19.50 10.13 92.53
N SER J 15 19.52 8.82 92.28
CA SER J 15 20.28 8.27 91.17
C SER J 15 19.58 8.52 89.84
N ILE J 16 19.80 9.71 89.26
CA ILE J 16 19.19 10.06 87.98
C ILE J 16 19.77 11.39 87.49
N THR J 17 20.03 11.47 86.19
CA THR J 17 20.59 12.69 85.60
C THR J 17 19.56 13.34 84.67
N HIS J 18 19.60 14.67 84.59
CA HIS J 18 18.66 15.41 83.75
C HIS J 18 19.33 16.52 82.96
N PHE J 19 18.60 17.10 82.01
CA PHE J 19 19.14 18.15 81.17
C PHE J 19 18.17 19.31 80.95
N LEU J 20 18.69 20.43 80.46
CA LEU J 20 17.89 21.62 80.19
C LEU J 20 18.32 22.28 78.89
N GLN J 21 17.34 22.61 78.05
CA GLN J 21 17.60 23.23 76.76
C GLN J 21 17.35 24.74 76.85
N VAL J 22 18.27 25.46 77.48
CA VAL J 22 18.12 26.91 77.63
C VAL J 22 18.30 27.62 76.29
N SER J 23 17.36 27.40 75.38
CA SER J 23 17.41 28.01 74.06
C SER J 23 16.77 29.40 74.09
N TRP J 24 17.55 30.42 73.75
CA TRP J 24 17.05 31.79 73.76
C TRP J 24 17.35 32.55 72.48
N GLU J 25 17.31 33.88 72.57
CA GLU J 25 17.58 34.75 71.42
C GLU J 25 18.53 35.87 71.83
N LYS J 26 19.75 35.84 71.32
CA LYS J 26 20.75 36.85 71.63
C LYS J 26 20.81 37.06 73.14
N THR J 27 21.55 36.20 73.83
CA THR J 27 21.71 36.27 75.28
C THR J 27 20.36 36.07 75.99
N LEU J 28 20.42 35.53 77.21
CA LEU J 28 19.23 35.27 78.00
C LEU J 28 18.38 36.51 78.24
N GLU J 29 18.91 37.68 77.89
CA GLU J 29 18.19 38.94 78.10
C GLU J 29 16.93 39.08 77.24
N SER J 30 16.32 37.97 76.88
CA SER J 30 15.11 38.00 76.06
C SER J 30 14.28 36.73 76.25
N GLY J 31 14.20 36.26 77.48
CA GLY J 31 13.45 35.05 77.77
C GLY J 31 14.28 33.82 77.47
N PHE J 32 13.63 32.66 77.37
CA PHE J 32 14.34 31.42 77.09
C PHE J 32 13.37 30.24 76.95
N VAL J 33 13.92 29.03 77.09
CA VAL J 33 13.13 27.81 76.99
C VAL J 33 13.58 26.81 78.06
N ILE J 34 12.65 25.98 78.52
CA ILE J 34 12.95 24.98 79.55
C ILE J 34 12.86 23.58 78.95
N THR J 35 13.54 22.63 79.57
CA THR J 35 13.53 21.25 79.08
C THR J 35 14.07 20.29 80.14
N LEU J 36 13.76 19.01 79.99
CA LEU J 36 14.21 17.99 80.92
C LEU J 36 13.83 16.61 80.39
N THR J 37 14.42 15.56 80.96
CA THR J 37 14.13 14.19 80.54
C THR J 37 14.99 13.17 81.29
N ASP J 38 14.35 12.10 81.73
CA ASP J 38 15.03 11.03 82.45
C ASP J 38 15.02 9.72 81.65
N GLY J 39 14.80 9.82 80.35
CA GLY J 39 14.79 8.64 79.51
C GLY J 39 13.39 8.19 79.10
N HIS J 40 12.39 8.54 79.90
CA HIS J 40 11.02 8.14 79.60
C HIS J 40 10.27 9.24 78.86
N SER J 41 9.91 10.30 79.57
CA SER J 41 9.19 11.42 78.97
C SER J 41 10.02 12.69 79.01
N ALA J 42 9.37 13.84 78.82
CA ALA J 42 10.07 15.12 78.84
C ALA J 42 9.35 16.15 79.70
N TRP J 43 9.94 17.32 79.82
CA TRP J 43 9.39 18.42 80.61
C TRP J 43 9.93 19.75 80.08
N THR J 44 9.12 20.43 79.27
CA THR J 44 9.52 21.70 78.68
C THR J 44 8.67 22.89 79.12
N GLY J 45 9.30 24.04 79.31
CA GLY J 45 8.60 25.24 79.71
C GLY J 45 9.12 26.44 78.94
N THR J 46 8.56 27.62 79.21
CA THR J 46 8.99 28.83 78.52
C THR J 46 8.55 30.11 79.23
N VAL J 47 9.40 31.14 79.15
CA VAL J 47 9.14 32.44 79.75
C VAL J 47 9.98 33.50 79.05
N SER J 48 9.34 34.62 78.72
CA SER J 48 10.03 35.71 78.01
C SER J 48 10.52 36.84 78.91
N GLU J 49 10.68 38.02 78.31
CA GLU J 49 11.15 39.21 79.00
C GLU J 49 10.05 39.94 79.78
N SER J 50 8.91 39.29 79.94
CA SER J 50 7.79 39.89 80.65
C SER J 50 7.79 39.65 82.15
N GLU J 51 7.53 38.41 82.55
CA GLU J 51 7.47 38.03 83.97
C GLU J 51 8.82 37.71 84.60
N ILE J 52 9.89 37.86 83.83
CA ILE J 52 11.23 37.58 84.35
C ILE J 52 11.74 38.69 85.25
N SER J 53 11.39 39.93 84.92
CA SER J 53 11.81 41.09 85.68
C SER J 53 11.18 41.12 87.08
N GLN J 54 10.12 40.34 87.26
CA GLN J 54 9.41 40.27 88.53
C GLN J 54 10.33 39.82 89.66
N GLU J 55 11.01 38.70 89.46
CA GLU J 55 11.92 38.14 90.45
C GLU J 55 12.95 39.16 90.93
N ALA J 56 13.25 40.13 90.07
CA ALA J 56 14.23 41.16 90.37
C ALA J 56 13.76 42.15 91.44
N ASP J 57 12.46 42.22 91.66
CA ASP J 57 11.89 43.13 92.65
C ASP J 57 11.59 42.46 93.99
N ASP J 58 11.26 41.18 93.96
CA ASP J 58 10.96 40.44 95.19
C ASP J 58 12.22 39.99 95.91
N MET J 59 13.37 40.36 95.37
CA MET J 59 14.65 40.00 95.97
C MET J 59 15.60 41.19 95.89
N ALA J 60 15.10 42.30 95.34
CA ALA J 60 15.89 43.52 95.19
C ALA J 60 17.11 43.23 94.33
N MET J 61 17.04 42.13 93.57
CA MET J 61 18.14 41.73 92.70
C MET J 61 17.88 42.19 91.28
N GLU J 62 18.49 43.31 90.89
CA GLU J 62 18.31 43.86 89.55
C GLU J 62 18.58 42.82 88.46
N LYS J 63 17.83 42.90 87.37
CA LYS J 63 17.98 41.99 86.25
C LYS J 63 19.42 41.99 85.75
N GLY J 64 20.14 43.07 86.07
CA GLY J 64 21.53 43.18 85.64
C GLY J 64 22.39 42.03 86.14
N LYS J 65 22.47 41.88 87.45
CA LYS J 65 23.26 40.81 88.05
C LYS J 65 22.40 39.57 88.25
N TYR J 66 21.09 39.76 88.26
CA TYR J 66 20.14 38.67 88.44
C TYR J 66 20.39 37.57 87.42
N VAL J 67 20.25 37.92 86.15
CA VAL J 67 20.47 36.97 85.07
C VAL J 67 21.85 36.33 85.20
N GLY J 68 22.80 37.07 85.74
CA GLY J 68 24.15 36.55 85.91
C GLY J 68 24.19 35.39 86.88
N GLU J 69 23.86 35.65 88.14
CA GLU J 69 23.87 34.64 89.18
C GLU J 69 22.86 33.52 88.90
N LEU J 70 22.19 33.59 87.76
CA LEU J 70 21.20 32.59 87.40
C LEU J 70 21.54 31.86 86.09
N ARG J 71 21.75 32.63 85.03
CA ARG J 71 22.06 32.05 83.73
C ARG J 71 23.31 31.19 83.84
N LYS J 72 24.37 31.75 84.43
CA LYS J 72 25.61 31.02 84.59
C LYS J 72 25.54 30.20 85.87
N ALA J 73 24.33 29.82 86.25
CA ALA J 73 24.10 29.04 87.46
C ALA J 73 23.35 27.76 87.13
N LEU J 74 22.49 27.82 86.11
CA LEU J 74 21.71 26.65 85.71
C LEU J 74 22.15 26.16 84.33
N LEU J 75 22.61 27.08 83.49
CA LEU J 75 23.07 26.73 82.15
C LEU J 75 24.16 25.67 82.21
N SER J 76 24.74 25.49 83.40
CA SER J 76 25.80 24.52 83.60
C SER J 76 26.11 24.41 85.09
N GLY J 77 25.39 23.52 85.77
CA GLY J 77 25.60 23.32 87.20
C GLY J 77 27.06 23.28 87.59
N ALA J 78 27.36 23.69 88.81
CA ALA J 78 28.73 23.70 89.31
C ALA J 78 29.41 22.35 89.09
N GLY J 79 30.72 22.39 88.87
CA GLY J 79 31.46 21.18 88.63
C GLY J 79 31.62 20.31 89.87
N PRO J 80 32.82 19.76 90.11
CA PRO J 80 33.09 18.91 91.28
C PRO J 80 33.13 19.66 92.60
N ALA J 81 32.38 20.75 92.68
CA ALA J 81 32.33 21.56 93.89
C ALA J 81 30.90 21.81 94.38
N ASP J 82 29.95 21.81 93.44
CA ASP J 82 28.55 22.05 93.78
C ASP J 82 28.38 23.41 94.45
N VAL J 83 27.13 23.77 94.70
CA VAL J 83 26.76 25.04 95.33
C VAL J 83 25.26 25.25 95.21
N TYR J 84 24.65 24.56 94.24
CA TYR J 84 23.21 24.68 94.02
C TYR J 84 22.49 23.35 94.18
N THR J 85 21.18 23.43 94.40
CA THR J 85 20.34 22.25 94.55
C THR J 85 19.16 22.36 93.59
N PHE J 86 18.86 21.25 92.91
CA PHE J 86 17.76 21.23 91.95
C PHE J 86 16.68 20.22 92.32
N ASN J 87 15.56 20.72 92.82
CA ASN J 87 14.45 19.85 93.21
C ASN J 87 13.42 19.67 92.12
N PHE J 88 12.70 18.56 92.20
CA PHE J 88 11.65 18.22 91.24
C PHE J 88 10.61 17.35 91.94
N SER J 89 9.34 17.66 91.72
CA SER J 89 8.26 16.90 92.34
C SER J 89 8.06 15.57 91.62
N LYS J 90 7.46 14.60 92.32
CA LYS J 90 7.20 13.30 91.73
C LYS J 90 5.93 13.37 90.90
N GLU J 91 5.00 14.23 91.33
CA GLU J 91 3.74 14.40 90.61
C GLU J 91 3.60 15.84 90.13
N SER J 92 2.89 16.01 89.02
CA SER J 92 2.66 17.34 88.44
C SER J 92 4.00 18.01 88.09
N CYS J 93 3.94 19.29 87.76
CA CYS J 93 5.13 20.05 87.40
C CYS J 93 5.66 20.87 88.56
N TYR J 94 6.97 20.75 88.81
CA TYR J 94 7.63 21.47 89.90
C TYR J 94 9.15 21.39 89.77
N PHE J 95 9.81 22.52 90.00
CA PHE J 95 11.27 22.59 89.97
C PHE J 95 11.71 24.01 90.34
N PHE J 96 12.56 24.10 91.35
CA PHE J 96 13.07 25.38 91.83
C PHE J 96 14.59 25.34 91.93
N PHE J 97 15.26 26.33 91.34
CA PHE J 97 16.71 26.39 91.42
C PHE J 97 17.16 27.07 92.71
N GLU J 98 16.63 26.59 93.83
CA GLU J 98 16.97 27.16 95.13
C GLU J 98 18.48 27.20 95.34
N LYS J 99 19.04 28.40 95.22
CA LYS J 99 20.48 28.60 95.39
C LYS J 99 20.86 28.44 96.86
N ASN J 100 22.17 28.33 97.10
CA ASN J 100 22.70 28.18 98.45
C ASN J 100 23.81 29.19 98.72
N LEU J 101 23.72 29.88 99.84
CA LEU J 101 24.73 30.88 100.20
C LEU J 101 25.80 30.29 101.11
N LYS J 102 26.69 31.15 101.61
CA LYS J 102 27.76 30.71 102.49
C LYS J 102 27.20 29.93 103.66
N ASP J 103 26.56 30.64 104.59
CA ASP J 103 25.96 30.02 105.76
C ASP J 103 25.02 28.90 105.37
N VAL J 104 23.76 29.24 105.11
CA VAL J 104 22.77 28.25 104.72
C VAL J 104 22.35 28.40 103.26
N SER J 105 21.08 28.73 103.04
CA SER J 105 20.56 28.89 101.68
C SER J 105 19.14 29.44 101.68
N PHE J 106 18.56 29.55 100.49
CA PHE J 106 17.20 30.04 100.32
C PHE J 106 16.77 29.97 98.86
N ARG J 107 15.48 30.15 98.61
CA ARG J 107 14.94 30.09 97.26
C ARG J 107 15.21 31.38 96.47
N LEU J 108 15.36 31.23 95.17
CA LEU J 108 15.61 32.36 94.28
C LEU J 108 14.33 32.59 93.48
N GLY J 109 13.96 31.59 92.70
CA GLY J 109 12.77 31.65 91.88
C GLY J 109 12.77 30.41 90.98
N SER J 110 11.77 30.29 90.11
CA SER J 110 11.73 29.14 89.21
C SER J 110 10.52 29.17 88.29
N PHE J 111 10.24 28.02 87.69
CA PHE J 111 9.12 27.86 86.77
C PHE J 111 8.61 26.43 86.88
N ASN J 112 7.74 26.05 85.95
CA ASN J 112 7.19 24.70 85.93
C ASN J 112 7.45 24.01 84.60
N LEU J 113 6.92 22.79 84.46
CA LEU J 113 7.10 22.00 83.25
C LEU J 113 5.74 21.67 82.65
N GLU J 114 5.74 21.18 81.42
CA GLU J 114 4.50 20.81 80.73
C GLU J 114 4.44 19.32 80.43
N LYS J 115 5.61 18.68 80.41
CA LYS J 115 5.73 17.26 80.14
C LYS J 115 5.09 16.89 78.80
N VAL J 116 5.58 17.50 77.73
CA VAL J 116 5.06 17.24 76.40
C VAL J 116 4.86 15.73 76.24
N GLU J 117 3.66 15.34 75.84
CA GLU J 117 3.32 13.94 75.66
C GLU J 117 4.05 13.25 74.51
N ASN J 118 4.76 14.04 73.71
CA ASN J 118 5.51 13.49 72.59
C ASN J 118 7.01 13.63 72.80
N PRO J 119 7.59 12.80 73.68
CA PRO J 119 9.03 12.83 73.98
C PRO J 119 9.91 12.52 72.77
N ALA J 120 9.40 11.69 71.88
CA ALA J 120 10.13 11.29 70.68
C ALA J 120 10.74 12.47 69.94
N GLU J 121 9.89 13.28 69.32
CA GLU J 121 10.35 14.45 68.56
C GLU J 121 11.08 15.46 69.44
N VAL J 122 11.24 15.12 70.71
CA VAL J 122 11.92 16.00 71.65
C VAL J 122 13.28 15.43 72.05
N ILE J 123 13.25 14.29 72.74
CA ILE J 123 14.46 13.62 73.18
C ILE J 123 15.37 13.33 71.99
N ARG J 124 14.75 13.22 70.81
CA ARG J 124 15.49 12.97 69.58
C ARG J 124 16.19 14.26 69.14
N GLU J 125 15.42 15.34 69.10
CA GLU J 125 15.94 16.63 68.69
C GLU J 125 17.13 17.03 69.56
N LEU J 126 17.18 16.45 70.76
CA LEU J 126 18.29 16.72 71.68
C LEU J 126 19.54 16.02 71.19
N ILE J 127 19.51 14.69 71.21
CA ILE J 127 20.63 13.88 70.77
C ILE J 127 21.00 14.29 69.35
N CYS J 128 20.02 14.76 68.60
CA CYS J 128 20.22 15.21 67.23
C CYS J 128 21.25 16.33 67.18
N TYR J 129 21.25 17.17 68.21
CA TYR J 129 22.18 18.28 68.28
C TYR J 129 23.56 17.81 68.73
N CYS J 130 23.57 16.94 69.73
CA CYS J 130 24.82 16.42 70.27
C CYS J 130 25.73 15.78 69.22
N LEU J 131 25.15 15.01 68.31
CA LEU J 131 25.94 14.36 67.27
C LEU J 131 26.19 15.29 66.09
N ASP J 132 25.15 15.99 65.66
CA ASP J 132 25.26 16.92 64.54
C ASP J 132 26.28 18.01 64.83
N THR J 133 26.40 18.38 66.10
CA THR J 133 27.32 19.43 66.51
C THR J 133 28.73 18.90 66.75
N ILE J 134 28.83 17.72 67.38
CA ILE J 134 30.13 17.13 67.67
C ILE J 134 30.88 16.75 66.39
N ALA J 135 30.15 16.12 65.46
CA ALA J 135 30.74 15.70 64.20
C ALA J 135 31.08 16.95 63.38
N GLU J 136 30.36 18.03 63.66
CA GLU J 136 30.55 19.30 62.97
C GLU J 136 31.64 20.12 63.65
N ASN J 137 31.87 19.84 64.92
CA ASN J 137 32.89 20.54 65.69
C ASN J 137 34.25 19.89 65.44
N GLN J 138 34.23 18.56 65.34
CA GLN J 138 35.44 17.78 65.09
C GLN J 138 36.08 18.26 63.79
N ALA J 139 35.26 18.80 62.90
CA ALA J 139 35.74 19.28 61.61
C ALA J 139 36.20 20.74 61.68
N LYS J 140 35.51 21.55 62.48
CA LYS J 140 35.87 22.95 62.62
C LYS J 140 37.25 23.15 63.23
N ASN J 141 37.69 22.17 64.01
CA ASN J 141 39.01 22.25 64.63
C ASN J 141 40.07 21.77 63.65
N GLU J 142 39.69 20.85 62.78
CA GLU J 142 40.61 20.32 61.77
C GLU J 142 41.03 21.41 60.80
N HIS J 143 40.07 22.19 60.32
CA HIS J 143 40.35 23.26 59.38
C HIS J 143 41.41 24.17 60.02
N LEU J 144 41.37 24.25 61.34
CA LEU J 144 42.34 25.06 62.08
C LEU J 144 43.64 24.27 62.19
N GLN J 145 43.49 22.95 62.33
CA GLN J 145 44.65 22.07 62.45
C GLN J 145 45.52 22.23 61.21
N LYS J 146 44.89 22.56 60.09
CA LYS J 146 45.61 22.75 58.83
C LYS J 146 46.22 24.15 58.74
N GLU J 147 45.50 25.15 59.25
CA GLU J 147 46.01 26.52 59.23
C GLU J 147 47.17 26.63 60.21
N ASN J 148 47.13 25.83 61.26
CA ASN J 148 48.19 25.82 62.27
C ASN J 148 49.40 25.05 61.75
N GLU J 149 49.15 23.85 61.21
CA GLU J 149 50.23 23.03 60.66
C GLU J 149 50.92 23.81 59.56
N ARG J 150 50.20 24.78 59.00
CA ARG J 150 50.73 25.61 57.93
C ARG J 150 51.73 26.64 58.46
N LEU J 151 51.29 27.48 59.38
CA LEU J 151 52.16 28.50 59.95
C LEU J 151 53.33 27.89 60.71
N LEU J 152 53.02 26.99 61.64
CA LEU J 152 54.05 26.34 62.44
C LEU J 152 55.07 25.62 61.56
N ARG J 153 54.73 25.45 60.28
CA ARG J 153 55.62 24.78 59.34
C ARG J 153 56.76 25.70 58.93
N ASP J 154 56.60 26.99 59.21
CA ASP J 154 57.61 27.98 58.86
C ASP J 154 58.68 28.08 59.94
N TRP J 155 58.71 27.12 60.86
CA TRP J 155 59.68 27.12 61.94
C TRP J 155 60.54 25.86 61.91
N ASN J 156 61.34 25.67 62.96
CA ASN J 156 62.25 24.53 63.08
C ASN J 156 61.56 23.18 62.87
N ASP J 157 61.17 22.54 63.96
CA ASP J 157 60.51 21.24 63.89
C ASP J 157 59.95 20.82 65.24
N MET K 1 43.20 -47.90 13.19
CA MET K 1 43.07 -47.26 11.84
C MET K 1 43.65 -45.85 11.86
N GLU K 2 44.45 -45.55 12.87
CA GLU K 2 45.06 -44.23 12.99
C GLU K 2 45.74 -43.84 11.68
N GLU K 3 46.50 -44.77 11.12
CA GLU K 3 47.20 -44.53 9.87
C GLU K 3 46.30 -43.92 8.81
N LEU K 4 45.03 -44.33 8.80
CA LEU K 4 44.06 -43.81 7.84
C LEU K 4 43.75 -42.35 8.07
N GLU K 5 43.41 -41.99 9.31
CA GLU K 5 43.09 -40.62 9.66
C GLU K 5 44.00 -39.63 8.93
N GLN K 6 45.30 -39.90 8.98
CA GLN K 6 46.29 -39.06 8.32
C GLN K 6 45.88 -38.77 6.88
N GLY K 7 45.85 -39.82 6.06
CA GLY K 7 45.47 -39.67 4.67
C GLY K 7 44.07 -39.10 4.52
N LEU K 8 43.13 -39.61 5.31
CA LEU K 8 41.75 -39.14 5.26
C LEU K 8 41.68 -37.64 5.52
N LEU K 9 42.81 -37.08 5.93
CA LEU K 9 42.90 -35.64 6.20
C LEU K 9 43.61 -34.91 5.08
N MET K 10 44.81 -35.36 4.74
CA MET K 10 45.60 -34.77 3.68
C MET K 10 44.78 -34.63 2.40
N GLN K 11 43.90 -35.60 2.17
CA GLN K 11 43.05 -35.61 0.98
C GLN K 11 42.19 -34.36 0.82
N PRO K 12 42.05 -33.87 -0.43
CA PRO K 12 41.27 -32.67 -0.73
C PRO K 12 39.77 -32.96 -0.66
N TRP K 13 38.97 -31.92 -0.46
CA TRP K 13 37.53 -32.11 -0.38
C TRP K 13 36.85 -32.26 -1.72
N ALA K 14 36.57 -33.51 -2.06
CA ALA K 14 35.92 -33.86 -3.32
C ALA K 14 34.53 -33.26 -3.40
N TRP K 15 33.78 -33.67 -4.43
CA TRP K 15 32.43 -33.19 -4.65
C TRP K 15 31.74 -34.07 -5.69
N LEU K 16 30.77 -34.86 -5.25
CA LEU K 16 30.04 -35.74 -6.16
C LEU K 16 28.61 -35.27 -6.32
N GLN K 17 27.97 -35.66 -7.43
CA GLN K 17 26.60 -35.26 -7.71
C GLN K 17 25.61 -36.40 -7.52
N LEU K 18 24.43 -36.06 -7.00
CA LEU K 18 23.37 -37.04 -6.78
C LEU K 18 22.07 -36.44 -7.30
N ALA K 19 21.17 -37.30 -7.75
CA ALA K 19 19.88 -36.88 -8.29
C ALA K 19 19.29 -35.65 -7.61
N GLU K 20 19.24 -35.67 -6.28
CA GLU K 20 18.69 -34.56 -5.51
C GLU K 20 19.73 -33.59 -4.97
N ASN K 21 20.45 -34.02 -3.94
CA ASN K 21 21.47 -33.18 -3.33
C ASN K 21 22.88 -33.54 -3.78
N SER K 22 23.86 -32.79 -3.30
CA SER K 22 25.26 -33.02 -3.63
C SER K 22 26.09 -32.99 -2.35
N LEU K 23 26.96 -33.98 -2.19
CA LEU K 23 27.78 -34.07 -0.98
C LEU K 23 29.27 -33.88 -1.28
N LEU K 24 29.97 -33.27 -0.35
CA LEU K 24 31.42 -33.07 -0.50
C LEU K 24 32.03 -34.30 0.15
N ALA K 25 32.93 -34.97 -0.56
CA ALA K 25 33.54 -36.18 -0.03
C ALA K 25 35.02 -36.04 0.33
N LYS K 26 35.49 -36.98 1.16
CA LYS K 26 36.88 -37.02 1.59
C LYS K 26 37.24 -38.48 1.79
N VAL K 27 37.40 -39.19 0.69
CA VAL K 27 37.73 -40.61 0.73
C VAL K 27 39.22 -40.88 0.79
N PHE K 28 39.58 -42.01 1.40
CA PHE K 28 40.97 -42.44 1.54
C PHE K 28 40.99 -43.96 1.65
N ILE K 29 41.61 -44.62 0.67
CA ILE K 29 41.67 -46.07 0.69
C ILE K 29 43.09 -46.64 0.59
N THR K 30 43.30 -47.76 1.25
CA THR K 30 44.59 -48.45 1.26
C THR K 30 44.33 -49.93 1.49
N LYS K 31 45.30 -50.77 1.15
CA LYS K 31 45.16 -52.21 1.34
C LYS K 31 44.79 -52.53 2.79
N GLN K 32 45.33 -51.75 3.72
CA GLN K 32 45.05 -51.94 5.14
C GLN K 32 43.56 -51.74 5.41
N GLY K 33 42.98 -50.79 4.69
CA GLY K 33 41.56 -50.50 4.84
C GLY K 33 41.27 -49.15 4.21
N TYR K 34 40.09 -48.59 4.51
CA TYR K 34 39.73 -47.29 3.95
C TYR K 34 38.91 -46.47 4.93
N ALA K 35 39.12 -45.16 4.91
CA ALA K 35 38.41 -44.25 5.79
C ALA K 35 37.78 -43.12 4.98
N LEU K 36 36.47 -43.10 4.91
CA LEU K 36 35.75 -42.07 4.17
C LEU K 36 35.14 -41.05 5.12
N LEU K 37 34.60 -39.97 4.56
CA LEU K 37 33.98 -38.92 5.35
C LEU K 37 33.26 -37.94 4.45
N VAL K 38 32.07 -38.34 3.99
CA VAL K 38 31.26 -37.50 3.11
C VAL K 38 30.56 -36.47 4.01
N SER K 39 29.82 -35.56 3.40
CA SER K 39 29.12 -34.53 4.17
C SER K 39 28.70 -33.34 3.32
N ASP K 40 27.55 -32.76 3.65
CA ASP K 40 27.08 -31.58 2.94
C ASP K 40 27.39 -30.39 3.84
N LEU K 41 26.93 -29.21 3.45
CA LEU K 41 27.19 -28.01 4.23
C LEU K 41 26.48 -27.99 5.59
N GLN K 42 25.74 -29.05 5.88
CA GLN K 42 25.01 -29.14 7.14
C GLN K 42 25.72 -30.04 8.15
N GLN K 43 25.40 -31.33 8.12
CA GLN K 43 26.01 -32.30 9.02
C GLN K 43 27.27 -32.91 8.44
N VAL K 44 27.97 -33.71 9.23
CA VAL K 44 29.20 -34.36 8.80
C VAL K 44 29.19 -35.85 9.15
N TRP K 45 29.51 -36.69 8.18
CA TRP K 45 29.54 -38.13 8.38
C TRP K 45 30.96 -38.69 8.25
N HIS K 46 31.14 -39.93 8.69
CA HIS K 46 32.44 -40.59 8.65
C HIS K 46 32.35 -42.08 8.95
N GLU K 47 33.18 -42.87 8.29
CA GLU K 47 33.20 -44.31 8.49
C GLU K 47 34.57 -44.91 8.19
N GLN K 48 35.35 -45.16 9.23
CA GLN K 48 36.67 -45.76 9.05
C GLN K 48 36.50 -47.26 8.90
N VAL K 49 37.01 -47.80 7.80
CA VAL K 49 36.89 -49.23 7.53
C VAL K 49 38.24 -49.92 7.55
N ASP K 50 38.26 -51.16 8.03
CA ASP K 50 39.48 -51.94 8.11
C ASP K 50 39.35 -53.25 7.35
N THR K 51 40.49 -53.91 7.13
CA THR K 51 40.54 -55.18 6.41
C THR K 51 39.36 -56.10 6.76
N SER K 52 38.93 -56.05 8.01
CA SER K 52 37.83 -56.89 8.48
C SER K 52 36.56 -56.80 7.64
N VAL K 53 35.70 -55.83 7.98
CA VAL K 53 34.44 -55.63 7.29
C VAL K 53 34.54 -55.68 5.77
N VAL K 54 35.55 -55.00 5.22
CA VAL K 54 35.78 -54.96 3.78
C VAL K 54 35.26 -56.19 3.06
N SER K 55 35.99 -57.30 3.20
CA SER K 55 35.64 -58.55 2.54
C SER K 55 34.28 -59.09 2.97
N GLN K 56 33.93 -58.90 4.23
CA GLN K 56 32.65 -59.38 4.73
C GLN K 56 31.48 -58.67 4.05
N ARG K 57 31.51 -57.35 4.07
CA ARG K 57 30.46 -56.55 3.44
C ARG K 57 30.39 -56.89 1.96
N ALA K 58 31.55 -57.07 1.34
CA ALA K 58 31.63 -57.41 -0.08
C ALA K 58 30.69 -58.57 -0.42
N LYS K 59 30.93 -59.71 0.22
CA LYS K 59 30.12 -60.90 0.00
C LYS K 59 28.63 -60.61 0.18
N GLU K 60 28.31 -59.73 1.12
CA GLU K 60 26.93 -59.37 1.39
C GLU K 60 26.26 -58.66 0.21
N LEU K 61 26.97 -57.71 -0.38
CA LEU K 61 26.45 -56.96 -1.51
C LEU K 61 26.49 -57.76 -2.81
N ASN K 62 27.69 -58.12 -3.23
CA ASN K 62 27.89 -58.88 -4.45
C ASN K 62 28.34 -60.32 -4.23
N LYS K 63 27.40 -61.18 -3.87
CA LYS K 63 27.68 -62.59 -3.61
C LYS K 63 28.26 -63.22 -4.88
N ARG K 64 28.00 -62.58 -6.02
CA ARG K 64 28.50 -63.05 -7.30
C ARG K 64 29.97 -62.68 -7.47
N LEU K 65 30.72 -62.81 -6.39
CA LEU K 65 32.14 -62.48 -6.41
C LEU K 65 32.90 -63.15 -5.26
N THR K 66 34.22 -63.18 -5.39
CA THR K 66 35.09 -63.79 -4.38
C THR K 66 36.52 -63.28 -4.53
N ALA K 67 36.91 -62.34 -3.67
CA ALA K 67 38.24 -61.77 -3.72
C ALA K 67 38.66 -61.20 -2.37
N PRO K 68 39.93 -61.40 -1.98
CA PRO K 68 40.47 -60.92 -0.71
C PRO K 68 40.24 -59.42 -0.51
N PRO K 69 40.46 -58.92 0.72
CA PRO K 69 40.28 -57.51 1.05
C PRO K 69 41.08 -56.57 0.15
N ALA K 70 42.36 -56.84 0.00
CA ALA K 70 43.24 -56.03 -0.83
C ALA K 70 42.67 -55.82 -2.23
N ALA K 71 42.50 -56.93 -2.95
CA ALA K 71 41.96 -56.87 -4.31
C ALA K 71 40.74 -55.97 -4.39
N PHE K 72 39.78 -56.21 -3.51
CA PHE K 72 38.54 -55.44 -3.47
C PHE K 72 38.84 -53.96 -3.18
N LEU K 73 39.48 -53.70 -2.05
CA LEU K 73 39.83 -52.34 -1.66
C LEU K 73 40.53 -51.58 -2.78
N CYS K 74 41.57 -52.19 -3.32
CA CYS K 74 42.35 -51.58 -4.40
C CYS K 74 41.46 -51.25 -5.60
N HIS K 75 40.44 -52.09 -5.82
CA HIS K 75 39.53 -51.88 -6.94
C HIS K 75 38.57 -50.73 -6.64
N LEU K 76 37.94 -50.78 -5.48
CA LEU K 76 37.00 -49.74 -5.07
C LEU K 76 37.69 -48.38 -5.23
N ASP K 77 38.86 -48.26 -4.61
CA ASP K 77 39.64 -47.03 -4.66
C ASP K 77 39.90 -46.57 -6.10
N ASN K 78 40.32 -47.48 -6.96
CA ASN K 78 40.59 -47.14 -8.35
C ASN K 78 39.39 -46.51 -9.03
N LEU K 79 38.19 -46.95 -8.66
CA LEU K 79 36.97 -46.39 -9.22
C LEU K 79 36.85 -45.00 -8.62
N LEU K 80 35.98 -44.16 -9.18
CA LEU K 80 35.82 -42.80 -8.69
C LEU K 80 37.18 -42.17 -8.47
N ARG K 81 37.35 -41.37 -7.42
CA ARG K 81 38.64 -40.75 -7.15
C ARG K 81 38.81 -39.91 -5.89
N PRO K 82 37.95 -38.90 -5.64
CA PRO K 82 36.77 -38.28 -6.26
C PRO K 82 36.48 -38.47 -7.74
N LEU K 83 35.53 -39.37 -8.02
CA LEU K 83 35.11 -39.68 -9.39
C LEU K 83 35.04 -38.42 -10.24
N LEU K 84 33.97 -37.66 -10.06
CA LEU K 84 33.76 -36.42 -10.81
C LEU K 84 34.60 -35.26 -10.30
N LYS K 85 35.80 -35.56 -9.83
CA LYS K 85 36.71 -34.54 -9.31
C LYS K 85 36.57 -33.28 -10.16
N ASP K 86 36.52 -33.47 -11.47
CA ASP K 86 36.39 -32.38 -12.43
C ASP K 86 35.76 -32.89 -13.71
N ALA K 87 34.58 -33.49 -13.60
CA ALA K 87 33.88 -34.03 -14.76
C ALA K 87 32.46 -33.46 -14.85
N ALA K 88 32.13 -32.93 -16.02
CA ALA K 88 30.81 -32.34 -16.25
C ALA K 88 29.71 -33.39 -16.40
N HIS K 89 29.39 -33.75 -17.64
CA HIS K 89 28.36 -34.74 -17.91
C HIS K 89 28.88 -35.86 -18.80
N PRO K 90 28.42 -37.10 -18.56
CA PRO K 90 27.47 -37.47 -17.52
C PRO K 90 28.12 -37.47 -16.14
N SER K 91 29.29 -38.09 -16.05
CA SER K 91 30.05 -38.17 -14.80
C SER K 91 29.16 -38.60 -13.64
N GLU K 92 28.04 -39.24 -13.97
CA GLU K 92 27.09 -39.71 -12.96
C GLU K 92 26.66 -41.15 -13.22
N ALA K 93 27.52 -42.10 -12.86
CA ALA K 93 27.21 -43.51 -13.04
C ALA K 93 26.00 -43.83 -12.16
N THR K 94 26.28 -44.02 -10.87
CA THR K 94 25.24 -44.33 -9.89
C THR K 94 25.81 -44.15 -8.49
N PHE K 95 25.29 -43.16 -7.76
CA PHE K 95 25.75 -42.87 -6.41
C PHE K 95 24.58 -42.65 -5.45
N SER K 96 23.45 -43.26 -5.76
CA SER K 96 22.26 -43.15 -4.93
C SER K 96 22.67 -43.08 -3.47
N CYS K 97 22.04 -42.19 -2.71
CA CYS K 97 22.36 -42.01 -1.30
C CYS K 97 21.16 -41.67 -0.43
N ASP K 98 21.16 -42.19 0.79
CA ASP K 98 20.10 -41.93 1.75
C ASP K 98 20.66 -41.81 3.16
N CYS K 99 19.89 -41.17 4.04
CA CYS K 99 20.30 -40.98 5.42
C CYS K 99 19.09 -41.21 6.33
N VAL K 100 19.34 -41.31 7.63
CA VAL K 100 18.26 -41.52 8.60
C VAL K 100 18.78 -41.65 10.03
N ALA K 101 18.75 -40.53 10.75
CA ALA K 101 19.19 -40.50 12.15
C ALA K 101 20.58 -41.07 12.38
N ASP K 102 21.56 -40.18 12.50
CA ASP K 102 22.94 -40.56 12.75
C ASP K 102 23.50 -41.56 11.73
N ALA K 103 22.80 -41.74 10.61
CA ALA K 103 23.25 -42.68 9.60
C ALA K 103 23.09 -42.14 8.18
N LEU K 104 24.04 -42.47 7.33
CA LEU K 104 24.02 -42.05 5.93
C LEU K 104 24.67 -43.13 5.08
N ILE K 105 24.00 -43.54 4.02
CA ILE K 105 24.50 -44.57 3.13
C ILE K 105 24.97 -43.97 1.81
N LEU K 106 25.78 -44.73 1.09
CA LEU K 106 26.30 -44.29 -0.20
C LEU K 106 26.51 -45.50 -1.09
N ARG K 107 25.62 -45.69 -2.06
CA ARG K 107 25.66 -46.82 -2.98
C ARG K 107 26.49 -46.50 -4.22
N VAL K 108 27.42 -47.40 -4.54
CA VAL K 108 28.27 -47.24 -5.71
C VAL K 108 28.07 -48.40 -6.68
N ARG K 109 27.08 -48.26 -7.57
CA ARG K 109 26.78 -49.29 -8.55
C ARG K 109 27.70 -49.20 -9.76
N SER K 110 28.96 -49.56 -9.57
CA SER K 110 29.93 -49.52 -10.66
C SER K 110 30.07 -50.93 -11.25
N GLU K 111 31.17 -51.19 -11.94
CA GLU K 111 31.41 -52.49 -12.53
C GLU K 111 32.89 -52.86 -12.55
N LEU K 112 33.19 -54.02 -13.13
CA LEU K 112 34.56 -54.50 -13.23
C LEU K 112 34.79 -55.27 -14.52
N SER K 113 35.55 -54.69 -15.44
CA SER K 113 35.85 -55.32 -16.72
C SER K 113 34.59 -55.74 -17.46
N GLY K 114 33.43 -55.31 -16.97
CA GLY K 114 32.18 -55.66 -17.60
C GLY K 114 31.35 -56.60 -16.75
N LEU K 115 31.61 -56.60 -15.44
CA LEU K 115 30.89 -57.46 -14.51
C LEU K 115 30.44 -56.63 -13.31
N PRO K 116 29.12 -56.64 -13.02
CA PRO K 116 28.54 -55.91 -11.90
C PRO K 116 29.33 -55.99 -10.61
N PHE K 117 29.78 -54.82 -10.14
CA PHE K 117 30.56 -54.71 -8.91
C PHE K 117 29.93 -53.60 -8.07
N TYR K 118 29.17 -53.99 -7.05
CA TYR K 118 28.51 -53.01 -6.18
C TYR K 118 29.23 -52.81 -4.86
N TRP K 119 28.74 -51.85 -4.07
CA TRP K 119 29.30 -51.53 -2.77
C TRP K 119 28.49 -50.44 -2.07
N ASN K 120 28.52 -50.45 -0.74
CA ASN K 120 27.78 -49.46 0.05
C ASN K 120 28.65 -48.81 1.12
N PHE K 121 28.30 -47.59 1.50
CA PHE K 121 29.02 -46.84 2.51
C PHE K 121 28.10 -46.56 3.70
N HIS K 122 28.35 -47.28 4.80
CA HIS K 122 27.54 -47.13 6.01
C HIS K 122 28.17 -46.12 6.96
N CYS K 123 27.83 -44.85 6.78
CA CYS K 123 28.38 -43.78 7.62
C CYS K 123 27.47 -43.33 8.76
N MET K 124 28.10 -42.77 9.77
CA MET K 124 27.42 -42.26 10.97
C MET K 124 27.87 -40.82 11.19
N LEU K 125 26.99 -40.01 11.76
CA LEU K 125 27.32 -38.61 12.03
C LEU K 125 28.69 -38.53 12.69
N ALA K 126 29.63 -37.90 12.00
CA ALA K 126 31.00 -37.76 12.50
C ALA K 126 31.09 -37.20 13.91
N SER K 127 31.88 -37.86 14.76
CA SER K 127 32.06 -37.44 16.14
C SER K 127 32.50 -35.97 16.19
N PRO K 128 32.53 -35.37 17.39
CA PRO K 128 32.93 -33.98 17.55
C PRO K 128 34.27 -33.64 16.90
N SER K 129 35.36 -34.01 17.57
CA SER K 129 36.70 -33.72 17.06
C SER K 129 36.86 -34.03 15.57
N LEU K 130 36.29 -35.14 15.14
CA LEU K 130 36.38 -35.56 13.74
C LEU K 130 35.95 -34.47 12.76
N VAL K 131 35.33 -33.42 13.27
CA VAL K 131 34.90 -32.31 12.42
C VAL K 131 35.76 -31.09 12.69
N SER K 132 36.26 -30.98 13.92
CA SER K 132 37.10 -29.85 14.30
C SER K 132 38.52 -30.07 13.81
N GLN K 133 38.78 -31.28 13.33
CA GLN K 133 40.11 -31.63 12.83
C GLN K 133 40.03 -31.97 11.35
N HIS K 134 38.91 -31.61 10.73
CA HIS K 134 38.68 -31.86 9.31
C HIS K 134 37.95 -30.71 8.63
N LEU K 135 37.11 -30.00 9.38
CA LEU K 135 36.36 -28.87 8.84
C LEU K 135 36.50 -27.58 9.64
N ILE K 136 36.55 -27.69 10.97
CA ILE K 136 36.67 -26.50 11.80
C ILE K 136 38.06 -25.88 11.73
N ARG K 137 39.02 -26.45 12.43
CA ARG K 137 40.38 -25.92 12.43
C ARG K 137 40.90 -25.64 11.02
N PRO K 138 40.92 -26.66 10.15
CA PRO K 138 41.41 -26.45 8.78
C PRO K 138 40.76 -25.28 8.06
N LEU K 139 39.45 -25.37 7.84
CA LEU K 139 38.70 -24.32 7.15
C LEU K 139 38.87 -22.95 7.81
N MET K 140 38.79 -22.88 9.13
CA MET K 140 38.93 -21.62 9.83
C MET K 140 40.30 -21.00 9.57
N GLY K 141 41.35 -21.78 9.81
CA GLY K 141 42.71 -21.31 9.59
C GLY K 141 42.91 -20.72 8.22
N MET K 142 42.23 -21.28 7.22
CA MET K 142 42.33 -20.81 5.86
C MET K 142 42.07 -19.31 5.80
N SER K 143 41.09 -18.86 6.58
CA SER K 143 40.73 -17.45 6.63
C SER K 143 41.86 -16.60 7.19
N LEU K 144 42.42 -17.05 8.31
CA LEU K 144 43.51 -16.35 8.96
C LEU K 144 44.74 -16.20 8.06
N ALA K 145 45.12 -17.30 7.42
CA ALA K 145 46.27 -17.30 6.52
C ALA K 145 45.97 -16.57 5.22
N LEU K 146 44.77 -16.77 4.70
CA LEU K 146 44.37 -16.14 3.45
C LEU K 146 44.30 -14.62 3.62
N GLN K 147 43.99 -14.18 4.84
CA GLN K 147 43.90 -12.76 5.11
C GLN K 147 45.22 -12.06 4.79
N CYS K 148 46.32 -12.67 5.24
CA CYS K 148 47.64 -12.13 5.00
C CYS K 148 47.84 -11.92 3.50
N GLN K 149 47.43 -12.92 2.72
CA GLN K 149 47.57 -12.85 1.27
C GLN K 149 46.95 -11.55 0.77
N VAL K 150 45.69 -11.32 1.14
CA VAL K 150 44.98 -10.10 0.73
C VAL K 150 45.74 -8.89 1.26
N ARG K 151 46.28 -9.03 2.47
CA ARG K 151 47.04 -7.97 3.10
C ARG K 151 48.31 -7.63 2.34
N GLU K 152 49.02 -8.67 1.90
CA GLU K 152 50.26 -8.49 1.15
C GLU K 152 50.02 -7.70 -0.13
N LEU K 153 48.95 -8.04 -0.85
CA LEU K 153 48.61 -7.35 -2.08
C LEU K 153 48.55 -5.86 -1.82
N ALA K 154 47.97 -5.49 -0.68
CA ALA K 154 47.84 -4.09 -0.29
C ALA K 154 49.21 -3.47 -0.05
N THR K 155 50.02 -4.14 0.78
CA THR K 155 51.36 -3.67 1.09
C THR K 155 52.17 -3.37 -0.16
N LEU K 156 52.05 -4.23 -1.17
CA LEU K 156 52.78 -4.05 -2.41
C LEU K 156 52.04 -3.11 -3.36
N LEU K 157 50.72 -3.08 -3.26
CA LEU K 157 49.91 -2.21 -4.11
C LEU K 157 50.14 -0.75 -3.75
N HIS K 158 50.33 -0.48 -2.46
CA HIS K 158 50.56 0.87 -1.98
C HIS K 158 51.86 1.44 -2.52
N MET K 159 52.94 0.67 -2.41
CA MET K 159 54.24 1.11 -2.89
C MET K 159 54.18 1.45 -4.37
N LYS K 160 53.18 0.91 -5.06
CA LYS K 160 53.01 1.16 -6.48
C LYS K 160 52.57 2.61 -6.71
N ASP K 161 51.67 3.10 -5.87
CA ASP K 161 51.19 4.47 -5.99
C ASP K 161 52.38 5.41 -5.82
N LEU K 162 53.26 5.05 -4.89
CA LEU K 162 54.46 5.84 -4.61
C LEU K 162 55.36 5.83 -5.83
N GLU K 163 55.81 4.63 -6.21
CA GLU K 163 56.69 4.45 -7.37
C GLU K 163 56.13 5.08 -8.63
N ILE K 164 54.82 5.06 -8.77
CA ILE K 164 54.15 5.61 -9.94
C ILE K 164 53.92 7.12 -9.88
N GLN K 165 53.46 7.61 -8.73
CA GLN K 165 53.19 9.03 -8.56
C GLN K 165 54.40 9.88 -8.93
N ASP K 166 55.58 9.48 -8.46
CA ASP K 166 56.81 10.21 -8.73
C ASP K 166 57.12 10.37 -10.21
N TYR K 167 56.75 9.37 -11.01
CA TYR K 167 57.01 9.43 -12.45
C TYR K 167 56.40 10.67 -13.09
N GLN K 168 55.11 10.87 -12.90
CA GLN K 168 54.42 12.03 -13.47
C GLN K 168 55.02 13.35 -13.01
N GLU K 169 55.65 13.35 -11.84
CA GLU K 169 56.25 14.56 -11.30
C GLU K 169 57.49 15.04 -12.06
N SER K 170 58.19 14.12 -12.71
CA SER K 170 59.39 14.46 -13.44
C SER K 170 59.16 14.62 -14.94
N GLY K 171 58.50 15.70 -15.33
CA GLY K 171 58.23 15.97 -16.72
C GLY K 171 57.57 14.83 -17.49
N ALA K 172 57.91 14.73 -18.78
CA ALA K 172 57.38 13.70 -19.67
C ALA K 172 55.94 14.01 -20.10
N THR K 173 55.30 13.03 -20.71
CA THR K 173 53.93 13.18 -21.18
C THR K 173 53.21 11.84 -21.27
N LEU K 174 52.22 11.65 -20.41
CA LEU K 174 51.45 10.42 -20.38
C LEU K 174 50.78 10.14 -21.71
N ILE K 175 51.30 9.14 -22.44
CA ILE K 175 50.76 8.78 -23.74
C ILE K 175 49.51 7.91 -23.55
N ARG K 176 49.29 7.46 -22.32
CA ARG K 176 48.14 6.63 -21.99
C ARG K 176 46.90 7.48 -21.77
N ASP K 177 45.76 7.01 -22.27
CA ASP K 177 44.50 7.73 -22.12
C ASP K 177 44.11 7.87 -20.65
N ARG K 178 42.96 7.28 -20.30
CA ARG K 178 42.48 7.33 -18.93
C ARG K 178 43.02 6.14 -18.14
N LEU K 179 44.26 5.76 -18.45
CA LEU K 179 44.90 4.64 -17.79
C LEU K 179 45.23 4.96 -16.34
N LYS K 180 45.02 6.21 -15.94
CA LYS K 180 45.30 6.63 -14.57
C LYS K 180 44.55 5.75 -13.58
N THR K 181 45.29 4.88 -12.90
CA THR K 181 44.72 3.98 -11.92
C THR K 181 44.55 4.68 -10.59
N GLU K 182 43.31 4.77 -10.12
CA GLU K 182 43.01 5.43 -8.85
C GLU K 182 43.96 4.92 -7.77
N PRO K 183 44.51 5.82 -6.94
CA PRO K 183 45.42 5.41 -5.88
C PRO K 183 44.78 4.42 -4.91
N PHE K 184 45.34 3.22 -4.84
CA PHE K 184 44.82 2.17 -3.96
C PHE K 184 44.77 2.65 -2.51
N GLU K 185 43.79 2.12 -1.77
CA GLU K 185 43.62 2.48 -0.37
C GLU K 185 43.12 1.29 0.45
N GLU K 186 44.04 0.67 1.19
CA GLU K 186 43.73 -0.48 2.03
C GLU K 186 42.30 -0.52 2.54
N ASN K 187 41.88 0.55 3.20
CA ASN K 187 40.53 0.67 3.75
C ASN K 187 39.42 0.71 2.71
N SER K 188 39.42 1.77 1.90
CA SER K 188 38.40 1.97 0.87
C SER K 188 37.98 0.71 0.11
N PHE K 189 38.95 -0.12 -0.26
CA PHE K 189 38.66 -1.34 -1.01
C PHE K 189 37.54 -2.18 -0.39
N LEU K 190 37.70 -2.54 0.87
CA LEU K 190 36.71 -3.35 1.58
C LEU K 190 35.32 -2.74 1.49
N GLU K 191 35.22 -1.47 1.87
CA GLU K 191 33.96 -0.73 1.87
C GLU K 191 33.07 -0.96 0.66
N GLN K 192 33.66 -1.02 -0.53
CA GLN K 192 32.87 -1.21 -1.75
C GLN K 192 32.57 -2.68 -2.02
N PHE K 193 33.45 -3.56 -1.55
CA PHE K 193 33.28 -5.00 -1.75
C PHE K 193 32.03 -5.52 -1.03
N MET K 194 31.97 -5.29 0.27
CA MET K 194 30.86 -5.76 1.10
C MET K 194 29.52 -5.13 0.72
N ILE K 195 29.50 -4.33 -0.34
CA ILE K 195 28.27 -3.66 -0.77
C ILE K 195 27.80 -4.13 -2.15
N GLU K 196 28.67 -4.84 -2.87
CA GLU K 196 28.33 -5.32 -4.21
C GLU K 196 29.23 -6.44 -4.70
N LYS K 197 29.81 -7.19 -3.76
CA LYS K 197 30.71 -8.29 -4.11
C LYS K 197 30.67 -9.40 -3.07
N LEU K 198 30.51 -9.02 -1.80
CA LEU K 198 30.45 -9.98 -0.72
C LEU K 198 29.52 -11.15 -1.03
N PRO K 199 28.34 -10.87 -1.62
CA PRO K 199 27.38 -11.93 -1.96
C PRO K 199 27.97 -13.02 -2.84
N GLU K 200 28.52 -12.63 -3.99
CA GLU K 200 29.11 -13.57 -4.93
C GLU K 200 30.35 -14.24 -4.35
N ALA K 201 30.61 -14.01 -3.06
CA ALA K 201 31.77 -14.58 -2.40
C ALA K 201 31.38 -15.48 -1.24
N CYS K 202 30.28 -15.13 -0.56
CA CYS K 202 29.80 -15.90 0.57
C CYS K 202 28.87 -17.04 0.13
N SER K 203 28.46 -16.99 -1.14
CA SER K 203 27.58 -18.01 -1.70
C SER K 203 28.22 -19.39 -1.62
N ILE K 204 27.93 -20.11 -0.53
CA ILE K 204 28.48 -21.43 -0.31
C ILE K 204 27.76 -22.48 -1.15
N GLY K 205 26.61 -22.11 -1.70
CA GLY K 205 25.84 -23.03 -2.52
C GLY K 205 25.71 -24.40 -1.90
N ASP K 206 26.49 -25.36 -2.40
CA ASP K 206 26.47 -26.72 -1.88
C ASP K 206 27.88 -27.32 -1.87
N GLY K 207 28.86 -26.49 -1.57
CA GLY K 207 30.24 -26.95 -1.54
C GLY K 207 30.95 -26.75 -2.87
N LYS K 208 30.17 -26.74 -3.95
CA LYS K 208 30.73 -26.56 -5.28
C LYS K 208 31.80 -25.47 -5.29
N PRO K 209 31.48 -24.28 -4.75
CA PRO K 209 32.46 -23.18 -4.71
C PRO K 209 33.70 -23.55 -3.90
N PHE K 210 33.49 -24.32 -2.84
CA PHE K 210 34.58 -24.74 -1.96
C PHE K 210 35.49 -25.74 -2.66
N VAL K 211 34.86 -26.70 -3.34
CA VAL K 211 35.59 -27.75 -4.05
C VAL K 211 36.31 -27.27 -5.31
N MET K 212 35.62 -26.50 -6.14
CA MET K 212 36.20 -25.99 -7.37
C MET K 212 37.45 -25.17 -7.09
N ASN K 213 37.26 -23.97 -6.55
CA ASN K 213 38.38 -23.08 -6.24
C ASN K 213 38.76 -23.20 -4.77
N LEU K 214 39.84 -22.54 -4.37
CA LEU K 214 40.31 -22.56 -2.99
C LEU K 214 40.84 -23.93 -2.56
N GLN K 215 40.20 -24.98 -3.07
CA GLN K 215 40.56 -26.36 -2.75
C GLN K 215 42.03 -26.64 -2.48
N ASP K 216 42.87 -26.47 -3.49
CA ASP K 216 44.30 -26.73 -3.33
C ASP K 216 44.82 -26.27 -1.97
N LEU K 217 44.56 -25.00 -1.65
CA LEU K 217 44.98 -24.43 -0.38
C LEU K 217 44.76 -25.38 0.79
N TYR K 218 43.54 -25.90 0.88
CA TYR K 218 43.16 -26.82 1.96
C TYR K 218 44.25 -27.85 2.25
N MET K 219 44.56 -28.67 1.25
CA MET K 219 45.58 -29.71 1.40
C MET K 219 46.86 -29.18 2.04
N ALA K 220 47.19 -27.93 1.74
CA ALA K 220 48.39 -27.29 2.27
C ALA K 220 48.21 -26.82 3.72
N VAL K 221 47.10 -26.13 3.97
CA VAL K 221 46.81 -25.61 5.31
C VAL K 221 46.70 -26.73 6.33
N THR K 222 46.17 -27.88 5.89
CA THR K 222 46.01 -29.03 6.77
C THR K 222 47.33 -29.75 7.04
N THR K 223 48.10 -29.98 5.98
CA THR K 223 49.38 -30.66 6.12
C THR K 223 50.28 -29.96 7.13
N GLN K 224 50.38 -28.64 7.01
CA GLN K 224 51.20 -27.85 7.92
C GLN K 224 50.90 -28.16 9.38
N HIS K 225 49.61 -28.37 9.68
CA HIS K 225 49.18 -28.67 11.04
C HIS K 225 49.65 -30.04 11.53
N HIS K 226 49.81 -30.99 10.60
CA HIS K 226 50.23 -32.33 10.96
C HIS K 226 51.66 -32.36 11.50
N HIS K 227 52.44 -31.34 11.17
CA HIS K 227 53.83 -31.25 11.61
C HIS K 227 54.06 -30.00 12.43
N MET L 1 12.55 -17.24 23.43
CA MET L 1 13.88 -17.82 23.25
C MET L 1 14.24 -17.82 21.76
N GLU L 2 13.24 -17.93 20.91
CA GLU L 2 13.43 -17.95 19.46
C GLU L 2 14.38 -16.83 19.02
N GLU L 3 13.89 -15.60 19.10
CA GLU L 3 14.67 -14.43 18.72
C GLU L 3 16.08 -14.43 19.33
N LEU L 4 16.14 -14.57 20.65
CA LEU L 4 17.42 -14.58 21.36
C LEU L 4 18.52 -15.35 20.65
N GLU L 5 18.23 -16.58 20.26
CA GLU L 5 19.22 -17.41 19.58
C GLU L 5 19.69 -16.80 18.26
N GLN L 6 18.75 -16.46 17.39
CA GLN L 6 19.07 -15.86 16.10
C GLN L 6 19.91 -14.60 16.24
N GLY L 7 19.92 -14.02 17.44
CA GLY L 7 20.71 -12.82 17.67
C GLY L 7 22.13 -13.21 17.98
N LEU L 8 22.29 -14.31 18.73
CA LEU L 8 23.59 -14.83 19.10
C LEU L 8 24.47 -14.97 17.87
N LEU L 9 23.86 -15.39 16.77
CA LEU L 9 24.54 -15.59 15.50
C LEU L 9 25.22 -14.33 14.99
N MET L 10 24.67 -13.18 15.35
CA MET L 10 25.23 -11.90 14.91
C MET L 10 26.45 -11.48 15.73
N GLN L 11 26.44 -11.80 17.02
CA GLN L 11 27.57 -11.44 17.87
C GLN L 11 28.84 -12.15 17.45
N PRO L 12 29.91 -11.39 17.18
CA PRO L 12 31.20 -11.94 16.76
C PRO L 12 31.92 -12.67 17.89
N TRP L 13 32.80 -13.59 17.54
CA TRP L 13 33.55 -14.33 18.54
C TRP L 13 34.51 -13.41 19.26
N ALA L 14 35.24 -13.96 20.22
CA ALA L 14 36.21 -13.22 21.00
C ALA L 14 36.82 -14.16 22.02
N TRP L 15 38.13 -14.04 22.24
CA TRP L 15 38.78 -14.93 23.19
C TRP L 15 38.74 -14.42 24.62
N LEU L 16 38.70 -15.38 25.55
CA LEU L 16 38.64 -15.08 26.97
C LEU L 16 39.65 -15.94 27.71
N GLN L 17 40.55 -15.29 28.43
CA GLN L 17 41.59 -16.00 29.18
C GLN L 17 41.08 -16.45 30.54
N LEU L 18 40.77 -17.75 30.65
CA LEU L 18 40.29 -18.31 31.91
C LEU L 18 41.44 -18.95 32.67
N ALA L 19 42.07 -18.15 33.52
CA ALA L 19 43.21 -18.59 34.33
C ALA L 19 43.48 -20.09 34.33
N GLU L 20 43.96 -20.59 33.20
CA GLU L 20 44.29 -22.01 33.01
C GLU L 20 44.38 -22.35 31.53
N ASN L 21 43.49 -21.79 30.73
CA ASN L 21 43.48 -22.05 29.30
C ASN L 21 42.66 -21.01 28.54
N SER L 22 42.57 -21.17 27.23
CA SER L 22 41.82 -20.25 26.39
C SER L 22 40.42 -20.80 26.18
N LEU L 23 39.56 -20.03 25.50
CA LEU L 23 38.19 -20.47 25.25
C LEU L 23 37.46 -19.48 24.35
N LEU L 24 37.30 -19.84 23.08
CA LEU L 24 36.63 -18.96 22.12
C LEU L 24 35.16 -18.88 22.48
N ALA L 25 34.65 -17.65 22.61
CA ALA L 25 33.26 -17.44 22.98
C ALA L 25 32.57 -16.38 22.14
N LYS L 26 31.29 -16.20 22.42
CA LYS L 26 30.44 -15.22 21.75
C LYS L 26 29.06 -15.26 22.40
N VAL L 27 28.86 -14.40 23.40
CA VAL L 27 27.59 -14.37 24.12
C VAL L 27 26.66 -13.29 23.59
N PHE L 28 25.40 -13.33 24.03
CA PHE L 28 24.40 -12.37 23.62
C PHE L 28 23.25 -12.36 24.64
N ILE L 29 23.34 -11.45 25.60
CA ILE L 29 22.32 -11.34 26.64
C ILE L 29 21.17 -10.45 26.19
N THR L 30 20.09 -10.44 26.97
CA THR L 30 18.92 -9.64 26.68
C THR L 30 18.03 -9.56 27.91
N LYS L 31 16.83 -9.00 27.76
CA LYS L 31 15.91 -8.89 28.89
C LYS L 31 15.24 -10.22 29.20
N GLN L 32 15.30 -11.15 28.25
CA GLN L 32 14.72 -12.47 28.43
C GLN L 32 15.69 -13.32 29.23
N GLY L 33 16.72 -13.79 28.54
CA GLY L 33 17.75 -14.61 29.18
C GLY L 33 19.08 -14.29 28.55
N TYR L 34 19.61 -15.24 27.78
CA TYR L 34 20.89 -15.06 27.10
C TYR L 34 21.30 -16.31 26.33
N ALA L 35 22.09 -16.12 25.28
CA ALA L 35 22.57 -17.23 24.46
C ALA L 35 24.09 -17.19 24.45
N LEU L 36 24.71 -18.30 24.83
CA LEU L 36 26.17 -18.40 24.86
C LEU L 36 26.68 -19.53 23.99
N LEU L 37 27.77 -19.26 23.27
CA LEU L 37 28.38 -20.26 22.41
C LEU L 37 29.89 -20.19 22.58
N VAL L 38 30.41 -21.03 23.47
CA VAL L 38 31.85 -21.08 23.74
C VAL L 38 32.44 -22.44 23.38
N SER L 39 33.60 -22.41 22.73
CA SER L 39 34.28 -23.63 22.34
C SER L 39 35.80 -23.47 22.44
N ASP L 40 36.52 -24.55 22.21
CA ASP L 40 37.98 -24.53 22.28
C ASP L 40 38.55 -25.02 20.95
N LEU L 41 37.78 -24.83 19.88
CA LEU L 41 38.18 -25.24 18.54
C LEU L 41 38.28 -26.77 18.42
N GLN L 42 38.41 -27.44 19.55
CA GLN L 42 38.50 -28.89 19.55
C GLN L 42 37.20 -29.46 20.12
N GLN L 43 36.14 -28.66 20.02
CA GLN L 43 34.81 -29.04 20.48
C GLN L 43 33.94 -27.79 20.53
N VAL L 44 32.68 -27.95 20.88
CA VAL L 44 31.76 -26.80 20.96
C VAL L 44 30.83 -26.92 22.15
N TRP L 45 30.21 -25.81 22.54
CA TRP L 45 29.29 -25.77 23.66
C TRP L 45 28.19 -24.73 23.44
N HIS L 46 27.08 -24.87 24.14
CA HIS L 46 25.96 -23.95 24.01
C HIS L 46 24.93 -24.07 25.11
N GLU L 47 24.61 -22.95 25.74
CA GLU L 47 23.62 -22.91 26.81
C GLU L 47 22.69 -21.72 26.61
N GLN L 48 21.39 -21.99 26.51
CA GLN L 48 20.42 -20.91 26.32
C GLN L 48 19.33 -20.99 27.38
N VAL L 49 19.55 -20.30 28.49
CA VAL L 49 18.58 -20.27 29.58
C VAL L 49 17.77 -18.98 29.48
N ASP L 50 16.59 -19.00 30.09
CA ASP L 50 15.72 -17.82 30.08
C ASP L 50 15.51 -17.35 31.51
N THR L 51 14.90 -16.18 31.66
CA THR L 51 14.64 -15.58 32.97
C THR L 51 14.36 -16.63 34.04
N SER L 52 13.59 -17.65 33.68
CA SER L 52 13.24 -18.73 34.60
C SER L 52 14.44 -19.24 35.38
N VAL L 53 15.35 -19.91 34.68
CA VAL L 53 16.54 -20.46 35.31
C VAL L 53 17.41 -19.37 35.92
N VAL L 54 17.54 -18.26 35.21
CA VAL L 54 18.34 -17.13 35.68
C VAL L 54 18.15 -16.87 37.16
N SER L 55 16.91 -16.60 37.56
CA SER L 55 16.60 -16.34 38.96
C SER L 55 17.00 -17.53 39.82
N GLN L 56 16.53 -18.71 39.43
CA GLN L 56 16.82 -19.95 40.14
C GLN L 56 18.27 -20.03 40.61
N ARG L 57 19.19 -20.15 39.65
CA ARG L 57 20.61 -20.26 39.92
C ARG L 57 21.17 -19.09 40.72
N ALA L 58 20.65 -17.90 40.47
CA ALA L 58 21.11 -16.70 41.17
C ALA L 58 21.26 -16.90 42.67
N LYS L 59 20.16 -17.20 43.34
CA LYS L 59 20.16 -17.40 44.79
C LYS L 59 21.05 -18.56 45.24
N GLU L 60 21.06 -19.64 44.47
CA GLU L 60 21.87 -20.80 44.81
C GLU L 60 23.35 -20.48 44.85
N LEU L 61 23.74 -19.37 44.25
CA LEU L 61 25.14 -18.96 44.22
C LEU L 61 25.33 -17.58 44.84
N ASN L 62 24.22 -16.88 45.06
CA ASN L 62 24.27 -15.54 45.65
C ASN L 62 23.26 -15.46 46.78
N LYS L 63 23.58 -16.09 47.91
CA LYS L 63 22.69 -16.10 49.08
C LYS L 63 22.26 -14.69 49.47
N ARG L 64 23.14 -13.98 50.16
CA ARG L 64 22.84 -12.62 50.60
C ARG L 64 22.81 -11.65 49.42
N LEU L 65 21.79 -11.77 48.59
CA LEU L 65 21.66 -10.90 47.43
C LEU L 65 20.29 -11.09 46.77
N THR L 66 19.60 -9.98 46.52
CA THR L 66 18.29 -10.02 45.89
C THR L 66 18.30 -9.19 44.60
N ALA L 67 18.33 -9.88 43.46
CA ALA L 67 18.36 -9.20 42.17
C ALA L 67 17.20 -9.66 41.29
N PRO L 68 16.54 -8.71 40.60
CA PRO L 68 15.42 -9.01 39.72
C PRO L 68 15.75 -10.09 38.68
N PRO L 69 14.75 -10.92 38.33
CA PRO L 69 14.92 -12.00 37.34
C PRO L 69 15.49 -11.55 36.00
N ALA L 70 15.30 -10.27 35.68
CA ALA L 70 15.79 -9.73 34.41
C ALA L 70 16.93 -8.74 34.60
N ALA L 71 17.09 -8.24 35.82
CA ALA L 71 18.15 -7.28 36.12
C ALA L 71 19.50 -7.96 36.27
N PHE L 72 19.48 -9.18 36.84
CA PHE L 72 20.70 -9.93 37.05
C PHE L 72 21.47 -10.08 35.73
N LEU L 73 20.72 -10.11 34.63
CA LEU L 73 21.32 -10.24 33.31
C LEU L 73 22.04 -8.95 32.93
N CYS L 74 21.42 -7.82 33.27
CA CYS L 74 21.99 -6.51 32.96
C CYS L 74 23.40 -6.42 33.54
N HIS L 75 23.54 -6.78 34.82
CA HIS L 75 24.82 -6.75 35.49
C HIS L 75 25.78 -7.79 34.91
N LEU L 76 25.25 -8.95 34.54
CA LEU L 76 26.06 -10.01 33.96
C LEU L 76 26.72 -9.54 32.68
N ASP L 77 26.02 -8.67 31.95
CA ASP L 77 26.50 -8.14 30.69
C ASP L 77 27.72 -7.25 30.89
N ASN L 78 27.66 -6.36 31.88
CA ASN L 78 28.76 -5.46 32.18
C ASN L 78 30.05 -6.17 32.54
N LEU L 79 30.01 -7.50 32.56
CA LEU L 79 31.18 -8.31 32.89
C LEU L 79 31.69 -9.06 31.67
N LEU L 80 30.84 -9.91 31.12
CA LEU L 80 31.19 -10.71 29.95
C LEU L 80 31.43 -9.83 28.72
N ARG L 81 30.76 -8.68 28.70
CA ARG L 81 30.88 -7.75 27.58
C ARG L 81 32.25 -7.08 27.51
N PRO L 82 32.70 -6.46 28.62
CA PRO L 82 34.01 -5.80 28.62
C PRO L 82 35.13 -6.72 28.14
N LEU L 83 35.19 -7.92 28.72
CA LEU L 83 36.21 -8.89 28.37
C LEU L 83 36.02 -9.36 26.93
N LEU L 84 34.81 -9.18 26.41
CA LEU L 84 34.49 -9.59 25.06
C LEU L 84 35.06 -8.59 24.05
N LYS L 85 34.81 -7.31 24.28
CA LYS L 85 35.31 -6.26 23.40
C LYS L 85 36.80 -6.48 23.14
N ASP L 86 37.54 -6.74 24.22
CA ASP L 86 38.97 -6.98 24.15
C ASP L 86 39.56 -7.08 25.55
N ALA L 87 40.59 -7.89 25.71
CA ALA L 87 41.24 -8.07 27.00
C ALA L 87 41.79 -6.76 27.54
N ALA L 88 41.65 -5.70 26.75
CA ALA L 88 42.12 -4.37 27.15
C ALA L 88 41.68 -4.03 28.57
N HIS L 89 40.37 -4.14 28.81
CA HIS L 89 39.82 -3.84 30.13
C HIS L 89 40.39 -4.81 31.16
N PRO L 90 40.44 -4.38 32.43
CA PRO L 90 40.97 -5.23 33.51
C PRO L 90 40.43 -6.66 33.46
N SER L 91 41.24 -7.62 33.93
CA SER L 91 40.83 -9.01 33.92
C SER L 91 39.54 -9.17 34.72
N GLU L 92 39.36 -8.30 35.71
CA GLU L 92 38.16 -8.31 36.54
C GLU L 92 37.79 -9.73 36.99
N ALA L 93 36.80 -10.31 36.32
CA ALA L 93 36.34 -11.65 36.64
C ALA L 93 37.43 -12.69 36.44
N THR L 94 37.31 -13.80 37.17
CA THR L 94 38.27 -14.90 37.09
C THR L 94 37.56 -16.15 36.58
N PHE L 95 37.32 -16.19 35.27
CA PHE L 95 36.65 -17.33 34.65
C PHE L 95 37.31 -18.66 34.95
N SER L 96 36.57 -19.54 35.60
CA SER L 96 37.05 -20.87 35.94
C SER L 96 36.46 -21.85 34.95
N CYS L 97 36.97 -23.07 34.91
CA CYS L 97 36.47 -24.06 33.98
C CYS L 97 36.77 -25.49 34.42
N ASP L 98 35.75 -26.34 34.36
CA ASP L 98 35.87 -27.75 34.72
C ASP L 98 34.82 -28.53 33.93
N CYS L 99 35.29 -29.38 33.03
CA CYS L 99 34.39 -30.17 32.20
C CYS L 99 33.84 -31.39 32.93
N VAL L 100 32.58 -31.73 32.62
CA VAL L 100 31.92 -32.88 33.22
C VAL L 100 31.03 -33.54 32.17
N ALA L 101 31.37 -34.76 31.80
CA ALA L 101 30.61 -35.51 30.81
C ALA L 101 30.66 -34.77 29.46
N ASP L 102 29.59 -34.06 29.14
CA ASP L 102 29.53 -33.30 27.90
C ASP L 102 29.03 -31.88 28.13
N ALA L 103 29.17 -31.41 29.36
CA ALA L 103 28.75 -30.07 29.72
C ALA L 103 29.96 -29.22 30.08
N LEU L 104 29.74 -27.98 30.46
CA LEU L 104 30.83 -27.08 30.81
C LEU L 104 30.46 -26.28 32.06
N ILE L 105 31.46 -25.95 32.87
CA ILE L 105 31.24 -25.18 34.09
C ILE L 105 32.15 -23.96 34.12
N LEU L 106 31.55 -22.78 34.03
CA LEU L 106 32.34 -21.54 34.05
C LEU L 106 32.13 -20.77 35.35
N ARG L 107 32.84 -21.18 36.40
CA ARG L 107 32.75 -20.53 37.70
C ARG L 107 33.26 -19.10 37.59
N VAL L 108 32.47 -18.25 36.92
CA VAL L 108 32.82 -16.85 36.72
C VAL L 108 32.89 -16.07 38.03
N ARG L 109 34.01 -16.19 38.73
CA ARG L 109 34.22 -15.47 39.98
C ARG L 109 34.34 -13.99 39.66
N SER L 110 33.26 -13.25 39.88
CA SER L 110 33.24 -11.83 39.59
C SER L 110 33.19 -10.96 40.84
N GLU L 111 32.99 -9.66 40.63
CA GLU L 111 32.92 -8.68 41.71
C GLU L 111 31.84 -7.66 41.36
N LEU L 112 31.13 -7.16 42.37
CA LEU L 112 30.09 -6.18 42.14
C LEU L 112 30.08 -5.13 43.25
N SER L 113 30.77 -4.02 43.01
CA SER L 113 30.87 -2.93 43.97
C SER L 113 31.61 -3.35 45.23
N GLY L 114 32.79 -3.92 45.05
CA GLY L 114 33.58 -4.36 46.19
C GLY L 114 33.18 -5.69 46.79
N LEU L 115 31.89 -5.98 46.77
CA LEU L 115 31.38 -7.23 47.32
C LEU L 115 31.41 -8.40 46.33
N PRO L 116 31.37 -9.63 46.84
CA PRO L 116 31.39 -10.87 46.04
C PRO L 116 30.30 -10.91 44.97
N PHE L 117 30.38 -11.93 44.12
CA PHE L 117 29.42 -12.12 43.03
C PHE L 117 29.84 -13.36 42.25
N TYR L 118 28.97 -14.36 42.21
CA TYR L 118 29.27 -15.58 41.48
C TYR L 118 28.21 -15.88 40.41
N TRP L 119 28.52 -16.83 39.55
CA TRP L 119 27.63 -17.24 38.47
C TRP L 119 28.25 -18.34 37.63
N ASN L 120 27.48 -19.39 37.38
CA ASN L 120 27.96 -20.52 36.59
C ASN L 120 27.26 -20.60 35.24
N PHE L 121 27.90 -21.28 34.29
CA PHE L 121 27.36 -21.45 32.95
C PHE L 121 27.22 -22.93 32.63
N HIS L 122 26.02 -23.46 32.83
CA HIS L 122 25.75 -24.88 32.57
C HIS L 122 25.40 -25.09 31.10
N CYS L 123 26.42 -25.25 30.27
CA CYS L 123 26.23 -25.47 28.84
C CYS L 123 26.60 -26.89 28.43
N MET L 124 25.69 -27.53 27.69
CA MET L 124 25.90 -28.89 27.23
C MET L 124 26.55 -28.88 25.84
N LEU L 125 26.96 -30.06 25.36
CA LEU L 125 27.59 -30.17 24.05
C LEU L 125 26.78 -29.47 22.97
N ALA L 126 27.39 -28.45 22.36
CA ALA L 126 26.72 -27.70 21.30
C ALA L 126 26.22 -28.64 20.22
N SER L 127 24.99 -28.41 19.77
CA SER L 127 24.39 -29.25 18.74
C SER L 127 25.03 -29.01 17.38
N PRO L 128 25.15 -30.07 16.56
CA PRO L 128 25.74 -29.99 15.23
C PRO L 128 25.06 -28.94 14.35
N SER L 129 23.73 -28.98 14.33
CA SER L 129 22.94 -28.04 13.52
C SER L 129 23.33 -26.60 13.80
N LEU L 130 23.94 -26.35 14.96
CA LEU L 130 24.35 -25.00 15.32
C LEU L 130 25.82 -24.76 14.96
N VAL L 131 26.68 -25.68 15.39
CA VAL L 131 28.11 -25.59 15.12
C VAL L 131 28.35 -25.30 13.64
N SER L 132 27.39 -25.66 12.81
CA SER L 132 27.50 -25.44 11.38
C SER L 132 27.09 -24.02 11.01
N GLN L 133 26.04 -23.51 11.65
CA GLN L 133 25.54 -22.16 11.38
C GLN L 133 26.40 -21.08 12.04
N HIS L 134 27.30 -21.48 12.93
CA HIS L 134 28.16 -20.53 13.63
C HIS L 134 29.61 -20.57 13.19
N LEU L 135 30.12 -21.75 12.89
CA LEU L 135 31.52 -21.90 12.47
C LEU L 135 31.68 -22.44 11.06
N ILE L 136 31.43 -23.73 10.91
CA ILE L 136 31.56 -24.41 9.61
C ILE L 136 31.04 -23.61 8.42
N ARG L 137 29.72 -23.54 8.28
CA ARG L 137 29.10 -22.83 7.16
C ARG L 137 29.60 -21.39 6.97
N PRO L 138 29.55 -20.56 8.02
CA PRO L 138 30.01 -19.18 7.89
C PRO L 138 31.49 -19.06 7.52
N LEU L 139 32.36 -19.67 8.33
CA LEU L 139 33.79 -19.65 8.07
C LEU L 139 34.09 -19.98 6.61
N MET L 140 33.30 -20.89 6.06
CA MET L 140 33.49 -21.30 4.67
C MET L 140 33.25 -20.11 3.75
N GLY L 141 32.33 -19.24 4.17
CA GLY L 141 32.02 -18.06 3.38
C GLY L 141 33.20 -17.09 3.38
N MET L 142 33.88 -17.03 4.52
CA MET L 142 35.03 -16.14 4.67
C MET L 142 36.19 -16.56 3.76
N SER L 143 36.76 -17.72 4.07
CA SER L 143 37.89 -18.25 3.28
C SER L 143 37.59 -18.25 1.79
N LEU L 144 36.38 -18.67 1.43
CA LEU L 144 35.99 -18.72 0.03
C LEU L 144 35.72 -17.33 -0.53
N ALA L 145 35.41 -16.39 0.35
CA ALA L 145 35.13 -15.01 -0.07
C ALA L 145 36.42 -14.22 -0.24
N LEU L 146 37.36 -14.39 0.69
CA LEU L 146 38.63 -13.69 0.64
C LEU L 146 39.31 -13.91 -0.71
N GLN L 147 39.20 -15.13 -1.23
CA GLN L 147 39.78 -15.47 -2.52
C GLN L 147 39.39 -14.41 -3.54
N CYS L 148 38.13 -14.01 -3.48
CA CYS L 148 37.60 -13.00 -4.39
C CYS L 148 38.32 -11.67 -4.25
N GLN L 149 38.72 -11.33 -3.03
CA GLN L 149 39.42 -10.08 -2.78
C GLN L 149 40.81 -10.10 -3.42
N VAL L 150 41.59 -11.11 -3.07
CA VAL L 150 42.94 -11.25 -3.63
C VAL L 150 42.90 -11.18 -5.15
N ARG L 151 41.98 -11.92 -5.75
CA ARG L 151 41.83 -11.93 -7.20
C ARG L 151 41.41 -10.56 -7.69
N GLU L 152 40.75 -9.79 -6.83
CA GLU L 152 40.30 -8.46 -7.18
C GLU L 152 41.45 -7.47 -7.03
N LEU L 153 42.27 -7.67 -6.01
CA LEU L 153 43.41 -6.81 -5.75
C LEU L 153 44.49 -7.10 -6.79
N ALA L 154 44.72 -8.39 -7.04
CA ALA L 154 45.72 -8.83 -8.00
C ALA L 154 45.41 -8.31 -9.40
N THR L 155 44.13 -8.21 -9.73
CA THR L 155 43.72 -7.72 -11.04
C THR L 155 43.92 -6.21 -11.14
N LEU L 156 43.77 -5.54 -10.00
CA LEU L 156 43.95 -4.09 -9.93
C LEU L 156 45.42 -3.75 -10.03
N LEU L 157 46.26 -4.60 -9.46
CA LEU L 157 47.70 -4.41 -9.47
C LEU L 157 48.28 -4.24 -10.88
N HIS L 158 47.93 -5.15 -11.77
CA HIS L 158 48.42 -5.09 -13.14
C HIS L 158 48.08 -3.78 -13.84
N MET L 159 46.85 -3.30 -13.64
CA MET L 159 46.42 -2.05 -14.26
C MET L 159 47.42 -0.94 -14.00
N LYS L 160 48.02 -0.95 -12.80
CA LYS L 160 49.00 0.06 -12.44
C LYS L 160 50.33 -0.15 -13.15
N ASP L 161 50.76 -1.40 -13.28
CA ASP L 161 52.01 -1.71 -13.95
C ASP L 161 52.05 -1.16 -15.38
N LEU L 162 50.90 -0.74 -15.88
CA LEU L 162 50.80 -0.19 -17.22
C LEU L 162 51.45 1.18 -17.31
N GLU L 163 51.45 1.91 -16.20
CA GLU L 163 52.04 3.24 -16.17
C GLU L 163 53.48 3.25 -15.66
N ILE L 164 53.88 2.20 -14.96
CA ILE L 164 55.24 2.11 -14.45
C ILE L 164 56.12 1.79 -15.65
N GLN L 165 55.50 1.16 -16.65
CA GLN L 165 56.18 0.78 -17.88
C GLN L 165 55.62 1.62 -19.02
N ASP L 166 55.20 2.83 -18.68
CA ASP L 166 54.63 3.78 -19.62
C ASP L 166 55.45 5.07 -19.61
N TYR L 167 55.82 5.52 -18.42
CA TYR L 167 56.59 6.74 -18.27
C TYR L 167 58.08 6.49 -18.47
N GLN L 168 58.47 5.22 -18.45
CA GLN L 168 59.87 4.84 -18.64
C GLN L 168 60.16 4.70 -20.13
N GLU L 169 59.18 4.17 -20.87
CA GLU L 169 59.32 3.97 -22.30
C GLU L 169 58.82 5.20 -23.07
N SER L 170 57.56 5.54 -22.83
CA SER L 170 56.92 6.67 -23.48
C SER L 170 57.33 8.02 -22.89
N GLY L 171 57.99 7.98 -21.74
CA GLY L 171 58.40 9.22 -21.08
C GLY L 171 59.87 9.30 -20.70
N ALA L 172 60.50 8.15 -20.45
CA ALA L 172 61.90 8.13 -20.06
C ALA L 172 62.10 8.93 -18.78
N THR L 173 61.76 8.32 -17.65
CA THR L 173 61.88 8.98 -16.36
C THR L 173 62.28 7.93 -15.32
N LEU L 174 62.41 8.35 -14.05
CA LEU L 174 62.79 7.43 -13.00
C LEU L 174 62.52 7.97 -11.60
N ILE L 175 62.28 7.06 -10.65
CA ILE L 175 62.02 7.42 -9.27
C ILE L 175 63.31 7.65 -8.48
N ARG L 176 63.62 6.74 -7.55
CA ARG L 176 64.82 6.86 -6.75
C ARG L 176 65.60 5.55 -6.69
N ASP L 177 65.40 4.71 -7.70
CA ASP L 177 66.08 3.41 -7.78
C ASP L 177 66.05 2.65 -6.47
N ARG L 178 64.95 2.78 -5.73
CA ARG L 178 64.79 2.11 -4.44
C ARG L 178 63.33 1.77 -4.16
N LEU L 179 62.44 2.55 -4.77
CA LEU L 179 61.01 2.38 -4.60
C LEU L 179 60.35 1.69 -5.79
N LYS L 180 61.14 1.39 -6.81
CA LYS L 180 60.65 0.74 -8.02
C LYS L 180 60.01 -0.62 -7.74
N THR L 181 58.68 -0.64 -7.65
CA THR L 181 57.94 -1.88 -7.40
C THR L 181 57.94 -2.71 -8.67
N GLU L 182 58.33 -3.98 -8.56
CA GLU L 182 58.37 -4.87 -9.71
C GLU L 182 56.98 -5.10 -10.29
N PRO L 183 56.91 -5.52 -11.56
CA PRO L 183 55.60 -5.77 -12.18
C PRO L 183 54.93 -6.94 -11.49
N PHE L 184 53.61 -6.90 -11.39
CA PHE L 184 52.87 -7.96 -10.71
C PHE L 184 52.75 -9.22 -11.56
N GLU L 185 52.51 -10.34 -10.88
CA GLU L 185 52.36 -11.63 -11.53
C GLU L 185 51.63 -12.58 -10.58
N GLU L 186 50.33 -12.70 -10.76
CA GLU L 186 49.49 -13.56 -9.92
C GLU L 186 50.19 -14.86 -9.50
N ASN L 187 50.28 -15.79 -10.45
CA ASN L 187 50.89 -17.10 -10.21
C ASN L 187 52.08 -17.06 -9.26
N SER L 188 53.09 -16.26 -9.58
CA SER L 188 54.29 -16.15 -8.75
C SER L 188 53.99 -15.82 -7.30
N PHE L 189 53.44 -14.63 -7.06
CA PHE L 189 53.12 -14.18 -5.71
C PHE L 189 52.56 -15.31 -4.83
N LEU L 190 51.61 -16.07 -5.37
CA LEU L 190 51.01 -17.16 -4.62
C LEU L 190 52.05 -18.19 -4.19
N GLU L 191 52.53 -18.98 -5.15
CA GLU L 191 53.53 -20.01 -4.89
C GLU L 191 54.69 -19.52 -4.02
N GLN L 192 55.06 -18.26 -4.16
CA GLN L 192 56.15 -17.72 -3.36
C GLN L 192 55.71 -17.55 -1.91
N PHE L 193 54.55 -16.93 -1.71
CA PHE L 193 54.01 -16.72 -0.38
C PHE L 193 53.63 -18.05 0.25
N MET L 194 53.09 -18.95 -0.57
CA MET L 194 52.66 -20.27 -0.11
C MET L 194 53.84 -21.05 0.46
N ILE L 195 55.02 -20.42 0.45
CA ILE L 195 56.23 -21.05 0.97
C ILE L 195 56.90 -20.10 1.98
N GLU L 196 56.64 -18.81 1.82
CA GLU L 196 57.21 -17.80 2.70
C GLU L 196 56.55 -17.77 4.08
N LYS L 197 55.50 -16.98 4.20
CA LYS L 197 54.79 -16.84 5.47
C LYS L 197 53.62 -17.81 5.65
N LEU L 198 53.07 -18.32 4.56
CA LEU L 198 51.94 -19.23 4.63
C LEU L 198 52.07 -20.25 5.77
N PRO L 199 53.21 -20.97 5.84
CA PRO L 199 53.41 -21.96 6.91
C PRO L 199 52.98 -21.48 8.28
N GLU L 200 53.47 -20.33 8.70
CA GLU L 200 53.12 -19.78 10.00
C GLU L 200 52.16 -18.61 9.84
N ALA L 201 51.31 -18.69 8.82
CA ALA L 201 50.33 -17.63 8.55
C ALA L 201 48.91 -18.09 8.87
N CYS L 202 48.71 -19.41 8.93
CA CYS L 202 47.39 -19.95 9.22
C CYS L 202 47.27 -20.27 10.71
N SER L 203 48.38 -20.72 11.30
CA SER L 203 48.46 -21.08 12.71
C SER L 203 47.34 -20.49 13.56
N ILE L 204 46.41 -21.35 13.98
CA ILE L 204 45.30 -20.90 14.80
C ILE L 204 45.68 -21.04 16.27
N GLY L 205 46.29 -22.17 16.61
CA GLY L 205 46.70 -22.43 17.98
C GLY L 205 45.58 -22.11 18.95
N ASP L 206 45.82 -21.14 19.83
CA ASP L 206 44.81 -20.74 20.81
C ASP L 206 43.68 -19.98 20.12
N GLY L 207 43.56 -20.18 18.81
CA GLY L 207 42.53 -19.52 18.04
C GLY L 207 42.56 -18.01 18.10
N LYS L 208 43.36 -17.47 19.02
CA LYS L 208 43.50 -16.04 19.21
C LYS L 208 43.39 -15.15 17.97
N PRO L 209 44.12 -15.49 16.90
CA PRO L 209 44.06 -14.68 15.67
C PRO L 209 42.69 -14.53 15.02
N PHE L 210 41.87 -15.58 15.07
CA PHE L 210 40.54 -15.54 14.45
C PHE L 210 39.76 -14.26 14.74
N VAL L 211 39.52 -13.98 16.01
CA VAL L 211 38.75 -12.80 16.40
C VAL L 211 39.52 -11.49 16.33
N MET L 212 40.77 -11.53 16.76
CA MET L 212 41.61 -10.33 16.78
C MET L 212 42.18 -10.01 15.40
N ASN L 213 41.44 -10.35 14.36
CA ASN L 213 41.88 -10.07 12.99
C ASN L 213 40.84 -10.45 11.92
N LEU L 214 39.75 -11.08 12.34
CA LEU L 214 38.71 -11.48 11.37
C LEU L 214 37.27 -11.30 11.81
N GLN L 215 37.01 -11.29 13.12
CA GLN L 215 35.64 -11.14 13.60
C GLN L 215 34.81 -10.11 12.85
N ASP L 216 35.45 -9.04 12.38
CA ASP L 216 34.74 -8.01 11.65
C ASP L 216 34.15 -8.62 10.36
N LEU L 217 34.94 -9.47 9.72
CA LEU L 217 34.51 -10.12 8.48
C LEU L 217 33.51 -11.23 8.81
N TYR L 218 33.82 -12.02 9.83
CA TYR L 218 32.94 -13.10 10.25
C TYR L 218 31.49 -12.64 10.27
N MET L 219 31.23 -11.56 10.99
CA MET L 219 29.89 -10.99 11.09
C MET L 219 29.41 -10.54 9.71
N ALA L 220 30.25 -9.79 9.02
CA ALA L 220 29.93 -9.27 7.70
C ALA L 220 29.44 -10.36 6.75
N VAL L 221 29.80 -11.60 7.03
CA VAL L 221 29.40 -12.72 6.19
C VAL L 221 28.10 -13.35 6.69
N THR L 222 28.07 -13.71 7.96
CA THR L 222 26.88 -14.33 8.56
C THR L 222 25.63 -13.48 8.35
N THR L 223 25.74 -12.18 8.64
CA THR L 223 24.63 -11.26 8.49
C THR L 223 24.05 -11.28 7.08
N GLN L 224 24.84 -11.78 6.14
CA GLN L 224 24.41 -11.87 4.74
C GLN L 224 23.83 -13.24 4.41
N HIS L 225 24.29 -14.26 5.12
CA HIS L 225 23.82 -15.63 4.92
C HIS L 225 22.32 -15.79 5.07
N HIS L 226 21.73 -15.01 5.97
CA HIS L 226 20.29 -15.09 6.23
C HIS L 226 19.52 -13.94 5.59
N HIS L 227 19.58 -12.77 6.22
CA HIS L 227 18.88 -11.60 5.73
C HIS L 227 19.80 -10.67 4.96
N MET M 1 -16.97 -4.74 17.21
CA MET M 1 -15.86 -5.07 18.15
C MET M 1 -16.35 -5.28 19.58
N GLU M 2 -15.91 -6.36 20.20
CA GLU M 2 -16.30 -6.68 21.56
C GLU M 2 -15.06 -6.72 22.45
N ARG M 3 -14.86 -5.66 23.21
CA ARG M 3 -13.70 -5.53 24.09
C ARG M 3 -13.62 -6.64 25.13
N LYS M 4 -12.39 -6.93 25.56
CA LYS M 4 -12.12 -7.96 26.56
C LYS M 4 -10.78 -7.70 27.24
N ILE M 5 -10.78 -6.90 28.29
CA ILE M 5 -9.57 -6.58 29.02
C ILE M 5 -9.12 -7.81 29.81
N SER M 6 -8.06 -7.66 30.61
CA SER M 6 -7.53 -8.75 31.42
C SER M 6 -6.16 -8.40 31.99
N ARG M 7 -6.09 -8.26 33.31
CA ARG M 7 -4.84 -7.94 33.98
C ARG M 7 -3.97 -9.19 33.97
N ILE M 8 -2.68 -9.02 33.67
CA ILE M 8 -1.77 -10.16 33.63
C ILE M 8 -0.38 -9.83 34.15
N HIS M 9 0.46 -10.85 34.24
CA HIS M 9 1.84 -10.70 34.71
C HIS M 9 2.80 -11.27 33.67
N LEU M 10 3.51 -10.38 32.96
CA LEU M 10 4.45 -10.82 31.95
C LEU M 10 5.65 -11.53 32.57
N VAL M 11 5.96 -12.71 32.06
CA VAL M 11 7.08 -13.49 32.54
C VAL M 11 8.40 -12.77 32.30
N SER M 12 8.42 -11.89 31.30
CA SER M 12 9.62 -11.11 30.99
C SER M 12 9.95 -10.22 32.18
N GLU M 13 8.93 -9.50 32.65
CA GLU M 13 9.07 -8.59 33.78
C GLU M 13 7.92 -8.84 34.75
N PRO M 14 7.89 -10.05 35.37
CA PRO M 14 6.85 -10.44 36.32
C PRO M 14 6.65 -9.44 37.46
N SER M 15 7.33 -8.30 37.36
CA SER M 15 7.23 -7.26 38.38
C SER M 15 6.07 -6.30 38.08
N ILE M 16 5.93 -5.92 36.82
CA ILE M 16 4.87 -5.01 36.41
C ILE M 16 3.56 -5.76 36.20
N THR M 17 2.52 -5.04 35.77
CA THR M 17 1.22 -5.65 35.54
C THR M 17 0.57 -5.05 34.28
N HIS M 18 1.08 -5.44 33.12
CA HIS M 18 0.57 -4.95 31.85
C HIS M 18 -0.86 -5.43 31.63
N PHE M 19 -1.60 -4.74 30.78
CA PHE M 19 -2.98 -5.11 30.49
C PHE M 19 -3.13 -5.68 29.09
N LEU M 20 -4.16 -6.50 28.91
CA LEU M 20 -4.43 -7.13 27.62
C LEU M 20 -5.80 -6.67 27.13
N GLN M 21 -5.90 -6.37 25.84
CA GLN M 21 -7.16 -5.92 25.27
C GLN M 21 -7.45 -6.63 23.95
N VAL M 22 -8.03 -7.82 24.04
CA VAL M 22 -8.36 -8.62 22.88
C VAL M 22 -9.73 -8.26 22.33
N SER M 23 -9.75 -7.71 21.11
CA SER M 23 -10.99 -7.31 20.47
C SER M 23 -11.26 -8.13 19.20
N TRP M 24 -12.51 -8.52 19.00
CA TRP M 24 -12.90 -9.29 17.82
C TRP M 24 -14.12 -8.71 17.13
N GLU M 25 -14.17 -8.85 15.82
CA GLU M 25 -15.27 -8.32 15.01
C GLU M 25 -16.54 -9.16 15.18
N LYS M 26 -16.36 -10.47 15.36
CA LYS M 26 -17.49 -11.38 15.53
C LYS M 26 -17.14 -12.50 16.50
N THR M 27 -16.07 -13.24 16.18
CA THR M 27 -15.62 -14.34 17.01
C THR M 27 -14.10 -14.36 17.08
N LEU M 28 -13.57 -14.88 18.18
CA LEU M 28 -12.12 -14.96 18.35
C LEU M 28 -11.51 -15.86 17.28
N GLU M 29 -12.27 -16.87 16.87
CA GLU M 29 -11.82 -17.81 15.84
C GLU M 29 -11.86 -17.12 14.48
N SER M 30 -12.54 -15.98 14.42
CA SER M 30 -12.67 -15.21 13.18
C SER M 30 -11.57 -14.17 13.09
N GLY M 31 -10.57 -14.28 13.97
CA GLY M 31 -9.48 -13.32 13.97
C GLY M 31 -9.70 -12.29 15.05
N PHE M 32 -8.68 -11.50 15.36
CA PHE M 32 -8.80 -10.48 16.40
C PHE M 32 -7.69 -9.44 16.32
N VAL M 33 -7.91 -8.32 17.01
CA VAL M 33 -6.94 -7.22 17.05
C VAL M 33 -6.47 -7.01 18.48
N ILE M 34 -5.52 -7.85 18.90
CA ILE M 34 -4.98 -7.78 20.25
C ILE M 34 -4.28 -6.45 20.55
N THR M 35 -4.09 -6.17 21.84
CA THR M 35 -3.43 -4.95 22.28
C THR M 35 -2.87 -5.07 23.70
N LEU M 36 -1.62 -4.62 23.87
CA LEU M 36 -0.96 -4.66 25.16
C LEU M 36 -0.84 -3.23 25.70
N THR M 37 -0.15 -3.06 26.82
CA THR M 37 0.05 -1.75 27.43
C THR M 37 0.67 -1.90 28.81
N ASP M 38 0.80 -0.78 29.53
CA ASP M 38 1.37 -0.81 30.88
C ASP M 38 1.19 0.51 31.61
N GLY M 39 0.43 1.42 31.02
CA GLY M 39 0.21 2.71 31.66
C GLY M 39 1.24 3.74 31.23
N HIS M 40 1.62 3.66 29.96
CA HIS M 40 2.61 4.57 29.37
C HIS M 40 2.83 4.09 27.95
N SER M 41 3.57 2.99 27.82
CA SER M 41 3.84 2.40 26.51
C SER M 41 2.54 1.73 26.07
N ALA M 42 2.37 1.57 24.76
CA ALA M 42 1.14 0.97 24.26
C ALA M 42 1.28 -0.46 23.73
N TRP M 43 1.51 -0.57 22.42
CA TRP M 43 1.65 -1.86 21.75
C TRP M 43 0.29 -2.35 21.25
N THR M 44 0.30 -3.08 20.14
CA THR M 44 -0.92 -3.61 19.55
C THR M 44 -0.62 -4.50 18.35
N GLY M 45 -1.61 -5.26 17.89
CA GLY M 45 -1.40 -6.14 16.76
C GLY M 45 -2.58 -6.21 15.82
N THR M 46 -2.57 -7.21 14.94
CA THR M 46 -3.65 -7.41 13.98
C THR M 46 -3.61 -8.84 13.44
N VAL M 47 -4.38 -9.72 14.06
CA VAL M 47 -4.44 -11.12 13.64
C VAL M 47 -5.60 -11.39 12.71
N SER M 48 -5.36 -12.20 11.68
CA SER M 48 -6.39 -12.55 10.72
C SER M 48 -6.83 -13.99 10.98
N GLU M 49 -8.03 -14.34 10.49
CA GLU M 49 -8.56 -15.67 10.68
C GLU M 49 -7.59 -16.73 10.14
N SER M 50 -6.76 -16.32 9.18
CA SER M 50 -5.79 -17.22 8.57
C SER M 50 -4.63 -17.48 9.53
N GLU M 51 -4.22 -16.46 10.26
CA GLU M 51 -3.12 -16.60 11.22
C GLU M 51 -3.48 -17.58 12.33
N ILE M 52 -4.77 -17.61 12.68
CA ILE M 52 -5.25 -18.50 13.73
C ILE M 52 -5.12 -19.94 13.25
N SER M 53 -5.50 -20.18 11.99
CA SER M 53 -5.42 -21.51 11.41
C SER M 53 -3.99 -21.84 11.03
N GLN M 54 -3.19 -20.80 10.77
CA GLN M 54 -1.81 -20.98 10.39
C GLN M 54 -1.04 -21.61 11.55
N GLU M 55 -1.06 -20.96 12.71
CA GLU M 55 -0.36 -21.47 13.88
C GLU M 55 -1.06 -22.70 14.45
N ALA M 56 -2.38 -22.78 14.26
CA ALA M 56 -3.15 -23.91 14.76
C ALA M 56 -2.65 -25.22 14.16
N ASP M 57 -2.78 -25.36 12.85
CA ASP M 57 -2.35 -26.56 12.15
C ASP M 57 -0.84 -26.78 12.19
N ASP M 58 -0.07 -25.70 12.13
CA ASP M 58 1.38 -25.81 12.15
C ASP M 58 1.90 -26.54 13.38
N MET M 59 1.23 -26.38 14.51
CA MET M 59 1.67 -27.06 15.73
C MET M 59 1.01 -28.43 15.79
N ALA M 60 0.27 -28.77 14.74
CA ALA M 60 -0.44 -30.04 14.65
C ALA M 60 -1.57 -30.12 15.65
N MET M 61 -2.59 -29.28 15.46
CA MET M 61 -3.73 -29.26 16.37
C MET M 61 -5.00 -28.84 15.65
N GLU M 62 -6.13 -29.40 16.06
CA GLU M 62 -7.42 -29.08 15.46
C GLU M 62 -7.73 -27.59 15.59
N LYS M 63 -8.32 -27.01 14.55
CA LYS M 63 -8.65 -25.60 14.57
C LYS M 63 -9.57 -25.28 15.75
N GLY M 64 -10.18 -26.32 16.32
CA GLY M 64 -11.05 -26.12 17.45
C GLY M 64 -10.26 -26.20 18.75
N LYS M 65 -9.19 -26.98 18.72
CA LYS M 65 -8.33 -27.15 19.88
C LYS M 65 -7.54 -25.87 20.13
N TYR M 66 -7.23 -25.15 19.06
CA TYR M 66 -6.47 -23.90 19.16
C TYR M 66 -7.39 -22.78 19.62
N VAL M 67 -8.49 -22.58 18.90
CA VAL M 67 -9.44 -21.54 19.24
C VAL M 67 -9.84 -21.68 20.71
N GLY M 68 -10.23 -22.89 21.10
CA GLY M 68 -10.61 -23.14 22.48
C GLY M 68 -9.51 -22.70 23.42
N GLU M 69 -8.39 -23.41 23.37
CA GLU M 69 -7.24 -23.09 24.22
C GLU M 69 -6.97 -21.60 24.22
N LEU M 70 -7.09 -20.98 23.05
CA LEU M 70 -6.86 -19.56 22.89
C LEU M 70 -7.72 -18.75 23.86
N ARG M 71 -9.03 -18.80 23.67
CA ARG M 71 -9.96 -18.07 24.53
C ARG M 71 -9.70 -18.32 26.01
N LYS M 72 -9.13 -19.48 26.31
CA LYS M 72 -8.82 -19.84 27.70
C LYS M 72 -7.56 -19.20 28.24
N ALA M 73 -6.80 -18.52 27.38
CA ALA M 73 -5.57 -17.88 27.80
C ALA M 73 -5.56 -16.37 27.57
N LEU M 74 -5.99 -15.95 26.38
CA LEU M 74 -6.01 -14.54 26.03
C LEU M 74 -7.16 -13.77 26.68
N LEU M 75 -7.90 -14.45 27.56
CA LEU M 75 -9.04 -13.81 28.22
C LEU M 75 -9.11 -14.17 29.69
N SER M 76 -8.03 -14.73 30.22
CA SER M 76 -7.96 -15.15 31.62
C SER M 76 -9.26 -15.80 32.07
N GLY M 77 -9.90 -16.52 31.15
CA GLY M 77 -11.15 -17.19 31.46
C GLY M 77 -10.95 -18.67 31.71
N ALA M 78 -10.24 -18.99 32.79
CA ALA M 78 -9.98 -20.38 33.15
C ALA M 78 -9.33 -20.45 34.53
N GLY M 79 -9.84 -21.33 35.38
CA GLY M 79 -9.31 -21.49 36.72
C GLY M 79 -7.85 -21.92 36.71
N PRO M 80 -7.24 -22.08 37.90
CA PRO M 80 -5.84 -22.51 38.01
C PRO M 80 -5.62 -23.97 37.61
N ALA M 81 -6.25 -24.37 36.52
CA ALA M 81 -6.13 -25.74 36.03
C ALA M 81 -5.10 -25.82 34.92
N ASP M 82 -4.79 -24.67 34.32
CA ASP M 82 -3.82 -24.60 33.23
C ASP M 82 -3.30 -23.17 33.08
N VAL M 83 -2.63 -22.69 34.11
CA VAL M 83 -2.07 -21.33 34.09
C VAL M 83 -1.32 -21.06 32.80
N TYR M 84 -1.23 -19.78 32.43
CA TYR M 84 -0.54 -19.38 31.21
C TYR M 84 0.57 -18.36 31.47
N THR M 85 1.62 -18.43 30.65
CA THR M 85 2.75 -17.52 30.76
C THR M 85 2.87 -16.72 29.48
N PHE M 86 2.73 -15.40 29.59
CA PHE M 86 2.81 -14.53 28.43
C PHE M 86 4.16 -13.84 28.30
N ASN M 87 4.93 -14.23 27.29
CA ASN M 87 6.25 -13.65 27.04
C ASN M 87 6.16 -12.56 25.98
N PHE M 88 6.82 -11.44 26.24
CA PHE M 88 6.82 -10.32 25.30
C PHE M 88 8.11 -9.50 25.42
N SER M 89 8.80 -9.37 24.30
CA SER M 89 10.05 -8.61 24.26
C SER M 89 9.78 -7.22 23.70
N LYS M 90 9.69 -6.25 24.59
CA LYS M 90 9.44 -4.86 24.21
C LYS M 90 10.39 -4.37 23.12
N GLU M 91 11.67 -4.61 23.33
CA GLU M 91 12.70 -4.21 22.37
C GLU M 91 12.74 -5.12 21.16
N SER M 92 11.75 -6.01 21.04
CA SER M 92 11.69 -6.94 19.92
C SER M 92 10.30 -7.02 19.31
N CYS M 93 9.31 -6.44 19.98
CA CYS M 93 7.95 -6.44 19.49
C CYS M 93 7.39 -7.86 19.42
N TYR M 94 8.13 -8.81 19.97
CA TYR M 94 7.72 -10.21 19.96
C TYR M 94 6.86 -10.54 21.17
N PHE M 95 5.71 -11.18 20.92
CA PHE M 95 4.79 -11.55 21.99
C PHE M 95 4.22 -12.95 21.78
N PHE M 96 4.41 -13.83 22.74
CA PHE M 96 3.89 -15.18 22.65
C PHE M 96 3.64 -15.79 24.02
N PHE M 97 2.51 -16.50 24.15
CA PHE M 97 2.13 -17.14 25.40
C PHE M 97 2.34 -18.65 25.32
N GLU M 98 2.55 -19.27 26.49
CA GLU M 98 2.79 -20.70 26.56
C GLU M 98 1.92 -21.37 27.62
N LYS M 99 1.17 -22.40 27.22
CA LYS M 99 0.31 -23.12 28.15
C LYS M 99 1.18 -24.02 29.02
N ASN M 100 1.63 -23.50 30.15
CA ASN M 100 2.48 -24.25 31.07
C ASN M 100 1.78 -25.55 31.48
N LEU M 101 2.59 -26.57 31.79
CA LEU M 101 2.05 -27.87 32.18
C LEU M 101 2.96 -28.63 33.15
N LYS M 102 3.27 -28.00 34.28
CA LYS M 102 4.12 -28.62 35.29
C LYS M 102 5.51 -28.90 34.75
N ASP M 103 6.37 -27.88 34.81
CA ASP M 103 7.75 -27.98 34.35
C ASP M 103 7.87 -28.26 32.85
N VAL M 104 6.87 -27.82 32.09
CA VAL M 104 6.87 -28.01 30.64
C VAL M 104 6.30 -26.78 29.93
N SER M 105 7.18 -25.88 29.50
CA SER M 105 6.74 -24.68 28.79
C SER M 105 6.38 -25.02 27.36
N PHE M 106 5.08 -25.14 27.11
CA PHE M 106 4.59 -25.47 25.77
C PHE M 106 4.01 -24.22 25.11
N ARG M 107 4.70 -23.72 24.09
CA ARG M 107 4.25 -22.54 23.37
C ARG M 107 3.06 -22.87 22.48
N LEU M 108 2.24 -21.86 22.21
CA LEU M 108 1.06 -22.05 21.36
C LEU M 108 0.37 -20.74 20.99
N GLY M 109 1.15 -19.81 20.44
CA GLY M 109 0.60 -18.52 20.05
C GLY M 109 1.70 -17.49 19.89
N SER M 110 1.87 -16.97 18.68
CA SER M 110 2.91 -15.98 18.42
C SER M 110 2.32 -14.76 17.70
N PHE M 111 2.40 -13.61 18.35
CA PHE M 111 1.89 -12.37 17.78
C PHE M 111 2.89 -11.22 17.93
N ASN M 112 3.13 -10.50 16.84
CA ASN M 112 4.05 -9.37 16.85
C ASN M 112 3.31 -8.04 16.94
N LEU M 113 3.80 -7.16 17.81
CA LEU M 113 3.19 -5.85 17.99
C LEU M 113 4.26 -4.77 17.85
N GLU M 114 3.94 -3.57 18.35
CA GLU M 114 4.88 -2.45 18.31
C GLU M 114 4.27 -1.24 19.00
N LYS M 115 5.06 -0.60 19.87
CA LYS M 115 4.61 0.57 20.61
C LYS M 115 3.80 1.50 19.72
N VAL M 116 2.64 1.93 20.20
CA VAL M 116 1.79 2.83 19.45
C VAL M 116 2.34 4.25 19.55
N GLU M 117 2.27 4.98 18.44
CA GLU M 117 2.78 6.35 18.38
C GLU M 117 2.21 7.22 19.49
N ASN M 118 1.00 6.91 19.95
CA ASN M 118 0.37 7.68 21.00
C ASN M 118 0.18 6.85 22.27
N PRO M 119 0.55 7.43 23.43
CA PRO M 119 0.40 6.73 24.72
C PRO M 119 -0.91 7.01 25.42
N ALA M 120 -1.31 8.28 25.43
CA ALA M 120 -2.55 8.71 26.07
C ALA M 120 -3.80 8.05 25.50
N GLU M 121 -4.07 8.34 24.23
CA GLU M 121 -5.25 7.79 23.55
C GLU M 121 -5.52 6.34 23.94
N VAL M 122 -4.69 5.42 23.45
CA VAL M 122 -4.86 4.00 23.75
C VAL M 122 -5.10 3.74 25.24
N ILE M 123 -4.29 4.37 26.08
CA ILE M 123 -4.42 4.22 27.54
C ILE M 123 -5.76 4.79 28.01
N ARG M 124 -6.19 5.85 27.34
CA ARG M 124 -7.43 6.53 27.68
C ARG M 124 -8.66 5.77 27.20
N GLU M 125 -8.60 5.28 25.97
CA GLU M 125 -9.70 4.52 25.38
C GLU M 125 -10.07 3.37 26.31
N LEU M 126 -9.06 2.63 26.75
CA LEU M 126 -9.27 1.51 27.65
C LEU M 126 -9.90 1.93 28.96
N ILE M 127 -9.36 2.97 29.59
CA ILE M 127 -9.89 3.44 30.86
C ILE M 127 -11.28 4.04 30.72
N CYS M 128 -11.50 4.77 29.62
CA CYS M 128 -12.80 5.40 29.37
C CYS M 128 -13.86 4.33 29.26
N TYR M 129 -13.58 3.29 28.48
CA TYR M 129 -14.51 2.18 28.30
C TYR M 129 -14.61 1.36 29.58
N CYS M 130 -13.46 1.00 30.13
CA CYS M 130 -13.39 0.20 31.34
C CYS M 130 -14.14 0.87 32.49
N LEU M 131 -14.19 2.20 32.47
CA LEU M 131 -14.88 2.95 33.51
C LEU M 131 -16.37 2.96 33.18
N ASP M 132 -16.66 2.85 31.88
CA ASP M 132 -18.04 2.83 31.40
C ASP M 132 -18.68 1.48 31.73
N THR M 133 -17.95 0.42 31.46
CA THR M 133 -18.42 -0.94 31.73
C THR M 133 -18.96 -1.01 33.15
N ILE M 134 -18.20 -0.45 34.09
CA ILE M 134 -18.58 -0.44 35.49
C ILE M 134 -19.94 0.26 35.66
N ALA M 135 -20.04 1.48 35.15
CA ALA M 135 -21.26 2.26 35.25
C ALA M 135 -22.43 1.54 34.58
N GLU M 136 -22.22 1.01 33.38
CA GLU M 136 -23.27 0.31 32.66
C GLU M 136 -23.69 -0.97 33.37
N ASN M 137 -22.85 -1.47 34.27
CA ASN M 137 -23.17 -2.69 35.01
C ASN M 137 -24.04 -2.35 36.20
N GLN M 138 -23.93 -1.12 36.69
CA GLN M 138 -24.71 -0.67 37.84
C GLN M 138 -26.18 -0.56 37.45
N ALA M 139 -26.44 0.11 36.34
CA ALA M 139 -27.81 0.28 35.85
C ALA M 139 -28.46 -1.08 35.66
N LYS M 140 -27.68 -2.04 35.18
CA LYS M 140 -28.18 -3.40 34.95
C LYS M 140 -28.26 -4.15 36.26
N ASN M 141 -27.48 -3.72 37.25
CA ASN M 141 -27.46 -4.36 38.56
C ASN M 141 -28.56 -3.82 39.47
N GLU M 142 -28.85 -2.53 39.34
CA GLU M 142 -29.89 -1.90 40.15
C GLU M 142 -31.25 -2.35 39.65
N HIS M 143 -31.36 -2.52 38.33
CA HIS M 143 -32.61 -2.97 37.72
C HIS M 143 -32.82 -4.44 38.05
N LEU M 144 -31.73 -5.21 37.97
CA LEU M 144 -31.79 -6.63 38.28
C LEU M 144 -31.94 -6.76 39.79
N GLN M 145 -31.72 -5.64 40.48
CA GLN M 145 -31.83 -5.59 41.93
C GLN M 145 -33.32 -5.43 42.26
N LYS M 146 -34.00 -4.63 41.44
CA LYS M 146 -35.43 -4.39 41.61
C LYS M 146 -36.18 -5.71 41.57
N GLU M 147 -35.89 -6.52 40.57
CA GLU M 147 -36.54 -7.82 40.40
C GLU M 147 -36.44 -8.69 41.64
N ASN M 148 -35.23 -8.83 42.18
CA ASN M 148 -35.01 -9.64 43.37
C ASN M 148 -35.85 -9.13 44.54
N GLU M 149 -36.41 -7.93 44.36
CA GLU M 149 -37.24 -7.31 45.38
C GLU M 149 -38.71 -7.40 44.97
N ARG M 150 -38.97 -7.08 43.70
CA ARG M 150 -40.33 -7.12 43.16
C ARG M 150 -40.91 -8.52 43.29
N LEU M 151 -40.04 -9.52 43.35
CA LEU M 151 -40.46 -10.91 43.48
C LEU M 151 -40.42 -11.39 44.93
N LEU M 152 -39.33 -11.03 45.63
CA LEU M 152 -39.17 -11.44 47.01
C LEU M 152 -40.29 -10.95 47.91
N ARG M 153 -41.07 -9.98 47.43
CA ARG M 153 -42.19 -9.46 48.21
C ARG M 153 -43.50 -10.15 47.81
N ASP M 154 -43.60 -10.49 46.53
CA ASP M 154 -44.80 -11.15 46.02
C ASP M 154 -44.75 -12.64 46.33
N TRP M 155 -43.54 -13.16 46.49
CA TRP M 155 -43.35 -14.57 46.81
C TRP M 155 -43.89 -14.86 48.21
N ASN M 156 -43.73 -13.89 49.11
CA ASN M 156 -44.23 -14.04 50.47
C ASN M 156 -45.70 -13.69 50.55
N ASP M 157 -46.55 -14.67 50.27
CA ASP M 157 -48.00 -14.46 50.30
C ASP M 157 -48.71 -15.76 50.65
N MET N 1 -12.05 3.76 52.45
CA MET N 1 -11.84 4.45 51.19
C MET N 1 -13.08 4.35 50.29
N GLU N 2 -13.48 5.50 49.73
CA GLU N 2 -14.65 5.55 48.85
C GLU N 2 -14.21 6.10 47.50
N ARG N 3 -13.34 5.36 46.82
CA ARG N 3 -12.82 5.76 45.52
C ARG N 3 -13.96 6.12 44.57
N LYS N 4 -13.78 7.21 43.82
CA LYS N 4 -14.80 7.65 42.87
C LYS N 4 -14.19 8.35 41.66
N ILE N 5 -13.97 7.58 40.59
CA ILE N 5 -13.41 8.12 39.36
C ILE N 5 -14.50 8.72 38.49
N SER N 6 -14.16 9.80 37.78
CA SER N 6 -15.12 10.47 36.91
C SER N 6 -14.41 11.17 35.74
N ARG N 7 -14.88 10.88 34.53
CA ARG N 7 -14.32 11.47 33.32
C ARG N 7 -14.82 12.90 33.12
N ILE N 8 -13.94 13.86 33.38
CA ILE N 8 -14.29 15.27 33.23
C ILE N 8 -13.36 15.95 32.22
N HIS N 9 -13.75 17.12 31.76
CA HIS N 9 -12.94 17.88 30.80
C HIS N 9 -12.25 19.07 31.45
N LEU N 10 -11.24 19.58 30.77
CA LEU N 10 -10.49 20.74 31.25
C LEU N 10 -10.47 21.78 30.14
N VAL N 11 -11.27 22.83 30.30
CA VAL N 11 -11.35 23.90 29.30
C VAL N 11 -9.97 24.31 28.81
N SER N 12 -8.98 24.22 29.69
CA SER N 12 -7.61 24.58 29.34
C SER N 12 -7.17 23.77 28.13
N GLU N 13 -7.55 22.49 28.12
CA GLU N 13 -7.20 21.59 27.04
C GLU N 13 -8.40 20.70 26.71
N PRO N 14 -9.39 21.28 26.00
CA PRO N 14 -10.61 20.56 25.60
C PRO N 14 -10.36 19.48 24.56
N SER N 15 -9.10 19.33 24.16
CA SER N 15 -8.73 18.33 23.16
C SER N 15 -9.30 16.96 23.50
N ILE N 16 -8.73 16.33 24.53
CA ILE N 16 -9.18 15.01 24.96
C ILE N 16 -9.63 15.04 26.42
N THR N 17 -10.39 14.04 26.83
CA THR N 17 -10.88 13.96 28.20
C THR N 17 -9.76 13.79 29.22
N HIS N 18 -10.15 13.57 30.47
CA HIS N 18 -9.21 13.37 31.57
C HIS N 18 -9.84 12.45 32.61
N PHE N 19 -9.09 12.12 33.65
CA PHE N 19 -9.59 11.26 34.70
C PHE N 19 -9.27 11.81 36.08
N LEU N 20 -10.33 12.12 36.83
CA LEU N 20 -10.19 12.66 38.18
C LEU N 20 -10.58 11.56 39.17
N GLN N 21 -9.65 11.22 40.07
CA GLN N 21 -9.89 10.18 41.05
C GLN N 21 -9.92 10.74 42.47
N VAL N 22 -11.09 10.67 43.11
CA VAL N 22 -11.25 11.15 44.47
C VAL N 22 -11.70 10.03 45.40
N SER N 23 -10.98 9.87 46.51
CA SER N 23 -11.29 8.85 47.50
C SER N 23 -11.15 9.43 48.90
N TRP N 24 -12.07 9.07 49.78
CA TRP N 24 -12.06 9.56 51.15
C TRP N 24 -12.43 8.46 52.14
N GLU N 25 -12.68 8.86 53.38
CA GLU N 25 -13.04 7.90 54.42
C GLU N 25 -14.41 8.24 55.00
N LYS N 26 -15.42 7.46 54.64
CA LYS N 26 -16.79 7.66 55.10
C LYS N 26 -17.38 8.97 54.60
N THR N 27 -17.27 10.01 55.42
CA THR N 27 -17.80 11.33 55.07
C THR N 27 -16.85 12.11 54.18
N LEU N 28 -17.42 12.86 53.24
CA LEU N 28 -16.64 13.67 52.32
C LEU N 28 -16.20 14.93 53.06
N GLU N 29 -17.07 15.44 53.91
CA GLU N 29 -16.80 16.63 54.70
C GLU N 29 -15.45 16.53 55.41
N SER N 30 -15.11 15.31 55.83
CA SER N 30 -13.85 15.07 56.54
C SER N 30 -12.66 15.15 55.60
N GLY N 31 -12.86 15.76 54.43
CA GLY N 31 -11.78 15.88 53.47
C GLY N 31 -11.79 14.75 52.47
N PHE N 32 -10.87 14.81 51.50
CA PHE N 32 -10.78 13.77 50.47
C PHE N 32 -9.42 13.74 49.80
N VAL N 33 -9.23 12.79 48.90
CA VAL N 33 -7.97 12.63 48.18
C VAL N 33 -8.20 12.80 46.68
N ILE N 34 -7.75 13.92 46.14
CA ILE N 34 -7.91 14.21 44.72
C ILE N 34 -6.78 13.61 43.88
N THR N 35 -7.06 13.43 42.59
CA THR N 35 -6.09 12.88 41.64
C THR N 35 -6.57 13.08 40.21
N LEU N 36 -5.63 13.43 39.32
CA LEU N 36 -5.97 13.66 37.92
C LEU N 36 -5.00 12.89 37.01
N THR N 37 -5.32 12.84 35.73
CA THR N 37 -4.49 12.14 34.75
C THR N 37 -5.08 12.22 33.34
N ASP N 38 -4.34 11.69 32.37
CA ASP N 38 -4.79 11.70 30.99
C ASP N 38 -4.25 10.48 30.23
N GLY N 39 -3.50 9.65 30.94
CA GLY N 39 -2.94 8.46 30.32
C GLY N 39 -1.45 8.54 30.15
N HIS N 40 -0.89 9.72 30.44
CA HIS N 40 0.55 9.94 30.31
C HIS N 40 1.13 10.29 31.67
N SER N 41 0.74 11.45 32.19
CA SER N 41 1.20 11.91 33.50
C SER N 41 0.02 12.26 34.39
N ALA N 42 0.08 11.82 35.64
CA ALA N 42 -1.00 12.08 36.59
C ALA N 42 -0.56 12.96 37.75
N TRP N 43 -1.49 13.77 38.25
CA TRP N 43 -1.23 14.68 39.37
C TRP N 43 -2.03 14.24 40.58
N THR N 44 -1.57 14.60 41.77
CA THR N 44 -2.27 14.23 43.00
C THR N 44 -2.20 15.31 44.07
N GLY N 45 -3.34 15.51 44.74
CA GLY N 45 -3.40 16.52 45.79
C GLY N 45 -4.13 15.96 47.00
N THR N 46 -4.28 16.78 48.03
CA THR N 46 -4.96 16.36 49.25
C THR N 46 -5.62 17.50 50.02
N VAL N 47 -6.84 17.25 50.48
CA VAL N 47 -7.60 18.23 51.23
C VAL N 47 -8.35 17.54 52.38
N SER N 48 -8.48 18.23 53.50
CA SER N 48 -9.17 17.66 54.67
C SER N 48 -10.03 18.69 55.39
N GLU N 49 -10.65 18.24 56.49
CA GLU N 49 -11.52 19.09 57.29
C GLU N 49 -10.95 20.46 57.64
N SER N 50 -9.69 20.49 58.05
CA SER N 50 -9.03 21.73 58.44
C SER N 50 -9.00 22.77 57.32
N GLU N 51 -8.84 22.32 56.08
CA GLU N 51 -8.77 23.23 54.94
C GLU N 51 -10.08 23.36 54.15
N ILE N 52 -10.88 22.30 54.13
CA ILE N 52 -12.14 22.33 53.41
C ILE N 52 -13.10 23.31 54.06
N SER N 53 -13.08 23.36 55.39
CA SER N 53 -13.96 24.25 56.14
C SER N 53 -13.56 25.70 55.83
N GLN N 54 -12.32 25.90 55.42
CA GLN N 54 -11.84 27.22 55.08
C GLN N 54 -12.59 27.70 53.84
N GLU N 55 -13.13 26.74 53.09
CA GLU N 55 -13.90 27.04 51.88
C GLU N 55 -15.37 27.12 52.26
N ALA N 56 -15.67 26.80 53.51
CA ALA N 56 -17.05 26.80 54.00
C ALA N 56 -17.50 28.20 54.40
N ASP N 57 -16.55 29.13 54.47
CA ASP N 57 -16.86 30.51 54.83
C ASP N 57 -16.21 31.48 53.86
N ASP N 58 -15.03 31.13 53.36
CA ASP N 58 -14.31 31.97 52.42
C ASP N 58 -15.21 32.29 51.24
N MET N 59 -15.74 31.25 50.60
CA MET N 59 -16.64 31.40 49.47
C MET N 59 -18.05 31.56 50.01
N ALA N 60 -18.14 31.82 51.31
CA ALA N 60 -19.40 31.96 52.03
C ALA N 60 -20.07 30.60 52.13
N MET N 61 -21.37 30.53 51.86
CA MET N 61 -22.10 29.28 51.96
C MET N 61 -21.92 28.72 53.36
N GLU N 62 -22.35 27.46 53.55
CA GLU N 62 -22.23 26.81 54.84
C GLU N 62 -21.51 25.47 54.70
N LYS N 63 -20.84 25.05 55.77
CA LYS N 63 -20.11 23.79 55.78
C LYS N 63 -20.96 22.71 55.11
N GLY N 64 -22.07 22.35 55.75
CA GLY N 64 -22.96 21.35 55.21
C GLY N 64 -23.26 21.51 53.73
N LYS N 65 -23.79 22.67 53.35
CA LYS N 65 -24.15 22.93 51.96
C LYS N 65 -22.96 22.75 51.01
N TYR N 66 -21.88 23.48 51.26
CA TYR N 66 -20.70 23.39 50.42
C TYR N 66 -20.27 21.95 50.17
N VAL N 67 -20.11 21.18 51.25
CA VAL N 67 -19.71 19.79 51.14
C VAL N 67 -20.46 19.10 50.00
N GLY N 68 -21.78 19.29 49.99
CA GLY N 68 -22.59 18.69 48.94
C GLY N 68 -22.22 19.19 47.56
N GLU N 69 -22.04 20.51 47.43
CA GLU N 69 -21.67 21.10 46.15
C GLU N 69 -20.45 20.42 45.54
N LEU N 70 -19.56 19.92 46.41
CA LEU N 70 -18.37 19.24 45.94
C LEU N 70 -18.72 17.89 45.34
N ARG N 71 -19.58 17.13 46.03
CA ARG N 71 -19.99 15.82 45.56
C ARG N 71 -20.85 15.94 44.30
N LYS N 72 -21.09 17.17 43.84
CA LYS N 72 -21.90 17.40 42.65
C LYS N 72 -21.06 17.89 41.48
N ALA N 73 -19.83 18.30 41.77
CA ALA N 73 -18.92 18.78 40.73
C ALA N 73 -17.77 17.80 40.58
N LEU N 74 -17.20 17.40 41.72
CA LEU N 74 -16.10 16.45 41.76
C LEU N 74 -16.60 15.03 41.57
N LEU N 75 -16.68 14.30 42.68
CA LEU N 75 -17.13 12.93 42.70
C LEU N 75 -18.64 12.82 42.50
N SER N 76 -19.13 13.40 41.40
CA SER N 76 -20.56 13.38 41.10
C SER N 76 -20.85 12.37 40.00
N GLY N 77 -19.82 11.97 39.28
CA GLY N 77 -20.00 11.01 38.19
C GLY N 77 -20.70 11.69 37.03
N ALA N 78 -21.37 12.81 37.34
CA ALA N 78 -22.08 13.57 36.33
C ALA N 78 -21.21 14.73 35.85
N GLY N 79 -19.91 14.49 35.76
CA GLY N 79 -18.98 15.52 35.32
C GLY N 79 -19.52 16.33 34.15
N PRO N 80 -19.72 15.69 32.99
CA PRO N 80 -20.23 16.37 31.79
C PRO N 80 -21.70 16.76 31.92
N ALA N 81 -21.94 18.04 32.19
CA ALA N 81 -23.30 18.55 32.35
C ALA N 81 -23.31 20.06 32.08
N ASP N 82 -22.14 20.60 31.73
CA ASP N 82 -22.00 22.02 31.44
C ASP N 82 -22.18 22.86 32.69
N VAL N 83 -22.75 22.26 33.73
CA VAL N 83 -22.99 22.96 34.98
C VAL N 83 -21.68 23.26 35.70
N TYR N 84 -20.77 22.30 35.70
CA TYR N 84 -19.47 22.46 36.34
C TYR N 84 -18.32 22.27 35.37
N THR N 85 -17.68 23.38 34.99
CA THR N 85 -16.54 23.34 34.08
C THR N 85 -15.25 23.22 34.89
N PHE N 86 -14.19 22.72 34.25
CA PHE N 86 -12.92 22.55 34.93
C PHE N 86 -11.74 23.10 34.13
N ASN N 87 -10.73 23.59 34.85
CA ASN N 87 -9.53 24.13 34.24
C ASN N 87 -8.33 23.87 35.14
N PHE N 88 -7.30 23.24 34.58
CA PHE N 88 -6.09 22.93 35.33
C PHE N 88 -4.86 23.52 34.66
N SER N 89 -4.23 24.49 35.33
CA SER N 89 -3.04 25.13 34.80
C SER N 89 -1.90 24.12 34.74
N LYS N 90 -1.35 23.91 33.55
CA LYS N 90 -0.26 22.96 33.36
C LYS N 90 0.99 23.33 34.15
N GLU N 91 1.53 24.50 33.88
CA GLU N 91 2.75 24.97 34.56
C GLU N 91 2.46 25.30 36.02
N SER N 92 1.41 26.07 36.26
CA SER N 92 1.03 26.46 37.61
C SER N 92 0.59 25.28 38.45
N CYS N 93 0.33 24.14 37.81
CA CYS N 93 -0.11 22.95 38.52
C CYS N 93 -1.27 23.30 39.43
N TYR N 94 -2.24 24.03 38.89
CA TYR N 94 -3.40 24.45 39.66
C TYR N 94 -4.71 23.96 39.05
N PHE N 95 -5.56 23.38 39.89
CA PHE N 95 -6.85 22.85 39.43
C PHE N 95 -7.98 23.58 40.17
N PHE N 96 -8.95 24.07 39.41
CA PHE N 96 -10.09 24.78 40.01
C PHE N 96 -11.38 24.51 39.24
N PHE N 97 -12.50 24.52 39.96
CA PHE N 97 -13.79 24.28 39.34
C PHE N 97 -14.88 25.22 39.85
N GLU N 98 -15.64 25.80 38.93
CA GLU N 98 -16.72 26.71 39.26
C GLU N 98 -18.03 26.22 38.64
N LYS N 99 -19.16 26.78 39.08
CA LYS N 99 -20.45 26.38 38.54
C LYS N 99 -20.88 27.36 37.46
N ASN N 100 -20.50 27.09 36.22
CA ASN N 100 -20.83 27.95 35.09
C ASN N 100 -22.31 28.28 35.07
N LEU N 101 -22.62 29.53 34.75
CA LEU N 101 -24.01 30.01 34.68
C LEU N 101 -24.15 31.06 33.59
N LYS N 102 -24.98 32.07 33.86
CA LYS N 102 -25.22 33.15 32.89
C LYS N 102 -24.04 34.11 32.89
N ASP N 103 -22.96 33.69 32.25
CA ASP N 103 -21.74 34.50 32.14
C ASP N 103 -21.12 34.82 33.50
N VAL N 104 -21.57 34.10 34.53
CA VAL N 104 -21.06 34.31 35.88
C VAL N 104 -20.27 33.10 36.39
N SER N 105 -20.86 32.36 37.33
CA SER N 105 -20.25 31.16 37.90
C SER N 105 -19.28 31.43 39.05
N PHE N 106 -19.59 30.85 40.22
CA PHE N 106 -18.77 31.00 41.42
C PHE N 106 -17.70 29.91 41.38
N ARG N 107 -16.47 30.26 41.71
CA ARG N 107 -15.38 29.29 41.71
C ARG N 107 -15.47 28.41 42.95
N LEU N 108 -16.18 27.28 42.83
CA LEU N 108 -16.35 26.36 43.95
C LEU N 108 -15.06 26.14 44.73
N GLY N 109 -14.03 25.66 44.05
CA GLY N 109 -12.76 25.41 44.72
C GLY N 109 -11.56 25.41 43.80
N SER N 110 -10.37 25.49 44.39
CA SER N 110 -9.13 25.50 43.63
C SER N 110 -7.98 24.97 44.48
N PHE N 111 -7.19 24.06 43.92
CA PHE N 111 -6.06 23.47 44.64
C PHE N 111 -4.93 23.10 43.68
N ASN N 112 -3.70 23.10 44.19
CA ASN N 112 -2.53 22.74 43.39
C ASN N 112 -2.07 21.33 43.71
N LEU N 113 -2.07 20.46 42.71
CA LEU N 113 -1.65 19.07 42.90
C LEU N 113 -0.38 18.76 42.13
N GLU N 114 0.71 18.58 42.87
CA GLU N 114 2.02 18.27 42.30
C GLU N 114 2.00 17.00 41.46
N LYS N 115 2.69 17.02 40.33
CA LYS N 115 2.75 15.86 39.44
C LYS N 115 3.65 14.78 40.03
N VAL N 116 3.15 14.08 41.02
CA VAL N 116 3.91 13.01 41.67
C VAL N 116 4.59 12.13 40.63
N GLU N 117 5.76 11.62 40.98
CA GLU N 117 6.54 10.76 40.09
C GLU N 117 5.70 9.56 39.62
N ASN N 118 6.38 8.58 39.02
CA ASN N 118 5.76 7.36 38.52
C ASN N 118 4.37 7.53 37.90
N PRO N 119 4.26 8.35 36.83
CA PRO N 119 2.96 8.55 36.20
C PRO N 119 2.40 7.25 35.62
N ALA N 120 3.23 6.21 35.61
CA ALA N 120 2.83 4.91 35.09
C ALA N 120 2.12 4.06 36.13
N GLU N 121 2.65 4.06 37.36
CA GLU N 121 2.06 3.29 38.45
C GLU N 121 0.67 3.81 38.79
N VAL N 122 0.59 5.11 39.05
CA VAL N 122 -0.66 5.77 39.40
C VAL N 122 -1.72 5.55 38.32
N ILE N 123 -1.33 5.71 37.07
CA ILE N 123 -2.25 5.53 35.95
C ILE N 123 -2.64 4.07 35.84
N ARG N 124 -1.75 3.18 36.26
CA ARG N 124 -2.01 1.74 36.20
C ARG N 124 -2.95 1.32 37.33
N GLU N 125 -2.92 2.06 38.44
CA GLU N 125 -3.77 1.77 39.58
C GLU N 125 -5.23 1.95 39.16
N LEU N 126 -5.51 3.08 38.52
CA LEU N 126 -6.86 3.39 38.06
C LEU N 126 -7.40 2.25 37.21
N ILE N 127 -6.61 1.81 36.24
CA ILE N 127 -6.99 0.72 35.35
C ILE N 127 -7.20 -0.55 36.17
N CYS N 128 -6.23 -0.86 37.02
CA CYS N 128 -6.29 -2.05 37.86
C CYS N 128 -7.54 -2.03 38.73
N TYR N 129 -7.72 -0.94 39.48
CA TYR N 129 -8.89 -0.79 40.34
C TYR N 129 -10.17 -0.85 39.54
N CYS N 130 -10.21 -0.10 38.43
CA CYS N 130 -11.38 -0.05 37.57
C CYS N 130 -11.81 -1.44 37.11
N LEU N 131 -10.84 -2.28 36.77
CA LEU N 131 -11.13 -3.64 36.32
C LEU N 131 -11.83 -4.45 37.41
N ASP N 132 -11.39 -4.27 38.65
CA ASP N 132 -11.97 -4.99 39.77
C ASP N 132 -13.43 -4.60 39.98
N THR N 133 -13.68 -3.29 40.04
CA THR N 133 -15.02 -2.77 40.25
C THR N 133 -16.04 -3.37 39.26
N ILE N 134 -15.73 -3.26 37.97
CA ILE N 134 -16.62 -3.80 36.94
C ILE N 134 -16.71 -5.32 37.01
N ALA N 135 -15.59 -5.96 37.36
CA ALA N 135 -15.55 -7.41 37.46
C ALA N 135 -16.40 -7.86 38.64
N GLU N 136 -16.47 -7.03 39.67
CA GLU N 136 -17.24 -7.34 40.86
C GLU N 136 -18.74 -7.25 40.59
N ASN N 137 -19.15 -6.34 39.71
CA ASN N 137 -20.56 -6.20 39.38
C ASN N 137 -21.04 -7.53 38.81
N GLN N 138 -20.17 -8.20 38.09
CA GLN N 138 -20.48 -9.50 37.48
C GLN N 138 -20.82 -10.49 38.58
N ALA N 139 -20.07 -10.42 39.69
CA ALA N 139 -20.27 -11.31 40.82
C ALA N 139 -21.66 -11.14 41.46
N LYS N 140 -22.03 -9.89 41.71
CA LYS N 140 -23.32 -9.60 42.32
C LYS N 140 -24.45 -9.68 41.30
N ASN N 141 -24.13 -9.36 40.05
CA ASN N 141 -25.13 -9.39 38.98
C ASN N 141 -25.49 -10.82 38.58
N GLU N 142 -24.49 -11.57 38.14
CA GLU N 142 -24.71 -12.96 37.72
C GLU N 142 -25.33 -13.80 38.82
N HIS N 143 -25.03 -13.47 40.08
CA HIS N 143 -25.59 -14.21 41.20
C HIS N 143 -27.02 -13.72 41.43
N LEU N 144 -27.20 -12.40 41.36
CA LEU N 144 -28.51 -11.79 41.56
C LEU N 144 -29.52 -12.40 40.58
N GLN N 145 -29.12 -12.52 39.32
CA GLN N 145 -29.97 -13.07 38.29
C GLN N 145 -30.42 -14.49 38.65
N LYS N 146 -29.47 -15.31 39.09
CA LYS N 146 -29.77 -16.69 39.46
C LYS N 146 -30.66 -16.78 40.70
N GLU N 147 -30.46 -15.90 41.66
CA GLU N 147 -31.28 -15.90 42.88
C GLU N 147 -32.70 -15.44 42.61
N ASN N 148 -33.00 -15.18 41.34
CA ASN N 148 -34.33 -14.74 40.93
C ASN N 148 -35.07 -15.84 40.19
N GLU N 149 -34.38 -16.51 39.28
CA GLU N 149 -34.97 -17.59 38.51
C GLU N 149 -35.63 -18.60 39.44
N ARG N 150 -34.93 -18.95 40.52
CA ARG N 150 -35.46 -19.90 41.49
C ARG N 150 -36.70 -19.29 42.16
N LEU N 151 -36.64 -17.99 42.37
CA LEU N 151 -37.74 -17.26 43.00
C LEU N 151 -38.80 -16.91 41.96
N LEU N 152 -38.69 -17.52 40.79
CA LEU N 152 -39.63 -17.28 39.69
C LEU N 152 -40.47 -18.54 39.51
N ARG N 153 -40.08 -19.60 40.22
CA ARG N 153 -40.80 -20.87 40.17
C ARG N 153 -41.89 -20.87 41.24
N ASP N 154 -41.57 -20.27 42.38
CA ASP N 154 -42.48 -20.22 43.51
C ASP N 154 -43.60 -19.20 43.35
N TRP N 155 -43.37 -18.20 42.51
CA TRP N 155 -44.36 -17.15 42.28
C TRP N 155 -45.52 -17.66 41.41
N ASN N 156 -45.86 -18.93 41.58
CA ASN N 156 -46.95 -19.53 40.81
C ASN N 156 -47.67 -20.59 41.64
N ASP N 157 -46.90 -21.39 42.38
CA ASP N 157 -47.46 -22.44 43.21
C ASP N 157 -48.34 -21.86 44.32
N MET O 1 31.41 -72.09 -2.24
CA MET O 1 31.23 -71.48 -0.89
C MET O 1 29.75 -71.19 -0.65
N GLU O 2 29.03 -70.91 -1.74
CA GLU O 2 27.61 -70.61 -1.68
C GLU O 2 26.87 -71.63 -0.82
N GLU O 3 27.17 -72.90 -1.03
CA GLU O 3 26.53 -73.99 -0.29
C GLU O 3 27.15 -74.23 1.08
N LEU O 4 28.47 -74.24 1.14
CA LEU O 4 29.19 -74.47 2.40
C LEU O 4 28.64 -73.63 3.56
N GLU O 5 28.45 -72.34 3.33
CA GLU O 5 27.94 -71.45 4.36
C GLU O 5 26.53 -71.85 4.79
N GLN O 6 25.61 -71.83 3.84
CA GLN O 6 24.22 -72.19 4.09
C GLN O 6 24.06 -73.49 4.87
N GLY O 7 24.90 -74.47 4.56
CA GLY O 7 24.82 -75.76 5.24
C GLY O 7 25.49 -75.83 6.60
N LEU O 8 26.34 -74.86 6.91
CA LEU O 8 27.04 -74.84 8.20
C LEU O 8 26.10 -74.95 9.40
N LEU O 9 25.00 -74.20 9.35
CA LEU O 9 24.05 -74.20 10.46
C LEU O 9 23.49 -75.58 10.76
N MET O 10 23.52 -76.47 9.76
CA MET O 10 23.00 -77.82 9.94
C MET O 10 23.96 -78.64 10.80
N GLN O 11 24.99 -77.98 11.32
CA GLN O 11 25.98 -78.63 12.17
C GLN O 11 25.77 -78.25 13.63
N PRO O 12 25.60 -79.25 14.51
CA PRO O 12 25.39 -79.00 15.93
C PRO O 12 26.65 -78.48 16.62
N TRP O 13 26.49 -77.50 17.50
CA TRP O 13 27.63 -76.93 18.21
C TRP O 13 28.43 -78.00 18.93
N ALA O 14 29.65 -77.65 19.35
CA ALA O 14 30.52 -78.59 20.03
C ALA O 14 31.52 -77.84 20.91
N TRP O 15 31.63 -78.25 22.17
CA TRP O 15 32.56 -77.62 23.09
C TRP O 15 33.98 -77.99 22.68
N LEU O 16 34.81 -76.97 22.48
CA LEU O 16 36.19 -77.19 22.07
C LEU O 16 37.16 -76.84 23.18
N GLN O 17 37.63 -77.87 23.89
CA GLN O 17 38.56 -77.67 24.99
C GLN O 17 39.98 -77.41 24.51
N LEU O 18 40.58 -76.34 25.02
CA LEU O 18 41.94 -75.96 24.64
C LEU O 18 42.82 -75.82 25.87
N ALA O 19 44.12 -75.62 25.64
CA ALA O 19 45.08 -75.47 26.73
C ALA O 19 44.76 -74.25 27.57
N GLU O 20 44.81 -73.07 26.95
CA GLU O 20 44.52 -71.83 27.64
C GLU O 20 43.08 -71.78 28.13
N ASN O 21 42.14 -71.84 27.19
CA ASN O 21 40.72 -71.82 27.55
C ASN O 21 39.88 -72.47 26.44
N SER O 22 38.68 -72.91 26.81
CA SER O 22 37.79 -73.55 25.86
C SER O 22 36.71 -72.57 25.36
N LEU O 23 36.08 -72.92 24.26
CA LEU O 23 35.03 -72.09 23.67
C LEU O 23 34.21 -72.87 22.66
N LEU O 24 32.93 -72.52 22.53
CA LEU O 24 32.05 -73.21 21.59
C LEU O 24 32.63 -73.18 20.18
N ALA O 25 32.31 -74.21 19.40
CA ALA O 25 32.80 -74.31 18.03
C ALA O 25 31.90 -75.21 17.20
N LYS O 26 32.04 -75.11 15.88
CA LYS O 26 31.25 -75.91 14.95
C LYS O 26 31.71 -75.64 13.52
N VAL O 27 32.69 -76.42 13.07
CA VAL O 27 33.23 -76.27 11.73
C VAL O 27 32.55 -77.19 10.72
N PHE O 28 32.71 -76.86 9.45
CA PHE O 28 32.13 -77.64 8.35
C PHE O 28 33.13 -77.63 7.21
N ILE O 29 33.97 -78.65 7.14
CA ILE O 29 34.99 -78.76 6.10
C ILE O 29 34.59 -79.66 4.95
N THR O 30 34.83 -79.19 3.74
CA THR O 30 34.52 -79.94 2.52
C THR O 30 35.72 -79.87 1.59
N LYS O 31 35.62 -80.50 0.43
CA LYS O 31 36.71 -80.51 -0.53
C LYS O 31 36.80 -79.20 -1.32
N GLN O 32 36.34 -78.11 -0.70
CA GLN O 32 36.38 -76.80 -1.34
C GLN O 32 36.70 -75.71 -0.32
N GLY O 33 36.34 -75.96 0.93
CA GLY O 33 36.60 -75.00 1.99
C GLY O 33 35.90 -75.40 3.27
N TYR O 34 36.01 -74.57 4.30
CA TYR O 34 35.37 -74.85 5.58
C TYR O 34 34.69 -73.62 6.15
N ALA O 35 33.56 -73.83 6.82
CA ALA O 35 32.80 -72.75 7.42
C ALA O 35 32.85 -72.88 8.94
N LEU O 36 33.96 -72.46 9.53
CA LEU O 36 34.11 -72.54 10.98
C LEU O 36 33.51 -71.33 11.69
N LEU O 37 32.85 -71.58 12.80
CA LEU O 37 32.22 -70.53 13.60
C LEU O 37 32.45 -70.79 15.07
N VAL O 38 33.47 -70.14 15.64
CA VAL O 38 33.80 -70.31 17.05
C VAL O 38 33.45 -69.06 17.86
N SER O 39 32.77 -69.27 18.98
CA SER O 39 32.38 -68.18 19.87
C SER O 39 32.52 -68.65 21.31
N ASP O 40 32.34 -67.72 22.25
CA ASP O 40 32.45 -68.06 23.67
C ASP O 40 31.37 -67.37 24.50
N LEU O 41 30.16 -67.34 23.95
CA LEU O 41 29.02 -66.71 24.62
C LEU O 41 29.29 -65.27 25.03
N GLN O 42 30.35 -64.69 24.47
CA GLN O 42 30.72 -63.32 24.79
C GLN O 42 31.06 -62.55 23.51
N GLN O 43 31.40 -63.30 22.46
CA GLN O 43 31.75 -62.71 21.17
C GLN O 43 31.90 -63.81 20.13
N VAL O 44 31.08 -63.74 19.09
CA VAL O 44 31.09 -64.75 18.02
C VAL O 44 32.09 -64.41 16.92
N TRP O 45 32.83 -65.42 16.47
CA TRP O 45 33.82 -65.25 15.41
C TRP O 45 33.56 -66.24 14.27
N HIS O 46 33.50 -65.72 13.05
CA HIS O 46 33.25 -66.55 11.87
C HIS O 46 34.44 -66.63 10.93
N GLU O 47 34.59 -67.78 10.28
CA GLU O 47 35.67 -68.03 9.34
C GLU O 47 35.13 -68.64 8.05
N GLN O 48 35.48 -68.03 6.92
CA GLN O 48 35.04 -68.51 5.61
C GLN O 48 36.24 -68.61 4.69
N VAL O 49 36.56 -69.83 4.25
CA VAL O 49 37.70 -70.04 3.37
C VAL O 49 37.31 -70.81 2.11
N ASP O 50 37.95 -70.46 1.00
CA ASP O 50 37.68 -71.12 -0.28
C ASP O 50 38.98 -71.71 -0.81
N THR O 51 38.87 -72.75 -1.63
CA THR O 51 40.03 -73.42 -2.21
C THR O 51 41.23 -72.53 -2.49
N SER O 52 41.00 -71.42 -3.19
CA SER O 52 42.07 -70.50 -3.54
C SER O 52 42.92 -70.09 -2.34
N VAL O 53 42.26 -69.83 -1.22
CA VAL O 53 42.95 -69.42 0.01
C VAL O 53 43.78 -70.55 0.62
N VAL O 54 43.10 -71.65 0.94
CA VAL O 54 43.73 -72.82 1.55
C VAL O 54 45.17 -73.05 1.09
N SER O 55 45.36 -73.13 -0.22
CA SER O 55 46.68 -73.36 -0.80
C SER O 55 47.72 -72.34 -0.35
N GLN O 56 47.38 -71.06 -0.43
CA GLN O 56 48.29 -69.99 -0.02
C GLN O 56 48.72 -70.17 1.43
N ARG O 57 47.76 -70.03 2.33
CA ARG O 57 47.99 -70.17 3.76
C ARG O 57 48.79 -71.42 4.09
N ALA O 58 48.50 -72.51 3.39
CA ALA O 58 49.17 -73.78 3.61
C ALA O 58 50.67 -73.65 3.35
N LYS O 59 51.03 -73.45 2.08
CA LYS O 59 52.43 -73.32 1.69
C LYS O 59 53.17 -72.28 2.55
N GLU O 60 52.43 -71.35 3.13
CA GLU O 60 53.00 -70.30 3.96
C GLU O 60 53.46 -70.82 5.32
N LEU O 61 52.67 -71.70 5.90
CA LEU O 61 52.98 -72.27 7.21
C LEU O 61 53.63 -73.64 7.05
N ASN O 62 53.53 -74.18 5.84
CA ASN O 62 54.11 -75.49 5.53
C ASN O 62 55.04 -75.35 4.33
N LYS O 63 55.97 -74.42 4.42
CA LYS O 63 56.94 -74.16 3.36
C LYS O 63 57.24 -75.35 2.46
N ARG O 64 57.68 -76.45 3.07
CA ARG O 64 58.02 -77.65 2.32
C ARG O 64 56.81 -78.40 1.78
N LEU O 65 55.76 -78.50 2.60
CA LEU O 65 54.55 -79.20 2.19
C LEU O 65 54.07 -78.74 0.82
N THR O 66 53.45 -79.67 0.08
CA THR O 66 52.94 -79.38 -1.25
C THR O 66 51.83 -80.37 -1.61
N ALA O 67 50.71 -80.25 -0.89
CA ALA O 67 49.57 -81.13 -1.13
C ALA O 67 48.42 -80.38 -1.80
N PRO O 68 47.67 -81.07 -2.68
CA PRO O 68 46.54 -80.49 -3.40
C PRO O 68 45.53 -79.81 -2.47
N PRO O 69 44.51 -79.15 -3.05
CA PRO O 69 43.49 -78.46 -2.25
C PRO O 69 42.65 -79.39 -1.38
N ALA O 70 41.82 -80.22 -2.02
CA ALA O 70 40.96 -81.15 -1.31
C ALA O 70 41.74 -81.95 -0.27
N ALA O 71 42.96 -82.33 -0.61
CA ALA O 71 43.81 -83.10 0.28
C ALA O 71 44.04 -82.40 1.61
N PHE O 72 44.82 -81.31 1.57
CA PHE O 72 45.12 -80.54 2.76
C PHE O 72 43.90 -80.28 3.64
N LEU O 73 42.82 -79.82 3.01
CA LEU O 73 41.58 -79.54 3.75
C LEU O 73 41.11 -80.76 4.53
N CYS O 74 41.03 -81.90 3.84
CA CYS O 74 40.59 -83.14 4.46
C CYS O 74 41.26 -83.39 5.80
N HIS O 75 42.59 -83.35 5.80
CA HIS O 75 43.38 -83.58 7.01
C HIS O 75 42.81 -82.94 8.26
N LEU O 76 42.20 -81.76 8.12
CA LEU O 76 41.64 -81.07 9.28
C LEU O 76 40.39 -81.74 9.84
N ASP O 77 39.40 -82.01 8.98
CA ASP O 77 38.18 -82.65 9.43
C ASP O 77 38.56 -83.94 10.15
N ASN O 78 39.60 -84.59 9.62
CA ASN O 78 40.10 -85.84 10.19
C ASN O 78 40.64 -85.58 11.60
N LEU O 79 41.05 -84.34 11.84
CA LEU O 79 41.61 -83.95 13.13
C LEU O 79 40.50 -83.50 14.08
N LEU O 80 39.99 -84.42 14.88
CA LEU O 80 38.93 -84.13 15.84
C LEU O 80 37.57 -83.92 15.19
N ARG O 81 36.80 -82.98 15.76
CA ARG O 81 35.47 -82.58 15.32
C ARG O 81 34.35 -82.99 16.29
N PRO O 82 34.36 -84.26 16.75
CA PRO O 82 33.33 -84.75 17.68
C PRO O 82 32.89 -83.74 18.73
N LEU O 83 31.59 -83.62 18.91
CA LEU O 83 31.00 -82.69 19.86
C LEU O 83 31.31 -83.10 21.30
N LEU O 84 30.39 -83.86 21.89
CA LEU O 84 30.54 -84.35 23.25
C LEU O 84 31.57 -85.48 23.31
N LYS O 85 32.66 -85.30 22.57
CA LYS O 85 33.74 -86.28 22.51
C LYS O 85 34.43 -86.45 23.87
N ASP O 86 35.65 -85.93 23.94
CA ASP O 86 36.47 -85.98 25.15
C ASP O 86 37.74 -85.17 24.91
N ALA O 87 38.84 -85.64 25.49
CA ALA O 87 40.14 -84.99 25.35
C ALA O 87 41.23 -86.04 25.24
N ALA O 88 41.17 -86.83 24.17
CA ALA O 88 42.16 -87.88 23.92
C ALA O 88 43.57 -87.34 24.11
N HIS O 89 44.31 -87.94 25.03
CA HIS O 89 45.67 -87.51 25.32
C HIS O 89 46.52 -87.40 24.05
N PRO O 90 46.58 -88.46 23.23
CA PRO O 90 47.41 -88.35 22.02
C PRO O 90 46.58 -87.89 20.81
N SER O 91 46.25 -86.62 20.76
CA SER O 91 45.46 -86.09 19.65
C SER O 91 46.36 -85.38 18.64
N GLU O 92 47.64 -85.28 19.00
CA GLU O 92 48.64 -84.64 18.15
C GLU O 92 48.18 -83.27 17.66
N ALA O 93 47.97 -82.35 18.61
CA ALA O 93 47.52 -81.00 18.30
C ALA O 93 47.56 -80.15 19.58
N THR O 94 48.65 -79.41 19.76
CA THR O 94 48.80 -78.55 20.94
C THR O 94 47.74 -77.46 20.94
N PHE O 95 47.22 -77.14 19.76
CA PHE O 95 46.20 -76.11 19.63
C PHE O 95 46.64 -74.79 20.25
N SER O 96 45.70 -73.85 20.38
CA SER O 96 45.98 -72.54 20.96
C SER O 96 44.73 -71.67 20.90
N CYS O 97 44.93 -70.35 20.93
CA CYS O 97 43.82 -69.40 20.87
C CYS O 97 44.30 -67.95 20.88
N ASP O 98 45.29 -67.65 20.04
CA ASP O 98 45.81 -66.29 19.95
C ASP O 98 44.67 -65.32 19.70
N CYS O 99 44.48 -64.37 20.61
CA CYS O 99 43.41 -63.39 20.47
C CYS O 99 43.95 -62.02 20.11
N VAL O 100 44.64 -61.94 18.97
CA VAL O 100 45.21 -60.69 18.50
C VAL O 100 44.25 -60.00 17.54
N ALA O 101 44.26 -58.67 17.54
CA ALA O 101 43.38 -57.88 16.69
C ALA O 101 41.92 -58.13 17.05
N ASP O 102 41.01 -57.39 16.42
CA ASP O 102 39.59 -57.54 16.69
C ASP O 102 39.13 -58.99 16.51
N ALA O 103 39.92 -59.77 15.78
CA ALA O 103 39.61 -61.17 15.54
C ALA O 103 40.33 -62.08 16.53
N LEU O 104 40.11 -63.39 16.38
CA LEU O 104 40.74 -64.37 17.26
C LEU O 104 41.13 -65.62 16.47
N ILE O 105 42.43 -65.76 16.22
CA ILE O 105 42.94 -66.90 15.48
C ILE O 105 43.15 -68.08 16.42
N LEU O 106 43.54 -69.22 15.85
CA LEU O 106 43.77 -70.44 16.61
C LEU O 106 44.72 -71.35 15.82
N ARG O 107 45.97 -71.42 16.27
CA ARG O 107 46.97 -72.23 15.61
C ARG O 107 46.68 -73.72 15.71
N VAL O 108 47.35 -74.50 14.86
CA VAL O 108 47.17 -75.95 14.83
C VAL O 108 48.52 -76.63 14.68
N ARG O 109 49.26 -76.72 15.77
CA ARG O 109 50.59 -77.34 15.77
C ARG O 109 50.42 -78.86 15.81
N SER O 110 50.03 -79.44 14.68
CA SER O 110 49.83 -80.88 14.57
C SER O 110 51.08 -81.57 14.05
N GLU O 111 51.04 -82.89 13.99
CA GLU O 111 52.18 -83.67 13.50
C GLU O 111 51.72 -84.92 12.75
N LEU O 112 51.29 -84.72 11.51
CA LEU O 112 50.83 -85.82 10.67
C LEU O 112 51.97 -86.71 10.19
N SER O 113 51.82 -88.00 10.43
CA SER O 113 52.81 -88.99 10.01
C SER O 113 54.26 -88.58 10.28
N GLY O 114 54.56 -88.23 11.54
CA GLY O 114 55.91 -87.84 11.90
C GLY O 114 56.37 -86.51 11.37
N LEU O 115 55.62 -85.93 10.43
CA LEU O 115 55.97 -84.64 9.85
C LEU O 115 55.07 -83.52 10.35
N PRO O 116 55.65 -82.40 10.78
CA PRO O 116 54.90 -81.25 11.28
C PRO O 116 53.79 -80.82 10.32
N PHE O 117 52.68 -80.35 10.88
CA PHE O 117 51.54 -79.92 10.08
C PHE O 117 50.91 -78.69 10.72
N TYR O 118 51.50 -77.52 10.46
CA TYR O 118 50.98 -76.27 11.03
C TYR O 118 49.74 -75.79 10.27
N TRP O 119 49.03 -74.85 10.88
CA TRP O 119 47.82 -74.28 10.28
C TRP O 119 47.12 -73.29 11.22
N ASN O 120 46.44 -72.32 10.63
CA ASN O 120 45.72 -71.30 11.39
C ASN O 120 44.27 -71.16 10.91
N PHE O 121 43.44 -70.57 11.76
CA PHE O 121 42.03 -70.34 11.44
C PHE O 121 41.67 -68.86 11.59
N HIS O 122 42.32 -68.01 10.80
CA HIS O 122 42.07 -66.57 10.86
C HIS O 122 40.60 -66.26 10.61
N CYS O 123 39.85 -66.11 11.70
CA CYS O 123 38.42 -65.82 11.62
C CYS O 123 38.09 -64.44 12.16
N MET O 124 37.21 -63.73 11.45
CA MET O 124 36.80 -62.39 11.87
C MET O 124 35.64 -62.44 12.85
N LEU O 125 35.24 -61.27 13.34
CA LEU O 125 34.15 -61.16 14.29
C LEU O 125 32.85 -61.49 13.55
N ALA O 126 32.34 -62.70 13.76
CA ALA O 126 31.10 -63.13 13.13
C ALA O 126 30.13 -61.98 12.91
N SER O 127 29.66 -61.83 11.68
CA SER O 127 28.74 -60.76 11.34
C SER O 127 27.46 -60.85 12.17
N PRO O 128 27.01 -59.72 12.74
CA PRO O 128 25.80 -59.68 13.55
C PRO O 128 24.58 -60.21 12.80
N SER O 129 24.67 -60.19 11.48
CA SER O 129 23.57 -60.66 10.64
C SER O 129 23.55 -62.19 10.57
N LEU O 130 24.55 -62.82 11.16
CA LEU O 130 24.62 -64.28 11.16
C LEU O 130 24.62 -64.85 12.57
N VAL O 131 25.04 -64.03 13.53
CA VAL O 131 25.06 -64.47 14.93
C VAL O 131 23.63 -64.84 15.33
N SER O 132 22.68 -64.50 14.46
CA SER O 132 21.28 -64.80 14.70
C SER O 132 20.84 -65.92 13.77
N GLN O 133 21.81 -66.64 13.22
CA GLN O 133 21.55 -67.75 12.31
C GLN O 133 21.97 -69.06 12.97
N HIS O 134 22.87 -68.96 13.94
CA HIS O 134 23.38 -70.13 14.65
C HIS O 134 23.22 -69.94 16.15
N LEU O 135 22.67 -68.78 16.54
CA LEU O 135 22.47 -68.46 17.94
C LEU O 135 21.09 -67.84 18.23
N ILE O 136 20.99 -66.53 18.06
CA ILE O 136 19.75 -65.80 18.32
C ILE O 136 18.49 -66.57 17.89
N ARG O 137 18.09 -66.40 16.64
CA ARG O 137 16.92 -67.06 16.11
C ARG O 137 16.85 -68.54 16.49
N PRO O 138 17.91 -69.31 16.15
CA PRO O 138 17.94 -70.74 16.48
C PRO O 138 17.65 -71.08 17.94
N LEU O 139 18.44 -70.51 18.85
CA LEU O 139 18.26 -70.77 20.28
C LEU O 139 16.84 -70.51 20.76
N MET O 140 16.32 -69.32 20.47
CA MET O 140 14.97 -68.97 20.89
C MET O 140 13.98 -70.00 20.37
N GLY O 141 14.29 -70.59 19.21
CA GLY O 141 13.41 -71.59 18.63
C GLY O 141 13.25 -72.76 19.58
N MET O 142 14.33 -73.08 20.29
CA MET O 142 14.32 -74.18 21.26
C MET O 142 13.43 -73.83 22.43
N SER O 143 13.63 -72.64 22.99
CA SER O 143 12.83 -72.18 24.12
C SER O 143 11.36 -72.12 23.75
N LEU O 144 11.08 -71.70 22.51
CA LEU O 144 9.72 -71.60 22.03
C LEU O 144 9.17 -73.01 21.81
N ALA O 145 10.07 -73.96 21.61
CA ALA O 145 9.69 -75.35 21.39
C ALA O 145 9.63 -76.13 22.69
N LEU O 146 10.65 -76.01 23.52
CA LEU O 146 10.69 -76.72 24.81
C LEU O 146 9.50 -76.37 25.69
N GLN O 147 9.05 -75.13 25.62
CA GLN O 147 7.91 -74.69 26.42
C GLN O 147 6.75 -75.64 26.16
N CYS O 148 6.73 -76.22 24.96
CA CYS O 148 5.69 -77.16 24.56
C CYS O 148 5.97 -78.55 25.10
N GLN O 149 7.25 -78.92 25.17
CA GLN O 149 7.61 -80.24 25.68
C GLN O 149 7.13 -80.40 27.11
N VAL O 150 7.36 -79.38 27.93
CA VAL O 150 6.93 -79.40 29.32
C VAL O 150 5.42 -79.21 29.39
N ARG O 151 4.89 -78.42 28.48
CA ARG O 151 3.46 -78.14 28.45
C ARG O 151 2.66 -79.35 28.00
N GLU O 152 3.20 -80.13 27.07
CA GLU O 152 2.51 -81.31 26.57
C GLU O 152 2.87 -82.55 27.39
N LEU O 153 4.08 -82.57 27.94
CA LEU O 153 4.50 -83.70 28.76
C LEU O 153 3.60 -83.75 29.98
N ALA O 154 3.15 -82.58 30.42
CA ALA O 154 2.27 -82.46 31.57
C ALA O 154 0.86 -82.92 31.24
N THR O 155 0.31 -82.41 30.13
CA THR O 155 -1.03 -82.77 29.71
C THR O 155 -1.15 -84.28 29.54
N LEU O 156 -0.09 -84.90 29.03
CA LEU O 156 -0.07 -86.35 28.83
C LEU O 156 0.14 -87.02 30.18
N LEU O 157 0.75 -86.29 31.11
CA LEU O 157 1.01 -86.81 32.44
C LEU O 157 -0.30 -86.79 33.23
N HIS O 158 -1.13 -85.80 32.93
CA HIS O 158 -2.42 -85.65 33.59
C HIS O 158 -3.29 -86.86 33.24
N MET O 159 -3.05 -87.41 32.05
CA MET O 159 -3.78 -88.57 31.57
C MET O 159 -3.62 -89.75 32.54
N LYS O 160 -2.38 -90.05 32.89
CA LYS O 160 -2.10 -91.15 33.81
C LYS O 160 -2.65 -90.90 35.20
N ASP O 161 -2.59 -89.65 35.66
CA ASP O 161 -3.10 -89.31 36.98
C ASP O 161 -4.60 -89.58 37.01
N LEU O 162 -5.23 -89.54 35.85
CA LEU O 162 -6.66 -89.78 35.73
C LEU O 162 -6.91 -91.28 35.63
N GLU O 163 -5.96 -92.00 35.03
CA GLU O 163 -6.07 -93.45 34.89
C GLU O 163 -6.03 -94.10 36.25
N ILE O 164 -5.46 -93.38 37.22
CA ILE O 164 -5.35 -93.87 38.58
C ILE O 164 -6.66 -93.71 39.34
N GLN O 165 -7.54 -92.86 38.82
CA GLN O 165 -8.83 -92.64 39.46
C GLN O 165 -9.61 -93.95 39.55
N ASP O 166 -9.72 -94.64 38.42
CA ASP O 166 -10.43 -95.91 38.38
C ASP O 166 -9.89 -96.88 39.43
N TYR O 167 -8.60 -97.20 39.35
CA TYR O 167 -7.97 -98.11 40.29
C TYR O 167 -8.35 -97.73 41.72
N GLN O 168 -8.41 -96.43 41.99
CA GLN O 168 -8.74 -95.92 43.31
C GLN O 168 -10.25 -95.81 43.54
N GLU O 169 -11.01 -95.60 42.48
CA GLU O 169 -12.46 -95.49 42.58
C GLU O 169 -13.13 -96.85 42.63
N SER O 170 -12.34 -97.91 42.46
CA SER O 170 -12.85 -99.27 42.48
C SER O 170 -12.10 -100.07 43.54
N GLY O 171 -11.77 -99.42 44.64
CA GLY O 171 -11.04 -100.07 45.72
C GLY O 171 -9.56 -100.11 45.44
N ALA O 172 -9.00 -101.33 45.40
CA ALA O 172 -7.58 -101.52 45.13
C ALA O 172 -6.69 -100.84 46.17
N THR O 173 -5.43 -101.24 46.20
CA THR O 173 -4.45 -100.69 47.13
C THR O 173 -3.04 -101.05 46.70
N LEU O 174 -2.21 -100.05 46.47
CA LEU O 174 -0.82 -100.27 46.07
C LEU O 174 -0.17 -101.37 46.90
N ILE O 175 -0.02 -102.54 46.29
CA ILE O 175 0.60 -103.68 46.97
C ILE O 175 1.87 -103.23 47.68
N ARG O 176 2.67 -102.41 46.99
CA ARG O 176 3.90 -101.89 47.54
C ARG O 176 3.64 -100.45 47.99
N ASP O 177 3.21 -100.29 49.24
CA ASP O 177 2.90 -98.97 49.78
C ASP O 177 4.09 -98.00 49.77
N ARG O 178 4.54 -97.62 48.59
CA ARG O 178 5.64 -96.68 48.43
C ARG O 178 5.61 -95.98 47.07
N LEU O 179 5.17 -96.70 46.06
CA LEU O 179 5.08 -96.16 44.70
C LEU O 179 3.96 -95.14 44.53
N LYS O 180 3.47 -94.60 45.65
CA LYS O 180 2.39 -93.62 45.59
C LYS O 180 2.91 -92.29 45.07
N THR O 181 2.74 -92.07 43.78
CA THR O 181 3.19 -90.84 43.12
C THR O 181 2.30 -89.67 43.49
N GLU O 182 2.93 -88.57 43.88
CA GLU O 182 2.20 -87.36 44.26
C GLU O 182 1.35 -86.90 43.08
N PRO O 183 0.08 -86.52 43.33
CA PRO O 183 -0.80 -86.07 42.25
C PRO O 183 -0.21 -84.86 41.53
N PHE O 184 -0.15 -84.94 40.20
CA PHE O 184 0.40 -83.87 39.39
C PHE O 184 -0.51 -82.65 39.27
N GLU O 185 0.11 -81.48 39.18
CA GLU O 185 -0.60 -80.22 39.04
C GLU O 185 0.31 -79.22 38.30
N GLU O 186 -0.20 -78.68 37.21
CA GLU O 186 0.55 -77.73 36.38
C GLU O 186 1.15 -76.58 37.20
N ASN O 187 0.29 -75.64 37.61
CA ASN O 187 0.72 -74.49 38.38
C ASN O 187 1.54 -74.87 39.61
N SER O 188 1.18 -75.98 40.24
CA SER O 188 1.88 -76.45 41.43
C SER O 188 3.36 -76.67 41.17
N PHE O 189 3.68 -77.70 40.40
CA PHE O 189 5.06 -78.06 40.07
C PHE O 189 5.92 -76.88 39.64
N LEU O 190 5.46 -76.13 38.65
CA LEU O 190 6.19 -74.97 38.13
C LEU O 190 6.81 -74.08 39.20
N GLU O 191 6.11 -73.88 40.30
CA GLU O 191 6.58 -73.02 41.37
C GLU O 191 7.96 -73.39 41.91
N GLN O 192 8.08 -74.53 42.56
CA GLN O 192 9.36 -74.96 43.13
C GLN O 192 10.53 -74.92 42.13
N PHE O 193 10.30 -75.40 40.93
CA PHE O 193 11.33 -75.43 39.89
C PHE O 193 12.00 -74.07 39.70
N MET O 194 11.26 -73.00 39.98
CA MET O 194 11.78 -71.65 39.80
C MET O 194 12.70 -71.15 40.91
N ILE O 195 12.83 -71.91 41.99
CA ILE O 195 13.70 -71.51 43.10
C ILE O 195 14.56 -72.65 43.64
N GLU O 196 14.09 -73.88 43.49
CA GLU O 196 14.82 -75.04 43.97
C GLU O 196 15.55 -75.77 42.84
N LYS O 197 15.36 -75.30 41.61
CA LYS O 197 16.01 -75.92 40.46
C LYS O 197 16.65 -74.92 39.50
N LEU O 198 15.83 -74.01 38.97
CA LEU O 198 16.31 -72.99 38.03
C LEU O 198 17.70 -72.44 38.39
N PRO O 199 17.91 -72.06 39.67
CA PRO O 199 19.20 -71.52 40.10
C PRO O 199 20.39 -72.44 39.86
N GLU O 200 20.15 -73.61 39.28
CA GLU O 200 21.21 -74.57 39.01
C GLU O 200 21.00 -75.26 37.67
N ALA O 201 19.93 -74.92 36.99
CA ALA O 201 19.61 -75.52 35.69
C ALA O 201 20.08 -74.63 34.55
N CYS O 202 19.74 -73.34 34.61
CA CYS O 202 20.11 -72.40 33.58
C CYS O 202 21.60 -72.04 33.64
N SER O 203 22.24 -72.42 34.75
CA SER O 203 23.66 -72.13 34.95
C SER O 203 24.47 -72.59 33.73
N ILE O 204 24.87 -71.64 32.90
CA ILE O 204 25.66 -71.93 31.72
C ILE O 204 27.15 -71.90 32.04
N GLY O 205 27.66 -70.71 32.36
CA GLY O 205 29.06 -70.57 32.68
C GLY O 205 29.94 -70.59 31.44
N ASP O 206 29.69 -71.55 30.55
CA ASP O 206 30.45 -71.67 29.32
C ASP O 206 29.59 -72.36 28.26
N GLY O 207 30.22 -73.19 27.44
CA GLY O 207 29.50 -73.89 26.40
C GLY O 207 29.22 -75.34 26.73
N LYS O 208 30.09 -75.94 27.54
CA LYS O 208 29.93 -77.34 27.92
C LYS O 208 28.48 -77.67 28.30
N PRO O 209 27.93 -76.96 29.31
CA PRO O 209 26.55 -77.23 29.72
C PRO O 209 25.59 -77.21 28.53
N PHE O 210 25.79 -76.26 27.63
CA PHE O 210 24.96 -76.11 26.45
C PHE O 210 24.91 -77.41 25.66
N VAL O 211 25.95 -77.65 24.87
CA VAL O 211 26.05 -78.84 24.03
C VAL O 211 25.62 -80.14 24.71
N MET O 212 26.51 -80.70 25.52
CA MET O 212 26.26 -81.96 26.24
C MET O 212 24.83 -82.51 26.06
N ASN O 213 23.86 -81.81 26.63
CA ASN O 213 22.46 -82.24 26.54
C ASN O 213 21.55 -81.17 25.93
N LEU O 214 21.90 -80.70 24.73
CA LEU O 214 21.11 -79.68 24.05
C LEU O 214 21.39 -79.66 22.54
N GLN O 215 22.67 -79.71 22.19
CA GLN O 215 23.08 -79.69 20.79
C GLN O 215 22.16 -80.50 19.89
N ASP O 216 21.68 -81.64 20.38
CA ASP O 216 20.79 -82.49 19.60
C ASP O 216 19.56 -81.73 19.10
N LEU O 217 18.74 -81.25 20.03
CA LEU O 217 17.54 -80.50 19.68
C LEU O 217 17.89 -79.33 18.77
N TYR O 218 18.86 -78.52 19.20
CA TYR O 218 19.29 -77.36 18.43
C TYR O 218 19.54 -77.72 16.98
N MET O 219 20.19 -78.86 16.75
CA MET O 219 20.49 -79.30 15.39
C MET O 219 19.23 -79.69 14.63
N ALA O 220 18.16 -79.97 15.37
CA ALA O 220 16.90 -80.38 14.76
C ALA O 220 16.05 -79.16 14.39
N VAL O 221 16.10 -78.13 15.21
CA VAL O 221 15.32 -76.92 14.97
C VAL O 221 15.93 -76.07 13.85
N THR O 222 17.24 -76.21 13.66
CA THR O 222 17.94 -75.46 12.61
C THR O 222 17.55 -75.99 11.24
N THR O 223 17.29 -77.28 11.17
CA THR O 223 16.92 -77.93 9.91
C THR O 223 15.45 -77.65 9.61
N GLN O 224 14.75 -77.06 10.57
CA GLN O 224 13.34 -76.75 10.42
C GLN O 224 13.15 -75.38 9.79
N HIS O 225 13.90 -74.39 10.28
CA HIS O 225 13.82 -73.04 9.74
C HIS O 225 14.33 -73.06 8.30
N HIS O 226 15.00 -74.14 7.94
CA HIS O 226 15.53 -74.34 6.60
C HIS O 226 14.36 -74.61 5.67
N HIS O 227 13.22 -74.95 6.27
CA HIS O 227 12.00 -75.24 5.52
C HIS O 227 10.77 -74.80 6.33
N MET P 1 26.03 -45.12 30.48
CA MET P 1 25.77 -44.87 31.89
C MET P 1 25.57 -46.18 32.66
N GLU P 2 26.48 -46.47 33.58
CA GLU P 2 26.43 -47.69 34.38
C GLU P 2 25.06 -47.88 35.03
N GLU P 3 24.68 -46.92 35.87
CA GLU P 3 23.39 -46.96 36.56
C GLU P 3 22.25 -47.23 35.60
N LEU P 4 22.44 -46.86 34.34
CA LEU P 4 21.42 -47.03 33.31
C LEU P 4 21.56 -48.38 32.61
N GLU P 5 22.80 -48.84 32.48
CA GLU P 5 23.07 -50.12 31.81
C GLU P 5 22.19 -51.23 32.36
N GLN P 6 22.22 -51.40 33.67
CA GLN P 6 21.44 -52.43 34.35
C GLN P 6 19.97 -52.40 33.96
N GLY P 7 19.36 -51.22 34.11
CA GLY P 7 17.95 -51.06 33.79
C GLY P 7 17.55 -51.69 32.47
N LEU P 8 18.26 -51.32 31.39
CA LEU P 8 17.98 -51.86 30.07
C LEU P 8 17.94 -53.38 30.07
N LEU P 9 18.63 -53.97 31.05
CA LEU P 9 18.70 -55.42 31.17
C LEU P 9 17.61 -55.99 32.06
N MET P 10 17.58 -55.56 33.32
CA MET P 10 16.58 -56.03 34.28
C MET P 10 15.15 -55.95 33.76
N GLN P 11 14.94 -55.25 32.66
CA GLN P 11 13.60 -55.12 32.09
C GLN P 11 13.33 -56.15 31.01
N PRO P 12 12.12 -56.74 31.02
CA PRO P 12 11.69 -57.75 30.06
C PRO P 12 11.36 -57.16 28.69
N TRP P 13 11.57 -57.94 27.65
CA TRP P 13 11.28 -57.49 26.29
C TRP P 13 9.78 -57.30 26.13
N ALA P 14 9.38 -56.66 25.04
CA ALA P 14 7.96 -56.42 24.79
C ALA P 14 7.63 -56.48 23.31
N TRP P 15 6.34 -56.50 23.00
CA TRP P 15 5.89 -56.56 21.61
C TRP P 15 5.54 -55.16 21.15
N LEU P 16 6.24 -54.68 20.13
CA LEU P 16 6.00 -53.35 19.59
C LEU P 16 5.42 -53.45 18.18
N GLN P 17 4.09 -53.51 18.08
CA GLN P 17 3.41 -53.60 16.79
C GLN P 17 3.40 -52.26 16.08
N LEU P 18 3.63 -52.28 14.78
CA LEU P 18 3.63 -51.05 13.99
C LEU P 18 3.88 -51.37 12.51
N ALA P 19 3.08 -50.77 11.64
CA ALA P 19 3.20 -50.98 10.20
C ALA P 19 3.00 -52.44 9.81
N GLU P 20 3.97 -53.00 9.08
CA GLU P 20 3.89 -54.39 8.64
C GLU P 20 4.56 -55.35 9.61
N ASN P 21 5.78 -55.05 10.02
CA ASN P 21 6.51 -55.90 10.95
C ASN P 21 6.68 -55.21 12.30
N SER P 22 6.98 -55.98 13.33
CA SER P 22 7.17 -55.43 14.67
C SER P 22 8.59 -55.71 15.16
N LEU P 23 8.88 -55.24 16.36
CA LEU P 23 10.21 -55.42 16.94
C LEU P 23 10.09 -55.67 18.44
N LEU P 24 11.06 -56.39 19.00
CA LEU P 24 11.05 -56.67 20.43
C LEU P 24 11.78 -55.54 21.16
N ALA P 25 11.01 -54.56 21.62
CA ALA P 25 11.57 -53.42 22.32
C ALA P 25 12.30 -53.82 23.59
N LYS P 26 12.47 -52.86 24.49
CA LYS P 26 13.17 -53.07 25.76
C LYS P 26 13.84 -51.74 26.12
N VAL P 27 13.06 -50.78 26.59
CA VAL P 27 13.58 -49.47 26.94
C VAL P 27 13.45 -49.16 28.43
N PHE P 28 14.50 -48.58 28.99
CA PHE P 28 14.52 -48.22 30.40
C PHE P 28 14.77 -46.72 30.57
N ILE P 29 13.71 -45.93 30.41
CA ILE P 29 13.83 -44.48 30.55
C ILE P 29 14.17 -44.11 31.98
N THR P 30 14.58 -42.86 32.18
CA THR P 30 14.94 -42.34 33.50
C THR P 30 15.52 -40.94 33.35
N LYS P 31 15.55 -40.21 34.46
CA LYS P 31 16.09 -38.85 34.46
C LYS P 31 17.50 -38.79 33.87
N GLN P 32 18.21 -39.90 33.96
CA GLN P 32 19.57 -39.99 33.45
C GLN P 32 19.57 -40.40 31.99
N GLY P 33 18.46 -40.13 31.30
CA GLY P 33 18.35 -40.49 29.90
C GLY P 33 17.92 -41.93 29.72
N TYR P 34 17.20 -42.21 28.64
CA TYR P 34 16.73 -43.56 28.37
C TYR P 34 17.86 -44.41 27.79
N ALA P 35 17.52 -45.63 27.39
CA ALA P 35 18.50 -46.54 26.80
C ALA P 35 17.77 -47.71 26.15
N LEU P 36 17.05 -47.40 25.08
CA LEU P 36 16.28 -48.40 24.33
C LEU P 36 17.16 -49.43 23.64
N LEU P 37 16.57 -50.57 23.34
CA LEU P 37 17.26 -51.67 22.66
C LEU P 37 16.21 -52.48 21.90
N VAL P 38 16.10 -52.21 20.60
CA VAL P 38 15.13 -52.88 19.74
C VAL P 38 15.78 -53.90 18.80
N SER P 39 15.05 -54.97 18.52
CA SER P 39 15.53 -56.03 17.63
C SER P 39 14.39 -56.66 16.85
N ASP P 40 14.72 -57.32 15.75
CA ASP P 40 13.72 -57.98 14.91
C ASP P 40 14.09 -59.43 14.64
N LEU P 41 14.75 -60.07 15.60
CA LEU P 41 15.16 -61.47 15.46
C LEU P 41 16.06 -61.63 14.23
N GLN P 42 17.00 -60.71 14.08
CA GLN P 42 17.92 -60.73 12.95
C GLN P 42 18.93 -59.60 13.11
N GLN P 43 18.45 -58.46 13.59
CA GLN P 43 19.29 -57.29 13.81
C GLN P 43 18.98 -56.65 15.14
N VAL P 44 19.88 -56.81 16.10
CA VAL P 44 19.71 -56.24 17.43
C VAL P 44 20.21 -54.80 17.41
N TRP P 45 19.55 -53.94 18.18
CA TRP P 45 19.93 -52.53 18.24
C TRP P 45 19.90 -52.02 19.68
N HIS P 46 20.79 -51.08 19.98
CA HIS P 46 20.88 -50.51 21.32
C HIS P 46 21.45 -49.09 21.32
N GLU P 47 20.61 -48.13 21.68
CA GLU P 47 21.02 -46.74 21.76
C GLU P 47 21.19 -46.44 23.25
N GLN P 48 21.52 -45.20 23.60
CA GLN P 48 21.70 -44.85 25.00
C GLN P 48 22.04 -43.38 25.18
N VAL P 49 21.07 -42.51 24.88
CA VAL P 49 21.29 -41.08 25.02
C VAL P 49 21.32 -40.71 26.49
N ASP P 50 21.66 -39.46 26.77
CA ASP P 50 21.73 -38.98 28.15
C ASP P 50 21.11 -37.58 28.26
N THR P 51 21.15 -37.03 29.47
CA THR P 51 20.60 -35.71 29.73
C THR P 51 20.96 -34.71 28.63
N SER P 52 22.13 -34.90 28.04
CA SER P 52 22.61 -34.04 26.97
C SER P 52 21.93 -34.33 25.64
N VAL P 53 22.36 -35.41 24.99
CA VAL P 53 21.82 -35.82 23.70
C VAL P 53 20.31 -35.58 23.58
N VAL P 54 19.57 -35.92 24.64
CA VAL P 54 18.12 -35.75 24.64
C VAL P 54 17.69 -34.30 24.33
N SER P 55 18.18 -33.35 25.13
CA SER P 55 17.84 -31.95 24.93
C SER P 55 18.00 -31.51 23.49
N GLN P 56 19.13 -31.86 22.88
CA GLN P 56 19.40 -31.50 21.49
C GLN P 56 18.23 -31.90 20.61
N ARG P 57 18.00 -33.22 20.54
CA ARG P 57 16.94 -33.80 19.74
C ARG P 57 15.56 -33.30 20.18
N ALA P 58 15.33 -33.29 21.48
CA ALA P 58 14.06 -32.85 22.06
C ALA P 58 13.53 -31.57 21.41
N LYS P 59 14.24 -30.47 21.60
CA LYS P 59 13.83 -29.18 21.05
C LYS P 59 13.87 -29.13 19.53
N GLU P 60 14.48 -30.14 18.92
CA GLU P 60 14.58 -30.18 17.46
C GLU P 60 13.34 -30.82 16.83
N LEU P 61 12.73 -31.74 17.56
CA LEU P 61 11.53 -32.42 17.08
C LEU P 61 10.26 -31.75 17.60
N ASN P 62 10.40 -30.98 18.67
CA ASN P 62 9.26 -30.29 19.27
C ASN P 62 9.62 -28.84 19.56
N LYS P 63 9.97 -28.10 18.50
CA LYS P 63 10.35 -26.71 18.63
C LYS P 63 9.24 -25.92 19.31
N ARG P 64 8.00 -26.21 18.95
CA ARG P 64 6.84 -25.54 19.54
C ARG P 64 6.97 -25.54 21.06
N LEU P 65 7.51 -26.63 21.60
CA LEU P 65 7.70 -26.79 23.03
C LEU P 65 9.10 -26.35 23.47
N THR P 66 9.36 -26.42 24.77
CA THR P 66 10.64 -26.05 25.34
C THR P 66 10.78 -26.71 26.72
N ALA P 67 10.78 -28.04 26.74
CA ALA P 67 10.89 -28.79 27.98
C ALA P 67 12.34 -29.02 28.40
N PRO P 68 12.61 -28.93 29.71
CA PRO P 68 13.95 -29.12 30.29
C PRO P 68 14.52 -30.52 30.00
N PRO P 69 15.80 -30.73 30.32
CA PRO P 69 16.49 -32.01 30.10
C PRO P 69 15.79 -33.21 30.76
N ALA P 70 16.26 -33.58 31.95
CA ALA P 70 15.73 -34.70 32.69
C ALA P 70 14.20 -34.69 32.78
N ALA P 71 13.61 -33.50 32.73
CA ALA P 71 12.17 -33.35 32.79
C ALA P 71 11.49 -34.03 31.61
N PHE P 72 11.89 -33.62 30.41
CA PHE P 72 11.34 -34.17 29.17
C PHE P 72 11.31 -35.70 29.19
N LEU P 73 12.31 -36.29 29.83
CA LEU P 73 12.42 -37.75 29.92
C LEU P 73 11.20 -38.43 30.51
N CYS P 74 10.68 -37.87 31.60
CA CYS P 74 9.52 -38.43 32.28
C CYS P 74 8.39 -38.71 31.29
N HIS P 75 7.88 -37.64 30.69
CA HIS P 75 6.78 -37.74 29.72
C HIS P 75 7.02 -38.84 28.69
N LEU P 76 8.28 -39.05 28.33
CA LEU P 76 8.63 -40.07 27.36
C LEU P 76 8.40 -41.45 27.99
N ASP P 77 8.82 -41.58 29.25
CA ASP P 77 8.66 -42.82 29.98
C ASP P 77 7.20 -43.18 30.20
N ASN P 78 6.44 -42.23 30.74
CA ASN P 78 5.02 -42.43 31.02
C ASN P 78 4.15 -42.66 29.79
N LEU P 79 4.60 -42.16 28.65
CA LEU P 79 3.83 -42.30 27.41
C LEU P 79 4.08 -43.64 26.72
N LEU P 80 5.25 -44.21 26.93
CA LEU P 80 5.60 -45.49 26.32
C LEU P 80 5.22 -46.68 27.19
N ARG P 81 5.67 -46.65 28.45
CA ARG P 81 5.41 -47.73 29.39
C ARG P 81 4.09 -48.47 29.15
N PRO P 82 2.95 -47.77 29.21
CA PRO P 82 1.66 -48.44 28.99
C PRO P 82 1.56 -49.12 27.62
N LEU P 83 1.64 -48.33 26.56
CA LEU P 83 1.56 -48.84 25.20
C LEU P 83 2.75 -49.72 24.85
N LEU P 84 3.57 -50.04 25.85
CA LEU P 84 4.75 -50.86 25.64
C LEU P 84 4.60 -52.27 26.21
N LYS P 85 4.08 -52.35 27.45
CA LYS P 85 3.89 -53.62 28.13
C LYS P 85 2.84 -54.50 27.44
N ASP P 86 3.07 -54.78 26.16
CA ASP P 86 2.16 -55.61 25.35
C ASP P 86 0.70 -55.44 25.74
N ALA P 87 0.33 -54.24 26.13
CA ALA P 87 -1.05 -53.94 26.54
C ALA P 87 -2.04 -54.12 25.39
N ALA P 88 -1.61 -54.74 24.31
CA ALA P 88 -2.48 -54.96 23.15
C ALA P 88 -3.20 -53.67 22.80
N HIS P 89 -2.55 -52.56 23.15
CA HIS P 89 -3.09 -51.22 22.90
C HIS P 89 -2.56 -50.57 21.62
N PRO P 90 -1.58 -51.20 20.95
CA PRO P 90 -1.06 -50.58 19.72
C PRO P 90 -2.14 -50.04 18.78
N SER P 91 -2.31 -48.72 18.82
CA SER P 91 -3.29 -48.03 17.99
C SER P 91 -2.91 -46.56 17.97
N GLU P 92 -2.84 -45.96 19.17
CA GLU P 92 -2.48 -44.55 19.30
C GLU P 92 -0.97 -44.43 19.19
N ALA P 93 -0.47 -43.20 19.10
CA ALA P 93 0.96 -42.95 19.00
C ALA P 93 1.56 -43.76 17.86
N THR P 94 0.74 -44.07 16.85
CA THR P 94 1.17 -44.83 15.69
C THR P 94 2.69 -44.83 15.51
N PHE P 95 3.35 -45.81 16.11
CA PHE P 95 4.80 -45.94 16.02
C PHE P 95 5.27 -46.06 14.58
N SER P 96 6.53 -45.70 14.35
CA SER P 96 7.10 -45.77 13.00
C SER P 96 8.62 -45.94 13.08
N CYS P 97 9.11 -47.08 12.59
CA CYS P 97 10.53 -47.36 12.59
C CYS P 97 11.06 -47.51 11.17
N ASP P 98 12.32 -47.16 10.96
CA ASP P 98 12.95 -47.25 9.66
C ASP P 98 14.44 -47.56 9.78
N CYS P 99 14.83 -48.74 9.32
CA CYS P 99 16.22 -49.17 9.37
C CYS P 99 16.90 -49.05 8.01
N VAL P 100 17.34 -47.85 7.67
CA VAL P 100 18.00 -47.62 6.39
C VAL P 100 19.51 -47.55 6.59
N ALA P 101 20.23 -48.52 6.02
CA ALA P 101 21.67 -48.58 6.15
C ALA P 101 22.08 -48.54 7.61
N ASP P 102 22.47 -49.69 8.15
CA ASP P 102 22.87 -49.80 9.54
C ASP P 102 21.79 -49.31 10.50
N ALA P 103 22.17 -48.36 11.35
CA ALA P 103 21.29 -47.77 12.36
C ALA P 103 19.81 -47.81 12.03
N LEU P 104 18.99 -47.96 13.07
CA LEU P 104 17.54 -48.00 12.94
C LEU P 104 16.91 -46.86 13.73
N ILE P 105 15.86 -46.26 13.17
CA ILE P 105 15.17 -45.16 13.82
C ILE P 105 13.79 -45.60 14.29
N LEU P 106 13.34 -45.05 15.41
CA LEU P 106 12.03 -45.38 15.96
C LEU P 106 11.26 -44.10 16.24
N ARG P 107 10.53 -43.63 15.24
CA ARG P 107 9.73 -42.41 15.35
C ARG P 107 8.50 -42.69 16.22
N VAL P 108 8.13 -41.72 17.05
CA VAL P 108 6.98 -41.90 17.93
C VAL P 108 6.08 -40.69 18.10
N ARG P 109 4.92 -40.71 17.44
CA ARG P 109 3.95 -39.63 17.54
C ARG P 109 3.22 -39.90 18.87
N SER P 110 2.49 -38.91 19.38
CA SER P 110 1.76 -39.10 20.62
C SER P 110 0.97 -37.88 21.05
N GLU P 111 0.60 -37.85 22.32
CA GLU P 111 -0.17 -36.74 22.89
C GLU P 111 0.37 -36.38 24.27
N LEU P 112 0.04 -35.16 24.71
CA LEU P 112 0.47 -34.67 26.01
C LEU P 112 -0.43 -33.51 26.41
N SER P 113 -1.45 -33.80 27.22
CA SER P 113 -2.40 -32.79 27.67
C SER P 113 -3.20 -32.28 26.48
N GLY P 114 -3.32 -33.13 25.46
CA GLY P 114 -4.06 -32.75 24.27
C GLY P 114 -3.13 -32.05 23.30
N LEU P 115 -1.99 -31.59 23.80
CA LEU P 115 -0.99 -30.90 23.00
C LEU P 115 -0.08 -31.89 22.29
N PRO P 116 0.31 -31.57 21.04
CA PRO P 116 1.19 -32.42 20.24
C PRO P 116 2.45 -32.84 20.97
N PHE P 117 3.08 -33.91 20.49
CA PHE P 117 4.31 -34.41 21.11
C PHE P 117 4.96 -35.45 20.21
N TYR P 118 6.17 -35.16 19.77
CA TYR P 118 6.91 -36.05 18.88
C TYR P 118 8.27 -36.42 19.48
N TRP P 119 8.85 -37.51 18.96
CA TRP P 119 10.16 -37.97 19.43
C TRP P 119 10.69 -39.10 18.55
N ASN P 120 12.01 -39.13 18.38
CA ASN P 120 12.65 -40.17 17.56
C ASN P 120 13.73 -40.92 18.33
N PHE P 121 14.06 -42.12 17.86
CA PHE P 121 15.09 -42.95 18.48
C PHE P 121 16.23 -43.22 17.51
N HIS P 122 17.15 -42.27 17.39
CA HIS P 122 18.29 -42.44 16.50
C HIS P 122 19.20 -43.54 17.06
N CYS P 123 18.76 -44.79 16.92
CA CYS P 123 19.52 -45.94 17.42
C CYS P 123 20.33 -46.61 16.32
N MET P 124 21.38 -47.33 16.71
CA MET P 124 22.24 -48.03 15.77
C MET P 124 22.35 -49.51 16.12
N LEU P 125 23.27 -50.20 15.46
CA LEU P 125 23.48 -51.62 15.70
C LEU P 125 23.85 -51.94 17.14
N ALA P 126 23.48 -53.12 17.60
CA ALA P 126 23.78 -53.56 18.96
C ALA P 126 25.24 -54.00 19.03
N SER P 127 25.93 -53.59 20.10
CA SER P 127 27.33 -53.93 20.28
C SER P 127 27.52 -55.45 20.31
N PRO P 128 28.75 -55.91 20.08
CA PRO P 128 29.07 -57.35 20.07
C PRO P 128 28.70 -58.05 21.37
N SER P 129 28.78 -57.32 22.47
CA SER P 129 28.46 -57.86 23.80
C SER P 129 26.97 -57.84 24.10
N LEU P 130 26.35 -56.68 23.95
CA LEU P 130 24.92 -56.53 24.22
C LEU P 130 24.11 -57.77 23.85
N VAL P 131 24.09 -58.11 22.57
CA VAL P 131 23.36 -59.26 22.08
C VAL P 131 23.71 -60.53 22.85
N SER P 132 24.99 -60.73 23.12
CA SER P 132 25.44 -61.92 23.84
C SER P 132 24.92 -61.92 25.26
N GLN P 133 24.81 -60.73 25.87
CA GLN P 133 24.32 -60.61 27.22
C GLN P 133 22.88 -60.12 27.28
N HIS P 134 22.19 -60.17 26.16
CA HIS P 134 20.80 -59.73 26.08
C HIS P 134 19.94 -60.70 25.27
N LEU P 135 20.58 -61.70 24.67
CA LEU P 135 19.87 -62.69 23.88
C LEU P 135 20.58 -64.05 23.90
N ILE P 136 21.88 -64.04 23.61
CA ILE P 136 22.66 -65.27 23.59
C ILE P 136 22.71 -65.90 24.98
N ARG P 137 23.55 -65.34 25.84
CA ARG P 137 23.73 -65.81 27.21
C ARG P 137 22.44 -65.99 28.00
N PRO P 138 21.63 -64.93 28.12
CA PRO P 138 20.37 -65.00 28.88
C PRO P 138 19.38 -66.03 28.36
N LEU P 139 18.97 -65.89 27.11
CA LEU P 139 18.01 -66.80 26.50
C LEU P 139 18.49 -68.24 26.51
N MET P 140 19.78 -68.45 26.28
CA MET P 140 20.33 -69.81 26.28
C MET P 140 20.03 -70.50 27.60
N GLY P 141 20.19 -69.76 28.70
CA GLY P 141 19.92 -70.31 30.01
C GLY P 141 18.51 -70.86 30.07
N MET P 142 17.60 -70.17 29.39
CA MET P 142 16.20 -70.58 29.35
C MET P 142 16.10 -71.97 28.74
N SER P 143 16.46 -72.07 27.46
CA SER P 143 16.41 -73.34 26.74
C SER P 143 17.17 -74.41 27.50
N LEU P 144 18.27 -74.01 28.14
CA LEU P 144 19.10 -74.95 28.90
C LEU P 144 18.37 -75.43 30.14
N ALA P 145 17.92 -74.49 30.97
CA ALA P 145 17.22 -74.82 32.21
C ALA P 145 15.88 -75.48 31.93
N LEU P 146 15.17 -74.99 30.92
CA LEU P 146 13.87 -75.53 30.55
C LEU P 146 14.00 -77.03 30.27
N GLN P 147 15.18 -77.43 29.79
CA GLN P 147 15.44 -78.84 29.50
C GLN P 147 15.29 -79.64 30.79
N CYS P 148 15.90 -79.12 31.86
CA CYS P 148 15.84 -79.77 33.16
C CYS P 148 14.40 -79.89 33.63
N GLN P 149 13.55 -78.98 33.14
CA GLN P 149 12.14 -78.98 33.49
C GLN P 149 11.46 -80.14 32.78
N VAL P 150 11.78 -80.31 31.50
CA VAL P 150 11.21 -81.38 30.70
C VAL P 150 11.71 -82.70 31.28
N ARG P 151 12.99 -82.71 31.62
CA ARG P 151 13.64 -83.88 32.18
C ARG P 151 13.08 -84.30 33.54
N GLU P 152 13.14 -83.39 34.51
CA GLU P 152 12.64 -83.67 35.85
C GLU P 152 11.17 -84.03 35.83
N LEU P 153 10.47 -83.60 34.79
CA LEU P 153 9.04 -83.88 34.66
C LEU P 153 8.80 -85.27 34.07
N ALA P 154 9.71 -85.70 33.20
CA ALA P 154 9.61 -87.01 32.58
C ALA P 154 9.83 -88.10 33.63
N THR P 155 10.81 -87.88 34.48
CA THR P 155 11.13 -88.84 35.54
C THR P 155 9.95 -88.90 36.51
N LEU P 156 9.43 -87.74 36.87
CA LEU P 156 8.31 -87.63 37.78
C LEU P 156 7.10 -88.31 37.14
N LEU P 157 7.13 -88.40 35.80
CA LEU P 157 6.05 -89.02 35.04
C LEU P 157 6.29 -90.53 34.96
N HIS P 158 7.56 -90.92 34.95
CA HIS P 158 7.91 -92.33 34.88
C HIS P 158 7.41 -93.04 36.14
N MET P 159 7.61 -92.41 37.29
CA MET P 159 7.16 -92.98 38.55
C MET P 159 5.66 -93.22 38.49
N LYS P 160 4.97 -92.38 37.73
CA LYS P 160 3.52 -92.48 37.57
C LYS P 160 3.16 -93.87 37.04
N ASP P 161 4.03 -94.40 36.18
CA ASP P 161 3.82 -95.71 35.60
C ASP P 161 3.98 -96.81 36.65
N LEU P 162 4.90 -96.58 37.58
CA LEU P 162 5.15 -97.55 38.65
C LEU P 162 3.88 -97.78 39.46
N GLU P 163 3.07 -96.74 39.61
CA GLU P 163 1.83 -96.83 40.36
C GLU P 163 0.74 -97.56 39.58
N ILE P 164 0.44 -97.07 38.38
CA ILE P 164 -0.58 -97.67 37.55
C ILE P 164 -0.29 -99.15 37.33
N GLN P 165 0.99 -99.51 37.41
CA GLN P 165 1.43 -100.88 37.21
C GLN P 165 1.30 -101.72 38.48
N ASP P 166 1.67 -101.15 39.62
CA ASP P 166 1.59 -101.85 40.89
C ASP P 166 0.15 -102.24 41.20
N TYR P 167 -0.80 -101.55 40.58
CA TYR P 167 -2.22 -101.83 40.79
C TYR P 167 -2.71 -103.02 39.97
N GLN P 168 -2.13 -103.20 38.79
CA GLN P 168 -2.53 -104.29 37.91
C GLN P 168 -1.64 -105.52 37.99
N GLU P 169 -0.32 -105.30 38.11
CA GLU P 169 0.61 -106.42 38.18
C GLU P 169 0.40 -107.28 39.42
N SER P 170 -0.16 -106.69 40.48
CA SER P 170 -0.40 -107.42 41.71
C SER P 170 -1.76 -107.09 42.32
N GLY P 171 -2.17 -105.83 42.23
CA GLY P 171 -3.46 -105.44 42.77
C GLY P 171 -4.61 -106.11 42.07
N ALA P 172 -4.31 -106.74 40.93
CA ALA P 172 -5.31 -107.43 40.14
C ALA P 172 -6.58 -106.60 39.96
N THR P 173 -6.41 -105.34 39.57
CA THR P 173 -7.54 -104.45 39.36
C THR P 173 -7.63 -104.02 37.90
N LEU P 174 -8.82 -103.60 37.49
CA LEU P 174 -9.05 -103.17 36.11
C LEU P 174 -9.64 -101.77 36.08
N ILE P 175 -9.15 -100.95 35.15
CA ILE P 175 -9.62 -99.57 35.02
C ILE P 175 -10.87 -99.47 34.15
N ARG P 176 -10.92 -98.42 33.32
CA ARG P 176 -12.04 -98.20 32.42
C ARG P 176 -11.71 -98.82 31.06
N ASP P 177 -12.75 -99.19 30.32
CA ASP P 177 -12.57 -99.80 29.01
C ASP P 177 -11.54 -99.04 28.17
N ARG P 178 -11.41 -97.74 28.44
CA ARG P 178 -10.46 -96.90 27.73
C ARG P 178 -10.02 -95.73 28.59
N LEU P 179 -8.88 -95.88 29.26
CA LEU P 179 -8.35 -94.84 30.12
C LEU P 179 -6.90 -95.19 30.45
N LYS P 180 -6.37 -96.17 29.73
CA LYS P 180 -5.00 -96.63 29.93
C LYS P 180 -4.06 -96.00 28.90
N THR P 181 -3.20 -95.10 29.36
CA THR P 181 -2.24 -94.44 28.49
C THR P 181 -0.98 -95.30 28.36
N GLU P 182 -0.51 -95.46 27.12
CA GLU P 182 0.67 -96.26 26.84
C GLU P 182 1.83 -95.87 27.77
N PRO P 183 2.60 -96.87 28.23
CA PRO P 183 3.73 -96.61 29.13
C PRO P 183 4.69 -95.56 28.58
N PHE P 184 4.87 -94.49 29.35
CA PHE P 184 5.75 -93.39 28.97
C PHE P 184 7.17 -93.83 28.62
N GLU P 185 7.65 -93.34 27.49
CA GLU P 185 8.99 -93.63 27.00
C GLU P 185 9.67 -92.31 26.69
N GLU P 186 10.61 -91.91 27.55
CA GLU P 186 11.32 -90.65 27.38
C GLU P 186 11.96 -90.50 26.01
N ASN P 187 12.08 -91.60 25.28
CA ASN P 187 12.69 -91.56 23.95
C ASN P 187 11.64 -91.60 22.85
N SER P 188 10.77 -92.61 22.89
CA SER P 188 9.72 -92.73 21.88
C SER P 188 8.83 -91.49 21.93
N PHE P 189 9.15 -90.58 22.84
CA PHE P 189 8.42 -89.34 23.01
C PHE P 189 9.15 -88.22 22.28
N LEU P 190 10.46 -88.20 22.42
CA LEU P 190 11.30 -87.20 21.79
C LEU P 190 11.31 -87.37 20.27
N GLU P 191 11.74 -88.55 19.82
CA GLU P 191 11.80 -88.85 18.40
C GLU P 191 10.41 -88.77 17.79
N GLN P 192 9.40 -88.68 18.65
CA GLN P 192 8.01 -88.61 18.21
C GLN P 192 7.57 -87.15 18.13
N PHE P 193 8.23 -86.31 18.92
CA PHE P 193 7.94 -84.88 18.96
C PHE P 193 8.70 -84.13 17.88
N MET P 194 9.96 -84.48 17.71
CA MET P 194 10.84 -83.85 16.73
C MET P 194 10.32 -84.01 15.30
N ILE P 195 9.22 -84.74 15.14
CA ILE P 195 8.66 -84.97 13.81
C ILE P 195 7.13 -84.89 13.78
N GLU P 196 6.53 -84.45 14.89
CA GLU P 196 5.08 -84.34 14.95
C GLU P 196 4.56 -83.00 15.50
N LYS P 197 5.27 -82.45 16.48
CA LYS P 197 4.88 -81.18 17.08
C LYS P 197 6.08 -80.27 17.31
N LEU P 198 7.00 -80.28 16.36
CA LEU P 198 8.19 -79.45 16.43
C LEU P 198 8.16 -78.35 15.37
N PRO P 199 7.93 -78.73 14.10
CA PRO P 199 7.88 -77.76 13.00
C PRO P 199 6.90 -76.61 13.25
N GLU P 200 5.69 -76.96 13.69
CA GLU P 200 4.66 -75.96 13.95
C GLU P 200 4.66 -75.51 15.41
N ALA P 201 5.74 -75.79 16.12
CA ALA P 201 5.85 -75.41 17.52
C ALA P 201 7.18 -74.74 17.84
N CYS P 202 8.19 -75.01 17.04
CA CYS P 202 9.51 -74.43 17.24
C CYS P 202 9.76 -73.33 16.22
N SER P 203 8.70 -72.64 15.81
CA SER P 203 8.82 -71.56 14.84
C SER P 203 8.94 -70.22 15.54
N ILE P 204 10.13 -69.64 15.48
CA ILE P 204 10.40 -68.34 16.09
C ILE P 204 9.29 -67.35 15.84
N GLY P 205 8.64 -67.47 14.67
CA GLY P 205 7.57 -66.56 14.33
C GLY P 205 8.15 -65.20 14.03
N ASP P 206 7.48 -64.14 14.47
CA ASP P 206 7.95 -62.78 14.23
C ASP P 206 8.30 -62.14 15.57
N GLY P 207 8.73 -62.96 16.53
CA GLY P 207 9.07 -62.45 17.84
C GLY P 207 7.81 -62.33 18.68
N LYS P 208 6.68 -62.40 18.00
CA LYS P 208 5.36 -62.31 18.62
C LYS P 208 5.26 -63.18 19.88
N PRO P 209 5.75 -64.43 19.81
CA PRO P 209 5.70 -65.36 20.94
C PRO P 209 6.64 -65.07 22.12
N PHE P 210 7.95 -65.05 21.84
CA PHE P 210 8.96 -64.81 22.87
C PHE P 210 8.52 -63.86 23.98
N VAL P 211 7.77 -62.83 23.63
CA VAL P 211 7.30 -61.85 24.61
C VAL P 211 5.95 -62.17 25.25
N MET P 212 5.03 -62.71 24.47
CA MET P 212 3.70 -63.03 24.98
C MET P 212 3.62 -64.40 25.67
N ASN P 213 4.61 -65.25 25.45
CA ASN P 213 4.61 -66.57 26.07
C ASN P 213 5.69 -66.70 27.14
N LEU P 214 6.73 -67.48 26.83
CA LEU P 214 7.82 -67.70 27.77
C LEU P 214 8.62 -66.44 28.07
N GLN P 215 7.93 -65.36 28.40
CA GLN P 215 8.60 -64.11 28.72
C GLN P 215 9.03 -64.09 30.19
N ASP P 216 8.10 -64.44 31.07
CA ASP P 216 8.39 -64.48 32.50
C ASP P 216 9.69 -65.20 32.78
N LEU P 217 9.84 -66.39 32.19
CA LEU P 217 11.05 -67.19 32.38
C LEU P 217 12.28 -66.36 32.05
N TYR P 218 12.32 -65.80 30.84
CA TYR P 218 13.43 -64.97 30.42
C TYR P 218 13.78 -63.96 31.51
N MET P 219 12.79 -63.15 31.87
CA MET P 219 12.97 -62.12 32.88
C MET P 219 13.57 -62.68 34.16
N ALA P 220 13.32 -63.96 34.44
CA ALA P 220 13.84 -64.61 35.63
C ALA P 220 15.32 -64.97 35.48
N VAL P 221 15.61 -65.85 34.54
CA VAL P 221 16.97 -66.31 34.30
C VAL P 221 17.94 -65.15 34.11
N THR P 222 17.55 -64.17 33.29
CA THR P 222 18.38 -63.00 33.02
C THR P 222 18.82 -62.28 34.28
N THR P 223 18.13 -62.54 35.39
CA THR P 223 18.46 -61.90 36.66
C THR P 223 19.41 -62.78 37.46
N GLN P 224 19.20 -64.10 37.36
CA GLN P 224 20.01 -65.08 38.06
C GLN P 224 21.51 -64.84 37.87
N HIS P 225 21.95 -64.88 36.61
CA HIS P 225 23.36 -64.70 36.28
C HIS P 225 23.84 -63.26 36.45
N HIS P 226 23.41 -62.60 37.52
CA HIS P 226 23.82 -61.22 37.78
C HIS P 226 24.13 -60.97 39.25
N HIS P 227 23.27 -61.47 40.14
CA HIS P 227 23.46 -61.27 41.57
C HIS P 227 23.44 -62.60 42.30
N MET Q 1 -51.47 26.03 -47.29
CA MET Q 1 -50.15 25.43 -46.99
C MET Q 1 -49.83 25.54 -45.50
N GLU Q 2 -50.22 24.53 -44.74
CA GLU Q 2 -50.00 24.52 -43.30
C GLU Q 2 -48.52 24.59 -42.97
N ARG Q 3 -48.21 24.86 -41.71
CA ARG Q 3 -46.84 24.98 -41.23
C ARG Q 3 -46.79 24.81 -39.71
N LYS Q 4 -45.66 24.30 -39.22
CA LYS Q 4 -45.49 24.09 -37.79
C LYS Q 4 -44.11 24.55 -37.34
N ILE Q 5 -44.09 25.58 -36.49
CA ILE Q 5 -42.83 26.12 -35.98
C ILE Q 5 -42.40 25.39 -34.71
N SER Q 6 -41.37 24.56 -34.84
CA SER Q 6 -40.85 23.80 -33.71
C SER Q 6 -39.46 24.31 -33.31
N ARG Q 7 -39.27 24.51 -32.01
CA ARG Q 7 -38.00 24.99 -31.49
C ARG Q 7 -37.01 23.84 -31.33
N ILE Q 8 -35.80 24.02 -31.84
CA ILE Q 8 -34.77 22.99 -31.76
C ILE Q 8 -33.46 23.50 -31.15
N HIS Q 9 -32.51 22.58 -31.02
CA HIS Q 9 -31.19 22.89 -30.49
C HIS Q 9 -30.14 22.45 -31.50
N LEU Q 10 -28.89 22.85 -31.29
CA LEU Q 10 -27.80 22.50 -32.18
C LEU Q 10 -26.55 22.12 -31.42
N VAL Q 11 -25.86 21.08 -31.89
CA VAL Q 11 -24.63 20.62 -31.24
C VAL Q 11 -23.53 21.63 -31.56
N SER Q 12 -23.66 22.30 -32.70
CA SER Q 12 -22.68 23.29 -33.13
C SER Q 12 -23.00 24.61 -32.43
N GLU Q 13 -23.93 24.55 -31.50
CA GLU Q 13 -24.36 25.71 -30.71
C GLU Q 13 -25.49 25.29 -29.76
N PRO Q 14 -25.17 24.44 -28.78
CA PRO Q 14 -26.14 23.96 -27.79
C PRO Q 14 -26.68 25.04 -26.88
N SER Q 15 -25.78 25.78 -26.24
CA SER Q 15 -26.17 26.85 -25.33
C SER Q 15 -27.19 27.78 -25.98
N ILE Q 16 -26.97 28.09 -27.26
CA ILE Q 16 -27.87 28.96 -28.00
C ILE Q 16 -29.05 28.16 -28.56
N THR Q 17 -30.20 28.80 -28.66
CA THR Q 17 -31.39 28.15 -29.17
C THR Q 17 -31.71 28.57 -30.61
N HIS Q 18 -32.14 27.61 -31.43
CA HIS Q 18 -32.48 27.89 -32.81
C HIS Q 18 -33.89 27.37 -33.11
N PHE Q 19 -34.67 28.15 -33.83
CA PHE Q 19 -36.03 27.76 -34.17
C PHE Q 19 -36.09 27.11 -35.56
N LEU Q 20 -36.74 25.96 -35.64
CA LEU Q 20 -36.87 25.25 -36.90
C LEU Q 20 -38.33 25.11 -37.33
N GLN Q 21 -38.67 25.76 -38.43
CA GLN Q 21 -40.03 25.75 -38.97
C GLN Q 21 -40.13 24.96 -40.27
N VAL Q 22 -41.30 24.38 -40.52
CA VAL Q 22 -41.55 23.61 -41.73
C VAL Q 22 -42.82 24.12 -42.41
N SER Q 23 -42.82 24.15 -43.73
CA SER Q 23 -43.98 24.61 -44.49
C SER Q 23 -44.26 23.71 -45.68
N TRP Q 24 -45.27 22.85 -45.55
CA TRP Q 24 -45.64 21.92 -46.62
C TRP Q 24 -46.99 22.28 -47.23
N GLU Q 25 -47.07 22.19 -48.55
CA GLU Q 25 -48.29 22.52 -49.28
C GLU Q 25 -49.36 21.46 -49.02
N LYS Q 26 -49.32 20.35 -49.76
CA LYS Q 26 -50.28 19.28 -49.59
C LYS Q 26 -50.03 18.52 -48.29
N THR Q 27 -48.90 17.82 -48.23
CA THR Q 27 -48.53 17.04 -47.05
C THR Q 27 -47.01 17.11 -46.85
N LEU Q 28 -46.50 16.30 -45.92
CA LEU Q 28 -45.07 16.29 -45.65
C LEU Q 28 -44.34 15.33 -46.58
N GLU Q 29 -45.09 14.42 -47.21
CA GLU Q 29 -44.49 13.46 -48.12
C GLU Q 29 -44.67 13.88 -49.58
N SER Q 30 -45.21 15.08 -49.77
CA SER Q 30 -45.42 15.63 -51.11
C SER Q 30 -44.50 16.82 -51.31
N GLY Q 31 -43.51 16.95 -50.43
CA GLY Q 31 -42.57 18.05 -50.54
C GLY Q 31 -42.92 19.19 -49.60
N PHE Q 32 -41.91 19.86 -49.07
CA PHE Q 32 -42.11 20.97 -48.16
C PHE Q 32 -40.93 21.94 -48.17
N VAL Q 33 -41.11 23.08 -47.51
CA VAL Q 33 -40.07 24.10 -47.46
C VAL Q 33 -39.59 24.32 -46.03
N ILE Q 34 -38.34 23.96 -45.76
CA ILE Q 34 -37.77 24.12 -44.43
C ILE Q 34 -37.40 25.58 -44.17
N THR Q 35 -37.39 25.96 -42.90
CA THR Q 35 -37.05 27.33 -42.52
C THR Q 35 -36.42 27.36 -41.13
N LEU Q 36 -35.11 27.60 -41.07
CA LEU Q 36 -34.39 27.65 -39.81
C LEU Q 36 -34.09 29.12 -39.48
N THR Q 37 -33.70 29.38 -38.24
CA THR Q 37 -33.39 30.73 -37.81
C THR Q 37 -32.63 30.74 -36.48
N ASP Q 38 -32.44 31.93 -35.94
CA ASP Q 38 -31.74 32.12 -34.67
C ASP Q 38 -32.03 33.53 -34.20
N GLY Q 39 -32.72 34.28 -35.05
CA GLY Q 39 -33.07 35.65 -34.73
C GLY Q 39 -32.26 36.65 -35.55
N HIS Q 40 -31.04 36.27 -35.90
CA HIS Q 40 -30.17 37.15 -36.67
C HIS Q 40 -30.27 36.85 -38.16
N SER Q 41 -30.38 35.57 -38.51
CA SER Q 41 -30.49 35.16 -39.90
C SER Q 41 -31.22 33.81 -40.00
N ALA Q 42 -31.92 33.60 -41.11
CA ALA Q 42 -32.66 32.36 -41.31
C ALA Q 42 -32.15 31.54 -42.48
N TRP Q 43 -32.84 30.43 -42.76
CA TRP Q 43 -32.49 29.53 -43.85
C TRP Q 43 -33.73 28.92 -44.47
N THR Q 44 -33.61 28.45 -45.71
CA THR Q 44 -34.74 27.84 -46.41
C THR Q 44 -34.28 26.62 -47.20
N GLY Q 45 -35.21 26.01 -47.93
CA GLY Q 45 -34.88 24.85 -48.74
C GLY Q 45 -36.10 24.24 -49.40
N THR Q 46 -35.92 23.72 -50.61
CA THR Q 46 -37.02 23.11 -51.35
C THR Q 46 -36.89 21.59 -51.37
N VAL Q 47 -37.94 20.91 -50.89
CA VAL Q 47 -37.96 19.46 -50.85
C VAL Q 47 -38.78 18.92 -52.01
N SER Q 48 -38.20 18.97 -53.21
CA SER Q 48 -38.89 18.49 -54.41
C SER Q 48 -39.41 17.07 -54.19
N GLU Q 49 -40.43 16.70 -54.96
CA GLU Q 49 -41.03 15.38 -54.85
C GLU Q 49 -39.98 14.27 -54.99
N SER Q 50 -38.98 14.52 -55.82
CA SER Q 50 -37.90 13.56 -56.04
C SER Q 50 -37.27 13.09 -54.73
N GLU Q 51 -36.55 13.97 -54.06
CA GLU Q 51 -35.88 13.65 -52.81
C GLU Q 51 -36.79 12.96 -51.79
N ILE Q 52 -38.10 13.11 -51.95
CA ILE Q 52 -39.05 12.50 -51.03
C ILE Q 52 -38.88 10.98 -50.99
N SER Q 53 -39.29 10.32 -52.07
CA SER Q 53 -39.17 8.87 -52.15
C SER Q 53 -37.72 8.50 -52.43
N GLN Q 54 -36.95 9.48 -52.88
CA GLN Q 54 -35.53 9.29 -53.19
C GLN Q 54 -34.75 8.99 -51.91
N GLU Q 55 -34.84 9.91 -50.95
CA GLU Q 55 -34.14 9.76 -49.67
C GLU Q 55 -34.61 8.51 -48.94
N ALA Q 56 -35.83 8.06 -49.25
CA ALA Q 56 -36.39 6.88 -48.62
C ALA Q 56 -35.70 5.63 -49.19
N ASP Q 57 -35.19 5.76 -50.41
CA ASP Q 57 -34.51 4.66 -51.08
C ASP Q 57 -33.01 4.67 -50.76
N ASP Q 58 -32.46 5.85 -50.53
CA ASP Q 58 -31.05 5.99 -50.22
C ASP Q 58 -30.69 5.14 -49.01
N MET Q 59 -31.69 4.86 -48.18
CA MET Q 59 -31.50 4.04 -46.99
C MET Q 59 -32.42 2.83 -47.02
N ALA Q 60 -33.21 2.72 -48.08
CA ALA Q 60 -34.14 1.61 -48.25
C ALA Q 60 -35.08 1.50 -47.05
N MET Q 61 -36.15 2.30 -47.07
CA MET Q 61 -37.12 2.31 -45.99
C MET Q 61 -38.50 2.65 -46.53
N GLU Q 62 -39.54 2.10 -45.90
CA GLU Q 62 -40.91 2.35 -46.33
C GLU Q 62 -41.24 3.84 -46.27
N LYS Q 63 -41.89 4.35 -47.30
CA LYS Q 63 -42.26 5.76 -47.34
C LYS Q 63 -43.15 6.11 -46.17
N GLY Q 64 -43.76 5.09 -45.57
CA GLY Q 64 -44.62 5.31 -44.43
C GLY Q 64 -43.81 5.25 -43.14
N LYS Q 65 -42.61 4.70 -43.24
CA LYS Q 65 -41.70 4.57 -42.11
C LYS Q 65 -40.75 5.76 -42.07
N TYR Q 66 -40.53 6.36 -43.23
CA TYR Q 66 -39.64 7.52 -43.34
C TYR Q 66 -40.42 8.78 -43.00
N VAL Q 67 -41.48 9.03 -43.76
CA VAL Q 67 -42.32 10.21 -43.54
C VAL Q 67 -42.77 10.26 -42.09
N GLY Q 68 -43.42 9.20 -41.63
CA GLY Q 68 -43.89 9.15 -40.27
C GLY Q 68 -42.79 9.46 -39.28
N GLU Q 69 -41.54 9.24 -39.69
CA GLU Q 69 -40.39 9.51 -38.84
C GLU Q 69 -40.01 10.98 -38.80
N LEU Q 70 -39.98 11.63 -39.96
CA LEU Q 70 -39.65 13.04 -40.02
C LEU Q 70 -40.64 13.86 -39.20
N ARG Q 71 -41.91 13.45 -39.23
CA ARG Q 71 -42.95 14.12 -38.47
C ARG Q 71 -42.56 14.19 -37.01
N LYS Q 72 -41.52 13.45 -36.66
CA LYS Q 72 -41.03 13.39 -35.29
C LYS Q 72 -39.67 14.08 -35.16
N ALA Q 73 -39.03 14.32 -36.29
CA ALA Q 73 -37.72 14.97 -36.31
C ALA Q 73 -37.80 16.39 -36.87
N LEU Q 74 -38.32 16.51 -38.10
CA LEU Q 74 -38.44 17.81 -38.74
C LEU Q 74 -39.70 18.55 -38.29
N LEU Q 75 -40.72 17.80 -37.89
CA LEU Q 75 -41.97 18.39 -37.43
C LEU Q 75 -42.08 18.26 -35.92
N SER Q 76 -41.10 17.56 -35.34
CA SER Q 76 -41.05 17.34 -33.90
C SER Q 76 -42.37 16.75 -33.37
N GLY Q 77 -42.43 15.43 -33.33
CA GLY Q 77 -43.61 14.75 -32.84
C GLY Q 77 -43.29 13.41 -32.20
N ALA Q 78 -42.24 13.40 -31.39
CA ALA Q 78 -41.81 12.19 -30.71
C ALA Q 78 -42.34 12.15 -29.28
N GLY Q 79 -41.44 11.92 -28.33
CA GLY Q 79 -41.84 11.85 -26.94
C GLY Q 79 -40.74 11.33 -26.03
N PRO Q 80 -41.09 10.74 -24.88
CA PRO Q 80 -40.11 10.20 -23.94
C PRO Q 80 -39.45 8.91 -24.44
N ALA Q 81 -39.71 8.57 -25.70
CA ALA Q 81 -39.14 7.37 -26.30
C ALA Q 81 -38.25 7.68 -27.49
N ASP Q 82 -38.72 8.57 -28.36
CA ASP Q 82 -37.96 8.95 -29.55
C ASP Q 82 -37.28 10.31 -29.40
N VAL Q 83 -36.01 10.37 -29.80
CA VAL Q 83 -35.22 11.59 -29.75
C VAL Q 83 -34.29 11.61 -30.95
N TYR Q 84 -34.13 12.78 -31.57
CA TYR Q 84 -33.26 12.90 -32.73
C TYR Q 84 -32.30 14.07 -32.60
N THR Q 85 -31.02 13.81 -32.85
CA THR Q 85 -29.98 14.83 -32.77
C THR Q 85 -30.18 15.91 -33.82
N PHE Q 86 -29.56 17.06 -33.60
CA PHE Q 86 -29.64 18.18 -34.54
C PHE Q 86 -28.29 18.84 -34.77
N ASN Q 87 -27.70 18.57 -35.92
CA ASN Q 87 -26.41 19.14 -36.27
C ASN Q 87 -26.53 19.84 -37.62
N PHE Q 88 -26.16 21.11 -37.65
CA PHE Q 88 -26.24 21.91 -38.86
C PHE Q 88 -25.07 22.89 -38.99
N SER Q 89 -24.28 22.71 -40.04
CA SER Q 89 -23.13 23.58 -40.29
C SER Q 89 -23.62 24.90 -40.87
N LYS Q 90 -23.59 25.95 -40.05
CA LYS Q 90 -24.03 27.27 -40.48
C LYS Q 90 -23.10 27.88 -41.53
N GLU Q 91 -22.97 27.18 -42.65
CA GLU Q 91 -22.11 27.65 -43.74
C GLU Q 91 -22.28 26.80 -45.01
N SER Q 92 -21.80 25.57 -44.97
CA SER Q 92 -21.90 24.68 -46.13
C SER Q 92 -23.35 24.34 -46.45
N CYS Q 93 -24.27 25.05 -45.81
CA CYS Q 93 -25.71 24.84 -46.03
C CYS Q 93 -26.19 23.53 -45.43
N TYR Q 94 -25.35 22.50 -45.50
CA TYR Q 94 -25.68 21.19 -44.97
C TYR Q 94 -26.42 21.21 -43.63
N PHE Q 95 -27.44 20.36 -43.53
CA PHE Q 95 -28.25 20.25 -42.33
C PHE Q 95 -28.86 18.84 -42.24
N PHE Q 96 -28.37 18.04 -41.32
CA PHE Q 96 -28.89 16.69 -41.15
C PHE Q 96 -29.40 16.44 -39.74
N PHE Q 97 -30.34 15.51 -39.62
CA PHE Q 97 -30.93 15.17 -38.33
C PHE Q 97 -30.88 13.67 -38.08
N GLU Q 98 -29.70 13.15 -37.79
CA GLU Q 98 -29.52 11.73 -37.53
C GLU Q 98 -30.33 11.27 -36.32
N LYS Q 99 -30.88 10.07 -36.41
CA LYS Q 99 -31.67 9.50 -35.34
C LYS Q 99 -30.80 8.72 -34.36
N ASN Q 100 -30.21 9.43 -33.42
CA ASN Q 100 -29.34 8.81 -32.42
C ASN Q 100 -30.16 7.78 -31.65
N LEU Q 101 -29.70 6.53 -31.66
CA LEU Q 101 -30.41 5.46 -30.96
C LEU Q 101 -29.44 4.37 -30.49
N LYS Q 102 -29.06 4.45 -29.21
CA LYS Q 102 -28.16 3.47 -28.63
C LYS Q 102 -26.81 3.47 -29.34
N ASP Q 103 -25.94 4.40 -28.93
CA ASP Q 103 -24.61 4.54 -29.52
C ASP Q 103 -24.71 4.93 -30.98
N VAL Q 104 -24.85 3.91 -31.83
CA VAL Q 104 -24.97 4.06 -33.28
C VAL Q 104 -25.69 5.34 -33.74
N SER Q 105 -25.28 5.83 -34.91
CA SER Q 105 -25.89 7.02 -35.51
C SER Q 105 -26.61 6.60 -36.78
N PHE Q 106 -27.54 7.44 -37.25
CA PHE Q 106 -28.29 7.12 -38.45
C PHE Q 106 -28.69 8.38 -39.22
N ARG Q 107 -27.99 8.64 -40.32
CA ARG Q 107 -28.24 9.80 -41.17
C ARG Q 107 -29.64 9.77 -41.77
N LEU Q 108 -30.53 10.61 -41.23
CA LEU Q 108 -31.89 10.68 -41.71
C LEU Q 108 -31.97 11.59 -42.94
N GLY Q 109 -30.80 12.05 -43.40
CA GLY Q 109 -30.75 12.91 -44.56
C GLY Q 109 -30.35 14.34 -44.26
N SER Q 110 -29.57 14.93 -45.16
CA SER Q 110 -29.11 16.31 -45.00
C SER Q 110 -29.95 17.27 -45.82
N PHE Q 111 -29.56 18.53 -45.84
CA PHE Q 111 -30.27 19.56 -46.59
C PHE Q 111 -29.35 20.69 -47.03
N ASN Q 112 -29.52 21.14 -48.27
CA ASN Q 112 -28.72 22.25 -48.80
C ASN Q 112 -29.52 23.54 -48.64
N LEU Q 113 -29.53 24.06 -47.41
CA LEU Q 113 -30.26 25.27 -47.09
C LEU Q 113 -29.57 26.50 -47.67
N GLU Q 114 -30.37 27.49 -48.06
CA GLU Q 114 -29.85 28.73 -48.62
C GLU Q 114 -29.95 29.86 -47.62
N LYS Q 115 -28.82 30.26 -47.06
CA LYS Q 115 -28.76 31.33 -46.08
C LYS Q 115 -29.37 32.61 -46.63
N VAL Q 116 -30.67 32.79 -46.38
CA VAL Q 116 -31.37 33.97 -46.84
C VAL Q 116 -30.59 35.23 -46.48
N GLU Q 117 -30.51 36.16 -47.42
CA GLU Q 117 -29.78 37.42 -47.21
C GLU Q 117 -30.70 38.48 -46.62
N ASN Q 118 -31.99 38.17 -46.53
CA ASN Q 118 -32.97 39.09 -45.98
C ASN Q 118 -33.61 38.52 -44.71
N PRO Q 119 -32.82 38.45 -43.62
CA PRO Q 119 -33.29 37.92 -42.33
C PRO Q 119 -34.33 38.79 -41.65
N ALA Q 120 -34.30 40.09 -41.92
CA ALA Q 120 -35.23 41.03 -41.33
C ALA Q 120 -36.68 40.64 -41.61
N GLU Q 121 -36.93 40.03 -42.76
CA GLU Q 121 -38.27 39.62 -43.14
C GLU Q 121 -38.68 38.28 -42.52
N VAL Q 122 -37.78 37.30 -42.56
CA VAL Q 122 -38.06 35.99 -42.01
C VAL Q 122 -38.43 36.05 -40.53
N ILE Q 123 -37.47 36.43 -39.70
CA ILE Q 123 -37.68 36.53 -38.26
C ILE Q 123 -38.91 37.39 -37.93
N ARG Q 124 -39.14 38.39 -38.76
CA ARG Q 124 -40.28 39.29 -38.55
C ARG Q 124 -41.57 38.59 -38.96
N GLU Q 125 -41.51 37.85 -40.07
CA GLU Q 125 -42.67 37.12 -40.57
C GLU Q 125 -43.04 36.04 -39.56
N LEU Q 126 -42.04 35.28 -39.13
CA LEU Q 126 -42.23 34.19 -38.17
C LEU Q 126 -43.08 34.67 -36.99
N ILE Q 127 -42.67 35.78 -36.39
CA ILE Q 127 -43.37 36.36 -35.26
C ILE Q 127 -44.87 36.52 -35.52
N CYS Q 128 -45.21 36.88 -36.75
CA CYS Q 128 -46.61 37.07 -37.13
C CYS Q 128 -47.45 35.81 -36.94
N TYR Q 129 -46.95 34.69 -37.45
CA TYR Q 129 -47.65 33.42 -37.34
C TYR Q 129 -47.92 33.06 -35.88
N CYS Q 130 -46.90 33.23 -35.05
CA CYS Q 130 -47.00 32.92 -33.63
C CYS Q 130 -47.99 33.83 -32.90
N LEU Q 131 -48.00 35.11 -33.27
CA LEU Q 131 -48.88 36.07 -32.64
C LEU Q 131 -50.32 35.94 -33.16
N ASP Q 132 -50.46 35.63 -34.44
CA ASP Q 132 -51.79 35.46 -35.02
C ASP Q 132 -52.45 34.21 -34.47
N THR Q 133 -51.78 33.07 -34.63
CA THR Q 133 -52.29 31.80 -34.15
C THR Q 133 -52.61 31.86 -32.65
N ILE Q 134 -51.69 32.41 -31.87
CA ILE Q 134 -51.89 32.51 -30.43
C ILE Q 134 -53.12 33.37 -30.15
N ALA Q 135 -53.45 34.25 -31.08
CA ALA Q 135 -54.61 35.12 -30.94
C ALA Q 135 -55.85 34.37 -31.40
N GLU Q 136 -55.71 33.61 -32.48
CA GLU Q 136 -56.81 32.84 -33.03
C GLU Q 136 -57.16 31.70 -32.08
N ASN Q 137 -56.15 31.19 -31.37
CA ASN Q 137 -56.37 30.12 -30.41
C ASN Q 137 -57.18 30.62 -29.22
N GLN Q 138 -57.07 31.91 -28.94
CA GLN Q 138 -57.82 32.52 -27.85
C GLN Q 138 -59.29 32.61 -28.22
N ALA Q 139 -59.55 32.94 -29.48
CA ALA Q 139 -60.90 33.05 -29.98
C ALA Q 139 -61.53 31.65 -29.97
N LYS Q 140 -60.69 30.64 -30.14
CA LYS Q 140 -61.16 29.26 -30.15
C LYS Q 140 -61.31 28.79 -28.71
N ASN Q 141 -60.43 29.27 -27.83
CA ASN Q 141 -60.47 28.91 -26.42
C ASN Q 141 -61.65 29.58 -25.76
N GLU Q 142 -62.02 30.76 -26.26
CA GLU Q 142 -63.16 31.49 -25.74
C GLU Q 142 -64.45 30.99 -26.37
N HIS Q 143 -64.32 30.47 -27.60
CA HIS Q 143 -65.47 29.93 -28.32
C HIS Q 143 -65.78 28.54 -27.77
N LEU Q 144 -64.75 27.71 -27.64
CA LEU Q 144 -64.93 26.36 -27.12
C LEU Q 144 -65.19 26.47 -25.62
N GLN Q 145 -65.09 27.68 -25.10
CA GLN Q 145 -65.32 27.96 -23.69
C GLN Q 145 -66.83 27.92 -23.45
N LYS Q 146 -67.53 28.84 -24.11
CA LYS Q 146 -68.98 28.95 -23.99
C LYS Q 146 -69.62 27.67 -24.53
N GLU Q 147 -69.04 27.16 -25.62
CA GLU Q 147 -69.54 25.95 -26.26
C GLU Q 147 -69.62 24.87 -25.18
N ASN Q 148 -68.79 25.02 -24.15
CA ASN Q 148 -68.74 24.10 -23.03
C ASN Q 148 -69.67 24.55 -21.91
N GLU Q 149 -69.54 25.81 -21.52
CA GLU Q 149 -70.37 26.38 -20.45
C GLU Q 149 -71.83 26.12 -20.75
N ARG Q 150 -72.17 26.09 -22.05
CA ARG Q 150 -73.53 25.86 -22.50
C ARG Q 150 -73.92 24.40 -22.33
N LEU Q 151 -73.17 23.51 -22.96
CA LEU Q 151 -73.43 22.08 -22.90
C LEU Q 151 -73.36 21.59 -21.45
N LEU Q 152 -72.36 22.07 -20.72
CA LEU Q 152 -72.16 21.70 -19.33
C LEU Q 152 -73.39 22.07 -18.51
N ARG Q 153 -73.89 23.27 -18.73
CA ARG Q 153 -75.07 23.77 -18.03
C ARG Q 153 -76.29 22.95 -18.43
N ASP Q 154 -76.16 22.15 -19.48
CA ASP Q 154 -77.26 21.33 -19.97
C ASP Q 154 -77.24 19.98 -19.26
N TRP Q 155 -76.19 19.20 -19.54
CA TRP Q 155 -76.04 17.88 -18.94
C TRP Q 155 -76.27 17.96 -17.44
N ASN Q 156 -75.87 19.08 -16.84
CA ASN Q 156 -76.04 19.30 -15.41
C ASN Q 156 -77.42 19.85 -15.10
N ASP Q 157 -78.40 18.96 -15.03
CA ASP Q 157 -79.77 19.36 -14.73
C ASP Q 157 -79.83 20.20 -13.46
N MET R 1 -44.42 38.00 -13.61
CA MET R 1 -44.68 39.22 -14.35
C MET R 1 -45.53 38.94 -15.58
N GLU R 2 -46.28 39.94 -16.02
CA GLU R 2 -47.14 39.81 -17.18
C GLU R 2 -46.57 40.65 -18.33
N ARG R 3 -47.07 40.41 -19.54
CA ARG R 3 -46.58 41.14 -20.71
C ARG R 3 -47.43 40.91 -21.95
N LYS R 4 -47.52 41.92 -22.81
CA LYS R 4 -48.31 41.84 -24.03
C LYS R 4 -47.57 42.49 -25.20
N ILE R 5 -47.19 41.67 -26.18
CA ILE R 5 -46.47 42.16 -27.34
C ILE R 5 -47.43 42.30 -28.52
N SER R 6 -47.50 43.49 -29.09
CA SER R 6 -48.40 43.75 -30.22
C SER R 6 -47.69 44.47 -31.37
N ARG R 7 -48.05 44.10 -32.59
CA ARG R 7 -47.46 44.70 -33.78
C ARG R 7 -48.01 46.11 -34.01
N ILE R 8 -47.12 47.02 -34.42
CA ILE R 8 -47.50 48.40 -34.69
C ILE R 8 -46.56 49.02 -35.72
N HIS R 9 -46.97 50.16 -36.26
CA HIS R 9 -46.17 50.86 -37.26
C HIS R 9 -45.59 52.17 -36.75
N LEU R 10 -44.82 52.83 -37.61
CA LEU R 10 -44.19 54.10 -37.29
C LEU R 10 -44.00 54.89 -38.58
N VAL R 11 -44.66 56.04 -38.66
CA VAL R 11 -44.60 56.91 -39.84
C VAL R 11 -43.19 57.00 -40.44
N SER R 12 -42.17 56.78 -39.61
CA SER R 12 -40.80 56.84 -40.07
C SER R 12 -40.61 55.85 -41.22
N GLU R 13 -41.12 54.64 -41.04
CA GLU R 13 -41.02 53.59 -42.04
C GLU R 13 -42.30 52.76 -42.05
N PRO R 14 -43.43 53.37 -42.43
CA PRO R 14 -44.71 52.67 -42.48
C PRO R 14 -44.73 51.60 -43.56
N SER R 15 -43.71 51.61 -44.41
CA SER R 15 -43.59 50.64 -45.49
C SER R 15 -43.39 49.24 -44.93
N ILE R 16 -42.82 49.15 -43.74
CA ILE R 16 -42.59 47.87 -43.10
C ILE R 16 -43.20 47.83 -41.71
N THR R 17 -43.49 46.63 -41.22
CA THR R 17 -44.10 46.46 -39.90
C THR R 17 -43.06 46.42 -38.78
N HIS R 18 -43.54 46.48 -37.54
CA HIS R 18 -42.68 46.44 -36.37
C HIS R 18 -43.32 45.61 -35.26
N PHE R 19 -42.62 45.48 -34.14
CA PHE R 19 -43.12 44.73 -33.00
C PHE R 19 -42.78 45.45 -31.69
N LEU R 20 -43.70 45.42 -30.74
CA LEU R 20 -43.48 46.09 -29.47
C LEU R 20 -43.90 45.25 -28.27
N GLN R 21 -42.93 44.91 -27.43
CA GLN R 21 -43.20 44.12 -26.23
C GLN R 21 -43.40 45.05 -25.04
N VAL R 22 -44.44 44.79 -24.26
CA VAL R 22 -44.73 45.60 -23.09
C VAL R 22 -44.98 44.70 -21.90
N SER R 23 -44.16 44.85 -20.86
CA SER R 23 -44.29 44.03 -19.66
C SER R 23 -44.43 44.87 -18.39
N TRP R 24 -45.14 44.31 -17.41
CA TRP R 24 -45.37 45.00 -16.14
C TRP R 24 -45.57 43.97 -15.04
N GLU R 25 -45.20 44.35 -13.82
CA GLU R 25 -45.34 43.45 -12.68
C GLU R 25 -46.80 43.17 -12.36
N LYS R 26 -47.44 44.10 -11.67
CA LYS R 26 -48.85 43.93 -11.31
C LYS R 26 -49.76 44.69 -12.28
N THR R 27 -49.47 45.98 -12.47
CA THR R 27 -50.25 46.82 -13.36
C THR R 27 -49.40 47.92 -13.98
N LEU R 28 -49.80 48.40 -15.15
CA LEU R 28 -49.07 49.45 -15.85
C LEU R 28 -48.87 50.66 -14.95
N GLU R 29 -49.86 50.92 -14.10
CA GLU R 29 -49.81 52.05 -13.17
C GLU R 29 -48.49 52.02 -12.40
N SER R 30 -48.17 50.86 -11.84
CA SER R 30 -46.94 50.71 -11.07
C SER R 30 -45.70 50.69 -11.97
N GLY R 31 -45.89 51.02 -13.24
CA GLY R 31 -44.78 51.04 -14.17
C GLY R 31 -44.75 49.84 -15.10
N PHE R 32 -43.90 49.90 -16.12
CA PHE R 32 -43.77 48.82 -17.08
C PHE R 32 -42.47 48.93 -17.88
N VAL R 33 -42.15 47.88 -18.63
CA VAL R 33 -40.93 47.86 -19.43
C VAL R 33 -41.26 47.71 -20.91
N ILE R 34 -40.89 48.70 -21.70
CA ILE R 34 -41.14 48.71 -23.14
C ILE R 34 -39.90 48.23 -23.92
N THR R 35 -40.15 47.56 -25.04
CA THR R 35 -39.07 47.04 -25.88
C THR R 35 -39.50 46.89 -27.33
N LEU R 36 -39.24 47.91 -28.14
CA LEU R 36 -39.59 47.88 -29.55
C LEU R 36 -38.62 46.93 -30.25
N THR R 37 -38.96 46.50 -31.45
CA THR R 37 -38.10 45.58 -32.18
C THR R 37 -38.51 45.37 -33.64
N ASP R 38 -37.50 45.21 -34.49
CA ASP R 38 -37.72 44.96 -35.91
C ASP R 38 -36.93 43.72 -36.28
N GLY R 39 -37.15 43.20 -37.49
CA GLY R 39 -36.45 42.01 -37.93
C GLY R 39 -35.03 41.89 -37.40
N HIS R 40 -34.22 42.90 -37.66
CA HIS R 40 -32.84 42.92 -37.20
C HIS R 40 -32.75 43.03 -35.68
N SER R 41 -32.14 44.10 -35.19
CA SER R 41 -31.98 44.30 -33.75
C SER R 41 -33.18 45.06 -33.18
N ALA R 42 -33.12 45.38 -31.89
CA ALA R 42 -34.21 46.09 -31.23
C ALA R 42 -33.74 47.19 -30.29
N TRP R 43 -34.70 47.76 -29.55
CA TRP R 43 -34.44 48.83 -28.59
C TRP R 43 -35.15 48.49 -27.29
N THR R 44 -34.87 49.23 -26.23
CA THR R 44 -35.49 48.96 -24.95
C THR R 44 -35.64 50.21 -24.08
N GLY R 45 -36.73 50.25 -23.30
CA GLY R 45 -36.98 51.39 -22.44
C GLY R 45 -37.54 50.94 -21.09
N THR R 46 -37.72 51.89 -20.19
CA THR R 46 -38.25 51.59 -18.86
C THR R 46 -38.96 52.81 -18.27
N VAL R 47 -40.08 52.56 -17.60
CA VAL R 47 -40.85 53.64 -16.97
C VAL R 47 -41.24 53.29 -15.55
N SER R 48 -40.45 53.75 -14.60
CA SER R 48 -40.70 53.50 -13.18
C SER R 48 -42.02 54.15 -12.74
N GLU R 49 -42.54 53.70 -11.60
CA GLU R 49 -43.79 54.23 -11.07
C GLU R 49 -43.72 55.75 -10.88
N SER R 50 -42.51 56.29 -10.90
CA SER R 50 -42.32 57.74 -10.73
C SER R 50 -42.42 58.50 -12.05
N GLU R 51 -41.57 58.15 -13.01
CA GLU R 51 -41.56 58.81 -14.30
C GLU R 51 -42.89 58.67 -15.05
N ILE R 52 -43.71 57.71 -14.63
CA ILE R 52 -45.01 57.52 -15.26
C ILE R 52 -45.96 58.57 -14.72
N SER R 53 -45.78 58.91 -13.45
CA SER R 53 -46.61 59.92 -12.80
C SER R 53 -46.24 61.27 -13.39
N GLN R 54 -45.01 61.36 -13.88
CA GLN R 54 -44.51 62.59 -14.50
C GLN R 54 -45.10 62.77 -15.89
N GLU R 55 -44.80 61.83 -16.78
CA GLU R 55 -45.30 61.89 -18.15
C GLU R 55 -46.81 62.12 -18.16
N ALA R 56 -47.48 61.68 -17.08
CA ALA R 56 -48.92 61.85 -16.96
C ALA R 56 -49.25 63.22 -16.36
N ASP R 57 -48.47 63.63 -15.36
CA ASP R 57 -48.69 64.91 -14.70
C ASP R 57 -48.34 66.04 -15.66
N ASP R 58 -47.67 65.70 -16.74
CA ASP R 58 -47.26 66.67 -17.75
C ASP R 58 -48.46 67.51 -18.19
N MET R 59 -49.66 66.99 -17.98
CA MET R 59 -50.88 67.68 -18.36
C MET R 59 -52.02 67.49 -17.37
N ALA R 60 -51.68 67.22 -16.10
CA ALA R 60 -52.70 67.01 -15.10
C ALA R 60 -53.80 66.11 -15.65
N MET R 61 -53.42 65.29 -16.63
CA MET R 61 -54.38 64.40 -17.28
C MET R 61 -54.89 63.22 -16.46
N GLU R 62 -54.82 63.33 -15.13
CA GLU R 62 -55.32 62.28 -14.25
C GLU R 62 -54.60 60.95 -14.47
N LYS R 63 -53.56 60.69 -13.66
CA LYS R 63 -52.81 59.45 -13.78
C LYS R 63 -53.72 58.26 -14.05
N GLY R 64 -54.82 58.18 -13.31
CA GLY R 64 -55.76 57.09 -13.49
C GLY R 64 -56.28 57.02 -14.91
N LYS R 65 -56.44 58.19 -15.52
CA LYS R 65 -56.93 58.28 -16.89
C LYS R 65 -55.80 58.01 -17.88
N TYR R 66 -54.63 58.58 -17.59
CA TYR R 66 -53.46 58.42 -18.45
C TYR R 66 -53.16 56.96 -18.75
N VAL R 67 -53.04 56.15 -17.69
CA VAL R 67 -52.76 54.73 -17.85
C VAL R 67 -53.76 54.07 -18.79
N GLY R 68 -55.04 54.33 -18.57
CA GLY R 68 -56.07 53.74 -19.41
C GLY R 68 -55.86 54.11 -20.86
N GLU R 69 -55.33 55.30 -21.10
CA GLU R 69 -55.08 55.77 -22.45
C GLU R 69 -53.81 55.15 -23.00
N LEU R 70 -52.87 54.85 -22.11
CA LEU R 70 -51.61 54.23 -22.51
C LEU R 70 -51.88 52.82 -23.00
N ARG R 71 -52.42 51.99 -22.10
CA ARG R 71 -52.75 50.61 -22.41
C ARG R 71 -53.62 50.55 -23.66
N LYS R 72 -54.59 51.47 -23.75
CA LYS R 72 -55.50 51.55 -24.89
C LYS R 72 -54.73 51.78 -26.18
N ALA R 73 -53.51 52.28 -26.06
CA ALA R 73 -52.68 52.57 -27.23
C ALA R 73 -51.53 51.59 -27.40
N LEU R 74 -50.99 51.10 -26.29
CA LEU R 74 -49.86 50.18 -26.34
C LEU R 74 -50.27 48.72 -26.08
N LEU R 75 -50.55 48.41 -24.82
CA LEU R 75 -50.92 47.06 -24.43
C LEU R 75 -52.08 46.49 -25.24
N SER R 76 -53.12 47.29 -25.43
CA SER R 76 -54.29 46.86 -26.19
C SER R 76 -53.90 46.41 -27.59
N GLY R 77 -52.89 47.06 -28.15
CA GLY R 77 -52.45 46.71 -29.49
C GLY R 77 -52.64 47.85 -30.47
N ALA R 78 -53.10 48.99 -29.95
CA ALA R 78 -53.34 50.17 -30.76
C ALA R 78 -54.43 49.93 -31.79
N GLY R 79 -54.98 48.72 -31.81
CA GLY R 79 -56.02 48.39 -32.76
C GLY R 79 -55.60 47.27 -33.70
N PRO R 80 -54.74 47.56 -34.68
CA PRO R 80 -54.15 48.88 -34.93
C PRO R 80 -55.03 49.75 -35.83
N ALA R 81 -55.90 50.54 -35.20
CA ALA R 81 -56.79 51.42 -35.93
C ALA R 81 -56.02 52.56 -36.58
N ASP R 82 -56.68 53.70 -36.77
CA ASP R 82 -56.05 54.86 -37.37
C ASP R 82 -55.53 55.82 -36.30
N VAL R 83 -56.04 55.67 -35.09
CA VAL R 83 -55.64 56.51 -33.97
C VAL R 83 -54.29 56.02 -33.43
N TYR R 84 -53.70 56.80 -32.53
CA TYR R 84 -52.41 56.46 -31.94
C TYR R 84 -51.38 56.06 -32.98
N THR R 85 -50.94 57.03 -33.78
CA THR R 85 -49.93 56.77 -34.80
C THR R 85 -48.54 56.88 -34.19
N PHE R 86 -47.95 55.74 -33.88
CA PHE R 86 -46.62 55.70 -33.28
C PHE R 86 -45.55 56.22 -34.22
N ASN R 87 -44.36 56.47 -33.68
CA ASN R 87 -43.24 56.97 -34.45
C ASN R 87 -41.97 56.89 -33.60
N PHE R 88 -40.84 56.65 -34.26
CA PHE R 88 -39.56 56.53 -33.56
C PHE R 88 -38.40 56.86 -34.47
N SER R 89 -37.34 57.42 -33.90
CA SER R 89 -36.15 57.78 -34.66
C SER R 89 -34.98 56.89 -34.23
N LYS R 90 -34.58 55.98 -35.11
CA LYS R 90 -33.48 55.06 -34.82
C LYS R 90 -32.22 55.78 -34.35
N GLU R 91 -32.12 57.06 -34.68
CA GLU R 91 -30.96 57.87 -34.32
C GLU R 91 -31.07 58.41 -32.90
N SER R 92 -31.96 59.37 -32.70
CA SER R 92 -32.15 59.99 -31.40
C SER R 92 -32.71 59.00 -30.38
N CYS R 93 -33.07 57.81 -30.84
CA CYS R 93 -33.61 56.78 -29.97
C CYS R 93 -34.76 57.33 -29.13
N TYR R 94 -35.64 58.10 -29.77
CA TYR R 94 -36.78 58.69 -29.09
C TYR R 94 -38.10 58.06 -29.52
N PHE R 95 -38.65 57.21 -28.67
CA PHE R 95 -39.91 56.54 -28.96
C PHE R 95 -41.07 57.41 -28.51
N PHE R 96 -41.73 58.06 -29.47
CA PHE R 96 -42.86 58.93 -29.17
C PHE R 96 -44.09 58.46 -29.93
N PHE R 97 -45.26 58.62 -29.33
CA PHE R 97 -46.50 58.23 -29.96
C PHE R 97 -47.60 59.26 -29.72
N GLU R 98 -47.86 60.06 -30.74
CA GLU R 98 -48.88 61.10 -30.68
C GLU R 98 -50.24 60.60 -31.12
N LYS R 99 -51.29 61.04 -30.43
CA LYS R 99 -52.65 60.63 -30.77
C LYS R 99 -53.12 61.44 -31.98
N ASN R 100 -53.40 60.74 -33.08
CA ASN R 100 -53.85 61.40 -34.29
C ASN R 100 -55.36 61.57 -34.30
N LEU R 101 -55.82 62.77 -34.65
CA LEU R 101 -57.24 63.07 -34.71
C LEU R 101 -57.50 64.03 -35.87
N LYS R 102 -58.76 64.10 -36.30
CA LYS R 102 -59.14 64.96 -37.41
C LYS R 102 -58.54 66.36 -37.26
N ASP R 103 -57.62 66.70 -38.15
CA ASP R 103 -56.96 68.00 -38.14
C ASP R 103 -55.96 68.13 -36.99
N VAL R 104 -56.47 68.19 -35.77
CA VAL R 104 -55.63 68.31 -34.59
C VAL R 104 -54.58 67.19 -34.58
N SER R 105 -53.55 67.36 -33.74
CA SER R 105 -52.48 66.38 -33.64
C SER R 105 -51.64 66.71 -32.41
N PHE R 106 -51.34 65.70 -31.60
CA PHE R 106 -50.53 65.93 -30.41
C PHE R 106 -49.94 64.67 -29.80
N ARG R 107 -48.76 64.84 -29.23
CA ARG R 107 -48.04 63.75 -28.59
C ARG R 107 -48.76 63.47 -27.27
N LEU R 108 -48.15 62.65 -26.41
CA LEU R 108 -48.75 62.34 -25.13
C LEU R 108 -47.76 61.61 -24.25
N GLY R 109 -46.91 60.80 -24.88
CA GLY R 109 -45.90 60.06 -24.16
C GLY R 109 -44.63 59.92 -24.98
N SER R 110 -43.51 60.36 -24.42
CA SER R 110 -42.23 60.28 -25.11
C SER R 110 -41.21 59.50 -24.29
N PHE R 111 -40.51 58.57 -24.95
CA PHE R 111 -39.51 57.74 -24.29
C PHE R 111 -38.19 57.67 -25.05
N ASN R 112 -37.13 57.30 -24.34
CA ASN R 112 -35.79 57.18 -24.91
C ASN R 112 -35.32 55.74 -24.70
N LEU R 113 -35.31 54.96 -25.79
CA LEU R 113 -34.90 53.56 -25.72
C LEU R 113 -33.48 53.36 -26.24
N GLU R 114 -32.66 52.67 -25.45
CA GLU R 114 -31.29 52.39 -25.84
C GLU R 114 -31.16 50.97 -26.38
N LYS R 115 -31.16 50.86 -27.71
CA LYS R 115 -31.05 49.58 -28.40
C LYS R 115 -30.24 48.53 -27.64
N VAL R 116 -30.82 47.34 -27.51
CA VAL R 116 -30.18 46.23 -26.81
C VAL R 116 -28.81 45.92 -27.39
N GLU R 117 -27.84 45.68 -26.51
CA GLU R 117 -26.48 45.37 -26.93
C GLU R 117 -26.40 43.93 -27.43
N ASN R 118 -27.32 43.10 -26.97
CA ASN R 118 -27.37 41.69 -27.38
C ASN R 118 -28.71 41.36 -28.02
N PRO R 119 -28.90 41.76 -29.28
CA PRO R 119 -30.15 41.50 -30.01
C PRO R 119 -30.37 40.02 -30.30
N ALA R 120 -29.28 39.31 -30.57
CA ALA R 120 -29.33 37.88 -30.88
C ALA R 120 -30.21 37.08 -29.92
N GLU R 121 -30.16 37.43 -28.64
CA GLU R 121 -30.95 36.74 -27.63
C GLU R 121 -32.35 37.32 -27.45
N VAL R 122 -32.44 38.65 -27.41
CA VAL R 122 -33.72 39.33 -27.25
C VAL R 122 -34.69 38.97 -28.38
N ILE R 123 -34.21 39.08 -29.62
CA ILE R 123 -35.04 38.77 -30.78
C ILE R 123 -35.62 37.37 -30.69
N ARG R 124 -34.89 36.46 -30.04
CA ARG R 124 -35.34 35.09 -29.86
C ARG R 124 -36.48 35.04 -28.85
N GLU R 125 -36.34 35.85 -27.80
CA GLU R 125 -37.34 35.92 -26.74
C GLU R 125 -38.77 35.99 -27.27
N LEU R 126 -39.01 36.95 -28.15
CA LEU R 126 -40.33 37.14 -28.72
C LEU R 126 -40.91 35.80 -29.16
N ILE R 127 -40.15 35.04 -29.94
CA ILE R 127 -40.61 33.74 -30.42
C ILE R 127 -40.71 32.74 -29.26
N CYS R 128 -39.71 32.72 -28.40
CA CYS R 128 -39.71 31.81 -27.25
C CYS R 128 -41.02 31.91 -26.48
N TYR R 129 -41.34 33.12 -26.03
CA TYR R 129 -42.58 33.35 -25.29
C TYR R 129 -43.78 33.06 -26.17
N CYS R 130 -43.78 33.63 -27.37
CA CYS R 130 -44.87 33.46 -28.32
C CYS R 130 -45.24 31.99 -28.52
N LEU R 131 -44.23 31.14 -28.71
CA LEU R 131 -44.47 29.72 -28.91
C LEU R 131 -45.05 29.11 -27.64
N ASP R 132 -44.40 29.34 -26.50
CA ASP R 132 -44.87 28.81 -25.23
C ASP R 132 -46.33 29.22 -24.99
N THR R 133 -46.68 30.41 -25.48
CA THR R 133 -48.04 30.91 -25.31
C THR R 133 -49.03 30.18 -26.21
N ILE R 134 -48.70 30.07 -27.50
CA ILE R 134 -49.57 29.40 -28.46
C ILE R 134 -49.61 27.89 -28.24
N ALA R 135 -48.44 27.27 -28.11
CA ALA R 135 -48.36 25.83 -27.89
C ALA R 135 -49.14 25.44 -26.65
N GLU R 136 -48.97 26.22 -25.58
CA GLU R 136 -49.66 25.97 -24.32
C GLU R 136 -51.15 26.24 -24.51
N ASN R 137 -51.46 27.24 -25.32
CA ASN R 137 -52.84 27.61 -25.59
C ASN R 137 -53.57 26.41 -26.20
N GLN R 138 -52.84 25.66 -27.02
CA GLN R 138 -53.40 24.47 -27.67
C GLN R 138 -53.99 23.51 -26.65
N ALA R 139 -53.27 23.32 -25.54
CA ALA R 139 -53.72 22.43 -24.48
C ALA R 139 -55.16 22.72 -24.08
N LYS R 140 -55.48 24.00 -23.94
CA LYS R 140 -56.83 24.41 -23.56
C LYS R 140 -57.86 23.98 -24.60
N ASN R 141 -57.60 24.29 -25.85
CA ASN R 141 -58.51 23.94 -26.94
C ASN R 141 -58.70 22.43 -27.04
N GLU R 142 -57.60 21.69 -27.04
CA GLU R 142 -57.66 20.24 -27.13
C GLU R 142 -58.35 19.60 -25.94
N HIS R 143 -58.23 20.23 -24.77
CA HIS R 143 -58.84 19.71 -23.56
C HIS R 143 -60.34 19.99 -23.52
N LEU R 144 -60.73 21.21 -23.88
CA LEU R 144 -62.14 21.56 -23.89
C LEU R 144 -62.84 20.82 -25.02
N GLN R 145 -62.14 20.66 -26.13
CA GLN R 145 -62.69 19.94 -27.29
C GLN R 145 -63.08 18.55 -26.78
N LYS R 146 -62.14 17.91 -26.09
CA LYS R 146 -62.36 16.59 -25.52
C LYS R 146 -63.50 16.62 -24.50
N GLU R 147 -63.42 17.58 -23.59
CA GLU R 147 -64.44 17.76 -22.56
C GLU R 147 -65.82 17.81 -23.21
N ASN R 148 -65.95 18.66 -24.22
CA ASN R 148 -67.21 18.81 -24.94
C ASN R 148 -67.63 17.50 -25.59
N GLU R 149 -66.65 16.72 -26.05
CA GLU R 149 -66.93 15.44 -26.69
C GLU R 149 -67.61 14.49 -25.71
N ARG R 150 -66.96 14.26 -24.57
CA ARG R 150 -67.50 13.36 -23.54
C ARG R 150 -68.80 13.91 -22.95
N LEU R 151 -68.77 15.17 -22.55
CA LEU R 151 -69.92 15.83 -21.95
C LEU R 151 -71.12 15.70 -22.89
N LEU R 152 -70.85 15.69 -24.19
CA LEU R 152 -71.91 15.58 -25.20
C LEU R 152 -72.43 14.15 -25.32
N ARG R 153 -71.51 13.19 -25.42
CA ARG R 153 -71.88 11.79 -25.55
C ARG R 153 -72.94 11.37 -24.52
N ASP R 154 -72.75 11.82 -23.28
CA ASP R 154 -73.67 11.50 -22.21
C ASP R 154 -75.04 12.13 -22.43
N TRP R 155 -75.07 13.36 -22.91
CA TRP R 155 -76.31 14.06 -23.16
C TRP R 155 -76.90 13.77 -24.53
N ASN R 156 -76.30 12.81 -25.24
CA ASN R 156 -76.78 12.43 -26.56
C ASN R 156 -77.09 10.93 -26.65
N ASP R 157 -78.20 10.54 -26.07
CA ASP R 157 -78.62 9.14 -26.08
C ASP R 157 -79.93 8.95 -25.33
N MET S 1 -6.18 -41.32 -64.89
CA MET S 1 -5.93 -40.67 -63.58
C MET S 1 -7.20 -40.64 -62.74
N GLU S 2 -8.34 -40.59 -63.42
CA GLU S 2 -9.63 -40.56 -62.73
C GLU S 2 -9.98 -41.90 -62.10
N GLU S 3 -9.05 -42.84 -62.16
CA GLU S 3 -9.26 -44.16 -61.58
C GLU S 3 -8.28 -44.32 -60.42
N LEU S 4 -7.23 -43.50 -60.45
CA LEU S 4 -6.21 -43.53 -59.42
C LEU S 4 -6.73 -42.88 -58.14
N GLU S 5 -7.19 -41.64 -58.28
CA GLU S 5 -7.72 -40.89 -57.16
C GLU S 5 -8.67 -41.75 -56.33
N GLN S 6 -9.60 -42.41 -57.01
CA GLN S 6 -10.57 -43.28 -56.36
C GLN S 6 -9.86 -44.23 -55.40
N GLY S 7 -8.70 -44.73 -55.81
CA GLY S 7 -7.94 -45.64 -54.99
C GLY S 7 -7.66 -45.15 -53.58
N LEU S 8 -7.22 -43.91 -53.45
CA LEU S 8 -6.91 -43.36 -52.14
C LEU S 8 -8.11 -43.38 -51.19
N LEU S 9 -9.31 -43.51 -51.74
CA LEU S 9 -10.51 -43.56 -50.91
C LEU S 9 -10.70 -44.93 -50.29
N MET S 10 -9.87 -45.89 -50.69
CA MET S 10 -9.90 -47.24 -50.14
C MET S 10 -8.61 -47.42 -49.37
N GLN S 11 -7.51 -47.04 -50.00
CA GLN S 11 -6.18 -47.12 -49.41
C GLN S 11 -6.11 -46.52 -48.02
N PRO S 12 -5.83 -47.35 -47.00
CA PRO S 12 -5.74 -46.83 -45.63
C PRO S 12 -4.44 -46.03 -45.51
N TRP S 13 -4.09 -45.64 -44.28
CA TRP S 13 -2.86 -44.88 -44.08
C TRP S 13 -1.74 -45.80 -43.60
N ALA S 14 -0.66 -45.18 -43.13
CA ALA S 14 0.49 -45.92 -42.63
C ALA S 14 1.54 -44.97 -42.08
N TRP S 15 2.31 -45.43 -41.10
CA TRP S 15 3.35 -44.61 -40.49
C TRP S 15 4.60 -44.77 -41.35
N LEU S 16 5.64 -43.99 -41.06
CA LEU S 16 6.87 -44.07 -41.84
C LEU S 16 8.12 -43.66 -41.07
N GLN S 17 8.75 -44.65 -40.44
CA GLN S 17 9.98 -44.41 -39.68
C GLN S 17 11.05 -43.88 -40.62
N LEU S 18 11.07 -42.57 -40.82
CA LEU S 18 12.05 -41.97 -41.71
C LEU S 18 13.25 -41.44 -40.95
N ALA S 19 13.91 -40.42 -41.50
CA ALA S 19 15.08 -39.83 -40.87
C ALA S 19 14.71 -38.75 -39.86
N GLU S 20 14.49 -37.53 -40.33
CA GLU S 20 14.13 -36.42 -39.46
C GLU S 20 12.88 -36.70 -38.65
N ASN S 21 12.00 -37.54 -39.18
CA ASN S 21 10.75 -37.88 -38.49
C ASN S 21 9.93 -38.90 -39.27
N SER S 22 8.61 -38.72 -39.25
CA SER S 22 7.70 -39.61 -39.95
C SER S 22 6.47 -38.82 -40.41
N LEU S 23 5.45 -39.55 -40.86
CA LEU S 23 4.22 -38.92 -41.33
C LEU S 23 3.23 -39.96 -41.85
N LEU S 24 1.95 -39.58 -41.89
CA LEU S 24 0.91 -40.47 -42.37
C LEU S 24 0.82 -40.38 -43.89
N ALA S 25 0.90 -41.53 -44.56
CA ALA S 25 0.82 -41.56 -46.02
C ALA S 25 -0.04 -42.70 -46.53
N LYS S 26 -0.48 -42.55 -47.78
CA LYS S 26 -1.33 -43.54 -48.44
C LYS S 26 -1.07 -43.47 -49.94
N VAL S 27 -0.28 -44.41 -50.45
CA VAL S 27 0.06 -44.43 -51.86
C VAL S 27 -0.65 -45.52 -52.66
N PHE S 28 -1.37 -45.11 -53.69
CA PHE S 28 -2.09 -46.04 -54.56
C PHE S 28 -1.33 -46.09 -55.88
N ILE S 29 -0.75 -47.24 -56.19
CA ILE S 29 0.03 -47.39 -57.42
C ILE S 29 -0.48 -48.53 -58.29
N THR S 30 -1.23 -48.18 -59.34
CA THR S 30 -1.77 -49.17 -60.27
C THR S 30 -0.73 -49.41 -61.36
N LYS S 31 -1.07 -50.27 -62.32
CA LYS S 31 -0.15 -50.56 -63.43
C LYS S 31 -0.18 -49.38 -64.40
N GLN S 32 -1.12 -48.47 -64.17
CA GLN S 32 -1.28 -47.29 -65.01
C GLN S 32 -0.37 -46.18 -64.48
N GLY S 33 -0.78 -45.58 -63.37
CA GLY S 33 -0.01 -44.51 -62.76
C GLY S 33 0.00 -44.68 -61.25
N TYR S 34 -0.06 -43.57 -60.52
CA TYR S 34 -0.08 -43.62 -59.06
C TYR S 34 -0.41 -42.26 -58.45
N ALA S 35 -1.06 -42.28 -57.30
CA ALA S 35 -1.44 -41.05 -56.60
C ALA S 35 -1.13 -41.18 -55.12
N LEU S 36 -0.04 -40.57 -54.68
CA LEU S 36 0.38 -40.61 -53.29
C LEU S 36 -0.10 -39.41 -52.48
N LEU S 37 -0.39 -39.64 -51.21
CA LEU S 37 -0.85 -38.60 -50.31
C LEU S 37 -0.13 -38.74 -48.98
N VAL S 38 0.57 -37.68 -48.59
CA VAL S 38 1.33 -37.66 -47.34
C VAL S 38 0.91 -36.49 -46.47
N SER S 39 1.03 -36.65 -45.16
CA SER S 39 0.66 -35.60 -44.22
C SER S 39 1.26 -35.87 -42.84
N ASP S 40 1.64 -34.79 -42.14
CA ASP S 40 2.23 -34.91 -40.82
C ASP S 40 1.30 -34.29 -39.76
N LEU S 41 0.00 -34.38 -40.01
CA LEU S 41 -1.02 -33.85 -39.11
C LEU S 41 -0.96 -32.34 -38.91
N GLN S 42 0.03 -31.69 -39.52
CA GLN S 42 0.17 -30.24 -39.41
C GLN S 42 0.11 -29.60 -40.79
N GLN S 43 -0.09 -30.43 -41.81
CA GLN S 43 -0.19 -30.00 -43.20
C GLN S 43 -0.24 -31.24 -44.09
N VAL S 44 -0.98 -31.15 -45.19
CA VAL S 44 -1.10 -32.27 -46.10
C VAL S 44 -0.32 -32.06 -47.38
N TRP S 45 0.08 -33.17 -48.01
CA TRP S 45 0.83 -33.15 -49.25
C TRP S 45 0.21 -34.11 -50.25
N HIS S 46 0.40 -33.84 -51.54
CA HIS S 46 -0.17 -34.68 -52.58
C HIS S 46 0.62 -34.58 -53.88
N GLU S 47 0.62 -35.67 -54.65
CA GLU S 47 1.33 -35.71 -55.93
C GLU S 47 0.65 -36.70 -56.87
N GLN S 48 0.37 -36.24 -58.09
CA GLN S 48 -0.27 -37.07 -59.09
C GLN S 48 0.67 -37.40 -60.25
N VAL S 49 0.54 -38.61 -60.78
CA VAL S 49 1.37 -39.06 -61.88
C VAL S 49 0.68 -40.16 -62.70
N ASP S 50 0.50 -39.91 -63.99
CA ASP S 50 -0.13 -40.87 -64.88
C ASP S 50 0.88 -41.32 -65.93
N THR S 51 1.05 -42.64 -66.04
CA THR S 51 1.98 -43.24 -67.00
C THR S 51 3.06 -42.29 -67.53
N SER S 52 2.67 -41.47 -68.51
CA SER S 52 3.57 -40.50 -69.11
C SER S 52 4.48 -39.81 -68.10
N VAL S 53 3.87 -39.10 -67.16
CA VAL S 53 4.59 -38.36 -66.12
C VAL S 53 5.83 -39.12 -65.63
N VAL S 54 5.65 -40.41 -65.35
CA VAL S 54 6.75 -41.23 -64.87
C VAL S 54 7.94 -41.12 -65.82
N SER S 55 7.75 -41.61 -67.04
CA SER S 55 8.80 -41.57 -68.05
C SER S 55 9.34 -40.15 -68.26
N GLN S 56 8.58 -39.16 -67.80
CA GLN S 56 8.98 -37.77 -67.95
C GLN S 56 9.98 -37.37 -66.86
N ARG S 57 9.76 -37.86 -65.65
CA ARG S 57 10.65 -37.55 -64.52
C ARG S 57 11.56 -38.73 -64.21
N ALA S 58 11.01 -39.94 -64.28
CA ALA S 58 11.78 -41.15 -64.01
C ALA S 58 12.95 -41.27 -64.99
N LYS S 59 12.77 -40.70 -66.17
CA LYS S 59 13.81 -40.73 -67.19
C LYS S 59 14.94 -39.78 -66.81
N GLU S 60 14.60 -38.78 -66.00
CA GLU S 60 15.57 -37.79 -65.54
C GLU S 60 16.26 -38.30 -64.28
N LEU S 61 15.48 -38.45 -63.22
CA LEU S 61 15.99 -38.91 -61.93
C LEU S 61 16.69 -40.25 -62.06
N ASN S 62 16.30 -41.03 -63.07
CA ASN S 62 16.89 -42.33 -63.31
C ASN S 62 17.25 -42.51 -64.78
N LYS S 63 18.30 -41.81 -65.21
CA LYS S 63 18.76 -41.89 -66.60
C LYS S 63 19.81 -42.97 -66.80
N ARG S 64 20.18 -43.64 -65.71
CA ARG S 64 21.18 -44.71 -65.77
C ARG S 64 20.64 -45.83 -66.65
N LEU S 65 19.39 -45.68 -67.09
CA LEU S 65 18.75 -46.69 -67.92
C LEU S 65 17.37 -46.25 -68.40
N THR S 66 16.74 -47.10 -69.20
CA THR S 66 15.41 -46.82 -69.73
C THR S 66 14.45 -47.92 -69.29
N ALA S 67 13.18 -47.57 -69.11
CA ALA S 67 12.18 -48.53 -68.69
C ALA S 67 10.77 -48.02 -69.00
N PRO S 68 9.91 -48.88 -69.55
CA PRO S 68 8.54 -48.47 -69.88
C PRO S 68 7.74 -48.06 -68.64
N PRO S 69 6.62 -47.37 -68.84
CA PRO S 69 5.73 -46.89 -67.77
C PRO S 69 5.45 -47.90 -66.66
N ALA S 70 4.60 -48.88 -66.96
CA ALA S 70 4.23 -49.90 -65.99
C ALA S 70 5.43 -50.57 -65.34
N ALA S 71 6.35 -51.07 -66.15
CA ALA S 71 7.55 -51.74 -65.64
C ALA S 71 8.21 -50.95 -64.51
N PHE S 72 8.55 -49.70 -64.78
CA PHE S 72 9.18 -48.84 -63.79
C PHE S 72 8.20 -48.56 -62.65
N LEU S 73 6.96 -48.23 -63.02
CA LEU S 73 5.92 -47.94 -62.05
C LEU S 73 5.76 -49.09 -61.06
N CYS S 74 5.58 -50.29 -61.60
CA CYS S 74 5.42 -51.50 -60.78
C CYS S 74 6.56 -51.69 -59.79
N HIS S 75 7.78 -51.67 -60.29
CA HIS S 75 8.96 -51.86 -59.47
C HIS S 75 8.99 -50.98 -58.22
N LEU S 76 8.62 -49.71 -58.38
CA LEU S 76 8.61 -48.79 -57.25
C LEU S 76 7.52 -49.16 -56.24
N ASP S 77 6.40 -49.66 -56.74
CA ASP S 77 5.27 -50.05 -55.89
C ASP S 77 5.67 -51.08 -54.83
N ASN S 78 6.80 -51.75 -55.02
CA ASN S 78 7.27 -52.76 -54.09
C ASN S 78 7.74 -52.16 -52.76
N LEU S 79 7.34 -50.92 -52.49
CA LEU S 79 7.73 -50.26 -51.25
C LEU S 79 6.63 -50.37 -50.20
N LEU S 80 5.43 -50.71 -50.65
CA LEU S 80 4.28 -50.83 -49.76
C LEU S 80 4.55 -51.76 -48.57
N ARG S 81 4.85 -51.15 -47.42
CA ARG S 81 5.13 -51.90 -46.19
C ARG S 81 4.71 -51.07 -44.99
N PRO S 82 3.52 -51.32 -44.42
CA PRO S 82 3.06 -50.56 -43.26
C PRO S 82 4.08 -50.58 -42.12
N LEU S 83 4.28 -51.77 -41.55
CA LEU S 83 5.22 -51.94 -40.44
C LEU S 83 4.84 -51.09 -39.24
N ALA S 93 14.58 -47.95 -42.37
CA ALA S 93 14.12 -47.44 -43.66
C ALA S 93 15.19 -46.56 -44.29
N THR S 94 14.94 -46.14 -45.52
CA THR S 94 15.88 -45.29 -46.25
C THR S 94 15.11 -44.32 -47.15
N PHE S 95 14.43 -43.36 -46.54
CA PHE S 95 13.65 -42.37 -47.30
C PHE S 95 14.01 -40.93 -46.99
N SER S 96 13.40 -40.38 -45.95
CA SER S 96 13.64 -39.00 -45.53
C SER S 96 13.09 -38.04 -46.58
N CYS S 97 12.98 -36.76 -46.22
CA CYS S 97 12.45 -35.76 -47.14
C CYS S 97 12.80 -34.33 -46.74
N ASP S 98 12.45 -33.38 -47.59
CA ASP S 98 12.72 -31.97 -47.35
C ASP S 98 11.50 -31.13 -47.74
N CYS S 99 10.90 -30.47 -46.75
CA CYS S 99 9.73 -29.64 -47.01
C CYS S 99 10.12 -28.29 -47.61
N VAL S 100 10.58 -28.31 -48.86
CA VAL S 100 10.99 -27.08 -49.54
C VAL S 100 9.77 -26.25 -49.93
N ALA S 101 9.77 -24.99 -49.52
CA ALA S 101 8.67 -24.08 -49.83
C ALA S 101 7.33 -24.70 -49.41
N ASP S 102 6.44 -24.90 -50.38
CA ASP S 102 5.14 -25.49 -50.11
C ASP S 102 5.09 -26.92 -50.65
N ALA S 103 6.23 -27.40 -51.13
CA ALA S 103 6.33 -28.75 -51.66
C ALA S 103 7.18 -29.63 -50.77
N LEU S 104 7.01 -30.94 -50.90
CA LEU S 104 7.77 -31.90 -50.10
C LEU S 104 8.46 -32.88 -51.04
N ILE S 105 9.79 -32.92 -50.96
CA ILE S 105 10.57 -33.82 -51.80
C ILE S 105 10.84 -35.13 -51.08
N LEU S 106 10.12 -36.18 -51.47
CA LEU S 106 10.27 -37.49 -50.85
C LEU S 106 11.30 -38.34 -51.61
N ARG S 107 12.57 -38.03 -51.38
CA ARG S 107 13.67 -38.74 -52.02
C ARG S 107 13.53 -40.24 -51.76
N VAL S 108 14.01 -41.05 -52.69
CA VAL S 108 13.94 -42.50 -52.55
C VAL S 108 15.22 -43.18 -53.06
N ARG S 109 15.98 -43.74 -52.14
CA ARG S 109 17.23 -44.42 -52.48
C ARG S 109 16.99 -45.93 -52.45
N SER S 110 16.56 -46.47 -53.58
CA SER S 110 16.29 -47.91 -53.70
C SER S 110 17.25 -48.51 -54.72
N GLU S 111 17.03 -49.78 -55.06
CA GLU S 111 17.86 -50.46 -56.04
C GLU S 111 17.28 -51.82 -56.40
N LEU S 112 17.39 -52.20 -57.66
CA LEU S 112 16.90 -53.48 -58.13
C LEU S 112 18.07 -54.36 -58.53
N SER S 113 18.40 -55.32 -57.68
CA SER S 113 19.51 -56.24 -57.92
C SER S 113 20.84 -55.51 -57.76
N GLY S 114 21.04 -54.45 -58.53
CA GLY S 114 22.28 -53.69 -58.45
C GLY S 114 22.16 -52.25 -58.91
N LEU S 115 21.71 -52.05 -60.14
CA LEU S 115 21.57 -50.70 -60.67
C LEU S 115 20.68 -49.84 -59.77
N PRO S 116 21.23 -48.72 -59.27
CA PRO S 116 20.54 -47.77 -58.39
C PRO S 116 19.17 -47.31 -58.89
N PHE S 117 18.12 -47.86 -58.30
CA PHE S 117 16.76 -47.50 -58.67
C PHE S 117 16.40 -46.17 -58.01
N TYR S 118 16.66 -45.08 -58.73
CA TYR S 118 16.39 -43.74 -58.24
C TYR S 118 15.02 -43.21 -58.61
N TRP S 119 14.42 -42.47 -57.68
CA TRP S 119 13.10 -41.88 -57.88
C TRP S 119 12.74 -40.93 -56.75
N ASN S 120 11.98 -39.89 -57.07
CA ASN S 120 11.56 -38.91 -56.08
C ASN S 120 10.06 -38.65 -56.16
N PHE S 121 9.50 -38.10 -55.08
CA PHE S 121 8.07 -37.81 -55.03
C PHE S 121 7.83 -36.30 -54.93
N HIS S 122 7.90 -35.61 -56.06
CA HIS S 122 7.67 -34.17 -56.09
C HIS S 122 6.21 -33.87 -55.76
N CYS S 123 5.89 -33.84 -54.48
CA CYS S 123 4.52 -33.55 -54.06
C CYS S 123 4.41 -32.12 -53.56
N MET S 124 3.18 -31.62 -53.50
CA MET S 124 2.93 -30.25 -53.06
C MET S 124 1.72 -30.20 -52.15
N LEU S 125 1.55 -29.07 -51.46
CA LEU S 125 0.42 -28.89 -50.54
C LEU S 125 -0.87 -29.47 -51.10
N ALA S 126 -1.50 -30.33 -50.31
CA ALA S 126 -2.75 -30.96 -50.72
C ALA S 126 -3.84 -29.92 -50.95
N SER S 127 -4.61 -30.11 -52.02
CA SER S 127 -5.69 -29.20 -52.36
C SER S 127 -6.73 -29.16 -51.26
N PRO S 128 -7.34 -27.98 -51.03
CA PRO S 128 -8.36 -27.81 -50.00
C PRO S 128 -9.52 -28.79 -50.17
N SER S 129 -9.51 -29.51 -51.28
CA SER S 129 -10.55 -30.50 -51.58
C SER S 129 -10.04 -31.90 -51.27
N LEU S 130 -8.79 -32.14 -51.62
CA LEU S 130 -8.16 -33.45 -51.38
C LEU S 130 -8.11 -33.77 -49.88
N VAL S 131 -7.73 -32.78 -49.09
CA VAL S 131 -7.63 -32.95 -47.64
C VAL S 131 -8.97 -33.37 -47.06
N SER S 132 -10.03 -32.67 -47.46
CA SER S 132 -11.38 -32.98 -46.98
C SER S 132 -11.98 -34.14 -47.77
N GLN S 133 -11.13 -35.09 -48.14
CA GLN S 133 -11.57 -36.26 -48.89
C GLN S 133 -10.87 -37.50 -48.36
N HIS S 134 -9.81 -37.28 -47.59
CA HIS S 134 -9.03 -38.37 -47.00
C HIS S 134 -8.75 -38.05 -45.53
N LEU S 135 -9.19 -36.88 -45.10
CA LEU S 135 -9.00 -36.43 -43.72
C LEU S 135 -10.32 -35.86 -43.21
N ILE S 136 -10.43 -34.55 -43.25
CA ILE S 136 -11.61 -33.82 -42.79
C ILE S 136 -12.93 -34.55 -42.97
N ARG S 137 -13.41 -34.65 -44.21
CA ARG S 137 -14.68 -35.31 -44.49
C ARG S 137 -14.78 -36.76 -43.99
N PRO S 138 -13.95 -37.67 -44.54
CA PRO S 138 -14.00 -39.06 -44.09
C PRO S 138 -13.84 -39.21 -42.58
N LEU S 139 -12.88 -38.47 -42.02
CA LEU S 139 -12.59 -38.51 -40.59
C LEU S 139 -13.87 -38.27 -39.77
N MET S 140 -14.57 -37.19 -40.11
CA MET S 140 -15.81 -36.84 -39.41
C MET S 140 -16.79 -38.00 -39.41
N GLY S 141 -16.87 -38.71 -40.54
CA GLY S 141 -17.77 -39.84 -40.63
C GLY S 141 -17.51 -40.86 -39.54
N MET S 142 -16.24 -41.12 -39.29
CA MET S 142 -15.83 -42.08 -38.27
C MET S 142 -16.39 -41.69 -36.90
N SER S 143 -16.00 -40.51 -36.41
CA SER S 143 -16.47 -40.03 -35.11
C SER S 143 -17.98 -40.13 -35.01
N LEU S 144 -18.67 -39.80 -36.11
CA LEU S 144 -20.13 -39.85 -36.14
C LEU S 144 -20.61 -41.30 -36.08
N ALA S 145 -19.87 -42.19 -36.74
CA ALA S 145 -20.23 -43.60 -36.77
C ALA S 145 -20.13 -44.23 -35.39
N LEU S 146 -19.15 -43.78 -34.61
CA LEU S 146 -18.95 -44.32 -33.27
C LEU S 146 -20.07 -43.91 -32.32
N GLN S 147 -20.68 -42.77 -32.59
CA GLN S 147 -21.78 -42.27 -31.75
C GLN S 147 -22.81 -43.38 -31.61
N CYS S 148 -23.01 -44.12 -32.69
CA CYS S 148 -23.98 -45.23 -32.69
C CYS S 148 -23.33 -46.50 -32.16
N GLN S 149 -22.02 -46.64 -32.39
CA GLN S 149 -21.30 -47.82 -31.92
C GLN S 149 -21.32 -47.86 -30.38
N VAL S 150 -20.77 -46.81 -29.78
CA VAL S 150 -20.73 -46.71 -28.32
C VAL S 150 -22.15 -46.84 -27.77
N ARG S 151 -23.11 -46.31 -28.53
CA ARG S 151 -24.51 -46.36 -28.15
C ARG S 151 -25.02 -47.79 -28.16
N GLU S 152 -24.65 -48.54 -29.20
CA GLU S 152 -25.06 -49.92 -29.35
C GLU S 152 -24.46 -50.82 -28.27
N LEU S 153 -23.22 -50.53 -27.86
CA LEU S 153 -22.56 -51.32 -26.83
C LEU S 153 -23.25 -51.06 -25.49
N ALA S 154 -23.56 -49.80 -25.24
CA ALA S 154 -24.22 -49.40 -23.99
C ALA S 154 -25.44 -50.28 -23.74
N THR S 155 -26.20 -50.53 -24.80
CA THR S 155 -27.40 -51.37 -24.69
C THR S 155 -27.02 -52.84 -24.56
N LEU S 156 -26.08 -53.30 -25.38
CA LEU S 156 -25.64 -54.68 -25.32
C LEU S 156 -25.02 -54.99 -23.97
N LEU S 157 -24.32 -54.02 -23.40
CA LEU S 157 -23.67 -54.19 -22.11
C LEU S 157 -24.74 -54.25 -21.03
N HIS S 158 -25.74 -53.39 -21.13
CA HIS S 158 -26.83 -53.36 -20.17
C HIS S 158 -27.67 -54.62 -20.30
N MET S 159 -27.73 -55.16 -21.51
CA MET S 159 -28.50 -56.36 -21.78
C MET S 159 -27.98 -57.51 -20.92
N LYS S 160 -26.68 -57.49 -20.67
CA LYS S 160 -26.04 -58.53 -19.85
C LYS S 160 -26.34 -58.27 -18.37
N ASP S 161 -26.40 -56.99 -18.00
CA ASP S 161 -26.69 -56.61 -16.61
C ASP S 161 -28.03 -57.16 -16.16
N LEU S 162 -29.04 -57.08 -17.03
CA LEU S 162 -30.36 -57.58 -16.70
C LEU S 162 -30.31 -59.09 -16.56
N GLU S 163 -29.65 -59.75 -17.50
CA GLU S 163 -29.50 -61.19 -17.49
C GLU S 163 -28.71 -61.63 -16.25
N ILE S 164 -27.62 -60.91 -15.97
CA ILE S 164 -26.77 -61.21 -14.83
C ILE S 164 -27.54 -61.15 -13.51
N GLN S 165 -28.24 -60.05 -13.28
CA GLN S 165 -28.99 -59.89 -12.04
C GLN S 165 -30.11 -60.91 -11.91
N ASP S 166 -30.55 -61.46 -13.05
CA ASP S 166 -31.60 -62.46 -13.04
C ASP S 166 -31.13 -63.62 -12.16
N TYR S 167 -29.81 -63.83 -12.15
CA TYR S 167 -29.20 -64.88 -11.36
C TYR S 167 -29.24 -64.55 -9.87
N GLN S 168 -28.90 -63.30 -9.53
CA GLN S 168 -28.91 -62.85 -8.15
C GLN S 168 -30.28 -63.02 -7.51
N GLU S 169 -31.31 -63.13 -8.35
CA GLU S 169 -32.68 -63.30 -7.88
C GLU S 169 -32.95 -64.76 -7.55
N SER S 170 -32.20 -65.67 -8.17
CA SER S 170 -32.37 -67.10 -7.93
C SER S 170 -31.20 -67.64 -7.13
N GLY S 171 -30.75 -66.87 -6.14
CA GLY S 171 -29.64 -67.30 -5.32
C GLY S 171 -28.38 -67.52 -6.15
N ALA S 172 -27.84 -68.73 -6.09
CA ALA S 172 -26.63 -69.07 -6.84
C ALA S 172 -25.56 -68.01 -6.67
N THR S 173 -24.80 -68.11 -5.59
CA THR S 173 -23.73 -67.15 -5.30
C THR S 173 -22.60 -67.28 -6.31
N LEU S 174 -21.94 -66.16 -6.59
CA LEU S 174 -20.83 -66.14 -7.55
C LEU S 174 -19.81 -67.23 -7.18
N ILE S 175 -19.00 -67.61 -8.15
CA ILE S 175 -17.99 -68.65 -7.92
C ILE S 175 -16.63 -68.02 -7.69
N ARG S 176 -16.44 -66.81 -8.22
CA ARG S 176 -15.19 -66.09 -8.07
C ARG S 176 -15.47 -64.75 -7.39
N ASP S 177 -15.37 -64.73 -6.08
CA ASP S 177 -15.60 -63.51 -5.30
C ASP S 177 -15.19 -62.24 -6.04
N ARG S 178 -13.96 -62.23 -6.56
CA ARG S 178 -13.46 -61.07 -7.29
C ARG S 178 -13.74 -61.22 -8.78
N LEU S 179 -15.02 -61.22 -9.15
CA LEU S 179 -15.39 -61.36 -10.56
C LEU S 179 -16.61 -60.52 -10.90
N LYS S 180 -17.57 -60.46 -9.98
CA LYS S 180 -18.79 -59.69 -10.21
C LYS S 180 -18.45 -58.27 -10.67
N THR S 181 -18.91 -57.92 -11.86
CA THR S 181 -18.66 -56.60 -12.43
C THR S 181 -19.76 -55.61 -12.07
N GLU S 182 -19.37 -54.39 -11.76
CA GLU S 182 -20.31 -53.34 -11.40
C GLU S 182 -21.32 -53.17 -12.53
N PRO S 183 -22.63 -53.20 -12.20
CA PRO S 183 -23.67 -53.05 -13.21
C PRO S 183 -23.49 -51.79 -14.05
N PHE S 184 -22.80 -51.95 -15.19
CA PHE S 184 -22.54 -50.85 -16.11
C PHE S 184 -23.67 -49.84 -16.15
N GLU S 185 -23.36 -48.60 -15.82
CA GLU S 185 -24.36 -47.53 -15.81
C GLU S 185 -24.05 -46.53 -16.91
N GLU S 186 -24.65 -46.75 -18.09
CA GLU S 186 -24.49 -45.89 -19.25
C GLU S 186 -24.01 -44.48 -18.92
N ASN S 187 -24.86 -43.73 -18.24
CA ASN S 187 -24.56 -42.34 -17.87
C ASN S 187 -23.20 -42.12 -17.21
N SER S 188 -23.10 -42.46 -15.94
CA SER S 188 -21.86 -42.28 -15.17
C SER S 188 -20.59 -42.64 -15.94
N PHE S 189 -20.66 -43.70 -16.74
CA PHE S 189 -19.51 -44.14 -17.53
C PHE S 189 -18.83 -43.00 -18.28
N LEU S 190 -19.58 -42.34 -19.16
CA LEU S 190 -19.05 -41.25 -19.96
C LEU S 190 -18.59 -40.07 -19.11
N GLU S 191 -19.46 -39.64 -18.19
CA GLU S 191 -19.17 -38.51 -17.32
C GLU S 191 -17.95 -38.73 -16.42
N GLN S 192 -17.60 -40.00 -16.19
CA GLN S 192 -16.45 -40.31 -15.35
C GLN S 192 -15.24 -40.61 -16.24
N PHE S 193 -15.51 -40.89 -17.51
CA PHE S 193 -14.48 -41.19 -18.50
C PHE S 193 -13.89 -39.91 -19.08
N MET S 194 -14.75 -38.91 -19.29
CA MET S 194 -14.33 -37.64 -19.87
C MET S 194 -13.36 -36.84 -19.00
N ILE S 195 -13.19 -37.26 -17.75
CA ILE S 195 -12.30 -36.54 -16.84
C ILE S 195 -11.03 -37.31 -16.48
N GLU S 196 -11.10 -38.64 -16.48
CA GLU S 196 -9.95 -39.45 -16.12
C GLU S 196 -9.40 -40.37 -17.20
N LYS S 197 -9.86 -40.22 -18.44
CA LYS S 197 -9.36 -41.08 -19.51
C LYS S 197 -9.35 -40.46 -20.90
N LEU S 198 -9.99 -39.30 -21.05
CA LEU S 198 -10.02 -38.63 -22.34
C LEU S 198 -8.61 -38.27 -22.81
N PRO S 199 -7.75 -37.82 -21.88
CA PRO S 199 -6.36 -37.44 -22.21
C PRO S 199 -5.60 -38.49 -23.03
N GLU S 200 -5.12 -39.53 -22.35
CA GLU S 200 -4.38 -40.62 -22.99
C GLU S 200 -5.03 -41.08 -24.28
N ALA S 201 -6.31 -40.72 -24.46
CA ALA S 201 -7.05 -41.11 -25.65
C ALA S 201 -6.89 -40.14 -26.83
N CYS S 202 -7.42 -38.93 -26.66
CA CYS S 202 -7.36 -37.93 -27.73
C CYS S 202 -5.95 -37.43 -28.06
N SER S 203 -4.94 -38.03 -27.45
CA SER S 203 -3.56 -37.63 -27.72
C SER S 203 -3.16 -38.09 -29.12
N ILE S 204 -3.33 -37.19 -30.10
CA ILE S 204 -3.03 -37.49 -31.49
C ILE S 204 -1.55 -37.74 -31.75
N GLY S 205 -0.69 -37.00 -31.06
CA GLY S 205 0.74 -37.17 -31.23
C GLY S 205 1.20 -36.94 -32.66
N ASP S 206 1.48 -38.01 -33.38
CA ASP S 206 1.93 -37.92 -34.76
C ASP S 206 1.39 -39.04 -35.64
N GLY S 207 0.10 -39.33 -35.50
CA GLY S 207 -0.52 -40.37 -36.31
C GLY S 207 -0.40 -41.78 -35.74
N LYS S 208 0.72 -42.06 -35.08
CA LYS S 208 0.97 -43.36 -34.47
C LYS S 208 -0.30 -44.13 -34.13
N PRO S 209 -1.21 -43.51 -33.35
CA PRO S 209 -2.47 -44.18 -32.98
C PRO S 209 -3.42 -44.37 -34.16
N PHE S 210 -3.65 -43.28 -34.91
CA PHE S 210 -4.54 -43.29 -36.05
C PHE S 210 -4.40 -44.54 -36.91
N VAL S 211 -3.27 -44.64 -37.60
CA VAL S 211 -3.01 -45.79 -38.47
C VAL S 211 -2.76 -47.06 -37.66
N MET S 212 -3.78 -47.51 -36.96
CA MET S 212 -3.67 -48.72 -36.15
C MET S 212 -5.03 -49.17 -35.63
N ASN S 213 -5.65 -48.34 -34.81
CA ASN S 213 -6.95 -48.66 -34.23
C ASN S 213 -8.08 -47.86 -34.87
N LEU S 214 -7.87 -47.41 -36.11
CA LEU S 214 -8.88 -46.63 -36.81
C LEU S 214 -8.96 -46.92 -38.31
N GLN S 215 -7.85 -47.34 -38.90
CA GLN S 215 -7.83 -47.62 -40.34
C GLN S 215 -8.96 -48.54 -40.77
N ASP S 216 -9.32 -49.49 -39.91
CA ASP S 216 -10.41 -50.40 -40.22
C ASP S 216 -11.69 -49.61 -40.44
N LEU S 217 -12.07 -48.82 -39.43
CA LEU S 217 -13.27 -48.00 -39.52
C LEU S 217 -13.14 -47.01 -40.66
N TYR S 218 -11.95 -46.42 -40.79
CA TYR S 218 -11.68 -45.45 -41.84
C TYR S 218 -12.02 -46.05 -43.20
N MET S 219 -11.38 -47.16 -43.53
CA MET S 219 -11.62 -47.82 -44.81
C MET S 219 -13.08 -48.18 -44.98
N ALA S 220 -13.79 -48.31 -43.87
CA ALA S 220 -15.21 -48.64 -43.92
C ALA S 220 -16.05 -47.48 -44.40
N VAL S 221 -15.76 -46.29 -43.87
CA VAL S 221 -16.50 -45.08 -44.24
C VAL S 221 -16.00 -44.46 -45.53
N THR S 222 -14.68 -44.35 -45.67
CA THR S 222 -14.09 -43.75 -46.87
C THR S 222 -14.45 -44.51 -48.15
N THR S 223 -15.06 -45.68 -47.99
CA THR S 223 -15.46 -46.48 -49.14
C THR S 223 -16.97 -46.35 -49.36
N GLN S 224 -17.68 -45.99 -48.28
CA GLN S 224 -19.12 -45.82 -48.31
C GLN S 224 -19.49 -44.52 -49.02
N HIS S 225 -18.58 -43.54 -48.96
CA HIS S 225 -18.80 -42.24 -49.57
C HIS S 225 -18.46 -42.15 -51.05
N HIS S 226 -18.16 -43.28 -51.68
CA HIS S 226 -17.82 -43.27 -53.09
C HIS S 226 -18.43 -44.46 -53.83
N HIS S 227 -19.56 -44.94 -53.32
CA HIS S 227 -20.27 -46.06 -53.91
C HIS S 227 -21.78 -45.88 -53.76
N MET T 1 -3.47 -10.14 -32.19
CA MET T 1 -4.76 -10.78 -32.42
C MET T 1 -4.77 -12.20 -31.85
N GLU T 2 -3.81 -12.48 -30.96
CA GLU T 2 -3.70 -13.80 -30.35
C GLU T 2 -5.00 -14.22 -29.68
N GLU T 3 -5.39 -13.48 -28.64
CA GLU T 3 -6.62 -13.78 -27.91
C GLU T 3 -7.79 -13.99 -28.85
N LEU T 4 -7.89 -13.15 -29.87
CA LEU T 4 -8.98 -13.24 -30.83
C LEU T 4 -8.96 -14.56 -31.60
N GLU T 5 -7.78 -15.13 -31.76
CA GLU T 5 -7.64 -16.40 -32.47
C GLU T 5 -7.94 -17.58 -31.55
N GLN T 6 -7.28 -17.60 -30.38
CA GLN T 6 -7.47 -18.67 -29.41
C GLN T 6 -8.95 -18.80 -29.06
N GLY T 7 -9.67 -17.68 -29.12
CA GLY T 7 -11.08 -17.69 -28.81
C GLY T 7 -11.88 -18.42 -29.87
N LEU T 8 -11.52 -18.20 -31.14
CA LEU T 8 -12.21 -18.83 -32.25
C LEU T 8 -12.08 -20.35 -32.10
N LEU T 9 -11.01 -20.77 -31.42
CA LEU T 9 -10.76 -22.19 -31.18
C LEU T 9 -11.65 -22.73 -30.08
N MET T 10 -11.60 -22.07 -28.92
CA MET T 10 -12.39 -22.47 -27.76
C MET T 10 -13.87 -22.60 -28.06
N GLN T 11 -14.31 -21.99 -29.16
CA GLN T 11 -15.72 -22.05 -29.56
C GLN T 11 -15.99 -23.24 -30.47
N PRO T 12 -17.02 -24.03 -30.15
CA PRO T 12 -17.40 -25.20 -30.95
C PRO T 12 -18.14 -24.78 -32.21
N TRP T 13 -18.23 -25.69 -33.17
CA TRP T 13 -18.93 -25.39 -34.42
C TRP T 13 -20.42 -25.26 -34.20
N ALA T 14 -21.12 -24.97 -35.31
CA ALA T 14 -22.57 -24.81 -35.31
C ALA T 14 -22.96 -24.72 -36.78
N TRP T 15 -24.23 -24.95 -37.09
CA TRP T 15 -24.64 -24.87 -38.48
C TRP T 15 -25.59 -23.74 -38.84
N LEU T 16 -25.00 -22.71 -39.43
CA LEU T 16 -25.73 -21.53 -39.88
C LEU T 16 -26.50 -21.87 -41.15
N GLN T 17 -27.80 -21.70 -41.11
CA GLN T 17 -28.65 -22.00 -42.26
C GLN T 17 -28.97 -20.77 -43.11
N LEU T 18 -28.72 -20.88 -44.41
CA LEU T 18 -28.99 -19.80 -45.34
C LEU T 18 -30.08 -20.31 -46.29
N ALA T 19 -31.18 -19.57 -46.37
CA ALA T 19 -32.30 -19.96 -47.23
C ALA T 19 -31.81 -20.51 -48.58
N GLU T 20 -30.65 -20.05 -49.01
CA GLU T 20 -30.07 -20.49 -50.27
C GLU T 20 -29.11 -21.66 -50.09
N ASN T 21 -28.15 -21.50 -49.18
CA ASN T 21 -27.15 -22.54 -48.94
C ASN T 21 -27.04 -22.86 -47.46
N SER T 22 -26.17 -23.81 -47.12
CA SER T 22 -25.97 -24.21 -45.74
C SER T 22 -24.48 -24.20 -45.39
N LEU T 23 -24.10 -23.30 -44.48
CA LEU T 23 -22.71 -23.17 -44.08
C LEU T 23 -22.37 -23.69 -42.69
N LEU T 24 -21.16 -24.21 -42.56
CA LEU T 24 -20.64 -24.73 -41.29
C LEU T 24 -19.71 -23.65 -40.76
N ALA T 25 -20.23 -22.81 -39.85
CA ALA T 25 -19.43 -21.73 -39.31
C ALA T 25 -19.30 -21.72 -37.80
N LYS T 26 -18.27 -21.02 -37.34
CA LYS T 26 -17.96 -20.86 -35.92
C LYS T 26 -17.31 -19.50 -35.77
N VAL T 27 -18.06 -18.53 -35.25
CA VAL T 27 -17.53 -17.18 -35.10
C VAL T 27 -17.24 -16.80 -33.65
N PHE T 28 -16.33 -15.85 -33.49
CA PHE T 28 -15.93 -15.36 -32.18
C PHE T 28 -15.76 -13.85 -32.26
N ILE T 29 -16.26 -13.14 -31.25
CA ILE T 29 -16.15 -11.68 -31.23
C ILE T 29 -15.90 -11.13 -29.84
N THR T 30 -14.71 -10.56 -29.64
CA THR T 30 -14.35 -9.99 -28.34
C THR T 30 -14.73 -8.51 -28.36
N LYS T 31 -15.55 -8.14 -29.35
CA LYS T 31 -16.01 -6.77 -29.51
C LYS T 31 -14.85 -5.83 -29.88
N GLN T 32 -13.65 -6.38 -29.89
CA GLN T 32 -12.44 -5.61 -30.23
C GLN T 32 -12.04 -6.02 -31.65
N GLY T 33 -12.85 -6.88 -32.25
CA GLY T 33 -12.59 -7.37 -33.59
C GLY T 33 -13.02 -8.82 -33.64
N TYR T 34 -13.58 -9.26 -34.76
CA TYR T 34 -14.04 -10.65 -34.86
C TYR T 34 -13.16 -11.52 -35.74
N ALA T 35 -13.26 -12.84 -35.51
CA ALA T 35 -12.50 -13.82 -36.27
C ALA T 35 -13.42 -15.00 -36.54
N LEU T 36 -14.02 -15.01 -37.73
CA LEU T 36 -14.95 -16.07 -38.11
C LEU T 36 -14.32 -17.11 -39.03
N LEU T 37 -14.74 -18.36 -38.85
CA LEU T 37 -14.26 -19.47 -39.67
C LEU T 37 -15.43 -20.28 -40.20
N VAL T 38 -15.70 -20.15 -41.49
CA VAL T 38 -16.81 -20.86 -42.11
C VAL T 38 -16.29 -22.04 -42.93
N SER T 39 -17.18 -22.76 -43.59
CA SER T 39 -16.82 -23.91 -44.40
C SER T 39 -18.07 -24.70 -44.81
N ASP T 40 -17.90 -25.60 -45.77
CA ASP T 40 -19.01 -26.43 -46.24
C ASP T 40 -18.50 -27.84 -46.52
N LEU T 41 -17.64 -28.33 -45.64
CA LEU T 41 -17.05 -29.67 -45.76
C LEU T 41 -16.00 -29.73 -46.86
N GLN T 42 -16.35 -29.22 -48.04
CA GLN T 42 -15.41 -29.22 -49.16
C GLN T 42 -14.22 -28.32 -48.87
N GLN T 43 -14.44 -27.00 -48.95
CA GLN T 43 -13.38 -26.04 -48.68
C GLN T 43 -13.55 -25.42 -47.31
N VAL T 44 -12.74 -24.40 -47.01
CA VAL T 44 -12.79 -23.72 -45.73
C VAL T 44 -12.49 -22.23 -45.93
N TRP T 45 -13.07 -21.40 -45.09
CA TRP T 45 -12.88 -19.95 -45.17
C TRP T 45 -12.64 -19.33 -43.80
N HIS T 46 -11.80 -18.31 -43.76
CA HIS T 46 -11.48 -17.61 -42.52
C HIS T 46 -11.27 -16.11 -42.72
N GLU T 47 -11.67 -15.33 -41.72
CA GLU T 47 -11.54 -13.87 -41.80
C GLU T 47 -11.04 -13.30 -40.47
N GLN T 48 -9.91 -12.62 -40.52
CA GLN T 48 -9.32 -12.01 -39.33
C GLN T 48 -9.34 -10.49 -39.45
N VAL T 49 -10.44 -9.88 -38.99
CA VAL T 49 -10.57 -8.43 -39.07
C VAL T 49 -10.35 -7.76 -37.71
N ASP T 50 -10.04 -6.47 -37.75
CA ASP T 50 -9.80 -5.70 -36.53
C ASP T 50 -10.46 -4.32 -36.64
N THR T 51 -10.49 -3.60 -35.52
CA THR T 51 -11.07 -2.26 -35.46
C THR T 51 -11.02 -1.48 -36.77
N SER T 52 -9.81 -1.28 -37.29
CA SER T 52 -9.62 -0.55 -38.54
C SER T 52 -10.52 -1.08 -39.66
N VAL T 53 -10.33 -2.35 -39.98
CA VAL T 53 -11.10 -3.00 -41.05
C VAL T 53 -12.61 -2.85 -40.84
N VAL T 54 -13.04 -2.91 -39.58
CA VAL T 54 -14.45 -2.79 -39.24
C VAL T 54 -15.07 -1.49 -39.74
N SER T 55 -14.57 -0.36 -39.25
CA SER T 55 -15.10 0.94 -39.63
C SER T 55 -14.95 1.25 -41.12
N GLN T 56 -13.76 1.02 -41.67
CA GLN T 56 -13.51 1.28 -43.08
C GLN T 56 -14.53 0.57 -43.95
N ARG T 57 -15.13 -0.49 -43.42
CA ARG T 57 -16.12 -1.27 -44.14
C ARG T 57 -17.53 -0.95 -43.67
N ALA T 58 -17.71 -0.88 -42.36
CA ALA T 58 -19.01 -0.57 -41.77
C ALA T 58 -19.61 0.66 -42.41
N LYS T 59 -18.82 1.74 -42.45
CA LYS T 59 -19.26 3.00 -43.05
C LYS T 59 -19.20 2.91 -44.56
N GLU T 60 -18.62 1.82 -45.07
CA GLU T 60 -18.48 1.59 -46.50
C GLU T 60 -19.70 0.86 -47.05
N LEU T 61 -20.64 0.55 -46.18
CA LEU T 61 -21.87 -0.15 -46.56
C LEU T 61 -23.08 0.42 -45.84
N ASN T 62 -22.85 1.43 -45.01
CA ASN T 62 -23.93 2.06 -44.26
C ASN T 62 -23.77 3.57 -44.25
N LYS T 63 -24.35 4.23 -45.24
CA LYS T 63 -24.27 5.69 -45.34
C LYS T 63 -24.95 6.33 -44.14
N ARG T 64 -26.26 6.10 -44.01
CA ARG T 64 -27.03 6.65 -42.90
C ARG T 64 -26.62 5.91 -41.63
N LEU T 65 -25.38 6.15 -41.19
CA LEU T 65 -24.86 5.49 -40.00
C LEU T 65 -23.43 5.93 -39.68
N THR T 66 -23.10 5.99 -38.40
CA THR T 66 -21.78 6.40 -37.94
C THR T 66 -21.58 5.94 -36.49
N ALA T 67 -20.79 4.88 -36.31
CA ALA T 67 -20.53 4.36 -34.97
C ALA T 67 -19.15 3.71 -34.86
N PRO T 68 -18.52 3.81 -33.69
CA PRO T 68 -17.18 3.24 -33.44
C PRO T 68 -17.12 1.74 -33.70
N PRO T 69 -15.94 1.24 -34.10
CA PRO T 69 -15.72 -0.18 -34.39
C PRO T 69 -16.05 -1.09 -33.20
N ALA T 70 -16.10 -0.51 -32.02
CA ALA T 70 -16.39 -1.26 -30.80
C ALA T 70 -17.89 -1.36 -30.55
N ALA T 71 -18.61 -0.29 -30.88
CA ALA T 71 -20.05 -0.26 -30.69
C ALA T 71 -20.78 -0.87 -31.89
N PHE T 72 -20.02 -1.22 -32.92
CA PHE T 72 -20.59 -1.80 -34.13
C PHE T 72 -20.64 -3.32 -34.02
N LEU T 73 -19.61 -3.89 -33.40
CA LEU T 73 -19.52 -5.34 -33.22
C LEU T 73 -20.45 -5.85 -32.12
N CYS T 74 -20.47 -5.15 -30.99
CA CYS T 74 -21.30 -5.55 -29.86
C CYS T 74 -22.73 -5.88 -30.33
N HIS T 75 -23.31 -4.98 -31.12
CA HIS T 75 -24.66 -5.17 -31.63
C HIS T 75 -24.66 -6.24 -32.71
N LEU T 76 -23.68 -6.16 -33.62
CA LEU T 76 -23.57 -7.12 -34.70
C LEU T 76 -23.49 -8.54 -34.17
N ASP T 77 -22.75 -8.71 -33.07
CA ASP T 77 -22.60 -10.00 -32.44
C ASP T 77 -23.94 -10.63 -32.07
N ASN T 78 -24.82 -9.83 -31.48
CA ASN T 78 -26.14 -10.30 -31.06
C ASN T 78 -27.12 -10.44 -32.23
N LEU T 79 -26.83 -9.74 -33.33
CA LEU T 79 -27.71 -9.80 -34.49
C LEU T 79 -27.43 -11.03 -35.35
N LEU T 80 -26.64 -11.97 -34.80
CA LEU T 80 -26.30 -13.19 -35.53
C LEU T 80 -26.14 -14.36 -34.58
N ARG T 81 -25.85 -14.07 -33.31
CA ARG T 81 -25.68 -15.12 -32.32
C ARG T 81 -26.89 -16.04 -32.24
N PRO T 82 -28.11 -15.48 -32.24
CA PRO T 82 -29.32 -16.31 -32.17
C PRO T 82 -29.35 -17.38 -33.26
N LEU T 83 -28.88 -17.05 -34.44
CA LEU T 83 -28.86 -18.01 -35.55
C LEU T 83 -27.69 -18.99 -35.40
N LEU T 84 -26.70 -18.61 -34.61
CA LEU T 84 -25.54 -19.45 -34.39
C LEU T 84 -25.81 -20.37 -33.19
N LYS T 85 -26.57 -19.87 -32.23
CA LYS T 85 -26.91 -20.64 -31.04
C LYS T 85 -27.64 -21.92 -31.44
N ASP T 86 -28.95 -21.81 -31.59
CA ASP T 86 -29.78 -22.94 -31.97
C ASP T 86 -29.85 -23.04 -33.49
N ALA T 87 -31.05 -23.28 -34.03
CA ALA T 87 -31.22 -23.40 -35.47
C ALA T 87 -32.60 -22.92 -35.90
N ALA T 88 -33.44 -22.59 -34.93
CA ALA T 88 -34.79 -22.11 -35.22
C ALA T 88 -35.04 -20.74 -34.60
N HIS T 89 -34.02 -20.21 -33.93
CA HIS T 89 -34.11 -18.91 -33.29
C HIS T 89 -34.59 -17.82 -34.26
N PRO T 90 -34.95 -16.63 -33.72
CA PRO T 90 -35.43 -15.52 -34.54
C PRO T 90 -34.47 -15.13 -35.67
N SER T 91 -34.91 -15.34 -36.91
CA SER T 91 -34.10 -15.01 -38.08
C SER T 91 -34.42 -13.58 -38.51
N GLU T 92 -33.41 -12.71 -38.46
CA GLU T 92 -33.60 -11.32 -38.84
C GLU T 92 -32.55 -10.87 -39.85
N ALA T 93 -31.96 -11.84 -40.54
CA ALA T 93 -30.93 -11.54 -41.55
C ALA T 93 -31.10 -12.47 -42.75
N THR T 94 -31.37 -11.88 -43.90
CA THR T 94 -31.57 -12.63 -45.14
C THR T 94 -30.45 -13.62 -45.43
N PHE T 95 -29.20 -13.15 -45.36
CA PHE T 95 -28.04 -13.99 -45.61
C PHE T 95 -27.94 -14.47 -47.06
N SER T 96 -26.76 -14.29 -47.64
CA SER T 96 -26.46 -14.69 -49.01
C SER T 96 -24.98 -15.02 -49.08
N CYS T 97 -24.61 -15.98 -49.91
CA CYS T 97 -23.20 -16.36 -50.01
C CYS T 97 -22.74 -16.64 -51.44
N ASP T 98 -21.71 -15.91 -51.86
CA ASP T 98 -21.13 -16.06 -53.19
C ASP T 98 -19.61 -16.10 -53.08
N CYS T 99 -19.03 -17.19 -53.55
CA CYS T 99 -17.58 -17.36 -53.49
C CYS T 99 -16.93 -17.16 -54.85
N VAL T 100 -15.88 -16.35 -54.88
CA VAL T 100 -15.15 -16.07 -56.11
C VAL T 100 -13.64 -16.19 -55.84
N ALA T 101 -12.99 -17.05 -56.60
CA ALA T 101 -11.55 -17.27 -56.45
C ALA T 101 -11.23 -17.96 -55.12
N ASP T 102 -10.78 -17.18 -54.15
CA ASP T 102 -10.43 -17.71 -52.83
C ASP T 102 -11.34 -17.15 -51.75
N ALA T 103 -11.47 -15.82 -51.72
CA ALA T 103 -12.31 -15.16 -50.72
C ALA T 103 -13.77 -15.61 -50.85
N LEU T 104 -14.54 -15.35 -49.80
CA LEU T 104 -15.95 -15.71 -49.78
C LEU T 104 -16.80 -14.63 -49.13
N ILE T 105 -17.81 -14.16 -49.85
CA ILE T 105 -18.71 -13.13 -49.37
C ILE T 105 -19.85 -13.74 -48.58
N LEU T 106 -20.09 -13.20 -47.39
CA LEU T 106 -21.17 -13.68 -46.53
C LEU T 106 -22.10 -12.51 -46.24
N ARG T 107 -23.04 -12.28 -47.17
CA ARG T 107 -24.01 -11.20 -47.05
C ARG T 107 -24.88 -11.38 -45.81
N VAL T 108 -25.10 -10.29 -45.08
CA VAL T 108 -25.93 -10.32 -43.88
C VAL T 108 -26.81 -9.09 -43.80
N ARG T 109 -27.82 -9.03 -44.66
CA ARG T 109 -28.74 -7.89 -44.68
C ARG T 109 -29.76 -7.98 -43.55
N SER T 110 -29.44 -7.35 -42.42
CA SER T 110 -30.33 -7.35 -41.27
C SER T 110 -30.82 -5.94 -40.96
N GLU T 111 -31.27 -5.72 -39.73
CA GLU T 111 -31.76 -4.41 -39.30
C GLU T 111 -31.46 -4.22 -37.82
N LEU T 112 -31.26 -2.97 -37.42
CA LEU T 112 -30.98 -2.66 -36.02
C LEU T 112 -31.96 -1.63 -35.47
N SER T 113 -32.67 -2.01 -34.40
CA SER T 113 -33.64 -1.13 -33.77
C SER T 113 -34.55 -0.51 -34.83
N GLY T 114 -34.79 -1.26 -35.91
CA GLY T 114 -35.64 -0.76 -36.97
C GLY T 114 -34.87 0.10 -37.95
N LEU T 115 -33.57 -0.15 -38.04
CA LEU T 115 -32.71 0.61 -38.95
C LEU T 115 -31.83 -0.33 -39.77
N PRO T 116 -31.86 -0.18 -41.10
CA PRO T 116 -31.08 -1.00 -42.04
C PRO T 116 -29.62 -1.20 -41.64
N PHE T 117 -29.33 -2.36 -41.04
CA PHE T 117 -27.97 -2.69 -40.62
C PHE T 117 -27.40 -3.68 -41.61
N TYR T 118 -26.68 -3.17 -42.62
CA TYR T 118 -26.07 -4.02 -43.64
C TYR T 118 -24.65 -4.40 -43.25
N TRP T 119 -24.16 -5.51 -43.82
CA TRP T 119 -22.82 -5.99 -43.53
C TRP T 119 -22.46 -7.23 -44.33
N ASN T 120 -21.17 -7.42 -44.56
CA ASN T 120 -20.67 -8.57 -45.32
C ASN T 120 -19.41 -9.14 -44.69
N PHE T 121 -19.09 -10.38 -45.04
CA PHE T 121 -17.90 -11.05 -44.51
C PHE T 121 -16.94 -11.39 -45.66
N HIS T 122 -15.87 -10.62 -45.78
CA HIS T 122 -14.89 -10.86 -46.83
C HIS T 122 -13.80 -11.79 -46.30
N CYS T 123 -14.09 -13.09 -46.31
CA CYS T 123 -13.15 -14.09 -45.82
C CYS T 123 -12.64 -15.01 -46.92
N MET T 124 -11.32 -15.12 -47.03
CA MET T 124 -10.70 -15.98 -48.04
C MET T 124 -10.40 -17.35 -47.46
N LEU T 125 -10.11 -18.31 -48.34
CA LEU T 125 -9.82 -19.68 -47.93
C LEU T 125 -8.98 -19.75 -46.66
N ALA T 126 -9.32 -20.72 -45.79
CA ALA T 126 -8.60 -20.91 -44.54
C ALA T 126 -7.25 -21.56 -44.78
N SER T 127 -6.20 -20.93 -44.28
CA SER T 127 -4.84 -21.44 -44.43
C SER T 127 -4.74 -22.88 -43.94
N PRO T 128 -3.97 -23.72 -44.65
CA PRO T 128 -3.80 -25.12 -44.27
C PRO T 128 -3.35 -25.26 -42.81
N SER T 129 -2.89 -24.15 -42.24
CA SER T 129 -2.42 -24.13 -40.86
C SER T 129 -3.59 -24.15 -39.88
N LEU T 130 -4.64 -23.38 -40.19
CA LEU T 130 -5.81 -23.30 -39.33
C LEU T 130 -6.69 -24.53 -39.51
N VAL T 131 -7.01 -24.86 -40.75
CA VAL T 131 -7.85 -26.02 -41.05
C VAL T 131 -7.31 -27.28 -40.38
N SER T 132 -6.02 -27.30 -40.10
CA SER T 132 -5.40 -28.44 -39.46
C SER T 132 -5.30 -28.23 -37.95
N GLN T 133 -6.13 -27.35 -37.43
CA GLN T 133 -6.15 -27.05 -36.00
C GLN T 133 -7.58 -26.86 -35.50
N HIS T 134 -8.51 -26.79 -36.44
CA HIS T 134 -9.92 -26.62 -36.12
C HIS T 134 -10.73 -27.79 -36.66
N LEU T 135 -10.07 -28.61 -37.48
CA LEU T 135 -10.70 -29.78 -38.07
C LEU T 135 -9.76 -30.98 -38.01
N ILE T 136 -8.90 -31.10 -39.02
CA ILE T 136 -7.95 -32.20 -39.11
C ILE T 136 -7.41 -32.68 -37.77
N ARG T 137 -6.60 -31.87 -37.11
CA ARG T 137 -6.00 -32.22 -35.84
C ARG T 137 -6.99 -32.51 -34.71
N PRO T 138 -7.90 -31.58 -34.43
CA PRO T 138 -8.88 -31.80 -33.35
C PRO T 138 -9.90 -32.90 -33.64
N LEU T 139 -10.43 -32.91 -34.87
CA LEU T 139 -11.42 -33.90 -35.27
C LEU T 139 -10.90 -35.31 -35.01
N MET T 140 -9.69 -35.58 -35.50
CA MET T 140 -9.08 -36.90 -35.31
C MET T 140 -8.99 -37.25 -33.84
N GLY T 141 -8.72 -36.25 -33.01
CA GLY T 141 -8.62 -36.48 -31.58
C GLY T 141 -9.86 -37.21 -31.09
N MET T 142 -11.02 -36.71 -31.48
CA MET T 142 -12.30 -37.31 -31.09
C MET T 142 -12.36 -38.74 -31.60
N SER T 143 -12.30 -38.90 -32.92
CA SER T 143 -12.35 -40.22 -33.53
C SER T 143 -11.34 -41.17 -32.89
N LEU T 144 -10.11 -40.71 -32.76
CA LEU T 144 -9.03 -41.50 -32.18
C LEU T 144 -9.29 -41.79 -30.70
N ALA T 145 -9.79 -40.80 -29.98
CA ALA T 145 -10.07 -40.95 -28.55
C ALA T 145 -11.38 -41.71 -28.32
N LEU T 146 -12.35 -41.46 -29.18
CA LEU T 146 -13.65 -42.09 -29.08
C LEU T 146 -13.53 -43.61 -29.10
N GLN T 147 -12.60 -44.11 -29.90
CA GLN T 147 -12.38 -45.55 -30.02
C GLN T 147 -12.21 -46.18 -28.64
N CYS T 148 -11.57 -45.46 -27.73
CA CYS T 148 -11.34 -45.95 -26.38
C CYS T 148 -12.66 -46.39 -25.74
N GLN T 149 -13.70 -45.55 -25.88
CA GLN T 149 -15.00 -45.88 -25.32
C GLN T 149 -15.41 -47.24 -25.84
N VAL T 150 -15.30 -47.43 -27.15
CA VAL T 150 -15.65 -48.70 -27.78
C VAL T 150 -14.80 -49.78 -27.12
N ARG T 151 -13.51 -49.48 -26.98
CA ARG T 151 -12.57 -50.42 -26.37
C ARG T 151 -12.95 -50.76 -24.94
N GLU T 152 -12.92 -49.76 -24.06
CA GLU T 152 -13.24 -49.95 -22.66
C GLU T 152 -14.63 -50.54 -22.43
N LEU T 153 -15.62 -50.06 -23.18
CA LEU T 153 -16.97 -50.59 -23.02
C LEU T 153 -17.02 -52.06 -23.43
N ALA T 154 -16.31 -52.38 -24.51
CA ALA T 154 -16.25 -53.74 -25.01
C ALA T 154 -15.66 -54.67 -23.97
N THR T 155 -14.64 -54.21 -23.26
CA THR T 155 -13.99 -55.02 -22.24
C THR T 155 -14.89 -55.22 -21.03
N LEU T 156 -15.50 -54.13 -20.55
CA LEU T 156 -16.39 -54.21 -19.40
C LEU T 156 -17.59 -55.07 -19.79
N LEU T 157 -17.81 -55.18 -21.10
CA LEU T 157 -18.90 -55.98 -21.64
C LEU T 157 -18.45 -57.43 -21.65
N HIS T 158 -17.18 -57.64 -22.01
CA HIS T 158 -16.60 -58.98 -22.08
C HIS T 158 -16.49 -59.57 -20.68
N MET T 159 -16.08 -58.73 -19.71
CA MET T 159 -15.93 -59.19 -18.33
C MET T 159 -17.24 -59.71 -17.78
N LYS T 160 -18.34 -59.00 -18.04
CA LYS T 160 -19.64 -59.43 -17.56
C LYS T 160 -19.96 -60.84 -18.05
N ASP T 161 -19.51 -61.15 -19.26
CA ASP T 161 -19.72 -62.48 -19.83
C ASP T 161 -18.98 -63.51 -19.00
N LEU T 162 -17.79 -63.15 -18.53
CA LEU T 162 -16.99 -64.06 -17.72
C LEU T 162 -17.75 -64.34 -16.42
N GLU T 163 -18.60 -63.39 -16.03
CA GLU T 163 -19.38 -63.52 -14.81
C GLU T 163 -20.59 -64.41 -15.06
N ILE T 164 -21.35 -64.11 -16.12
CA ILE T 164 -22.54 -64.88 -16.45
C ILE T 164 -22.19 -66.37 -16.54
N GLN T 165 -20.96 -66.67 -16.90
CA GLN T 165 -20.52 -68.06 -17.03
C GLN T 165 -20.42 -68.73 -15.67
N ASP T 166 -19.76 -68.06 -14.73
CA ASP T 166 -19.61 -68.60 -13.37
C ASP T 166 -20.92 -69.21 -12.90
N TYR T 167 -22.02 -68.52 -13.17
CA TYR T 167 -23.35 -68.97 -12.78
C TYR T 167 -23.75 -70.23 -13.54
N GLN T 168 -23.55 -70.22 -14.85
CA GLN T 168 -23.91 -71.36 -15.69
C GLN T 168 -22.91 -72.51 -15.63
N GLU T 169 -21.62 -72.17 -15.65
CA GLU T 169 -20.57 -73.19 -15.60
C GLU T 169 -20.53 -73.90 -14.25
N SER T 170 -20.64 -73.13 -13.18
CA SER T 170 -20.61 -73.68 -11.84
C SER T 170 -22.01 -73.92 -11.28
N GLY T 171 -22.66 -72.83 -10.88
CA GLY T 171 -24.00 -72.94 -10.34
C GLY T 171 -24.90 -73.74 -11.26
N ALA T 172 -24.62 -73.68 -12.57
CA ALA T 172 -25.40 -74.40 -13.56
C ALA T 172 -26.90 -74.18 -13.38
N THR T 173 -27.24 -73.11 -12.67
CA THR T 173 -28.63 -72.77 -12.41
C THR T 173 -29.15 -71.76 -13.42
N LEU T 174 -30.27 -72.10 -14.05
CA LEU T 174 -30.88 -71.21 -15.04
C LEU T 174 -31.54 -70.04 -14.31
N ILE T 175 -32.56 -69.46 -14.94
CA ILE T 175 -33.28 -68.35 -14.36
C ILE T 175 -34.65 -68.12 -15.01
N ARG T 176 -34.66 -67.94 -16.33
CA ARG T 176 -35.91 -67.73 -17.06
C ARG T 176 -35.76 -68.00 -18.55
N ASP T 177 -34.53 -68.27 -19.00
CA ASP T 177 -34.26 -68.53 -20.41
C ASP T 177 -34.92 -67.53 -21.33
N ARG T 178 -34.80 -66.25 -21.00
CA ARG T 178 -35.38 -65.19 -21.81
C ARG T 178 -34.35 -64.11 -22.11
N LEU T 179 -33.17 -64.23 -21.52
CA LEU T 179 -32.11 -63.26 -21.73
C LEU T 179 -30.77 -63.93 -22.03
N LYS T 180 -30.80 -64.97 -22.86
CA LYS T 180 -29.57 -65.67 -23.22
C LYS T 180 -28.75 -64.81 -24.17
N THR T 181 -28.44 -63.59 -23.72
CA THR T 181 -27.67 -62.66 -24.52
C THR T 181 -26.40 -63.32 -25.04
N GLU T 182 -26.33 -63.48 -26.35
CA GLU T 182 -25.17 -64.11 -26.99
C GLU T 182 -23.90 -63.44 -26.47
N PRO T 183 -22.90 -64.24 -26.06
CA PRO T 183 -21.64 -63.68 -25.55
C PRO T 183 -21.03 -62.66 -26.50
N PHE T 184 -20.65 -61.51 -25.94
CA PHE T 184 -20.06 -60.43 -26.73
C PHE T 184 -18.77 -60.85 -27.42
N GLU T 185 -18.54 -60.29 -28.60
CA GLU T 185 -17.34 -60.59 -29.38
C GLU T 185 -16.89 -59.38 -30.19
N GLU T 186 -15.92 -58.65 -29.66
CA GLU T 186 -15.37 -57.47 -30.30
C GLU T 186 -15.20 -57.67 -31.81
N ASN T 187 -14.51 -58.75 -32.16
CA ASN T 187 -14.25 -59.09 -33.56
C ASN T 187 -15.51 -59.31 -34.39
N SER T 188 -16.48 -60.01 -33.83
CA SER T 188 -17.72 -60.31 -34.54
C SER T 188 -18.71 -59.14 -34.59
N PHE T 189 -18.75 -58.34 -33.54
CA PHE T 189 -19.67 -57.20 -33.49
C PHE T 189 -19.51 -56.25 -34.67
N LEU T 190 -18.26 -56.01 -35.09
CA LEU T 190 -17.98 -55.13 -36.21
C LEU T 190 -18.89 -55.41 -37.39
N GLU T 191 -18.89 -56.65 -37.86
CA GLU T 191 -19.71 -57.07 -38.99
C GLU T 191 -21.07 -56.38 -39.02
N GLN T 192 -21.82 -56.53 -37.94
CA GLN T 192 -23.14 -55.92 -37.83
C GLN T 192 -23.12 -54.44 -38.16
N PHE T 193 -22.28 -53.69 -37.44
CA PHE T 193 -22.19 -52.26 -37.65
C PHE T 193 -21.78 -51.88 -39.07
N MET T 194 -20.76 -52.55 -39.59
CA MET T 194 -20.27 -52.26 -40.94
C MET T 194 -21.16 -52.85 -42.03
N ILE T 195 -22.41 -53.12 -41.70
CA ILE T 195 -23.36 -53.69 -42.66
C ILE T 195 -24.81 -53.32 -42.36
N GLU T 196 -25.17 -53.35 -41.08
CA GLU T 196 -26.55 -53.02 -40.70
C GLU T 196 -26.64 -51.70 -39.93
N LYS T 197 -25.49 -51.17 -39.51
CA LYS T 197 -25.49 -49.93 -38.75
C LYS T 197 -24.30 -49.04 -39.10
N LEU T 198 -24.28 -48.54 -40.34
CA LEU T 198 -23.22 -47.66 -40.80
C LEU T 198 -23.73 -46.78 -41.94
N PRO T 199 -24.40 -47.38 -42.94
CA PRO T 199 -24.92 -46.63 -44.08
C PRO T 199 -25.78 -45.43 -43.66
N GLU T 200 -26.33 -45.50 -42.45
CA GLU T 200 -27.17 -44.42 -41.94
C GLU T 200 -26.60 -43.84 -40.65
N ALA T 201 -25.40 -44.28 -40.28
CA ALA T 201 -24.74 -43.80 -39.07
C ALA T 201 -23.58 -42.86 -39.41
N CYS T 202 -22.73 -43.29 -40.34
CA CYS T 202 -21.59 -42.48 -40.74
C CYS T 202 -22.01 -41.45 -41.78
N SER T 203 -23.29 -41.10 -41.77
CA SER T 203 -23.84 -40.14 -42.71
C SER T 203 -23.34 -38.73 -42.42
N ILE T 204 -22.29 -38.32 -43.15
CA ILE T 204 -21.73 -36.99 -42.99
C ILE T 204 -22.82 -35.93 -43.13
N GLY T 205 -23.50 -35.96 -44.28
CA GLY T 205 -24.55 -35.00 -44.52
C GLY T 205 -24.00 -33.58 -44.48
N ASP T 206 -24.87 -32.61 -44.70
CA ASP T 206 -24.44 -31.21 -44.67
C ASP T 206 -24.14 -30.76 -43.25
N GLY T 207 -23.19 -31.46 -42.62
CA GLY T 207 -22.79 -31.14 -41.26
C GLY T 207 -23.91 -31.10 -40.24
N LYS T 208 -25.13 -31.31 -40.70
CA LYS T 208 -26.31 -31.28 -39.84
C LYS T 208 -26.06 -32.05 -38.53
N PRO T 209 -25.46 -33.25 -38.62
CA PRO T 209 -25.19 -34.07 -37.43
C PRO T 209 -23.99 -33.66 -36.59
N PHE T 210 -22.80 -33.64 -37.20
CA PHE T 210 -21.56 -33.29 -36.53
C PHE T 210 -21.66 -32.17 -35.49
N VAL T 211 -22.61 -31.25 -35.68
CA VAL T 211 -22.77 -30.12 -34.75
C VAL T 211 -23.82 -30.36 -33.67
N MET T 212 -24.53 -31.47 -33.76
CA MET T 212 -25.56 -31.81 -32.78
C MET T 212 -25.07 -32.88 -31.83
N ASN T 213 -24.91 -34.09 -32.34
CA ASN T 213 -24.45 -35.22 -31.55
C ASN T 213 -22.93 -35.38 -31.56
N LEU T 214 -22.22 -34.27 -31.50
CA LEU T 214 -20.75 -34.31 -31.50
C LEU T 214 -20.07 -33.03 -31.01
N GLN T 215 -20.82 -31.94 -30.87
CA GLN T 215 -20.22 -30.69 -30.42
C GLN T 215 -19.69 -30.79 -29.00
N ASP T 216 -20.26 -31.69 -28.21
CA ASP T 216 -19.82 -31.87 -26.84
C ASP T 216 -18.39 -32.40 -26.82
N LEU T 217 -18.16 -33.50 -27.53
CA LEU T 217 -16.83 -34.10 -27.61
C LEU T 217 -15.83 -33.08 -28.12
N TYR T 218 -16.08 -32.59 -29.34
CA TYR T 218 -15.20 -31.60 -29.97
C TYR T 218 -14.80 -30.52 -28.96
N MET T 219 -15.80 -29.95 -28.31
CA MET T 219 -15.58 -28.89 -27.31
C MET T 219 -14.59 -29.33 -26.23
N ALA T 220 -14.76 -30.56 -25.74
CA ALA T 220 -13.89 -31.08 -24.69
C ALA T 220 -12.50 -31.43 -25.19
N VAL T 221 -12.43 -32.06 -26.37
CA VAL T 221 -11.15 -32.46 -26.94
C VAL T 221 -10.29 -31.26 -27.33
N THR T 222 -10.89 -30.31 -28.04
CA THR T 222 -10.18 -29.11 -28.48
C THR T 222 -9.54 -28.33 -27.33
N THR T 223 -10.13 -28.42 -26.15
CA THR T 223 -9.62 -27.71 -24.98
C THR T 223 -8.31 -28.37 -24.51
N GLN T 224 -8.34 -29.69 -24.43
CA GLN T 224 -7.18 -30.47 -24.00
C GLN T 224 -5.98 -30.25 -24.93
N HIS T 225 -6.27 -30.13 -26.22
CA HIS T 225 -5.22 -29.94 -27.23
C HIS T 225 -4.42 -28.65 -27.10
N HIS T 226 -4.61 -27.75 -28.06
CA HIS T 226 -3.88 -26.49 -28.11
C HIS T 226 -4.34 -25.46 -27.08
N HIS T 227 -4.62 -25.92 -25.86
CA HIS T 227 -5.06 -25.05 -24.78
C HIS T 227 -5.24 -25.83 -23.48
N MET U 1 -4.65 27.93 121.10
CA MET U 1 -5.10 26.51 121.19
C MET U 1 -6.55 26.43 121.67
N GLU U 2 -7.02 25.22 121.93
CA GLU U 2 -8.38 24.99 122.40
C GLU U 2 -9.45 25.46 121.42
N GLU U 3 -10.28 26.40 121.85
CA GLU U 3 -11.36 26.94 121.04
C GLU U 3 -10.93 27.23 119.60
N LEU U 4 -9.73 27.79 119.45
CA LEU U 4 -9.19 28.11 118.13
C LEU U 4 -9.33 26.96 117.15
N GLU U 5 -8.84 25.79 117.53
CA GLU U 5 -8.89 24.60 116.69
C GLU U 5 -10.18 23.80 116.90
N GLN U 6 -10.53 23.57 118.16
CA GLN U 6 -11.72 22.82 118.52
C GLN U 6 -12.95 23.20 117.68
N GLY U 7 -13.03 24.47 117.31
CA GLY U 7 -14.16 24.92 116.52
C GLY U 7 -13.93 24.85 115.03
N LEU U 8 -12.67 24.96 114.61
CA LEU U 8 -12.32 24.91 113.20
C LEU U 8 -12.81 23.63 112.55
N LEU U 9 -12.57 22.50 113.21
CA LEU U 9 -13.00 21.20 112.70
C LEU U 9 -14.51 21.21 112.47
N MET U 10 -15.23 21.84 113.38
CA MET U 10 -16.68 21.93 113.28
C MET U 10 -17.09 22.73 112.05
N GLN U 11 -16.28 23.74 111.71
CA GLN U 11 -16.53 24.57 110.55
C GLN U 11 -16.33 23.78 109.27
N PRO U 12 -17.21 23.96 108.27
CA PRO U 12 -17.09 23.24 107.01
C PRO U 12 -15.99 23.86 106.14
N TRP U 13 -16.03 23.62 104.84
CA TRP U 13 -15.03 24.18 103.94
C TRP U 13 -15.64 25.25 103.03
N ALA U 14 -14.79 26.17 102.57
CA ALA U 14 -15.24 27.25 101.70
C ALA U 14 -14.28 27.45 100.53
N TRP U 15 -14.74 27.13 99.33
CA TRP U 15 -13.93 27.29 98.13
C TRP U 15 -14.04 28.72 97.60
N LEU U 16 -12.92 29.45 97.63
CA LEU U 16 -12.88 30.83 97.17
C LEU U 16 -11.79 31.02 96.10
N GLN U 17 -11.92 32.10 95.33
CA GLN U 17 -10.96 32.41 94.28
C GLN U 17 -10.42 33.83 94.44
N LEU U 18 -9.10 33.96 94.31
CA LEU U 18 -8.44 35.26 94.45
C LEU U 18 -7.30 35.41 93.44
N ALA U 19 -7.60 36.07 92.33
CA ALA U 19 -6.60 36.29 91.28
C ALA U 19 -6.10 34.96 90.71
N GLU U 20 -6.88 34.40 89.80
CA GLU U 20 -6.54 33.14 89.15
C GLU U 20 -6.40 31.97 90.12
N ASN U 21 -6.55 32.25 91.42
CA ASN U 21 -6.44 31.22 92.44
C ASN U 21 -7.79 30.62 92.78
N SER U 22 -7.77 29.41 93.35
CA SER U 22 -9.00 28.72 93.74
C SER U 22 -8.65 27.60 94.71
N LEU U 23 -8.75 27.89 96.00
CA LEU U 23 -8.44 26.92 97.04
C LEU U 23 -9.46 26.93 98.17
N LEU U 24 -10.06 25.77 98.45
CA LEU U 24 -11.05 25.65 99.51
C LEU U 24 -10.40 25.93 100.86
N ALA U 25 -11.05 26.77 101.67
CA ALA U 25 -10.51 27.13 102.98
C ALA U 25 -11.58 27.23 104.05
N LYS U 26 -11.23 26.80 105.26
CA LYS U 26 -12.15 26.87 106.39
C LYS U 26 -11.55 27.85 107.40
N VAL U 27 -12.36 28.78 107.87
CA VAL U 27 -11.90 29.77 108.84
C VAL U 27 -12.82 29.82 110.05
N PHE U 28 -12.23 30.04 111.22
CA PHE U 28 -12.99 30.11 112.45
C PHE U 28 -12.42 31.15 113.42
N ILE U 29 -13.03 32.33 113.43
CA ILE U 29 -12.58 33.40 114.32
C ILE U 29 -13.12 33.17 115.72
N THR U 30 -12.30 33.49 116.72
CA THR U 30 -12.70 33.31 118.12
C THR U 30 -12.51 34.63 118.86
N LYS U 31 -12.96 34.68 120.12
CA LYS U 31 -12.85 35.88 120.93
C LYS U 31 -11.39 36.23 121.18
N GLN U 32 -10.51 35.23 121.11
CA GLN U 32 -9.09 35.46 121.34
C GLN U 32 -8.23 34.80 120.26
N GLY U 33 -8.35 35.28 119.03
CA GLY U 33 -7.57 34.73 117.94
C GLY U 33 -8.41 34.19 116.81
N TYR U 34 -7.88 33.20 116.09
CA TYR U 34 -8.56 32.59 114.96
C TYR U 34 -7.85 31.31 114.56
N ALA U 35 -8.19 30.79 113.38
CA ALA U 35 -7.58 29.57 112.86
C ALA U 35 -7.95 29.37 111.40
N LEU U 36 -6.94 29.25 110.54
CA LEU U 36 -7.16 29.06 109.12
C LEU U 36 -6.61 27.73 108.63
N LEU U 37 -6.88 27.41 107.36
CA LEU U 37 -6.42 26.18 106.74
C LEU U 37 -6.92 26.16 105.30
N VAL U 38 -6.01 26.06 104.35
CA VAL U 38 -6.38 26.04 102.94
C VAL U 38 -5.59 25.00 102.15
N SER U 39 -6.08 24.68 100.96
CA SER U 39 -5.42 23.70 100.10
C SER U 39 -6.03 23.72 98.69
N ASP U 40 -5.31 23.17 97.73
CA ASP U 40 -5.78 23.12 96.34
C ASP U 40 -5.59 21.73 95.74
N LEU U 41 -6.16 20.73 96.41
CA LEU U 41 -6.07 19.34 95.95
C LEU U 41 -4.64 18.83 95.99
N GLN U 42 -3.70 19.73 96.28
CA GLN U 42 -2.29 19.38 96.34
C GLN U 42 -1.76 19.56 97.76
N GLN U 43 -1.12 20.70 98.01
CA GLN U 43 -0.57 21.00 99.32
C GLN U 43 -1.62 21.62 100.23
N VAL U 44 -1.48 21.37 101.54
CA VAL U 44 -2.42 21.89 102.52
C VAL U 44 -1.68 22.77 103.54
N TRP U 45 -2.17 24.00 103.71
CA TRP U 45 -1.58 24.95 104.63
C TRP U 45 -2.52 25.29 105.79
N HIS U 46 -1.95 25.62 106.94
CA HIS U 46 -2.73 25.96 108.14
C HIS U 46 -1.95 26.88 109.08
N GLU U 47 -2.67 27.76 109.76
CA GLU U 47 -2.05 28.71 110.69
C GLU U 47 -3.06 29.22 111.71
N GLN U 48 -2.57 29.62 112.88
CA GLN U 48 -3.44 30.13 113.93
C GLN U 48 -2.74 31.19 114.77
N VAL U 49 -3.53 32.10 115.34
CA VAL U 49 -3.02 33.17 116.19
C VAL U 49 -3.97 33.36 117.36
N ASP U 50 -3.42 33.79 118.50
CA ASP U 50 -4.23 34.02 119.70
C ASP U 50 -4.36 35.51 119.99
N THR U 51 -4.07 35.88 121.23
CA THR U 51 -4.15 37.27 121.66
C THR U 51 -2.76 37.88 121.66
N SER U 52 -1.76 37.02 121.86
CA SER U 52 -0.37 37.45 121.89
C SER U 52 0.09 38.07 120.58
N VAL U 53 0.62 37.24 119.70
CA VAL U 53 1.13 37.68 118.41
C VAL U 53 0.11 38.48 117.59
N VAL U 54 -1.17 38.33 117.91
CA VAL U 54 -2.22 39.03 117.19
C VAL U 54 -2.02 40.55 117.22
N SER U 55 -1.34 41.03 118.25
CA SER U 55 -1.08 42.46 118.40
C SER U 55 0.07 42.92 117.51
N GLN U 56 1.11 42.08 117.42
CA GLN U 56 2.28 42.40 116.60
C GLN U 56 1.90 42.85 115.19
N ARG U 57 1.02 42.09 114.55
CA ARG U 57 0.57 42.42 113.20
C ARG U 57 -0.31 43.66 113.18
N ALA U 58 -0.83 44.04 114.34
CA ALA U 58 -1.68 45.21 114.45
C ALA U 58 -0.83 46.47 114.36
N LYS U 59 0.44 46.26 113.98
CA LYS U 59 1.39 47.36 113.85
C LYS U 59 2.18 47.23 112.55
N GLU U 60 3.10 46.27 112.52
CA GLU U 60 3.93 46.02 111.36
C GLU U 60 3.16 46.11 110.06
N LEU U 61 2.04 45.38 109.99
CA LEU U 61 1.21 45.35 108.80
C LEU U 61 0.49 46.68 108.58
N ASN U 62 -0.26 47.12 109.60
CA ASN U 62 -1.00 48.36 109.53
C ASN U 62 -0.05 49.56 109.67
N LYS U 63 0.27 50.19 108.55
CA LYS U 63 1.17 51.34 108.56
C LYS U 63 0.64 52.44 109.48
N ARG U 64 -0.69 52.60 109.47
CA ARG U 64 -1.33 53.62 110.31
C ARG U 64 -2.63 53.10 110.90
N LEU U 65 -2.56 52.55 112.11
CA LEU U 65 -3.73 52.02 112.80
C LEU U 65 -3.37 51.84 114.27
N THR U 66 -4.30 52.17 115.16
CA THR U 66 -4.06 52.04 116.59
C THR U 66 -5.24 51.35 117.29
N ALA U 67 -6.00 50.57 116.53
CA ALA U 67 -7.15 49.86 117.08
C ALA U 67 -6.73 48.78 118.08
N PRO U 68 -7.58 48.51 119.07
CA PRO U 68 -7.31 47.50 120.10
C PRO U 68 -6.98 46.12 119.52
N PRO U 69 -6.53 45.18 120.36
CA PRO U 69 -6.18 43.83 119.92
C PRO U 69 -7.39 43.00 119.49
N ALA U 70 -8.28 42.71 120.44
CA ALA U 70 -9.46 41.91 120.17
C ALA U 70 -10.31 42.52 119.04
N ALA U 71 -10.13 43.81 118.81
CA ALA U 71 -10.87 44.52 117.76
C ALA U 71 -10.72 43.80 116.42
N PHE U 72 -9.48 43.61 116.00
CA PHE U 72 -9.18 42.95 114.73
C PHE U 72 -9.98 41.67 114.53
N LEU U 73 -10.08 40.87 115.59
CA LEU U 73 -10.81 39.61 115.53
C LEU U 73 -12.25 39.79 115.04
N CYS U 74 -13.07 40.47 115.84
CA CYS U 74 -14.46 40.70 115.48
C CYS U 74 -14.59 41.71 114.34
N HIS U 75 -13.46 42.17 113.81
CA HIS U 75 -13.47 43.13 112.72
C HIS U 75 -13.14 42.44 111.41
N LEU U 76 -12.25 41.45 111.48
CA LEU U 76 -11.84 40.71 110.29
C LEU U 76 -12.89 39.64 110.00
N ASP U 77 -13.60 39.23 111.05
CA ASP U 77 -14.64 38.22 110.92
C ASP U 77 -15.66 38.64 109.88
N ASN U 78 -16.14 39.87 109.97
CA ASN U 78 -17.11 40.40 109.04
C ASN U 78 -16.44 40.71 107.70
N LEU U 79 -15.20 40.28 107.56
CA LEU U 79 -14.44 40.52 106.34
C LEU U 79 -14.22 39.25 105.52
N LEU U 80 -14.22 38.10 106.18
CA LEU U 80 -14.03 36.82 105.51
C LEU U 80 -15.36 36.15 105.14
N ARG U 81 -16.37 36.37 105.97
CA ARG U 81 -17.69 35.78 105.75
C ARG U 81 -18.23 35.97 104.33
N PRO U 82 -18.00 37.15 103.73
CA PRO U 82 -18.49 37.40 102.36
C PRO U 82 -18.22 36.25 101.40
N LEU U 83 -17.02 35.67 101.49
CA LEU U 83 -16.64 34.58 100.62
C LEU U 83 -17.26 33.26 101.05
N LEU U 84 -17.45 33.09 102.36
CA LEU U 84 -18.05 31.87 102.89
C LEU U 84 -19.44 31.68 102.30
N LYS U 85 -19.51 30.83 101.28
CA LYS U 85 -20.77 30.52 100.59
C LYS U 85 -21.27 31.70 99.76
N ASP U 86 -20.79 31.79 98.53
CA ASP U 86 -21.19 32.87 97.62
C ASP U 86 -22.06 32.30 96.51
N ALA U 87 -22.75 33.19 95.80
CA ALA U 87 -23.63 32.79 94.71
C ALA U 87 -22.84 32.63 93.41
N SER U 91 -16.65 41.81 98.89
CA SER U 91 -16.28 42.54 97.68
C SER U 91 -15.37 43.72 98.01
N GLU U 92 -14.75 43.67 99.19
CA GLU U 92 -13.85 44.74 99.62
C GLU U 92 -12.71 44.92 98.63
N ALA U 93 -12.04 43.82 98.30
CA ALA U 93 -10.92 43.84 97.36
C ALA U 93 -10.49 42.42 97.03
N THR U 94 -9.37 42.00 97.60
CA THR U 94 -8.82 40.67 97.39
C THR U 94 -7.77 40.41 98.46
N PHE U 95 -7.57 39.15 98.83
CA PHE U 95 -6.58 38.81 99.84
C PHE U 95 -5.24 38.55 99.17
N SER U 96 -4.47 37.61 99.71
CA SER U 96 -3.16 37.27 99.15
C SER U 96 -2.81 35.82 99.40
N CYS U 97 -2.00 35.27 98.50
CA CYS U 97 -1.57 33.88 98.60
C CYS U 97 -0.05 33.82 98.80
N ASP U 98 0.52 32.64 98.54
CA ASP U 98 1.96 32.45 98.68
C ASP U 98 2.39 31.26 97.83
N CYS U 99 3.63 31.28 97.36
CA CYS U 99 4.16 30.21 96.52
C CYS U 99 5.21 29.36 97.21
N VAL U 100 5.85 29.90 98.25
CA VAL U 100 6.88 29.15 98.97
C VAL U 100 6.33 27.84 99.52
N ALA U 101 7.17 26.81 99.53
CA ALA U 101 6.77 25.50 100.03
C ALA U 101 6.62 25.49 101.54
N ASP U 102 6.76 26.66 102.15
CA ASP U 102 6.64 26.78 103.60
C ASP U 102 5.27 27.29 104.03
N ALA U 103 5.17 28.60 104.25
CA ALA U 103 3.92 29.21 104.68
C ALA U 103 3.15 29.87 103.55
N LEU U 104 1.83 29.95 103.71
CA LEU U 104 0.95 30.55 102.71
C LEU U 104 0.49 31.94 103.14
N ILE U 105 1.35 32.93 102.94
CA ILE U 105 1.06 34.32 103.31
C ILE U 105 -0.26 34.79 102.70
N LEU U 106 -1.13 35.32 103.56
CA LEU U 106 -2.42 35.83 103.14
C LEU U 106 -2.54 37.27 103.60
N ARG U 107 -2.10 38.19 102.74
CA ARG U 107 -2.14 39.60 103.07
C ARG U 107 -3.55 40.16 102.88
N VAL U 108 -4.38 39.99 103.90
CA VAL U 108 -5.76 40.46 103.87
C VAL U 108 -5.79 41.92 103.40
N ARG U 109 -6.66 42.22 102.45
CA ARG U 109 -6.78 43.57 101.93
C ARG U 109 -8.23 43.98 101.69
N SER U 110 -8.75 44.80 102.60
CA SER U 110 -10.13 45.27 102.49
C SER U 110 -10.15 46.78 102.69
N GLU U 111 -11.13 47.26 103.45
CA GLU U 111 -11.26 48.68 103.73
C GLU U 111 -11.97 48.93 105.05
N LEU U 112 -12.79 49.97 105.09
CA LEU U 112 -13.54 50.34 106.29
C LEU U 112 -14.28 51.65 106.03
N SER U 113 -13.62 52.56 105.33
CA SER U 113 -14.19 53.86 104.99
C SER U 113 -13.20 54.59 104.09
N GLY U 114 -12.60 53.85 103.17
CA GLY U 114 -11.63 54.43 102.27
C GLY U 114 -10.22 53.97 102.59
N LEU U 115 -9.98 53.70 103.88
CA LEU U 115 -8.67 53.25 104.33
C LEU U 115 -8.66 51.74 104.49
N PRO U 116 -8.00 51.03 103.56
CA PRO U 116 -7.90 49.56 103.58
C PRO U 116 -7.43 48.98 104.90
N PHE U 117 -7.79 47.71 105.12
CA PHE U 117 -7.42 47.00 106.35
C PHE U 117 -6.19 46.13 106.06
N TYR U 118 -5.32 45.99 107.05
CA TYR U 118 -4.10 45.21 106.89
C TYR U 118 -3.96 44.07 107.91
N TRP U 119 -3.73 42.87 107.41
CA TRP U 119 -3.56 41.68 108.24
C TRP U 119 -3.00 40.54 107.39
N ASN U 120 -2.06 39.77 107.95
CA ASN U 120 -1.46 38.67 107.22
C ASN U 120 -1.67 37.29 107.84
N PHE U 121 -1.75 36.28 106.98
CA PHE U 121 -1.93 34.89 107.41
C PHE U 121 -0.74 34.08 106.90
N HIS U 122 -0.05 33.40 107.80
CA HIS U 122 1.12 32.60 107.45
C HIS U 122 0.85 31.10 107.62
N CYS U 123 0.05 30.54 106.72
CA CYS U 123 -0.27 29.11 106.79
C CYS U 123 0.93 28.25 106.44
N MET U 124 1.65 27.81 107.46
CA MET U 124 2.83 26.97 107.26
C MET U 124 2.45 25.52 107.04
N LEU U 125 2.03 25.22 105.81
CA LEU U 125 1.63 23.86 105.39
C LEU U 125 1.14 23.00 106.55
N ALA U 126 -0.18 22.96 106.73
CA ALA U 126 -0.80 22.17 107.79
C ALA U 126 -0.06 20.87 108.08
N SER U 127 0.22 20.63 109.35
CA SER U 127 0.92 19.42 109.79
C SER U 127 0.28 18.16 109.23
N PRO U 128 1.10 17.25 108.68
CA PRO U 128 0.60 15.98 108.12
C PRO U 128 -0.27 15.23 109.13
N SER U 129 -0.16 15.64 110.40
CA SER U 129 -0.94 15.03 111.47
C SER U 129 -2.33 15.64 111.51
N LEU U 130 -2.39 16.95 111.29
CA LEU U 130 -3.66 17.68 111.30
C LEU U 130 -4.34 17.50 109.95
N VAL U 131 -3.54 17.36 108.90
CA VAL U 131 -4.04 17.17 107.54
C VAL U 131 -5.11 16.08 107.49
N SER U 132 -4.93 15.06 108.32
CA SER U 132 -5.89 13.96 108.36
C SER U 132 -7.12 14.33 109.17
N GLN U 133 -6.92 15.09 110.24
CA GLN U 133 -8.00 15.54 111.12
C GLN U 133 -9.10 16.29 110.38
N HIS U 134 -8.72 17.01 109.33
CA HIS U 134 -9.68 17.79 108.56
C HIS U 134 -9.91 17.28 107.14
N LEU U 135 -9.07 16.35 106.69
CA LEU U 135 -9.20 15.79 105.35
C LEU U 135 -9.32 14.28 105.33
N ILE U 136 -8.19 13.59 105.23
CA ILE U 136 -8.16 12.13 105.20
C ILE U 136 -9.16 11.45 106.11
N ARG U 137 -8.91 11.53 107.41
CA ARG U 137 -9.77 10.91 108.42
C ARG U 137 -11.26 11.17 108.24
N PRO U 138 -11.69 12.44 108.24
CA PRO U 138 -13.11 12.78 108.07
C PRO U 138 -13.66 12.49 106.68
N LEU U 139 -12.90 12.83 105.65
CA LEU U 139 -13.33 12.60 104.27
C LEU U 139 -13.64 11.12 104.10
N MET U 140 -13.00 10.29 104.92
CA MET U 140 -13.21 8.85 104.91
C MET U 140 -14.61 8.53 105.40
N GLY U 141 -15.02 9.19 106.48
CA GLY U 141 -16.33 8.96 107.04
C GLY U 141 -17.40 9.07 105.97
N MET U 142 -17.31 10.10 105.15
CA MET U 142 -18.26 10.33 104.07
C MET U 142 -18.25 9.11 103.14
N SER U 143 -17.08 8.83 102.59
CA SER U 143 -16.90 7.70 101.67
C SER U 143 -17.37 6.38 102.28
N LEU U 144 -17.06 6.17 103.55
CA LEU U 144 -17.45 4.95 104.23
C LEU U 144 -18.93 4.95 104.59
N ALA U 145 -19.38 6.04 105.23
CA ALA U 145 -20.77 6.17 105.64
C ALA U 145 -21.73 6.22 104.44
N LEU U 146 -21.32 6.92 103.38
CA LEU U 146 -22.16 7.03 102.20
C LEU U 146 -22.55 5.67 101.64
N GLN U 147 -21.58 4.77 101.53
CA GLN U 147 -21.84 3.43 101.01
C GLN U 147 -22.93 2.75 101.82
N CYS U 148 -22.84 2.86 103.14
CA CYS U 148 -23.83 2.25 104.03
C CYS U 148 -25.23 2.71 103.64
N GLN U 149 -25.33 3.93 103.15
CA GLN U 149 -26.60 4.50 102.73
C GLN U 149 -27.05 3.76 101.47
N VAL U 150 -26.10 3.51 100.57
CA VAL U 150 -26.37 2.81 99.32
C VAL U 150 -26.86 1.40 99.63
N ARG U 151 -26.21 0.77 100.60
CA ARG U 151 -26.56 -0.59 101.01
C ARG U 151 -28.02 -0.70 101.42
N GLU U 152 -28.45 0.21 102.30
CA GLU U 152 -29.83 0.20 102.79
C GLU U 152 -30.83 0.66 101.73
N LEU U 153 -30.40 1.58 100.87
CA LEU U 153 -31.29 2.08 99.83
C LEU U 153 -31.53 0.97 98.81
N ALA U 154 -30.45 0.30 98.41
CA ALA U 154 -30.54 -0.78 97.44
C ALA U 154 -31.25 -2.01 98.03
N THR U 155 -31.03 -2.27 99.31
CA THR U 155 -31.64 -3.43 99.95
C THR U 155 -33.17 -3.25 99.97
N LEU U 156 -33.62 -2.01 100.12
CA LEU U 156 -35.05 -1.72 100.13
C LEU U 156 -35.55 -1.75 98.69
N LEU U 157 -34.60 -1.82 97.75
CA LEU U 157 -34.92 -1.88 96.33
C LEU U 157 -35.17 -3.32 95.92
N HIS U 158 -34.41 -4.24 96.50
CA HIS U 158 -34.54 -5.66 96.21
C HIS U 158 -35.77 -6.21 96.92
N MET U 159 -35.95 -5.80 98.17
CA MET U 159 -37.09 -6.23 98.96
C MET U 159 -38.35 -5.67 98.30
N LYS U 160 -38.14 -4.69 97.45
CA LYS U 160 -39.22 -4.04 96.72
C LYS U 160 -39.51 -4.89 95.48
N ASP U 161 -38.46 -5.54 94.98
CA ASP U 161 -38.57 -6.40 93.81
C ASP U 161 -39.42 -7.63 94.10
N LEU U 162 -39.13 -8.29 95.21
CA LEU U 162 -39.86 -9.47 95.64
C LEU U 162 -41.35 -9.19 95.61
N GLU U 163 -41.71 -7.97 96.02
CA GLU U 163 -43.10 -7.54 96.08
C GLU U 163 -43.76 -7.47 94.71
N ILE U 164 -43.10 -6.80 93.77
CA ILE U 164 -43.66 -6.65 92.43
C ILE U 164 -43.93 -7.99 91.76
N GLN U 165 -43.18 -9.02 92.14
CA GLN U 165 -43.35 -10.35 91.56
C GLN U 165 -44.52 -11.08 92.21
N ASP U 166 -44.55 -11.07 93.54
CA ASP U 166 -45.61 -11.75 94.28
C ASP U 166 -46.99 -11.26 93.84
N TYR U 167 -47.00 -10.18 93.06
CA TYR U 167 -48.25 -9.61 92.55
C TYR U 167 -48.66 -10.23 91.23
N GLN U 168 -47.68 -10.76 90.50
CA GLN U 168 -47.95 -11.37 89.20
C GLN U 168 -47.63 -12.87 89.17
N GLU U 169 -46.49 -13.24 89.73
CA GLU U 169 -46.10 -14.66 89.75
C GLU U 169 -47.13 -15.47 90.52
N SER U 170 -47.75 -14.84 91.51
CA SER U 170 -48.75 -15.50 92.33
C SER U 170 -50.07 -14.75 92.27
N GLY U 171 -49.99 -13.42 92.27
CA GLY U 171 -51.20 -12.61 92.20
C GLY U 171 -51.89 -12.73 90.86
N ALA U 172 -51.11 -12.96 89.81
CA ALA U 172 -51.64 -13.10 88.47
C ALA U 172 -52.43 -11.87 88.04
N THR U 173 -51.72 -10.84 87.62
CA THR U 173 -52.34 -9.59 87.17
C THR U 173 -51.38 -8.82 86.28
N LEU U 174 -51.87 -7.75 85.65
CA LEU U 174 -51.05 -6.94 84.76
C LEU U 174 -50.97 -5.48 85.19
N ILE U 175 -49.76 -4.93 85.16
CA ILE U 175 -49.52 -3.54 85.53
C ILE U 175 -50.15 -2.62 84.50
N ARG U 176 -49.38 -1.65 84.01
CA ARG U 176 -49.86 -0.71 83.01
C ARG U 176 -49.02 -0.84 81.76
N ASP U 177 -48.32 -1.97 81.65
CA ASP U 177 -47.44 -2.26 80.52
C ASP U 177 -46.18 -1.41 80.52
N ARG U 178 -46.34 -0.12 80.27
CA ARG U 178 -45.19 0.79 80.24
C ARG U 178 -44.69 1.15 81.65
N LEU U 179 -45.29 0.54 82.66
CA LEU U 179 -44.89 0.80 84.04
C LEU U 179 -44.27 -0.45 84.65
N LYS U 180 -43.30 -1.02 83.93
CA LYS U 180 -42.61 -2.22 84.39
C LYS U 180 -41.22 -1.87 84.91
N THR U 181 -41.00 -2.08 86.21
CA THR U 181 -39.71 -1.80 86.81
C THR U 181 -38.82 -3.03 86.78
N GLU U 182 -37.85 -3.03 85.87
CA GLU U 182 -36.92 -4.16 85.73
C GLU U 182 -36.27 -4.44 87.08
N PRO U 183 -36.08 -5.74 87.41
CA PRO U 183 -35.46 -6.10 88.68
C PRO U 183 -34.07 -5.49 88.85
N PHE U 184 -33.83 -4.91 90.02
CA PHE U 184 -32.55 -4.26 90.32
C PHE U 184 -31.47 -5.26 90.70
N GLU U 185 -30.22 -4.84 90.53
CA GLU U 185 -29.05 -5.65 90.84
C GLU U 185 -27.93 -4.72 91.32
N GLU U 186 -27.63 -4.77 92.61
CA GLU U 186 -26.60 -3.91 93.18
C GLU U 186 -25.21 -4.16 92.59
N ASN U 187 -25.16 -4.87 91.47
CA ASN U 187 -23.89 -5.16 90.82
C ASN U 187 -23.91 -4.68 89.37
N SER U 188 -24.81 -5.24 88.57
CA SER U 188 -24.93 -4.85 87.17
C SER U 188 -25.09 -3.34 87.07
N PHE U 189 -25.75 -2.76 88.06
CA PHE U 189 -25.98 -1.32 88.11
C PHE U 189 -24.67 -0.54 88.03
N LEU U 190 -23.63 -1.08 88.65
CA LEU U 190 -22.32 -0.42 88.66
C LEU U 190 -21.69 -0.29 87.28
N GLU U 191 -21.69 -1.38 86.51
CA GLU U 191 -21.10 -1.36 85.17
C GLU U 191 -21.63 -0.18 84.37
N GLN U 192 -22.95 -0.01 84.37
CA GLN U 192 -23.60 1.08 83.65
C GLN U 192 -23.18 2.40 84.27
N PHE U 193 -23.12 2.43 85.60
CA PHE U 193 -22.74 3.61 86.37
C PHE U 193 -21.33 4.06 86.03
N MET U 194 -20.34 3.36 86.58
CA MET U 194 -18.93 3.66 86.40
C MET U 194 -18.57 4.21 85.03
N ILE U 195 -19.07 3.57 83.98
CA ILE U 195 -18.78 4.00 82.61
C ILE U 195 -19.80 5.00 82.06
N GLU U 196 -20.01 6.08 82.79
CA GLU U 196 -20.95 7.14 82.40
C GLU U 196 -21.32 8.05 83.56
N LYS U 197 -22.14 7.54 84.47
CA LYS U 197 -22.60 8.29 85.62
C LYS U 197 -21.51 8.43 86.69
N LEU U 198 -20.26 8.24 86.28
CA LEU U 198 -19.13 8.33 87.20
C LEU U 198 -18.19 9.49 86.89
N PRO U 199 -17.68 9.57 85.64
CA PRO U 199 -16.76 10.63 85.22
C PRO U 199 -17.08 12.03 85.76
N GLU U 200 -18.16 12.63 85.26
CA GLU U 200 -18.55 13.97 85.70
C GLU U 200 -18.77 14.07 87.19
N ALA U 201 -18.96 12.92 87.85
CA ALA U 201 -19.20 12.89 89.29
C ALA U 201 -17.92 12.99 90.10
N CYS U 202 -17.07 11.97 89.99
CA CYS U 202 -15.81 11.91 90.73
C CYS U 202 -14.89 13.09 90.44
N SER U 203 -15.07 13.71 89.27
CA SER U 203 -14.24 14.85 88.88
C SER U 203 -14.25 15.94 89.94
N ILE U 204 -13.19 15.99 90.74
CA ILE U 204 -13.07 16.99 91.80
C ILE U 204 -12.94 18.38 91.18
N GLY U 205 -12.15 18.47 90.12
CA GLY U 205 -11.95 19.74 89.45
C GLY U 205 -11.04 20.66 90.24
N ASP U 206 -11.51 21.08 91.40
CA ASP U 206 -10.74 21.98 92.27
C ASP U 206 -11.29 21.98 93.69
N GLY U 207 -12.58 21.67 93.83
CA GLY U 207 -13.19 21.64 95.14
C GLY U 207 -14.58 22.24 95.20
N LYS U 208 -14.96 22.97 94.16
CA LYS U 208 -16.27 23.61 94.10
C LYS U 208 -17.41 22.62 94.35
N PRO U 209 -17.37 21.44 93.70
CA PRO U 209 -18.43 20.45 93.91
C PRO U 209 -18.44 19.90 95.33
N PHE U 210 -17.26 19.75 95.91
CA PHE U 210 -17.12 19.24 97.27
C PHE U 210 -17.87 20.12 98.26
N VAL U 211 -17.54 21.40 98.28
CA VAL U 211 -18.19 22.34 99.19
C VAL U 211 -19.66 22.56 98.85
N MET U 212 -19.98 22.50 97.56
CA MET U 212 -21.36 22.67 97.11
C MET U 212 -22.27 21.57 97.64
N ASN U 213 -22.65 20.65 96.77
CA ASN U 213 -23.53 19.55 97.14
C ASN U 213 -22.80 18.44 97.92
N LEU U 214 -22.41 18.76 99.15
CA LEU U 214 -21.72 17.80 100.02
C LEU U 214 -21.25 18.38 101.34
N GLN U 215 -21.25 19.71 101.46
CA GLN U 215 -20.79 20.36 102.69
C GLN U 215 -21.64 19.95 103.89
N ASP U 216 -22.96 19.91 103.71
CA ASP U 216 -23.85 19.53 104.80
C ASP U 216 -23.47 18.15 105.30
N LEU U 217 -22.99 17.30 104.39
CA LEU U 217 -22.59 15.95 104.73
C LEU U 217 -21.29 15.99 105.54
N TYR U 218 -20.24 16.55 104.94
CA TYR U 218 -18.95 16.68 105.61
C TYR U 218 -19.19 17.11 107.06
N MET U 219 -20.05 18.12 107.22
CA MET U 219 -20.40 18.65 108.53
C MET U 219 -20.89 17.57 109.48
N ALA U 220 -22.12 17.12 109.26
CA ALA U 220 -22.74 16.10 110.10
C ALA U 220 -21.77 14.95 110.42
N VAL U 221 -20.96 14.59 109.44
CA VAL U 221 -20.00 13.50 109.61
C VAL U 221 -18.80 13.92 110.47
N THR U 222 -18.19 15.05 110.14
CA THR U 222 -17.04 15.54 110.88
C THR U 222 -17.36 15.79 112.35
N THR U 223 -18.49 16.44 112.62
CA THR U 223 -18.89 16.71 113.99
C THR U 223 -19.16 15.41 114.72
N GLN U 224 -19.73 14.45 114.01
CA GLN U 224 -20.03 13.14 114.58
C GLN U 224 -18.75 12.37 114.87
N HIS U 225 -17.74 12.59 114.03
CA HIS U 225 -16.45 11.92 114.18
C HIS U 225 -15.80 12.18 115.54
N HIS U 226 -16.16 13.29 116.16
CA HIS U 226 -15.60 13.64 117.46
C HIS U 226 -15.85 12.56 118.50
N HIS U 227 -17.06 12.00 118.48
CA HIS U 227 -17.43 10.95 119.42
C HIS U 227 -18.22 9.84 118.73
N MET V 1 9.76 7.18 91.02
CA MET V 1 9.73 7.07 89.57
C MET V 1 8.29 6.98 89.07
N GLU V 2 8.08 6.20 88.02
CA GLU V 2 6.74 6.04 87.45
C GLU V 2 6.32 4.58 87.36
N GLU V 3 7.28 3.71 87.07
CA GLU V 3 7.00 2.28 86.94
C GLU V 3 6.28 1.70 88.16
N LEU V 4 6.41 2.37 89.30
CA LEU V 4 5.76 1.90 90.52
C LEU V 4 4.60 2.78 90.95
N GLU V 5 4.70 4.08 90.64
CA GLU V 5 3.64 5.02 90.99
C GLU V 5 2.50 4.91 89.99
N GLN V 6 2.72 4.11 88.94
CA GLN V 6 1.72 3.91 87.90
C GLN V 6 0.63 2.93 88.36
N GLY V 7 1.05 1.84 88.98
CA GLY V 7 0.11 0.84 89.45
C GLY V 7 -0.27 1.00 90.90
N LEU V 8 0.54 1.73 91.65
CA LEU V 8 0.27 1.95 93.07
C LEU V 8 -1.08 2.64 93.24
N LEU V 9 -1.38 3.55 92.32
CA LEU V 9 -2.64 4.28 92.35
C LEU V 9 -3.77 3.26 92.23
N MET V 10 -3.67 2.44 91.19
CA MET V 10 -4.65 1.40 90.91
C MET V 10 -4.85 0.47 92.11
N GLN V 11 -3.76 -0.12 92.58
CA GLN V 11 -3.83 -1.05 93.70
C GLN V 11 -4.41 -0.45 94.97
N PRO V 12 -5.51 -1.03 95.48
CA PRO V 12 -6.18 -0.56 96.69
C PRO V 12 -5.42 -1.01 97.93
N TRP V 13 -6.03 -0.82 99.10
CA TRP V 13 -5.40 -1.21 100.36
C TRP V 13 -5.86 -2.58 100.82
N ALA V 14 -5.30 -3.05 101.92
CA ALA V 14 -5.65 -4.35 102.49
C ALA V 14 -5.76 -4.22 104.00
N TRP V 15 -5.17 -5.18 104.72
CA TRP V 15 -5.20 -5.16 106.18
C TRP V 15 -4.20 -6.15 106.75
N LEU V 16 -3.30 -5.65 107.58
CA LEU V 16 -2.27 -6.48 108.20
C LEU V 16 -2.19 -6.20 109.70
N GLN V 17 -2.86 -7.03 110.50
CA GLN V 17 -2.83 -6.86 111.95
C GLN V 17 -1.50 -7.32 112.50
N LEU V 18 -1.06 -6.72 113.60
CA LEU V 18 0.21 -7.07 114.20
C LEU V 18 0.05 -7.28 115.70
N ALA V 19 1.17 -7.18 116.42
CA ALA V 19 1.18 -7.34 117.86
C ALA V 19 0.99 -5.97 118.50
N GLU V 20 1.82 -5.02 118.08
CA GLU V 20 1.75 -3.65 118.61
C GLU V 20 0.40 -3.03 118.25
N ASN V 21 0.25 -2.64 116.98
CA ASN V 21 -0.98 -2.02 116.51
C ASN V 21 -1.51 -2.74 115.27
N SER V 22 -1.81 -1.96 114.23
CA SER V 22 -2.32 -2.50 112.97
C SER V 22 -2.51 -1.36 111.98
N LEU V 23 -2.56 -1.70 110.69
CA LEU V 23 -2.74 -0.68 109.66
C LEU V 23 -3.07 -1.28 108.29
N LEU V 24 -3.18 -0.42 107.29
CA LEU V 24 -3.49 -0.84 105.93
C LEU V 24 -2.40 -0.38 104.96
N ALA V 25 -2.25 -1.12 103.86
CA ALA V 25 -1.23 -0.78 102.87
C ALA V 25 -1.61 -1.11 101.43
N LYS V 26 -0.73 -0.75 100.50
CA LYS V 26 -0.93 -0.99 99.07
C LYS V 26 0.45 -1.02 98.41
N VAL V 27 0.75 -2.11 97.69
CA VAL V 27 2.05 -2.24 97.04
C VAL V 27 1.98 -2.79 95.63
N PHE V 28 2.43 -2.00 94.65
CA PHE V 28 2.44 -2.46 93.26
C PHE V 28 3.85 -2.95 92.97
N ILE V 29 3.99 -4.26 92.76
CA ILE V 29 5.29 -4.85 92.49
C ILE V 29 5.56 -5.11 91.02
N THR V 30 6.70 -4.61 90.54
CA THR V 30 7.12 -4.80 89.16
C THR V 30 8.40 -5.61 89.16
N LYS V 31 8.98 -5.84 87.99
CA LYS V 31 10.20 -6.62 87.89
C LYS V 31 11.41 -5.73 88.14
N GLN V 32 11.18 -4.59 88.79
CA GLN V 32 12.24 -3.64 89.09
C GLN V 32 11.91 -2.84 90.35
N GLY V 33 11.38 -3.52 91.35
CA GLY V 33 11.04 -2.86 92.61
C GLY V 33 9.54 -2.84 92.87
N TYR V 34 9.14 -2.14 93.92
CA TYR V 34 7.73 -2.03 94.28
C TYR V 34 7.37 -0.61 94.69
N ALA V 35 6.10 -0.40 95.03
CA ALA V 35 5.62 0.90 95.45
C ALA V 35 4.83 0.77 96.74
N LEU V 36 5.48 0.28 97.78
CA LEU V 36 4.83 0.11 99.08
C LEU V 36 4.31 1.44 99.63
N LEU V 37 3.03 1.45 99.99
CA LEU V 37 2.39 2.65 100.53
C LEU V 37 1.51 2.28 101.71
N VAL V 38 2.10 2.22 102.89
CA VAL V 38 1.38 1.87 104.11
C VAL V 38 0.95 3.15 104.83
N SER V 39 0.08 3.00 105.83
CA SER V 39 -0.41 4.14 106.59
C SER V 39 -1.42 3.69 107.64
N ASP V 40 -1.39 4.35 108.80
CA ASP V 40 -2.32 4.02 109.88
C ASP V 40 -3.43 5.07 109.93
N LEU V 41 -3.61 5.78 108.82
CA LEU V 41 -4.63 6.82 108.71
C LEU V 41 -4.35 8.02 109.61
N GLN V 42 -3.19 8.01 110.25
CA GLN V 42 -2.77 9.09 111.12
C GLN V 42 -1.45 9.63 110.58
N GLN V 43 -0.83 8.83 109.73
CA GLN V 43 0.44 9.16 109.09
C GLN V 43 0.66 8.22 107.91
N VAL V 44 1.02 8.79 106.75
CA VAL V 44 1.25 7.99 105.55
C VAL V 44 2.70 7.52 105.49
N TRP V 45 2.95 6.49 104.70
CA TRP V 45 4.29 5.93 104.54
C TRP V 45 4.49 5.37 103.14
N HIS V 46 5.59 5.75 102.50
CA HIS V 46 5.89 5.29 101.14
C HIS V 46 7.38 4.99 100.95
N GLU V 47 7.66 4.12 99.98
CA GLU V 47 9.02 3.73 99.65
C GLU V 47 9.06 2.81 98.43
N GLN V 48 9.55 3.34 97.32
CA GLN V 48 9.66 2.55 96.09
C GLN V 48 11.11 2.28 95.77
N VAL V 49 11.49 1.01 95.83
CA VAL V 49 12.86 0.61 95.56
C VAL V 49 13.07 0.24 94.09
N ASP V 50 14.33 0.23 93.66
CA ASP V 50 14.68 -0.13 92.30
C ASP V 50 15.45 -1.45 92.33
N THR V 51 15.56 -2.10 91.17
CA THR V 51 16.27 -3.38 91.07
C THR V 51 17.53 -3.42 91.93
N SER V 52 18.21 -2.29 92.02
CA SER V 52 19.44 -2.18 92.81
C SER V 52 19.31 -2.72 94.23
N VAL V 53 18.86 -1.87 95.14
CA VAL V 53 18.69 -2.22 96.56
C VAL V 53 18.15 -3.62 96.78
N VAL V 54 17.17 -4.03 95.98
CA VAL V 54 16.55 -5.35 96.12
C VAL V 54 17.59 -6.42 96.43
N SER V 55 18.68 -6.42 95.66
CA SER V 55 19.74 -7.40 95.84
C SER V 55 20.35 -7.33 97.24
N GLN V 56 20.80 -6.15 97.63
CA GLN V 56 21.41 -5.95 98.94
C GLN V 56 20.48 -6.43 100.05
N ARG V 57 19.27 -5.88 100.09
CA ARG V 57 18.29 -6.24 101.10
C ARG V 57 18.08 -7.74 101.15
N ALA V 58 17.55 -8.32 100.08
CA ALA V 58 17.30 -9.75 100.02
C ALA V 58 18.55 -10.54 100.38
N LYS V 59 19.68 -10.18 99.78
CA LYS V 59 20.94 -10.86 100.04
C LYS V 59 21.33 -10.76 101.52
N GLU V 60 21.27 -9.55 102.05
CA GLU V 60 21.62 -9.31 103.45
C GLU V 60 20.59 -9.89 104.41
N LEU V 61 19.31 -9.83 104.03
CA LEU V 61 18.24 -10.36 104.87
C LEU V 61 18.18 -11.88 104.78
N ASN V 62 18.28 -12.40 103.58
CA ASN V 62 18.23 -13.85 103.35
C ASN V 62 19.65 -14.37 103.07
N LYS V 63 20.44 -14.51 104.13
CA LYS V 63 21.81 -15.00 104.00
C LYS V 63 21.90 -16.19 103.05
N ARG V 64 21.24 -17.29 103.41
CA ARG V 64 21.25 -18.49 102.59
C ARG V 64 20.51 -18.26 101.27
N LEU V 65 19.19 -18.29 101.32
CA LEU V 65 18.37 -18.08 100.14
C LEU V 65 18.84 -16.88 99.32
N THR V 66 19.70 -17.14 98.34
CA THR V 66 20.24 -16.09 97.49
C THR V 66 19.30 -15.76 96.34
N ALA V 67 19.36 -16.57 95.28
CA ALA V 67 18.52 -16.38 94.10
C ALA V 67 18.85 -15.05 93.41
N PRO V 68 18.74 -15.01 92.08
CA PRO V 68 19.03 -13.80 91.30
C PRO V 68 18.02 -12.67 91.53
N PRO V 69 18.42 -11.42 91.26
CA PRO V 69 17.58 -10.24 91.44
C PRO V 69 16.54 -10.09 90.32
N ALA V 70 15.76 -9.02 90.39
CA ALA V 70 14.73 -8.75 89.39
C ALA V 70 13.66 -9.85 89.37
N ALA V 71 14.10 -11.09 89.32
CA ALA V 71 13.19 -12.24 89.30
C ALA V 71 12.62 -12.47 90.69
N PHE V 72 13.48 -12.26 91.70
CA PHE V 72 13.09 -12.44 93.10
C PHE V 72 11.83 -11.64 93.44
N LEU V 73 11.66 -10.50 92.78
CA LEU V 73 10.49 -9.65 93.01
C LEU V 73 9.20 -10.45 92.91
N CYS V 74 9.15 -11.38 91.97
CA CYS V 74 7.97 -12.21 91.77
C CYS V 74 7.65 -12.98 93.05
N HIS V 75 8.58 -13.81 93.49
CA HIS V 75 8.38 -14.59 94.71
C HIS V 75 8.06 -13.70 95.91
N LEU V 76 8.63 -12.51 95.91
CA LEU V 76 8.41 -11.54 96.98
C LEU V 76 6.95 -11.41 97.39
N ASP V 77 6.69 -11.41 98.69
CA ASP V 77 5.35 -11.29 99.25
C ASP V 77 4.40 -12.38 98.76
N ASN V 78 4.95 -13.39 98.08
CA ASN V 78 4.13 -14.49 97.57
C ASN V 78 3.11 -13.95 96.57
N LEU V 79 3.29 -12.69 96.17
CA LEU V 79 2.39 -12.03 95.23
C LEU V 79 1.00 -11.84 95.85
N LEU V 80 0.93 -10.95 96.83
CA LEU V 80 -0.32 -10.64 97.52
C LEU V 80 -0.80 -11.81 98.38
N ARG V 81 -1.90 -11.58 99.09
CA ARG V 81 -2.56 -12.54 99.99
C ARG V 81 -3.53 -11.88 100.96
N PRO V 82 -3.17 -10.71 101.53
CA PRO V 82 -4.08 -10.05 102.46
C PRO V 82 -5.34 -9.55 101.76
N LEU V 83 -5.37 -9.70 100.45
CA LEU V 83 -6.50 -9.27 99.63
C LEU V 83 -7.81 -9.92 100.10
N LEU V 84 -7.69 -11.00 100.85
CA LEU V 84 -8.85 -11.72 101.36
C LEU V 84 -9.06 -11.52 102.86
N LYS V 85 -8.09 -10.90 103.52
CA LYS V 85 -8.18 -10.65 104.95
C LYS V 85 -8.18 -11.95 105.75
N ASP V 86 -8.24 -13.07 105.05
CA ASP V 86 -8.23 -14.38 105.68
C ASP V 86 -6.88 -15.07 105.46
N ALA V 87 -6.42 -15.81 106.48
CA ALA V 87 -5.15 -16.51 106.39
C ALA V 87 -5.18 -17.82 107.17
N ALA V 88 -6.10 -18.71 106.81
CA ALA V 88 -6.23 -20.00 107.47
C ALA V 88 -6.44 -19.85 108.98
N HIS V 89 -5.34 -19.87 109.73
CA HIS V 89 -5.40 -19.73 111.19
C HIS V 89 -6.31 -18.57 111.57
N PRO V 90 -6.94 -18.65 112.76
CA PRO V 90 -7.84 -17.59 113.23
C PRO V 90 -7.17 -16.22 113.24
N SER V 91 -5.84 -16.21 113.11
CA SER V 91 -5.07 -14.97 113.10
C SER V 91 -4.84 -14.48 111.67
N GLU V 92 -3.58 -14.44 111.26
CA GLU V 92 -3.21 -13.99 109.93
C GLU V 92 -1.78 -14.42 109.61
N ALA V 93 -0.83 -13.79 110.28
CA ALA V 93 0.59 -14.09 110.09
C ALA V 93 1.43 -13.29 111.08
N THR V 94 2.65 -12.96 110.66
CA THR V 94 3.57 -12.19 111.49
C THR V 94 4.40 -11.24 110.64
N PHE V 95 4.30 -9.95 110.95
CA PHE V 95 5.01 -8.91 110.22
C PHE V 95 5.91 -8.07 111.12
N SER V 96 5.34 -7.52 112.18
CA SER V 96 6.07 -6.68 113.12
C SER V 96 6.69 -5.47 112.43
N CYS V 97 6.16 -4.29 112.76
CA CYS V 97 6.65 -3.03 112.19
C CYS V 97 6.75 -1.97 113.28
N ASP V 98 7.55 -0.94 113.03
CA ASP V 98 7.72 0.14 114.00
C ASP V 98 7.99 1.46 113.27
N CYS V 99 7.54 2.55 113.87
CA CYS V 99 7.72 3.87 113.26
C CYS V 99 8.97 4.60 113.73
N VAL V 100 9.11 4.77 115.05
CA VAL V 100 10.28 5.46 115.61
C VAL V 100 10.44 6.83 114.96
N ALA V 101 9.32 7.53 114.78
CA ALA V 101 9.33 8.85 114.16
C ALA V 101 9.85 8.75 112.73
N ASP V 102 8.98 9.07 111.77
CA ASP V 102 9.30 9.04 110.35
C ASP V 102 10.24 7.91 109.92
N ALA V 103 10.12 6.75 110.54
CA ALA V 103 10.97 5.62 110.21
C ALA V 103 10.22 4.29 110.31
N LEU V 104 9.10 4.21 109.60
CA LEU V 104 8.29 2.99 109.62
C LEU V 104 8.90 1.87 108.78
N ILE V 105 9.35 0.82 109.47
CA ILE V 105 9.95 -0.33 108.81
C ILE V 105 9.05 -1.54 109.00
N LEU V 106 8.69 -2.20 107.89
CA LEU V 106 7.81 -3.36 107.95
C LEU V 106 8.55 -4.68 107.71
N ARG V 107 8.83 -5.40 108.79
CA ARG V 107 9.51 -6.69 108.70
C ARG V 107 8.52 -7.71 108.16
N VAL V 108 9.01 -8.84 107.68
CA VAL V 108 8.13 -9.87 107.13
C VAL V 108 8.58 -11.28 107.54
N ARG V 109 7.82 -12.29 107.11
CA ARG V 109 8.11 -13.68 107.42
C ARG V 109 7.33 -14.59 106.49
N SER V 110 8.01 -15.59 105.93
CA SER V 110 7.36 -16.53 105.01
C SER V 110 8.15 -17.83 104.84
N GLU V 111 7.86 -18.55 103.77
CA GLU V 111 8.52 -19.81 103.46
C GLU V 111 8.31 -20.15 101.98
N LEU V 112 9.40 -20.12 101.21
CA LEU V 112 9.33 -20.43 99.78
C LEU V 112 8.59 -21.75 99.55
N SER V 113 9.28 -22.85 99.80
CA SER V 113 8.70 -24.18 99.64
C SER V 113 8.66 -24.90 100.97
N GLY V 114 8.87 -24.14 102.05
CA GLY V 114 8.85 -24.71 103.38
C GLY V 114 10.02 -24.25 104.23
N LEU V 115 10.86 -23.39 103.66
CA LEU V 115 12.02 -22.87 104.37
C LEU V 115 11.88 -21.39 104.71
N PRO V 116 12.41 -20.99 105.87
CA PRO V 116 12.37 -19.61 106.36
C PRO V 116 12.67 -18.57 105.29
N PHE V 117 12.07 -17.40 105.44
CA PHE V 117 12.23 -16.31 104.48
C PHE V 117 12.00 -14.99 105.21
N TYR V 118 12.97 -14.09 105.15
CA TYR V 118 12.85 -12.81 105.82
C TYR V 118 13.16 -11.63 104.89
N TRP V 119 12.53 -10.49 105.17
CA TRP V 119 12.71 -9.28 104.37
C TRP V 119 12.11 -8.07 105.08
N ASN V 120 12.86 -6.97 105.10
CA ASN V 120 12.39 -5.75 105.74
C ASN V 120 11.73 -4.79 104.77
N PHE V 121 11.21 -3.68 105.30
CA PHE V 121 10.55 -2.66 104.49
C PHE V 121 10.91 -1.26 104.97
N HIS V 122 11.99 -0.71 104.43
CA HIS V 122 12.42 0.63 104.82
C HIS V 122 11.51 1.65 104.15
N CYS V 123 10.34 1.88 104.76
CA CYS V 123 9.36 2.82 104.24
C CYS V 123 9.37 4.09 105.07
N MET V 124 10.08 5.11 104.60
CA MET V 124 10.18 6.38 105.31
C MET V 124 8.86 7.15 105.34
N LEU V 125 8.80 8.18 106.17
CA LEU V 125 7.60 8.99 106.32
C LEU V 125 7.13 9.53 104.96
N ALA V 126 6.03 8.97 104.46
CA ALA V 126 5.48 9.37 103.18
C ALA V 126 5.45 10.88 103.01
N SER V 127 5.43 11.32 101.75
CA SER V 127 5.41 12.75 101.44
C SER V 127 3.98 13.27 101.36
N PRO V 128 3.70 14.39 102.04
CA PRO V 128 2.38 15.02 102.05
C PRO V 128 1.89 15.38 100.66
N SER V 129 2.82 15.82 99.81
CA SER V 129 2.51 16.21 98.45
C SER V 129 1.83 15.08 97.67
N LEU V 130 2.24 13.85 97.92
CA LEU V 130 1.68 12.70 97.23
C LEU V 130 0.37 12.26 97.87
N VAL V 131 0.29 12.37 99.19
CA VAL V 131 -0.89 11.98 99.94
C VAL V 131 -2.20 12.28 99.21
N SER V 132 -2.37 13.53 98.80
CA SER V 132 -3.58 13.94 98.10
C SER V 132 -3.95 13.02 96.94
N GLN V 133 -2.94 12.66 96.13
CA GLN V 133 -3.17 11.80 94.98
C GLN V 133 -3.59 10.37 95.28
N HIS V 134 -3.33 9.91 96.49
CA HIS V 134 -3.71 8.54 96.88
C HIS V 134 -4.87 8.58 97.85
N LEU V 135 -4.73 9.33 98.94
CA LEU V 135 -5.79 9.44 99.92
C LEU V 135 -6.80 10.49 99.49
N ILE V 136 -6.55 11.74 99.87
CA ILE V 136 -7.42 12.87 99.55
C ILE V 136 -8.15 12.80 98.20
N ARG V 137 -7.55 13.42 97.18
CA ARG V 137 -8.12 13.46 95.84
C ARG V 137 -9.02 12.27 95.47
N PRO V 138 -8.46 11.05 95.46
CA PRO V 138 -9.30 9.89 95.10
C PRO V 138 -10.45 9.69 96.08
N LEU V 139 -10.13 9.74 97.37
CA LEU V 139 -11.12 9.55 98.42
C LEU V 139 -12.25 10.57 98.27
N MET V 140 -11.89 11.83 98.02
CA MET V 140 -12.88 12.89 97.86
C MET V 140 -13.72 12.60 96.62
N GLY V 141 -13.08 12.01 95.61
CA GLY V 141 -13.79 11.68 94.39
C GLY V 141 -14.85 10.62 94.64
N MET V 142 -14.58 9.74 95.58
CA MET V 142 -15.51 8.68 95.93
C MET V 142 -16.79 9.28 96.50
N SER V 143 -16.67 10.00 97.61
CA SER V 143 -17.82 10.63 98.24
C SER V 143 -18.56 11.54 97.28
N LEU V 144 -17.82 12.36 96.54
CA LEU V 144 -18.41 13.29 95.58
C LEU V 144 -19.17 12.56 94.48
N ALA V 145 -18.58 11.48 93.98
CA ALA V 145 -19.21 10.69 92.91
C ALA V 145 -20.26 9.75 93.47
N LEU V 146 -20.03 9.26 94.68
CA LEU V 146 -20.96 8.33 95.32
C LEU V 146 -22.31 9.00 95.53
N GLN V 147 -22.28 10.31 95.78
CA GLN V 147 -23.50 11.07 95.99
C GLN V 147 -24.45 10.82 94.82
N CYS V 148 -23.87 10.66 93.63
CA CYS V 148 -24.64 10.42 92.42
C CYS V 148 -25.31 9.05 92.47
N GLN V 149 -24.66 8.08 93.11
CA GLN V 149 -25.21 6.74 93.24
C GLN V 149 -26.56 6.79 93.93
N VAL V 150 -26.55 7.21 95.20
CA VAL V 150 -27.78 7.31 95.98
C VAL V 150 -28.80 8.18 95.26
N ARG V 151 -28.31 9.27 94.66
CA ARG V 151 -29.18 10.19 93.93
C ARG V 151 -29.86 9.45 92.79
N GLU V 152 -29.17 8.48 92.22
CA GLU V 152 -29.71 7.69 91.12
C GLU V 152 -30.52 6.50 91.62
N LEU V 153 -30.03 5.87 92.69
CA LEU V 153 -30.71 4.72 93.27
C LEU V 153 -32.11 5.14 93.72
N ALA V 154 -32.20 6.32 94.31
CA ALA V 154 -33.47 6.85 94.79
C ALA V 154 -34.39 7.25 93.64
N THR V 155 -33.84 8.02 92.70
CA THR V 155 -34.63 8.47 91.55
C THR V 155 -35.15 7.27 90.75
N LEU V 156 -34.37 6.18 90.76
CA LEU V 156 -34.75 4.96 90.05
C LEU V 156 -35.68 4.12 90.92
N LEU V 157 -35.45 4.18 92.24
CA LEU V 157 -36.27 3.42 93.18
C LEU V 157 -37.71 3.90 93.13
N HIS V 158 -37.89 5.22 93.05
CA HIS V 158 -39.22 5.81 92.99
C HIS V 158 -40.06 5.11 91.94
N MET V 159 -39.42 4.73 90.84
CA MET V 159 -40.08 4.04 89.75
C MET V 159 -40.88 2.84 90.23
N LYS V 160 -40.39 2.17 91.28
CA LYS V 160 -41.06 1.01 91.83
C LYS V 160 -42.37 1.34 92.54
N ASP V 161 -42.37 2.42 93.32
CA ASP V 161 -43.58 2.82 94.03
C ASP V 161 -44.68 3.05 93.01
N LEU V 162 -44.25 3.47 91.82
CA LEU V 162 -45.17 3.75 90.72
C LEU V 162 -45.70 2.44 90.15
N GLU V 163 -44.95 1.36 90.39
CA GLU V 163 -45.33 0.04 89.90
C GLU V 163 -46.18 -0.72 90.92
N ILE V 164 -45.69 -0.81 92.15
CA ILE V 164 -46.40 -1.51 93.22
C ILE V 164 -47.83 -1.00 93.35
N GLN V 165 -47.98 0.33 93.29
CA GLN V 165 -49.28 0.96 93.41
C GLN V 165 -50.13 0.76 92.16
N ASP V 166 -49.47 0.52 91.03
CA ASP V 166 -50.16 0.31 89.76
C ASP V 166 -51.07 -0.90 89.87
N TYR V 167 -50.79 -1.76 90.85
CA TYR V 167 -51.57 -2.97 91.08
C TYR V 167 -52.77 -2.71 91.98
N GLN V 168 -52.59 -1.88 93.01
CA GLN V 168 -53.67 -1.55 93.92
C GLN V 168 -54.88 -1.01 93.16
N GLU V 169 -54.61 -0.38 92.02
CA GLU V 169 -55.66 0.19 91.19
C GLU V 169 -56.52 -0.93 90.60
N SER V 170 -55.87 -1.92 90.03
CA SER V 170 -56.57 -3.05 89.43
C SER V 170 -56.63 -4.24 90.38
N GLY V 171 -57.16 -4.00 91.59
CA GLY V 171 -57.26 -5.06 92.57
C GLY V 171 -55.94 -5.75 92.81
N ALA V 172 -55.84 -7.00 92.37
CA ALA V 172 -54.62 -7.78 92.52
C ALA V 172 -54.05 -7.68 93.94
N THR V 173 -54.45 -8.60 94.80
CA THR V 173 -53.97 -8.61 96.18
C THR V 173 -52.63 -9.32 96.28
N LEU V 174 -51.81 -8.90 97.23
CA LEU V 174 -50.50 -9.50 97.43
C LEU V 174 -50.62 -10.82 98.19
N ILE V 175 -49.78 -11.78 97.83
CA ILE V 175 -49.78 -13.09 98.49
C ILE V 175 -49.03 -13.04 99.80
N ARG V 176 -47.84 -12.41 99.77
CA ARG V 176 -47.01 -12.28 100.96
C ARG V 176 -47.44 -11.06 101.76
N ASP V 177 -47.52 -11.22 103.08
CA ASP V 177 -47.93 -10.12 103.96
C ASP V 177 -46.75 -9.26 104.42
N ARG V 178 -45.63 -9.89 104.70
CA ARG V 178 -44.43 -9.18 105.15
C ARG V 178 -43.83 -8.41 103.97
N LEU V 179 -43.96 -8.99 102.79
CA LEU V 179 -43.41 -8.42 101.57
C LEU V 179 -43.91 -7.03 101.19
N LYS V 180 -45.12 -6.67 101.61
CA LYS V 180 -45.66 -5.35 101.29
C LYS V 180 -44.77 -4.27 101.89
N THR V 181 -44.20 -3.43 101.03
CA THR V 181 -43.32 -2.35 101.47
C THR V 181 -44.05 -1.03 101.73
N GLU V 182 -43.26 0.03 101.88
CA GLU V 182 -43.78 1.36 102.14
C GLU V 182 -43.25 2.27 101.02
N PRO V 183 -44.02 3.29 100.63
CA PRO V 183 -43.54 4.18 99.57
C PRO V 183 -42.17 4.76 99.92
N PHE V 184 -41.46 5.26 98.91
CA PHE V 184 -40.13 5.82 99.13
C PHE V 184 -40.16 7.30 99.45
N GLU V 185 -39.93 7.63 100.71
CA GLU V 185 -39.91 9.02 101.16
C GLU V 185 -38.47 9.51 101.17
N GLU V 186 -37.98 9.88 99.98
CA GLU V 186 -36.61 10.34 99.78
C GLU V 186 -36.00 11.07 100.98
N ASN V 187 -36.65 12.12 101.45
CA ASN V 187 -36.13 12.89 102.57
C ASN V 187 -36.08 12.12 103.88
N SER V 188 -37.21 11.55 104.29
CA SER V 188 -37.29 10.79 105.54
C SER V 188 -36.21 9.72 105.61
N PHE V 189 -35.82 9.19 104.45
CA PHE V 189 -34.81 8.15 104.39
C PHE V 189 -33.45 8.66 104.84
N LEU V 190 -33.17 9.94 104.61
CA LEU V 190 -31.89 10.53 105.01
C LEU V 190 -31.87 10.97 106.46
N GLU V 191 -32.85 11.80 106.84
CA GLU V 191 -32.93 12.29 108.22
C GLU V 191 -32.77 11.17 109.24
N GLN V 192 -33.38 10.02 108.95
CA GLN V 192 -33.29 8.87 109.85
C GLN V 192 -31.93 8.19 109.73
N PHE V 193 -31.33 8.31 108.55
CA PHE V 193 -30.03 7.69 108.29
C PHE V 193 -28.89 8.42 109.01
N MET V 194 -29.10 9.70 109.28
CA MET V 194 -28.07 10.50 109.95
C MET V 194 -28.17 10.47 111.47
N ILE V 195 -29.07 9.65 112.00
CA ILE V 195 -29.24 9.54 113.45
C ILE V 195 -29.33 8.08 113.88
N GLU V 196 -29.07 7.17 112.95
CA GLU V 196 -29.14 5.74 113.25
C GLU V 196 -28.01 4.96 112.58
N LYS V 197 -27.70 5.31 111.33
CA LYS V 197 -26.64 4.64 110.58
C LYS V 197 -25.33 5.42 110.64
N LEU V 198 -25.43 6.72 110.40
CA LEU V 198 -24.26 7.61 110.42
C LEU V 198 -23.33 7.33 111.60
N PRO V 199 -23.88 7.22 112.81
CA PRO V 199 -23.07 6.96 114.01
C PRO V 199 -22.14 5.76 113.91
N GLU V 200 -22.53 4.77 113.12
CA GLU V 200 -21.71 3.56 112.95
C GLU V 200 -21.02 3.51 111.60
N ALA V 201 -21.65 4.11 110.60
CA ALA V 201 -21.10 4.11 109.24
C ALA V 201 -19.81 4.90 109.10
N CYS V 202 -19.90 6.22 109.22
CA CYS V 202 -18.75 7.11 109.09
C CYS V 202 -17.57 6.68 109.95
N SER V 203 -17.85 5.97 111.04
CA SER V 203 -16.80 5.52 111.94
C SER V 203 -15.76 4.67 111.21
N ILE V 204 -14.50 5.04 111.37
CA ILE V 204 -13.40 4.32 110.72
C ILE V 204 -12.82 3.26 111.66
N GLY V 205 -12.37 3.69 112.83
CA GLY V 205 -11.80 2.76 113.78
C GLY V 205 -10.35 2.42 113.45
N ASP V 206 -10.14 1.87 112.27
CA ASP V 206 -8.80 1.50 111.83
C ASP V 206 -8.71 1.50 110.31
N GLY V 207 -9.88 1.45 109.65
CA GLY V 207 -9.91 1.43 108.20
C GLY V 207 -10.40 0.11 107.68
N LYS V 208 -10.52 -0.86 108.59
CA LYS V 208 -10.98 -2.21 108.26
C LYS V 208 -12.18 -2.21 107.32
N PRO V 209 -13.31 -1.61 107.74
CA PRO V 209 -14.49 -1.58 106.87
C PRO V 209 -14.15 -1.05 105.48
N PHE V 210 -13.48 0.10 105.46
CA PHE V 210 -13.07 0.75 104.22
C PHE V 210 -12.50 -0.23 103.18
N VAL V 211 -11.41 -0.88 103.54
CA VAL V 211 -10.72 -1.83 102.66
C VAL V 211 -11.54 -2.97 102.07
N MET V 212 -12.45 -3.55 102.84
CA MET V 212 -13.25 -4.66 102.35
C MET V 212 -14.66 -4.34 101.85
N ASN V 213 -14.84 -3.15 101.31
CA ASN V 213 -16.15 -2.73 100.78
C ASN V 213 -16.16 -1.29 100.26
N LEU V 214 -15.14 -0.94 99.49
CA LEU V 214 -15.03 0.40 98.92
C LEU V 214 -13.97 0.47 97.82
N GLN V 215 -13.03 -0.47 97.87
CA GLN V 215 -11.95 -0.52 96.88
C GLN V 215 -12.51 -0.63 95.47
N ASP V 216 -13.64 -1.31 95.34
CA ASP V 216 -14.28 -1.49 94.05
C ASP V 216 -14.52 -0.10 93.44
N LEU V 217 -14.39 0.92 94.28
CA LEU V 217 -14.57 2.31 93.86
C LEU V 217 -13.23 3.03 93.91
N TYR V 218 -12.51 2.89 95.01
CA TYR V 218 -11.22 3.52 95.21
C TYR V 218 -10.46 3.60 93.88
N MET V 219 -10.04 2.45 93.38
CA MET V 219 -9.31 2.37 92.13
C MET V 219 -10.17 2.76 90.94
N ALA V 220 -11.41 2.29 90.91
CA ALA V 220 -12.33 2.59 89.83
C ALA V 220 -12.49 4.09 89.61
N VAL V 221 -12.01 4.89 90.55
CA VAL V 221 -12.09 6.33 90.45
C VAL V 221 -10.73 6.98 90.21
N THR V 222 -9.71 6.45 90.88
CA THR V 222 -8.35 6.97 90.74
C THR V 222 -7.92 7.00 89.28
N THR V 223 -8.28 5.95 88.55
CA THR V 223 -7.93 5.84 87.14
C THR V 223 -8.65 6.89 86.29
N GLN V 224 -9.73 7.44 86.82
CA GLN V 224 -10.51 8.43 86.11
C GLN V 224 -10.08 9.88 86.41
N HIS V 225 -9.05 10.03 87.23
CA HIS V 225 -8.57 11.36 87.58
C HIS V 225 -7.55 11.90 86.58
N HIS V 226 -6.85 11.00 85.90
CA HIS V 226 -5.83 11.39 84.93
C HIS V 226 -6.48 12.08 83.74
N HIS V 227 -7.81 12.05 83.70
CA HIS V 227 -8.57 12.67 82.61
C HIS V 227 -10.05 12.75 82.96
N MET W 1 13.34 -5.85 -121.19
CA MET W 1 12.10 -5.78 -121.97
C MET W 1 11.53 -7.17 -122.22
N GLU W 2 10.25 -7.34 -121.89
CA GLU W 2 9.56 -8.61 -122.08
C GLU W 2 9.15 -8.80 -123.53
N ARG W 3 7.90 -9.19 -123.74
CA ARG W 3 7.37 -9.40 -125.08
C ARG W 3 6.15 -10.31 -124.99
N LYS W 4 5.41 -10.42 -126.10
CA LYS W 4 4.21 -11.25 -126.19
C LYS W 4 3.47 -10.88 -127.47
N ILE W 5 3.06 -11.89 -128.23
CA ILE W 5 2.34 -11.67 -129.47
C ILE W 5 0.94 -12.27 -129.41
N SER W 6 0.06 -11.80 -130.29
CA SER W 6 -1.32 -12.28 -130.33
C SER W 6 -1.92 -12.17 -131.73
N ARG W 7 -2.45 -13.27 -132.24
CA ARG W 7 -3.07 -13.29 -133.56
C ARG W 7 -4.48 -12.72 -133.49
N ILE W 8 -4.61 -11.46 -133.86
CA ILE W 8 -5.91 -10.78 -133.82
C ILE W 8 -6.35 -10.34 -135.21
N HIS W 9 -7.56 -9.78 -135.28
CA HIS W 9 -8.11 -9.31 -136.54
C HIS W 9 -8.16 -7.78 -136.54
N LEU W 10 -8.07 -7.19 -137.72
CA LEU W 10 -8.11 -5.74 -137.85
C LEU W 10 -9.36 -5.37 -138.67
N VAL W 11 -9.96 -4.23 -138.37
CA VAL W 11 -11.17 -3.80 -139.07
C VAL W 11 -10.91 -3.53 -140.55
N SER W 12 -9.79 -2.91 -140.86
CA SER W 12 -9.44 -2.59 -142.24
C SER W 12 -9.24 -3.89 -143.01
N GLU W 13 -8.86 -4.94 -142.29
CA GLU W 13 -8.62 -6.24 -142.88
C GLU W 13 -9.27 -7.31 -141.99
N PRO W 14 -10.61 -7.32 -141.90
CA PRO W 14 -11.33 -8.29 -141.07
C PRO W 14 -11.29 -9.71 -141.63
N SER W 15 -10.28 -9.97 -142.46
CA SER W 15 -10.12 -11.28 -143.08
C SER W 15 -8.64 -11.65 -143.14
N ILE W 16 -7.82 -10.88 -142.43
CA ILE W 16 -6.39 -11.11 -142.39
C ILE W 16 -5.85 -10.97 -140.98
N THR W 17 -5.43 -12.09 -140.39
CA THR W 17 -4.90 -12.09 -139.03
C THR W 17 -3.50 -11.47 -138.95
N HIS W 18 -3.39 -10.42 -138.14
CA HIS W 18 -2.12 -9.72 -137.95
C HIS W 18 -1.54 -10.11 -136.59
N PHE W 19 -0.39 -9.55 -136.24
CA PHE W 19 0.25 -9.87 -134.98
C PHE W 19 0.82 -8.64 -134.27
N LEU W 20 0.79 -8.65 -132.94
CA LEU W 20 1.33 -7.56 -132.15
C LEU W 20 2.45 -8.06 -131.25
N GLN W 21 3.69 -7.72 -131.61
CA GLN W 21 4.85 -8.14 -130.82
C GLN W 21 5.08 -7.11 -129.72
N VAL W 22 4.05 -6.91 -128.90
CA VAL W 22 4.11 -5.96 -127.80
C VAL W 22 5.31 -6.20 -126.88
N SER W 23 6.25 -5.28 -126.90
CA SER W 23 7.46 -5.38 -126.07
C SER W 23 7.52 -4.24 -125.07
N TRP W 24 8.04 -4.53 -123.87
CA TRP W 24 8.15 -3.51 -122.82
C TRP W 24 9.33 -3.83 -121.91
N GLU W 25 9.69 -2.88 -121.04
CA GLU W 25 10.80 -3.07 -120.12
C GLU W 25 10.30 -3.72 -118.83
N LYS W 26 10.30 -2.96 -117.74
CA LYS W 26 9.82 -3.48 -116.46
C LYS W 26 8.38 -3.93 -116.67
N THR W 27 7.55 -3.01 -117.12
CA THR W 27 6.14 -3.26 -117.39
C THR W 27 5.66 -2.26 -118.43
N LEU W 28 4.43 -2.40 -118.88
CA LEU W 28 3.87 -1.48 -119.87
C LEU W 28 3.93 -0.07 -119.29
N GLU W 29 3.69 0.04 -117.99
CA GLU W 29 3.71 1.33 -117.31
C GLU W 29 5.01 2.08 -117.56
N SER W 30 6.13 1.38 -117.43
CA SER W 30 7.44 1.99 -117.63
C SER W 30 7.72 2.21 -119.11
N GLY W 31 6.69 2.62 -119.85
CA GLY W 31 6.85 2.86 -121.28
C GLY W 31 7.12 1.59 -122.04
N PHE W 32 6.31 1.31 -123.06
CA PHE W 32 6.48 0.11 -123.86
C PHE W 32 6.60 0.40 -125.34
N VAL W 33 6.68 -0.66 -126.13
CA VAL W 33 6.79 -0.54 -127.59
C VAL W 33 5.90 -1.58 -128.25
N ILE W 34 5.27 -1.22 -129.36
CA ILE W 34 4.38 -2.13 -130.08
C ILE W 34 4.89 -2.43 -131.48
N THR W 35 4.50 -3.59 -132.00
CA THR W 35 4.91 -4.02 -133.34
C THR W 35 3.74 -4.70 -134.04
N LEU W 36 3.74 -4.66 -135.38
CA LEU W 36 2.70 -5.28 -136.18
C LEU W 36 3.28 -6.00 -137.39
N THR W 37 2.55 -6.97 -137.90
CA THR W 37 2.99 -7.76 -139.05
C THR W 37 1.88 -8.68 -139.57
N ASP W 38 1.91 -8.97 -140.87
CA ASP W 38 0.91 -9.85 -141.47
C ASP W 38 1.57 -10.98 -142.26
N GLY W 39 2.90 -11.09 -142.13
CA GLY W 39 3.62 -12.13 -142.83
C GLY W 39 4.44 -11.60 -144.00
N HIS W 40 4.41 -10.28 -144.20
CA HIS W 40 5.16 -9.65 -145.27
C HIS W 40 5.52 -8.23 -144.85
N SER W 41 4.55 -7.51 -144.31
CA SER W 41 4.76 -6.14 -143.86
C SER W 41 5.08 -6.14 -142.37
N ALA W 42 5.42 -4.97 -141.84
CA ALA W 42 5.73 -4.84 -140.42
C ALA W 42 5.63 -3.38 -139.98
N TRP W 43 5.37 -3.17 -138.70
CA TRP W 43 5.24 -1.84 -138.13
C TRP W 43 5.68 -1.85 -136.67
N THR W 44 6.24 -0.73 -136.21
CA THR W 44 6.71 -0.64 -134.84
C THR W 44 6.67 0.80 -134.33
N GLY W 45 6.21 0.98 -133.10
CA GLY W 45 6.13 2.32 -132.54
C GLY W 45 6.51 2.36 -131.07
N THR W 46 7.15 3.44 -130.65
CA THR W 46 7.58 3.59 -129.26
C THR W 46 6.53 4.33 -128.45
N VAL W 47 6.28 3.86 -127.23
CA VAL W 47 5.29 4.47 -126.35
C VAL W 47 5.86 4.66 -124.94
N SER W 48 6.71 5.66 -124.78
CA SER W 48 7.32 5.96 -123.50
C SER W 48 6.24 6.14 -122.43
N GLU W 49 6.62 5.92 -121.17
CA GLU W 49 5.68 6.05 -120.05
C GLU W 49 4.95 7.39 -120.01
N SER W 50 5.68 8.48 -120.21
CA SER W 50 5.08 9.81 -120.19
C SER W 50 3.82 9.88 -121.04
N GLU W 51 3.86 9.21 -122.20
CA GLU W 51 2.71 9.20 -123.10
C GLU W 51 1.54 8.47 -122.45
N ILE W 52 1.80 7.30 -121.88
CA ILE W 52 0.77 6.52 -121.22
C ILE W 52 0.03 7.37 -120.21
N SER W 53 0.76 8.30 -119.58
CA SER W 53 0.18 9.19 -118.58
C SER W 53 -0.87 10.09 -119.22
N GLN W 54 -0.56 10.61 -120.40
CA GLN W 54 -1.49 11.50 -121.11
C GLN W 54 -2.74 10.72 -121.49
N GLU W 55 -2.56 9.49 -121.92
CA GLU W 55 -3.66 8.63 -122.33
C GLU W 55 -4.60 8.34 -121.15
N ALA W 56 -4.01 8.14 -119.98
CA ALA W 56 -4.76 7.85 -118.77
C ALA W 56 -5.90 8.83 -118.53
N ASP W 57 -5.66 10.11 -118.85
CA ASP W 57 -6.66 11.14 -118.66
C ASP W 57 -7.81 11.03 -119.66
N ASP W 58 -7.52 10.53 -120.85
CA ASP W 58 -8.54 10.38 -121.88
C ASP W 58 -9.76 9.64 -121.33
N MET W 59 -9.53 8.79 -120.34
CA MET W 59 -10.59 8.01 -119.72
C MET W 59 -10.73 8.41 -118.26
N ALA W 60 -9.95 9.41 -117.86
CA ALA W 60 -9.95 9.91 -116.49
C ALA W 60 -9.75 8.77 -115.49
N MET W 61 -8.86 7.85 -115.83
CA MET W 61 -8.56 6.70 -114.98
C MET W 61 -7.14 6.83 -114.42
N GLU W 62 -6.94 6.37 -113.20
CA GLU W 62 -5.61 6.43 -112.60
C GLU W 62 -4.63 5.69 -113.52
N LYS W 63 -3.37 6.09 -113.47
CA LYS W 63 -2.34 5.46 -114.30
C LYS W 63 -2.42 3.94 -114.22
N GLY W 64 -2.59 3.42 -113.01
CA GLY W 64 -2.67 1.98 -112.84
C GLY W 64 -3.88 1.34 -113.49
N LYS W 65 -5.07 1.72 -113.01
CA LYS W 65 -6.31 1.16 -113.55
C LYS W 65 -6.36 1.20 -115.07
N TYR W 66 -6.07 2.37 -115.63
CA TYR W 66 -6.08 2.55 -117.08
C TYR W 66 -5.14 1.55 -117.76
N VAL W 67 -3.85 1.64 -117.44
CA VAL W 67 -2.85 0.75 -118.01
C VAL W 67 -3.30 -0.70 -117.95
N GLY W 68 -4.05 -1.03 -116.90
CA GLY W 68 -4.54 -2.39 -116.75
C GLY W 68 -5.27 -2.86 -117.99
N GLU W 69 -6.22 -2.05 -118.46
CA GLU W 69 -7.00 -2.39 -119.65
C GLU W 69 -6.10 -2.78 -120.81
N LEU W 70 -4.95 -2.11 -120.90
CA LEU W 70 -3.99 -2.38 -121.96
C LEU W 70 -3.55 -3.85 -121.94
N ARG W 71 -3.17 -4.33 -120.76
CA ARG W 71 -2.73 -5.71 -120.60
C ARG W 71 -3.79 -6.69 -121.07
N LYS W 72 -5.04 -6.26 -121.07
CA LYS W 72 -6.16 -7.09 -121.47
C LYS W 72 -6.56 -6.81 -122.92
N ALA W 73 -6.02 -5.73 -123.47
CA ALA W 73 -6.34 -5.33 -124.84
C ALA W 73 -5.22 -5.65 -125.83
N LEU W 74 -3.98 -5.40 -125.42
CA LEU W 74 -2.83 -5.65 -126.29
C LEU W 74 -2.03 -6.89 -125.90
N LEU W 75 -2.51 -7.62 -124.90
CA LEU W 75 -1.81 -8.83 -124.45
C LEU W 75 -2.75 -10.03 -124.46
N SER W 76 -3.82 -9.95 -125.23
CA SER W 76 -4.80 -11.02 -125.34
C SER W 76 -5.44 -11.32 -123.99
N GLY W 77 -5.94 -10.27 -123.34
CA GLY W 77 -6.58 -10.45 -122.05
C GLY W 77 -7.92 -11.16 -122.16
N ALA W 78 -8.41 -11.29 -123.39
CA ALA W 78 -9.68 -11.96 -123.65
C ALA W 78 -9.96 -12.02 -125.15
N GLY W 79 -10.32 -13.21 -125.63
CA GLY W 79 -10.61 -13.37 -127.04
C GLY W 79 -12.10 -13.27 -127.32
N PRO W 80 -12.77 -14.41 -127.54
CA PRO W 80 -14.21 -14.44 -127.82
C PRO W 80 -15.05 -14.19 -126.58
N ALA W 81 -14.39 -13.72 -125.51
CA ALA W 81 -15.08 -13.45 -124.25
C ALA W 81 -15.21 -11.95 -124.00
N ASP W 82 -14.60 -11.16 -124.87
CA ASP W 82 -14.65 -9.70 -124.74
C ASP W 82 -14.24 -9.04 -126.06
N VAL W 83 -14.88 -7.93 -126.38
CA VAL W 83 -14.61 -7.21 -127.61
C VAL W 83 -13.43 -6.24 -127.50
N TYR W 84 -12.65 -6.15 -128.58
CA TYR W 84 -11.50 -5.27 -128.64
C TYR W 84 -11.09 -5.03 -130.09
N THR W 85 -12.08 -4.85 -130.96
CA THR W 85 -11.82 -4.63 -132.37
C THR W 85 -10.66 -3.67 -132.59
N PHE W 86 -9.69 -4.09 -133.40
CA PHE W 86 -8.53 -3.26 -133.69
C PHE W 86 -8.65 -2.64 -135.08
N ASN W 87 -8.26 -1.38 -135.19
CA ASN W 87 -8.33 -0.66 -136.44
C ASN W 87 -6.93 -0.11 -136.78
N PHE W 88 -6.60 -0.05 -138.06
CA PHE W 88 -5.30 0.44 -138.47
C PHE W 88 -5.26 0.94 -139.91
N SER W 89 -4.91 2.21 -140.08
CA SER W 89 -4.81 2.80 -141.40
C SER W 89 -3.48 2.38 -142.00
N LYS W 90 -3.52 1.41 -142.91
CA LYS W 90 -2.31 0.89 -143.55
C LYS W 90 -1.50 1.93 -144.31
N GLU W 91 -1.83 3.21 -144.16
CA GLU W 91 -1.10 4.26 -144.84
C GLU W 91 -0.56 5.28 -143.84
N SER W 92 -1.45 5.99 -143.15
CA SER W 92 -1.04 6.97 -142.16
C SER W 92 -0.21 6.25 -141.10
N CYS W 93 -0.41 4.94 -141.00
CA CYS W 93 0.29 4.09 -140.05
C CYS W 93 -0.22 4.21 -138.62
N TYR W 94 -1.34 4.87 -138.43
CA TYR W 94 -1.91 5.03 -137.09
C TYR W 94 -2.61 3.76 -136.61
N PHE W 95 -2.18 3.27 -135.44
CA PHE W 95 -2.73 2.06 -134.85
C PHE W 95 -3.59 2.41 -133.63
N PHE W 96 -4.89 2.12 -133.71
CA PHE W 96 -5.78 2.40 -132.59
C PHE W 96 -6.76 1.27 -132.33
N PHE W 97 -7.18 1.15 -131.08
CA PHE W 97 -8.12 0.11 -130.66
C PHE W 97 -9.21 0.65 -129.76
N GLU W 98 -10.41 0.09 -129.88
CA GLU W 98 -11.55 0.52 -129.08
C GLU W 98 -12.11 -0.63 -128.27
N LYS W 99 -12.55 -0.34 -127.04
CA LYS W 99 -13.12 -1.35 -126.17
C LYS W 99 -14.62 -1.42 -126.42
N ASN W 100 -14.98 -1.78 -127.65
CA ASN W 100 -16.38 -1.88 -128.04
C ASN W 100 -17.23 -2.71 -127.09
N LEU W 101 -18.40 -2.19 -126.76
CA LEU W 101 -19.34 -2.87 -125.86
C LEU W 101 -20.63 -2.06 -125.83
N LYS W 102 -21.74 -2.71 -126.13
CA LYS W 102 -23.04 -2.04 -126.14
C LYS W 102 -22.96 -0.80 -127.02
N ASP W 103 -22.25 -0.92 -128.14
CA ASP W 103 -22.08 0.19 -129.08
C ASP W 103 -21.31 1.36 -128.46
N VAL W 104 -21.06 1.27 -127.15
CA VAL W 104 -20.33 2.31 -126.43
C VAL W 104 -18.85 1.97 -126.47
N SER W 105 -18.09 2.73 -127.28
CA SER W 105 -16.66 2.50 -127.41
C SER W 105 -15.80 3.58 -126.77
N PHE W 106 -14.61 3.19 -126.35
CA PHE W 106 -13.65 4.10 -125.72
C PHE W 106 -12.29 3.95 -126.41
N ARG W 107 -11.68 5.07 -126.80
CA ARG W 107 -10.38 5.02 -127.45
C ARG W 107 -9.30 4.84 -126.39
N LEU W 108 -9.12 3.61 -125.94
CA LEU W 108 -8.14 3.27 -124.92
C LEU W 108 -6.72 3.73 -125.25
N GLY W 109 -6.47 5.04 -125.12
CA GLY W 109 -5.17 5.61 -125.41
C GLY W 109 -4.48 5.00 -126.61
N SER W 110 -4.56 5.66 -127.75
CA SER W 110 -3.94 5.17 -128.97
C SER W 110 -2.67 5.93 -129.34
N PHE W 111 -1.97 5.42 -130.35
CA PHE W 111 -0.73 6.02 -130.84
C PHE W 111 -0.41 5.48 -132.22
N ASN W 112 0.62 6.04 -132.85
CA ASN W 112 1.01 5.61 -134.20
C ASN W 112 2.44 5.11 -134.26
N LEU W 113 2.61 3.91 -134.82
CA LEU W 113 3.93 3.30 -134.96
C LEU W 113 4.63 3.87 -136.19
N GLU W 114 5.15 3.01 -137.06
CA GLU W 114 5.83 3.49 -138.26
C GLU W 114 6.28 2.38 -139.20
N LYS W 115 6.48 2.75 -140.47
CA LYS W 115 6.89 1.82 -141.51
C LYS W 115 8.25 1.21 -141.19
N VAL W 116 8.39 -0.08 -141.45
CA VAL W 116 9.63 -0.79 -141.20
C VAL W 116 10.51 -0.80 -142.43
N GLU W 117 11.76 -0.38 -142.28
CA GLU W 117 12.70 -0.33 -143.39
C GLU W 117 13.00 -1.73 -143.90
N ASN W 118 13.13 -2.68 -142.98
CA ASN W 118 13.42 -4.06 -143.34
C ASN W 118 12.35 -4.98 -142.75
N PRO W 119 11.22 -5.15 -143.45
CA PRO W 119 10.13 -6.00 -143.00
C PRO W 119 10.49 -7.48 -142.94
N ALA W 120 11.11 -7.98 -144.00
CA ALA W 120 11.51 -9.38 -144.08
C ALA W 120 12.25 -9.79 -142.81
N GLU W 121 13.01 -8.85 -142.25
CA GLU W 121 13.78 -9.12 -141.04
C GLU W 121 12.81 -9.40 -139.90
N VAL W 122 12.06 -8.37 -139.50
CA VAL W 122 11.09 -8.49 -138.42
C VAL W 122 10.28 -9.79 -138.48
N ILE W 123 9.71 -10.06 -139.65
CA ILE W 123 8.91 -11.27 -139.85
C ILE W 123 9.59 -12.48 -139.22
N ARG W 124 10.88 -12.63 -139.47
CA ARG W 124 11.65 -13.75 -138.94
C ARG W 124 11.97 -13.61 -137.47
N GLU W 125 12.16 -12.38 -137.01
CA GLU W 125 12.49 -12.14 -135.60
C GLU W 125 11.45 -12.82 -134.74
N LEU W 126 10.18 -12.55 -135.02
CA LEU W 126 9.08 -13.15 -134.27
C LEU W 126 9.12 -14.67 -134.39
N ILE W 127 9.28 -15.17 -135.61
CA ILE W 127 9.34 -16.61 -135.85
C ILE W 127 10.50 -17.21 -135.07
N CYS W 128 11.58 -16.44 -134.95
CA CYS W 128 12.78 -16.88 -134.25
C CYS W 128 12.48 -17.08 -132.77
N TYR W 129 11.85 -16.07 -132.15
CA TYR W 129 11.50 -16.14 -130.73
C TYR W 129 10.50 -17.28 -130.48
N CYS W 130 9.55 -17.42 -131.38
CA CYS W 130 8.52 -18.44 -131.27
C CYS W 130 9.15 -19.82 -131.05
N LEU W 131 10.23 -20.09 -131.78
CA LEU W 131 10.91 -21.38 -131.65
C LEU W 131 11.86 -21.42 -130.45
N ASP W 132 12.48 -20.29 -130.15
CA ASP W 132 13.40 -20.23 -129.01
C ASP W 132 12.67 -20.55 -127.71
N THR W 133 11.47 -20.01 -127.56
CA THR W 133 10.67 -20.24 -126.36
C THR W 133 9.97 -21.59 -126.41
N ILE W 134 9.49 -21.98 -127.58
CA ILE W 134 8.80 -23.26 -127.72
C ILE W 134 9.77 -24.39 -127.42
N ALA W 135 11.06 -24.14 -127.65
CA ALA W 135 12.09 -25.14 -127.40
C ALA W 135 12.58 -25.07 -125.96
N GLU W 136 12.76 -23.85 -125.45
CA GLU W 136 13.23 -23.68 -124.08
C GLU W 136 12.26 -24.31 -123.09
N ASN W 137 10.96 -24.16 -123.32
CA ASN W 137 9.96 -24.75 -122.45
C ASN W 137 10.15 -26.26 -122.45
N GLN W 138 10.47 -26.81 -123.62
CA GLN W 138 10.69 -28.24 -123.76
C GLN W 138 11.87 -28.67 -122.90
N ALA W 139 12.87 -27.80 -122.82
CA ALA W 139 14.07 -28.08 -122.03
C ALA W 139 13.75 -28.15 -120.54
N LYS W 140 12.84 -27.29 -120.10
CA LYS W 140 12.44 -27.25 -118.70
C LYS W 140 11.43 -28.35 -118.38
N ASN W 141 10.65 -28.74 -119.38
CA ASN W 141 9.65 -29.78 -119.21
C ASN W 141 10.26 -31.17 -119.10
N GLU W 142 11.49 -31.31 -119.59
CA GLU W 142 12.20 -32.58 -119.54
C GLU W 142 13.00 -32.68 -118.25
N HIS W 143 13.47 -31.54 -117.76
CA HIS W 143 14.25 -31.48 -116.54
C HIS W 143 13.32 -31.57 -115.33
N LEU W 144 12.11 -31.02 -115.48
CA LEU W 144 11.13 -31.04 -114.41
C LEU W 144 10.33 -32.32 -114.47
N GLN W 145 10.43 -33.04 -115.59
CA GLN W 145 9.71 -34.29 -115.76
C GLN W 145 10.42 -35.39 -114.99
N LYS W 146 11.74 -35.44 -115.16
CA LYS W 146 12.56 -36.44 -114.47
C LYS W 146 12.66 -36.14 -112.98
N GLU W 147 12.57 -34.87 -112.62
CA GLU W 147 12.66 -34.47 -111.23
C GLU W 147 11.51 -35.10 -110.44
N ASN W 148 10.40 -35.37 -111.13
CA ASN W 148 9.24 -35.99 -110.52
C ASN W 148 9.43 -37.49 -110.44
N GLU W 149 9.88 -38.08 -111.54
CA GLU W 149 10.12 -39.52 -111.61
C GLU W 149 11.12 -39.93 -110.53
N ARG W 150 12.24 -39.21 -110.49
CA ARG W 150 13.30 -39.49 -109.52
C ARG W 150 12.84 -39.20 -108.10
N LEU W 151 11.53 -38.96 -107.94
CA LEU W 151 10.97 -38.67 -106.63
C LEU W 151 9.93 -39.72 -106.21
N LEU W 152 9.20 -40.25 -107.19
CA LEU W 152 8.20 -41.27 -106.91
C LEU W 152 8.87 -42.59 -106.55
N ARG W 153 9.71 -43.10 -107.45
CA ARG W 153 10.42 -44.35 -107.21
C ARG W 153 11.47 -44.14 -106.13
N ASP W 154 11.53 -42.92 -105.59
CA ASP W 154 12.48 -42.58 -104.55
C ASP W 154 11.75 -42.45 -103.22
N TRP W 155 10.43 -42.67 -103.25
CA TRP W 155 9.60 -42.59 -102.06
C TRP W 155 9.90 -43.78 -101.17
N ASN W 156 10.47 -44.83 -101.77
CA ASN W 156 10.82 -46.05 -101.03
C ASN W 156 11.74 -45.69 -99.87
N ASP W 157 12.33 -44.50 -99.93
CA ASP W 157 13.24 -44.04 -98.89
C ASP W 157 12.70 -42.77 -98.24
N MET X 1 -2.77 -34.35 -140.73
CA MET X 1 -1.46 -33.76 -141.01
C MET X 1 -0.80 -33.27 -139.74
N GLU X 2 0.52 -33.34 -139.70
CA GLU X 2 1.28 -32.89 -138.54
C GLU X 2 2.47 -32.06 -139.00
N ARG X 3 2.56 -30.83 -138.51
CA ARG X 3 3.63 -29.93 -138.90
C ARG X 3 4.82 -29.96 -137.94
N LYS X 4 5.84 -29.17 -138.26
CA LYS X 4 7.05 -29.10 -137.44
C LYS X 4 7.98 -28.01 -137.95
N ILE X 5 8.08 -26.92 -137.19
CA ILE X 5 8.94 -25.80 -137.55
C ILE X 5 10.34 -25.99 -136.97
N SER X 6 11.34 -26.04 -137.84
CA SER X 6 12.72 -26.24 -137.41
C SER X 6 13.64 -25.17 -138.01
N ARG X 7 14.42 -24.50 -137.16
CA ARG X 7 15.34 -23.48 -137.63
C ARG X 7 16.51 -24.16 -138.34
N ILE X 8 17.34 -23.36 -139.00
CA ILE X 8 18.50 -23.88 -139.72
C ILE X 8 19.51 -22.77 -140.00
N HIS X 9 20.22 -22.92 -141.12
CA HIS X 9 21.23 -21.97 -141.55
C HIS X 9 21.73 -22.34 -142.94
N LEU X 10 20.94 -21.99 -143.96
CA LEU X 10 21.30 -22.29 -145.34
C LEU X 10 22.74 -21.91 -145.65
N VAL X 11 23.35 -22.62 -146.58
CA VAL X 11 24.73 -22.36 -146.98
C VAL X 11 24.79 -21.23 -147.99
N SER X 12 23.83 -21.20 -148.91
CA SER X 12 23.79 -20.16 -149.92
C SER X 12 23.68 -18.80 -149.24
N GLU X 13 23.06 -18.80 -148.06
CA GLU X 13 22.88 -17.59 -147.28
C GLU X 13 23.17 -17.90 -145.81
N PRO X 14 24.47 -18.05 -145.47
CA PRO X 14 24.90 -18.35 -144.10
C PRO X 14 24.59 -17.23 -143.11
N SER X 15 24.52 -16.01 -143.61
CA SER X 15 24.23 -14.85 -142.77
C SER X 15 22.73 -14.75 -142.49
N ILE X 16 21.92 -15.20 -143.45
CA ILE X 16 20.47 -15.15 -143.30
C ILE X 16 19.93 -16.47 -142.76
N THR X 17 19.17 -16.39 -141.69
CA THR X 17 18.59 -17.59 -141.07
C THR X 17 17.26 -17.96 -141.72
N HIS X 18 16.99 -19.25 -141.81
CA HIS X 18 15.76 -19.74 -142.42
C HIS X 18 14.94 -20.59 -141.44
N PHE X 19 13.88 -21.21 -141.96
CA PHE X 19 12.99 -22.04 -141.15
C PHE X 19 12.39 -23.13 -142.03
N LEU X 20 11.78 -24.14 -141.41
CA LEU X 20 11.17 -25.23 -142.17
C LEU X 20 9.76 -25.56 -141.70
N GLN X 21 8.88 -25.85 -142.66
CA GLN X 21 7.50 -26.21 -142.39
C GLN X 21 7.25 -27.64 -142.84
N VAL X 22 8.02 -28.57 -142.31
CA VAL X 22 7.88 -29.98 -142.67
C VAL X 22 6.58 -30.56 -142.14
N SER X 23 5.53 -30.48 -142.95
CA SER X 23 4.21 -30.99 -142.60
C SER X 23 3.96 -32.31 -143.32
N TRP X 24 3.99 -33.41 -142.56
CA TRP X 24 3.77 -34.73 -143.14
C TRP X 24 2.34 -35.20 -143.00
N GLU X 25 2.03 -36.32 -143.63
CA GLU X 25 0.69 -36.90 -143.60
C GLU X 25 0.49 -37.77 -142.35
N LYS X 26 0.16 -39.04 -142.58
CA LYS X 26 -0.06 -39.98 -141.49
C LYS X 26 1.23 -40.24 -140.73
N THR X 27 2.35 -40.26 -141.45
CA THR X 27 3.65 -40.49 -140.85
C THR X 27 4.74 -40.05 -141.83
N LEU X 28 5.90 -39.70 -141.30
CA LEU X 28 7.01 -39.28 -142.14
C LEU X 28 7.45 -40.42 -143.05
N GLU X 29 6.91 -41.60 -142.78
CA GLU X 29 7.23 -42.79 -143.58
C GLU X 29 6.41 -42.80 -144.87
N SER X 30 5.24 -42.16 -144.82
CA SER X 30 4.37 -42.09 -145.99
C SER X 30 4.46 -40.73 -146.68
N GLY X 31 5.66 -40.33 -147.05
CA GLY X 31 5.85 -39.06 -147.72
C GLY X 31 5.56 -37.88 -146.82
N PHE X 32 5.69 -36.67 -147.35
CA PHE X 32 5.44 -35.47 -146.56
C PHE X 32 5.57 -34.19 -147.39
N VAL X 33 5.27 -33.06 -146.76
CA VAL X 33 5.34 -31.76 -147.39
C VAL X 33 6.41 -30.94 -146.69
N ILE X 34 7.15 -30.13 -147.46
CA ILE X 34 8.20 -29.30 -146.90
C ILE X 34 8.05 -27.87 -147.39
N THR X 35 8.51 -26.92 -146.57
CA THR X 35 8.41 -25.52 -146.92
C THR X 35 9.47 -24.66 -146.24
N LEU X 36 10.43 -24.18 -147.03
CA LEU X 36 11.49 -23.33 -146.52
C LEU X 36 11.00 -21.90 -146.54
N THR X 37 11.63 -21.04 -145.74
CA THR X 37 11.21 -19.63 -145.69
C THR X 37 12.26 -18.74 -145.04
N ASP X 38 12.05 -17.43 -145.17
CA ASP X 38 12.95 -16.44 -144.61
C ASP X 38 12.17 -15.17 -144.27
N GLY X 39 10.91 -15.35 -143.88
CA GLY X 39 10.07 -14.23 -143.53
C GLY X 39 9.65 -13.35 -144.69
N HIS X 40 10.10 -13.70 -145.90
CA HIS X 40 9.76 -12.92 -147.09
C HIS X 40 9.06 -13.80 -148.13
N SER X 41 9.57 -15.01 -148.31
CA SER X 41 8.99 -15.95 -149.28
C SER X 41 9.10 -17.38 -148.77
N ALA X 42 8.27 -18.26 -149.33
CA ALA X 42 8.27 -19.67 -148.93
C ALA X 42 8.43 -20.60 -150.15
N TRP X 43 8.66 -21.87 -149.87
CA TRP X 43 8.84 -22.87 -150.93
C TRP X 43 8.22 -24.20 -150.52
N THR X 44 7.12 -24.56 -151.18
CA THR X 44 6.43 -25.81 -150.88
C THR X 44 6.73 -26.90 -151.89
N GLY X 45 7.10 -28.08 -151.39
CA GLY X 45 7.41 -29.20 -152.26
C GLY X 45 6.73 -30.47 -151.80
N THR X 46 6.29 -31.29 -152.75
CA THR X 46 5.62 -32.55 -152.43
C THR X 46 6.49 -33.76 -152.69
N VAL X 47 6.35 -34.78 -151.85
CA VAL X 47 7.11 -36.02 -151.98
C VAL X 47 6.36 -37.18 -151.35
N SER X 48 5.66 -37.94 -152.17
CA SER X 48 4.88 -39.09 -151.70
C SER X 48 5.80 -40.21 -151.22
N GLU X 49 5.22 -41.22 -150.59
CA GLU X 49 5.99 -42.35 -150.09
C GLU X 49 6.62 -43.11 -151.27
N SER X 50 6.08 -42.88 -152.45
CA SER X 50 6.59 -43.52 -153.66
C SER X 50 7.69 -42.67 -154.28
N GLU X 51 8.28 -41.81 -153.45
CA GLU X 51 9.37 -40.94 -153.87
C GLU X 51 10.63 -41.24 -153.08
N ILE X 52 10.44 -41.54 -151.79
CA ILE X 52 11.54 -41.83 -150.89
C ILE X 52 12.41 -43.01 -151.35
N SER X 53 11.79 -43.96 -152.04
CA SER X 53 12.51 -45.13 -152.54
C SER X 53 13.48 -44.80 -153.66
N GLN X 54 13.24 -43.69 -154.35
CA GLN X 54 14.11 -43.27 -155.45
C GLN X 54 15.49 -42.91 -154.92
N GLU X 55 15.54 -42.34 -153.72
CA GLU X 55 16.79 -41.93 -153.10
C GLU X 55 17.27 -43.01 -152.14
N ALA X 56 16.32 -43.76 -151.58
CA ALA X 56 16.63 -44.82 -150.63
C ALA X 56 17.28 -46.02 -151.32
N ASP X 57 16.62 -46.55 -152.35
CA ASP X 57 17.15 -47.69 -153.07
C ASP X 57 18.36 -47.29 -153.91
N ASP X 58 18.80 -46.04 -153.75
CA ASP X 58 19.94 -45.52 -154.47
C ASP X 58 21.10 -45.27 -153.52
N MET X 59 20.80 -44.61 -152.41
CA MET X 59 21.80 -44.28 -151.40
C MET X 59 22.14 -45.50 -150.54
N ALA X 60 21.79 -46.69 -151.04
CA ALA X 60 22.05 -47.95 -150.35
C ALA X 60 21.34 -48.02 -149.00
N MET X 61 20.57 -46.99 -148.67
CA MET X 61 19.83 -46.95 -147.41
C MET X 61 18.44 -47.53 -147.53
N GLU X 62 18.14 -48.46 -146.63
CA GLU X 62 16.85 -49.13 -146.59
C GLU X 62 15.75 -48.11 -146.31
N LYS X 63 14.50 -48.50 -146.52
CA LYS X 63 13.37 -47.61 -146.29
C LYS X 63 13.19 -47.33 -144.81
N GLY X 64 14.03 -47.95 -143.98
CA GLY X 64 13.95 -47.74 -142.55
C GLY X 64 15.07 -46.87 -142.02
N LYS X 65 16.25 -47.01 -142.59
CA LYS X 65 17.41 -46.23 -142.18
C LYS X 65 17.30 -44.79 -142.68
N TYR X 66 16.83 -44.63 -143.91
CA TYR X 66 16.67 -43.31 -144.50
C TYR X 66 15.71 -42.48 -143.65
N VAL X 67 14.75 -43.16 -143.04
CA VAL X 67 13.77 -42.51 -142.17
C VAL X 67 14.43 -42.05 -140.88
N GLY X 68 15.11 -42.97 -140.21
CA GLY X 68 15.77 -42.64 -138.96
C GLY X 68 16.76 -41.50 -139.12
N GLU X 69 17.29 -41.35 -140.33
CA GLU X 69 18.24 -40.28 -140.62
C GLU X 69 17.56 -38.94 -140.88
N LEU X 70 16.80 -38.86 -141.97
CA LEU X 70 16.10 -37.63 -142.32
C LEU X 70 15.22 -37.13 -141.18
N ARG X 71 14.55 -38.06 -140.50
CA ARG X 71 13.68 -37.70 -139.40
C ARG X 71 14.42 -36.77 -138.44
N LYS X 72 15.61 -37.19 -138.02
CA LYS X 72 16.43 -36.41 -137.11
C LYS X 72 17.24 -35.38 -137.88
N ALA X 73 17.30 -35.53 -139.20
CA ALA X 73 18.06 -34.63 -140.06
C ALA X 73 17.39 -33.27 -140.25
N LEU X 74 16.13 -33.27 -140.65
CA LEU X 74 15.39 -32.03 -140.86
C LEU X 74 14.12 -31.92 -140.04
N LEU X 75 14.26 -31.94 -138.72
CA LEU X 75 13.12 -31.85 -137.81
C LEU X 75 13.57 -31.26 -136.48
N SER X 76 14.67 -30.52 -136.51
CA SER X 76 15.23 -29.89 -135.30
C SER X 76 15.65 -30.96 -134.31
N GLY X 77 15.25 -32.20 -134.57
CA GLY X 77 15.62 -33.29 -133.67
C GLY X 77 17.12 -33.48 -133.63
N ALA X 78 17.83 -32.72 -134.46
CA ALA X 78 19.28 -32.78 -134.53
C ALA X 78 19.81 -31.69 -135.45
N GLY X 79 19.34 -30.47 -135.25
CA GLY X 79 19.78 -29.36 -136.07
C GLY X 79 21.20 -28.95 -135.77
N PRO X 80 21.41 -27.83 -135.04
CA PRO X 80 22.75 -27.34 -134.69
C PRO X 80 23.54 -28.34 -133.84
N ALA X 81 23.00 -29.55 -133.69
CA ALA X 81 23.65 -30.58 -132.89
C ALA X 81 24.35 -31.62 -133.76
N ASP X 82 23.57 -32.51 -134.36
CA ASP X 82 24.14 -33.56 -135.21
C ASP X 82 24.68 -33.00 -136.52
N VAL X 83 25.11 -31.74 -136.47
CA VAL X 83 25.68 -31.04 -137.62
C VAL X 83 25.16 -31.51 -138.98
N TYR X 84 24.04 -30.93 -139.41
CA TYR X 84 23.44 -31.26 -140.70
C TYR X 84 23.54 -30.04 -141.61
N THR X 85 24.30 -30.17 -142.69
CA THR X 85 24.47 -29.06 -143.63
C THR X 85 23.34 -29.05 -144.66
N PHE X 86 22.77 -27.86 -144.90
CA PHE X 86 21.69 -27.73 -145.85
C PHE X 86 22.03 -26.73 -146.96
N ASN X 87 21.66 -27.08 -148.18
CA ASN X 87 21.92 -26.22 -149.34
C ASN X 87 20.65 -26.02 -150.15
N PHE X 88 20.51 -24.84 -150.75
CA PHE X 88 19.34 -24.53 -151.57
C PHE X 88 19.56 -23.32 -152.46
N SER X 89 19.20 -23.46 -153.73
CA SER X 89 19.36 -22.38 -154.70
C SER X 89 18.00 -22.04 -155.31
N LYS X 90 17.42 -20.95 -154.84
CA LYS X 90 16.11 -20.50 -155.31
C LYS X 90 16.04 -20.31 -156.83
N GLU X 91 17.19 -20.17 -157.47
CA GLU X 91 17.24 -19.98 -158.92
C GLU X 91 17.13 -21.31 -159.65
N SER X 92 16.74 -22.35 -158.93
CA SER X 92 16.60 -23.69 -159.51
C SER X 92 15.62 -24.53 -158.71
N CYS X 93 15.29 -24.05 -157.50
CA CYS X 93 14.36 -24.74 -156.62
C CYS X 93 14.94 -26.06 -156.10
N TYR X 94 16.19 -26.33 -156.43
CA TYR X 94 16.85 -27.56 -155.99
C TYR X 94 17.31 -27.44 -154.54
N PHE X 95 16.79 -28.32 -153.68
CA PHE X 95 17.15 -28.31 -152.27
C PHE X 95 17.70 -29.67 -151.84
N PHE X 96 18.92 -29.66 -151.30
CA PHE X 96 19.56 -30.89 -150.85
C PHE X 96 20.39 -30.64 -149.60
N PHE X 97 20.47 -31.64 -148.74
CA PHE X 97 21.26 -31.52 -147.51
C PHE X 97 22.24 -32.67 -147.37
N GLU X 98 23.22 -32.50 -146.49
CA GLU X 98 24.23 -33.52 -146.26
C GLU X 98 24.68 -33.53 -144.81
N LYS X 99 24.83 -34.73 -144.26
CA LYS X 99 25.26 -34.90 -142.86
C LYS X 99 26.77 -34.76 -142.75
N ASN X 100 27.21 -34.04 -141.71
CA ASN X 100 28.63 -33.84 -141.49
C ASN X 100 29.22 -34.73 -140.40
N LEU X 101 30.31 -35.41 -140.73
CA LEU X 101 31.02 -36.30 -139.82
C LEU X 101 32.41 -36.61 -140.34
N LYS X 102 33.41 -36.46 -139.49
CA LYS X 102 34.80 -36.72 -139.87
C LYS X 102 35.16 -35.92 -141.11
N ASP X 103 34.99 -34.60 -141.02
CA ASP X 103 35.27 -33.69 -142.13
C ASP X 103 34.80 -34.26 -143.48
N VAL X 104 33.79 -35.11 -143.43
CA VAL X 104 33.25 -35.74 -144.62
C VAL X 104 31.72 -35.75 -144.59
N SER X 105 31.11 -35.20 -145.64
CA SER X 105 29.67 -35.16 -145.75
C SER X 105 29.21 -36.30 -146.64
N PHE X 106 27.90 -36.55 -146.68
CA PHE X 106 27.37 -37.63 -147.50
C PHE X 106 26.02 -37.23 -148.09
N ARG X 107 25.77 -37.60 -149.35
CA ARG X 107 24.50 -37.27 -149.98
C ARG X 107 23.39 -37.82 -149.08
N LEU X 108 22.31 -37.06 -148.94
CA LEU X 108 21.21 -37.48 -148.09
C LEU X 108 19.85 -37.33 -148.76
N GLY X 109 19.22 -36.18 -148.55
CA GLY X 109 17.91 -35.95 -149.15
C GLY X 109 17.86 -34.71 -150.03
N SER X 110 17.16 -34.81 -151.15
CA SER X 110 17.03 -33.70 -152.08
C SER X 110 15.67 -33.70 -152.77
N PHE X 111 15.11 -32.52 -152.95
CA PHE X 111 13.82 -32.36 -153.61
C PHE X 111 13.54 -30.89 -153.93
N ASN X 112 12.93 -30.64 -155.08
CA ASN X 112 12.62 -29.27 -155.50
C ASN X 112 11.22 -28.81 -155.11
N LEU X 113 11.05 -27.50 -155.09
CA LEU X 113 9.78 -26.88 -154.75
C LEU X 113 9.66 -25.51 -155.40
N GLU X 114 8.43 -25.03 -155.56
CA GLU X 114 8.17 -23.74 -156.18
C GLU X 114 7.75 -22.71 -155.15
N LYS X 115 8.33 -21.50 -155.25
CA LYS X 115 8.01 -20.42 -154.32
C LYS X 115 6.55 -20.00 -154.44
N VAL X 116 5.76 -20.38 -153.45
CA VAL X 116 4.34 -20.09 -153.40
C VAL X 116 4.00 -18.69 -153.94
N GLU X 117 2.85 -18.59 -154.60
CA GLU X 117 2.38 -17.34 -155.18
C GLU X 117 1.89 -16.37 -154.10
N ASN X 118 1.82 -16.85 -152.86
CA ASN X 118 1.35 -16.02 -151.76
C ASN X 118 2.25 -16.09 -150.53
N PRO X 119 3.46 -15.51 -150.64
CA PRO X 119 4.43 -15.50 -149.53
C PRO X 119 3.86 -14.91 -148.25
N ALA X 120 3.06 -13.85 -148.39
CA ALA X 120 2.46 -13.18 -147.25
C ALA X 120 1.40 -14.06 -146.60
N GLU X 121 0.83 -14.97 -147.38
CA GLU X 121 -0.20 -15.89 -146.89
C GLU X 121 0.45 -17.05 -146.15
N VAL X 122 1.44 -17.67 -146.79
CA VAL X 122 2.16 -18.81 -146.20
C VAL X 122 2.84 -18.44 -144.90
N ILE X 123 3.83 -17.55 -144.97
CA ILE X 123 4.56 -17.11 -143.79
C ILE X 123 3.63 -16.74 -142.63
N ARG X 124 2.46 -16.23 -142.97
CA ARG X 124 1.49 -15.84 -141.96
C ARG X 124 0.82 -17.07 -141.37
N GLU X 125 0.61 -18.10 -142.18
CA GLU X 125 0.00 -19.33 -141.71
C GLU X 125 0.97 -19.99 -140.74
N LEU X 126 2.26 -19.86 -141.03
CA LEU X 126 3.30 -20.42 -140.19
C LEU X 126 3.17 -19.79 -138.82
N ILE X 127 3.39 -18.48 -138.76
CA ILE X 127 3.30 -17.72 -137.52
C ILE X 127 1.97 -17.99 -136.83
N CYS X 128 0.91 -18.05 -137.63
CA CYS X 128 -0.44 -18.30 -137.11
C CYS X 128 -0.50 -19.59 -136.31
N TYR X 129 -0.04 -20.68 -136.91
CA TYR X 129 -0.03 -21.98 -136.26
C TYR X 129 1.15 -22.09 -135.29
N CYS X 130 2.30 -21.56 -135.70
CA CYS X 130 3.51 -21.59 -134.89
C CYS X 130 3.28 -20.95 -133.53
N LEU X 131 2.31 -20.03 -133.45
CA LEU X 131 2.00 -19.37 -132.19
C LEU X 131 1.52 -20.36 -131.16
N ASP X 132 0.64 -21.27 -131.60
CA ASP X 132 0.08 -22.29 -130.72
C ASP X 132 1.13 -23.23 -130.15
N THR X 133 2.11 -23.60 -130.98
CA THR X 133 3.17 -24.50 -130.54
C THR X 133 3.97 -23.96 -129.35
N ILE X 134 4.38 -22.71 -129.43
CA ILE X 134 5.17 -22.09 -128.36
C ILE X 134 4.31 -21.68 -127.17
N ALA X 135 3.10 -21.20 -127.44
CA ALA X 135 2.19 -20.78 -126.38
C ALA X 135 1.68 -21.97 -125.58
N GLU X 136 1.17 -22.97 -126.28
CA GLU X 136 0.64 -24.18 -125.65
C GLU X 136 1.60 -24.75 -124.62
N ASN X 137 2.90 -24.62 -124.87
CA ASN X 137 3.92 -25.13 -123.96
C ASN X 137 3.89 -24.42 -122.61
N GLN X 138 3.73 -23.11 -122.63
CA GLN X 138 3.69 -22.32 -121.39
C GLN X 138 2.80 -22.98 -120.35
N ALA X 139 1.56 -23.28 -120.74
CA ALA X 139 0.61 -23.91 -119.85
C ALA X 139 1.13 -25.26 -119.36
N LYS X 140 1.74 -26.02 -120.26
CA LYS X 140 2.27 -27.32 -119.92
C LYS X 140 3.39 -27.21 -118.88
N ASN X 141 4.11 -26.09 -118.91
CA ASN X 141 5.20 -25.88 -117.96
C ASN X 141 4.71 -25.33 -116.63
N GLU X 142 3.53 -24.73 -116.63
CA GLU X 142 2.96 -24.19 -115.39
C GLU X 142 2.08 -25.21 -114.70
N HIS X 143 1.41 -26.05 -115.50
CA HIS X 143 0.56 -27.10 -114.94
C HIS X 143 1.45 -28.18 -114.38
N LEU X 144 2.61 -28.37 -115.01
CA LEU X 144 3.58 -29.36 -114.58
C LEU X 144 4.47 -28.72 -113.52
N GLN X 145 4.31 -27.41 -113.36
CA GLN X 145 5.08 -26.66 -112.38
C GLN X 145 4.47 -26.91 -111.01
N LYS X 146 3.16 -27.16 -111.00
CA LYS X 146 2.44 -27.43 -109.77
C LYS X 146 2.79 -28.84 -109.27
N GLU X 147 3.24 -29.68 -110.20
CA GLU X 147 3.63 -31.04 -109.86
C GLU X 147 4.86 -31.01 -108.95
N ASN X 148 5.82 -30.17 -109.32
CA ASN X 148 7.04 -30.02 -108.53
C ASN X 148 6.79 -29.22 -107.27
N GLU X 149 5.62 -28.59 -107.20
CA GLU X 149 5.25 -27.79 -106.03
C GLU X 149 4.73 -28.70 -104.93
N ARG X 150 3.84 -29.61 -105.30
CA ARG X 150 3.24 -30.54 -104.36
C ARG X 150 4.20 -31.67 -104.01
N LEU X 151 4.85 -32.23 -105.02
CA LEU X 151 5.79 -33.33 -104.83
C LEU X 151 7.01 -32.92 -104.01
N LEU X 152 7.71 -31.88 -104.45
CA LEU X 152 8.89 -31.40 -103.75
C LEU X 152 8.54 -30.95 -102.33
N ARG X 153 7.25 -30.79 -102.07
CA ARG X 153 6.77 -30.36 -100.77
C ARG X 153 6.24 -31.56 -99.99
N ASP X 154 6.14 -32.70 -100.68
CA ASP X 154 5.64 -33.92 -100.07
C ASP X 154 6.71 -34.55 -99.17
N TRP X 155 7.88 -33.91 -99.12
CA TRP X 155 8.97 -34.39 -98.28
C TRP X 155 8.92 -33.73 -96.92
N ASN X 156 8.71 -32.42 -96.91
CA ASN X 156 8.64 -31.64 -95.67
C ASN X 156 7.43 -32.04 -94.83
N ASP X 157 6.45 -32.67 -95.47
CA ASP X 157 5.24 -33.10 -94.77
C ASP X 157 4.90 -34.54 -95.12
TA1 TBR Y . -44.38 92.07 75.71
TA2 TBR Y . -45.71 91.43 78.23
TA3 TBR Y . -43.90 93.72 78.09
TA4 TBR Y . -46.79 94.14 78.35
TA5 TBR Y . -45.45 94.77 75.83
TA6 TBR Y . -47.27 92.48 75.97
BR1 TBR Y . -44.22 89.75 76.90
BR2 TBR Y . -42.01 92.55 76.69
BR3 TBR Y . -43.92 93.88 73.92
BR4 TBR Y . -46.16 91.07 74.08
BR5 TBR Y . -43.69 91.78 79.82
BR6 TBR Y . -43.36 95.93 76.81
BR7 TBR Y . -46.94 96.46 77.15
BR8 TBR Y . -49.15 93.65 77.37
BR9 TBR Y . -47.24 92.32 80.13
BRA TBR Y . -45.00 95.13 79.98
BRB TBR Y . -47.48 94.42 74.24
BRC TBR Y . -47.80 90.27 77.25
TA1 TBR Z . -7.44 0.86 -25.52
TA2 TBR Z . -7.82 0.75 -22.63
TA3 TBR Z . -5.45 2.09 -23.73
TA4 TBR Z . -7.60 3.65 -22.48
TA5 TBR Z . -7.22 3.77 -25.38
TA6 TBR Z . -9.58 2.42 -24.28
BR1 TBR Z . -7.76 -1.35 -24.16
BR2 TBR Z . -4.90 0.29 -25.55
BR3 TBR Z . -7.03 2.39 -27.57
BR4 TBR Z . -9.94 0.76 -26.23
BR5 TBR Z . -5.38 0.18 -21.95
BR6 TBR Z . -4.65 3.91 -25.39
BR7 TBR Z . -7.28 5.86 -23.83
BR8 TBR Z . -10.14 4.22 -22.45
BR9 TBR Z . -8.01 2.12 -20.43
BRA TBR Z . -5.09 3.75 -21.77
BRB TBR Z . -9.66 4.34 -26.06
BRC TBR Z . -10.39 0.60 -22.61
TA1 TBR AA . 26.90 -3.62 77.56
TA2 TBR AA . 26.52 -3.74 80.46
TA3 TBR AA . 28.88 -2.40 79.35
TA4 TBR AA . 26.73 -0.83 80.60
TA5 TBR AA . 27.11 -0.72 77.71
TA6 TBR AA . 24.75 -2.06 78.80
BR1 TBR AA . 26.58 -5.84 78.91
BR2 TBR AA . 29.44 -4.19 77.52
BR3 TBR AA . 27.30 -2.09 75.51
BR4 TBR AA . 24.39 -3.72 76.84
BR5 TBR AA . 28.95 -4.31 81.13
BR6 TBR AA . 29.69 -0.57 77.69
BR7 TBR AA . 27.06 1.37 79.25
BR8 TBR AA . 24.19 -0.25 80.63
BR9 TBR AA . 26.32 -2.36 82.66
BRA TBR AA . 29.24 -0.73 81.31
BRB TBR AA . 24.68 -0.15 77.03
BRC TBR AA . 23.93 -3.89 80.46
TA1 TBR BA . 22.70 -30.05 39.19
TA2 TBR BA . 23.03 -29.77 42.08
TA3 TBR BA . 24.89 -28.40 40.28
TA4 TBR BA . 22.91 -26.86 41.81
TA5 TBR BA . 22.58 -27.14 38.92
TA6 TBR BA . 20.74 -28.52 40.73
BR1 TBR BA . 22.99 -32.06 40.84
BR2 TBR BA . 25.22 -30.39 38.60
BR3 TBR BA . 22.43 -28.82 36.94
BR4 TBR BA . 20.14 -30.49 39.14
BR5 TBR BA . 25.61 -30.01 42.19
BR6 TBR BA . 25.05 -26.78 38.25
BR7 TBR BA . 22.63 -24.86 40.17
BR8 TBR BA . 20.40 -26.53 42.41
BR9 TBR BA . 23.19 -28.11 44.07
BRA TBR BA . 25.48 -26.43 41.86
BRB TBR BA . 20.01 -26.90 38.81
BRC TBR BA . 20.57 -30.15 42.75
TA1 TBR CA . -20.29 34.44 57.29
TA2 TBR CA . -20.67 34.32 60.19
TA3 TBR CA . -18.30 35.66 59.09
TA4 TBR CA . -20.45 37.23 60.33
TA5 TBR CA . -20.07 37.34 57.44
TA6 TBR CA . -22.43 36.00 58.53
BR1 TBR CA . -20.61 32.23 58.64
BR2 TBR CA . -17.75 33.86 57.26
BR3 TBR CA . -19.88 35.96 55.24
BR4 TBR CA . -22.80 34.33 56.58
BR5 TBR CA . -18.23 33.75 60.87
BR6 TBR CA . -17.50 37.49 57.42
BR7 TBR CA . -20.13 39.44 58.97
BR8 TBR CA . -22.99 37.80 60.36
BR9 TBR CA . -20.85 35.70 62.38
BRA TBR CA . -17.94 37.33 61.04
BRB TBR CA . -22.51 37.91 56.76
BRC TBR CA . -23.24 34.18 60.20
TA1 TBR DA . -53.98 67.80 -11.07
TA2 TBR DA . -54.36 67.68 -8.17
TA3 TBR DA . -52.00 69.03 -9.28
TA4 TBR DA . -54.14 70.59 -8.03
TA5 TBR DA . -53.76 70.71 -10.93
TA6 TBR DA . -56.12 69.37 -9.83
BR1 TBR DA . -54.30 65.59 -9.72
BR2 TBR DA . -51.44 67.23 -11.10
BR3 TBR DA . -53.58 69.33 -13.12
BR4 TBR DA . -56.49 67.69 -11.79
BR5 TBR DA . -51.92 67.12 -7.50
BR6 TBR DA . -51.19 70.85 -10.94
BR7 TBR DA . -53.82 72.80 -9.38
BR8 TBR DA . -56.69 71.16 -8.00
BR9 TBR DA . -54.55 69.07 -5.98
BRA TBR DA . -51.64 70.70 -7.32
BRB TBR DA . -56.20 71.28 -11.61
BRC TBR DA . -56.94 67.54 -8.16
TA1 TBR EA . 18.03 -1.44 110.57
TA2 TBR EA . 17.64 -1.56 113.47
TA3 TBR EA . 20.01 -0.22 112.37
TA4 TBR EA . 17.85 1.35 113.62
TA5 TBR EA . 18.24 1.46 110.72
TA6 TBR EA . 15.87 0.12 111.82
BR1 TBR EA . 17.70 -3.66 111.93
BR2 TBR EA . 20.57 -2.02 110.55
BR3 TBR EA . 18.43 0.08 108.53
BR4 TBR EA . 15.52 -1.56 109.86
BR5 TBR EA . 20.08 -2.13 114.15
BR6 TBR EA . 20.82 1.61 110.70
BR7 TBR EA . 18.18 3.55 112.27
BR8 TBR EA . 15.31 1.91 113.65
BR9 TBR EA . 17.46 -0.18 115.67
BRA TBR EA . 20.36 1.46 114.32
BRB TBR EA . 15.80 2.04 110.04
BRC TBR EA . 15.07 -1.71 113.49
TA1 TBR FA . -6.11 -25.97 -137.71
TA2 TBR FA . -6.49 -26.08 -134.81
TA3 TBR FA . -4.13 -24.74 -135.92
TA4 TBR FA . -6.28 -23.17 -134.67
TA5 TBR FA . -5.90 -23.06 -137.56
TA6 TBR FA . -8.26 -24.40 -136.47
BR1 TBR FA . -6.43 -28.18 -136.35
BR2 TBR FA . -3.57 -26.54 -137.74
BR3 TBR FA . -5.70 -24.44 -139.76
BR4 TBR FA . -8.62 -26.07 -138.42
BR5 TBR FA . -4.06 -26.65 -134.14
BR6 TBR FA . -3.32 -22.92 -137.58
BR7 TBR FA . -5.95 -20.97 -136.02
BR8 TBR FA . -8.82 -22.60 -134.63
BR9 TBR FA . -6.68 -24.70 -132.62
BRA TBR FA . -3.77 -23.07 -133.96
BRB TBR FA . -8.33 -22.49 -138.24
BRC TBR FA . -9.07 -26.23 -134.80
#